data_9L4B
#
_entry.id   9L4B
#
_cell.length_a   1.00
_cell.length_b   1.00
_cell.length_c   1.00
_cell.angle_alpha   90.00
_cell.angle_beta   90.00
_cell.angle_gamma   90.00
#
_symmetry.space_group_name_H-M   'P 1'
#
loop_
_entity.id
_entity.type
_entity.pdbx_description
1 polymer 'Serine/threonine-protein kinase ATR'
2 non-polymer Camonsertib
3 water water
#
_entity_poly.entity_id   1
_entity_poly.type   'polypeptide(L)'
_entity_poly.pdbx_seq_one_letter_code
;MGEHGLELASMIPALRELGSATPEEYNTVVQKPRQILCQFIDRILTDVNVVAVELVKKTDSQPTSVMLLDFIQHIMKSSP
LMFVNVSGSHEAKGSCIEFSNWIITRLLRIAATPSCHLLHKKICEVICSLLFLFKSKSPAIFGVLTKELLQLFEDLVYLH
RRNVMGHAVEWPVVMSRFLSQLDEHMGYLQSAPLQLMSMQNLEFIEVTLLMVLTRIIAIVFFRRQELLLWQIGCVLLEYG
SPKIKSLAISFLTELFQLGGLPAQPASTFFSSFLELLKHLVEMDTDQLKLYEEPLSKLIKTLFPFEAEAYRNIEPVYLNM
LLEKLCVMFEDGVLMRLKSDLLKAALCHLLQYFLKFVPAGYESALQVRKVYVRNICKALLDVLGIEVDAEYLLGPLYAAL
KMESMEIIEEIQCQTQQENLSSNSDGISPKRRRLSSSLNPSKRAPKQTEEIKHVDMNQKSILWSALKQKAESLQISLEYS
GLKNPVIEMLEGIAVVLQLTALCTVHCSHQNMNCRTFKDCQHKSKKKPSVVITWMSLDFYTKVLKSCRSLLESVQKLDLE
ATIDKVVKIYDALIYMQVNSSFEDHILEDLCGMLSLPWIYSHSDDGCLKLTTFAANLLTLSCRISDSYSPQAQSRCVFLL
TLFPRRIFLEWRTAVYNWALQSSHEVIRASCVSGFFILLQQQNSCNRVPKILIDKVKDDSDIVKKEFASILGQLVCTLHG
MFYLTSSLTEPFSEHGHVDLFCRNLKATSQHECSSSQLKASVCKPFLFLLKKKIPSPVKLAFIDNLHHLCKHLDFREDET
DVKAVLGTLLNLMEDPDKDVRVAFSGNIKHILESLDSEDGFIKELFVLRMKEAYTHAQISRNNELKDTLILTTGDIGRAA
KGDLVPFALLHLLHCLLSKSASVSGAAYTEIRALVAAKSVKLQSFFSQYKKPICQFLVESLHSSQMTALPNTPCQNADVR
KQDVAHQREMALNTLSEIANVFDFPDLNRFLTRTLQVLLPDLAAKASPAASALIRTLGKQLNVNRREILINNFKYIFSHL
VCSCSKDELERALHYLKNETEIELGSLLRQDFQGLHNELLLRIGEHYQQVFNGLSILASFASSDDPYQGPRDIISPELMA
DYLQPKLLGILAFFNMQLLSSSVGIEDKKMALNSLMSLMKLMGPKHVSSVRVKMMTTLRTGLRFKDDFPELCCRAWDCFV
RCLDHACLGSLLSHVIVALLPLIHIQPKETAAIFHYLIIENRDAVQDFLHEIYFLPDHPELKKIKAVLQEYRKETSESTD
LQTTLQLSMKAIQHENVDVRIHALTSLKETLYKNQEKLIKYATDSETVEPIISQLVTVLLKGCQDANSQARLLCGECLGE
LGAIDPGRLDFSTTETQGKDFTFVTGVEDSSFAYGLLMELTRAYLAYADNSRAQDSAAYAIQELLSIYDCREMETNGPGH
QLWRRFPEHVREILEPHLNTRYKSSQKSTDWSGVKKPIYLSKLGSNFAEWSASWAGYLITKVRHDLASKIFTCCSIMMKH
DFKVTIYLLPHILVYVLLGCNQEDQQEVYAEIMAVLKHDDQHTINTQDIASDLCQLSTQTVFSMLDHLTQWARHKFQALK
AEKCPHSKSNRNKVDSMVSTVDYEDYQSVTRFLDLIPQDTLAVASFRSKAYTRAVMHFESFITEKKQNIQEHLGFLQKLY
AAMHEPDGVAGVSAIRKAEPSLKEQILEHESLGLLRDATACYDRAIQLEPDQIIHYHGVVKSMLGLGQLSTVITQVNGVH
ANRSEWTDELNTYRVEAAWKLSQWDLVENYLAADGKSTTWSVRLGQLLLSAKKRDITAFYDSLKLVRAEQIVPLSAASFE
RGSYQRGYEYIVRLHMLCELEHSIKPLFQHSPGDSSQEDSLNWVARLEMTQNSYRAKEPILALRRALLSLNKRPDYNEMV
GECWLQSARVARKAGHHQTAYNALLNAGESRLAELYVERAKWLWSKGDVHQALIVLQKGVELCFPENETPPEGKNMLIHG
RAMLLVGRFMEETANFESNAIMKKYKDVTACLPEWEDGHFYLAKYYDKLMPMVTDNKMEKQGDLIRYIVLHFGRSLQYGN
QFIYQSMPRMLTLWLDYGTKAYEWEKAGRSDRVQMRNDLGKINKVITEHTNYLAPYQFLTAFSQLISRICHSHDEVFVVL
MEIIAKVFLAYPQQAMWMMTAVSKSSYPMRVNRCKEILNKAIHMKKSLEKFVGDATRLTDKLLELCNKPVDGSSSTLSMS
THFKMLKKLVEEATFSEILIPLQSVMIPTLPSILGTHANHASHEPFPGHWAYIAGFDDMVEILASLQKPKKISLKGSDGK
FYIMMCKPKDDLRKDCRLMEFNSLINKCLRKDAESRRRELHIRTYAVIPLNDECGIIEWVNNTAGLRPILTKLYKEKGVY
MTGKELRQCMLPKSAALSEKLKVFREFLLPRHPPIFHEWFLRTFPDPTSWYSSRSAYCRSTAVMSMVGYILGLGDRHGEN
ILFDSLTGECVHVDFNCLFNKGETFEVPEIVPFRLTHNMVNGMGPMGTEGLFRRACEVTMRLMRDQREPLMSVLKTFLHD
PLVEWSKPVKGHSKAPLNETGEVVNEKAKTHVLDIEQRLQGVIKTRNRVTGLPLSIEGHVHYLIQEATDENLLCQMYLGW
TPYM
;
_entity_poly.pdbx_strand_id   A,B
#
# COMPACT_ATOMS: atom_id res chain seq x y z
N THR A 1279 -41.37 30.64 20.55
CA THR A 1279 -40.29 31.31 19.85
C THR A 1279 -39.62 30.39 18.83
N ASP A 1280 -39.18 30.97 17.71
CA ASP A 1280 -38.59 30.16 16.66
C ASP A 1280 -37.15 29.80 16.97
N LEU A 1281 -36.62 30.31 18.08
CA LEU A 1281 -35.25 30.05 18.52
C LEU A 1281 -34.23 30.81 17.67
N GLN A 1282 -34.67 31.45 16.60
CA GLN A 1282 -33.76 32.32 15.86
C GLN A 1282 -33.79 33.72 16.43
N THR A 1283 -34.99 34.23 16.72
CA THR A 1283 -35.10 35.52 17.40
C THR A 1283 -34.51 35.44 18.80
N THR A 1284 -34.75 34.33 19.49
CA THR A 1284 -34.15 34.15 20.80
C THR A 1284 -32.64 34.19 20.72
N LEU A 1285 -32.06 33.55 19.69
CA LEU A 1285 -30.61 33.55 19.57
C LEU A 1285 -30.08 34.93 19.22
N GLN A 1286 -30.79 35.65 18.35
CA GLN A 1286 -30.39 37.01 18.05
C GLN A 1286 -30.34 37.87 19.31
N LEU A 1287 -31.44 37.89 20.06
CA LEU A 1287 -31.48 38.65 21.31
C LEU A 1287 -30.38 38.21 22.24
N SER A 1288 -30.24 36.90 22.44
CA SER A 1288 -29.28 36.38 23.39
C SER A 1288 -27.87 36.76 23.00
N MET A 1289 -27.55 36.74 21.70
CA MET A 1289 -26.22 37.11 21.25
C MET A 1289 -25.96 38.60 21.47
N LYS A 1290 -26.94 39.43 21.13
CA LYS A 1290 -26.81 40.85 21.42
C LYS A 1290 -26.48 41.05 22.89
N ALA A 1291 -27.15 40.30 23.76
CA ALA A 1291 -26.85 40.39 25.19
C ALA A 1291 -25.45 39.88 25.49
N ILE A 1292 -25.06 38.77 24.88
CA ILE A 1292 -23.70 38.26 25.04
C ILE A 1292 -22.70 39.39 24.89
N GLN A 1293 -22.78 40.11 23.79
CA GLN A 1293 -21.81 41.15 23.50
C GLN A 1293 -22.16 42.48 24.17
N HIS A 1294 -23.06 42.45 25.14
CA HIS A 1294 -23.36 43.65 25.92
C HIS A 1294 -22.12 44.15 26.63
N GLU A 1295 -22.21 45.37 27.16
CA GLU A 1295 -21.05 45.98 27.81
C GLU A 1295 -20.91 45.52 29.26
N ASN A 1296 -22.00 45.58 30.02
CA ASN A 1296 -21.94 45.22 31.43
C ASN A 1296 -21.63 43.73 31.57
N VAL A 1297 -20.60 43.44 32.36
CA VAL A 1297 -20.12 42.06 32.46
C VAL A 1297 -21.20 41.17 33.04
N ASP A 1298 -21.98 41.68 33.99
CA ASP A 1298 -23.02 40.86 34.61
C ASP A 1298 -24.11 40.51 33.60
N VAL A 1299 -24.45 41.46 32.73
CA VAL A 1299 -25.43 41.18 31.69
C VAL A 1299 -24.87 40.13 30.73
N ARG A 1300 -23.60 40.29 30.34
CA ARG A 1300 -22.96 39.28 29.52
C ARG A 1300 -23.08 37.90 30.15
N ILE A 1301 -22.84 37.82 31.46
CA ILE A 1301 -22.83 36.52 32.12
C ILE A 1301 -24.21 35.91 32.16
N HIS A 1302 -25.21 36.70 32.53
CA HIS A 1302 -26.56 36.16 32.61
C HIS A 1302 -27.06 35.75 31.23
N ALA A 1303 -26.70 36.53 30.21
CA ALA A 1303 -27.06 36.15 28.85
C ALA A 1303 -26.40 34.84 28.46
N LEU A 1304 -25.11 34.68 28.76
CA LEU A 1304 -24.42 33.45 28.44
C LEU A 1304 -25.07 32.27 29.15
N THR A 1305 -25.41 32.44 30.42
CA THR A 1305 -26.01 31.34 31.16
C THR A 1305 -27.37 30.98 30.57
N SER A 1306 -28.15 31.98 30.17
CA SER A 1306 -29.42 31.68 29.51
C SER A 1306 -29.18 31.02 28.17
N LEU A 1307 -28.01 31.27 27.57
CA LEU A 1307 -27.66 30.69 26.28
C LEU A 1307 -26.86 29.41 26.51
N LYS A 1308 -27.12 28.79 27.65
CA LYS A 1308 -26.50 27.52 27.98
C LYS A 1308 -27.56 26.56 28.46
N GLU A 1309 -28.66 27.11 28.97
CA GLU A 1309 -29.87 26.32 29.15
C GLU A 1309 -30.70 26.35 27.89
N THR A 1310 -30.58 27.41 27.11
CA THR A 1310 -31.31 27.51 25.86
C THR A 1310 -30.80 26.51 24.84
N LEU A 1311 -29.48 26.46 24.65
CA LEU A 1311 -28.92 25.48 23.74
C LEU A 1311 -29.29 24.07 24.15
N TYR A 1312 -29.25 23.77 25.44
CA TYR A 1312 -29.52 22.40 25.86
C TYR A 1312 -30.98 22.03 25.62
N LYS A 1313 -31.90 22.95 25.91
CA LYS A 1313 -33.31 22.63 25.77
C LYS A 1313 -33.73 22.62 24.32
N ASN A 1314 -33.08 23.42 23.47
CA ASN A 1314 -33.37 23.48 22.05
C ASN A 1314 -32.33 22.77 21.20
N GLN A 1315 -31.60 21.82 21.79
CA GLN A 1315 -30.57 21.09 21.07
C GLN A 1315 -31.11 20.42 19.82
N GLU A 1316 -32.31 19.85 19.88
CA GLU A 1316 -32.84 19.20 18.68
C GLU A 1316 -32.96 20.19 17.54
N LYS A 1317 -33.48 21.38 17.82
CA LYS A 1317 -33.62 22.40 16.79
C LYS A 1317 -32.25 22.85 16.29
N LEU A 1318 -31.31 23.06 17.20
CA LEU A 1318 -29.98 23.50 16.78
C LEU A 1318 -29.30 22.45 15.92
N ILE A 1319 -29.52 21.17 16.24
CA ILE A 1319 -28.93 20.10 15.45
C ILE A 1319 -29.59 20.05 14.08
N LYS A 1320 -30.87 20.39 14.03
CA LYS A 1320 -31.52 20.53 12.72
C LYS A 1320 -30.86 21.64 11.92
N TYR A 1321 -30.57 22.78 12.57
CA TYR A 1321 -29.90 23.86 11.87
C TYR A 1321 -28.55 23.43 11.35
N ALA A 1322 -27.64 23.08 12.25
CA ALA A 1322 -26.25 22.85 11.86
C ALA A 1322 -26.10 21.64 10.95
N THR A 1323 -27.10 20.77 10.89
CA THR A 1323 -26.95 19.50 10.20
C THR A 1323 -27.90 19.34 9.02
N ASP A 1324 -29.09 19.93 9.06
CA ASP A 1324 -30.05 19.75 7.98
C ASP A 1324 -29.45 20.14 6.64
N SER A 1325 -28.56 21.12 6.64
CA SER A 1325 -27.91 21.58 5.42
C SER A 1325 -26.41 21.43 5.56
N GLU A 1326 -25.74 21.32 4.41
CA GLU A 1326 -24.29 21.13 4.42
C GLU A 1326 -23.59 22.29 5.10
N THR A 1327 -24.21 23.47 5.09
CA THR A 1327 -23.67 24.61 5.80
C THR A 1327 -24.52 24.95 7.01
N VAL A 1328 -23.85 25.19 8.13
CA VAL A 1328 -24.58 25.58 9.33
C VAL A 1328 -25.37 26.85 9.05
N GLU A 1329 -26.64 26.82 9.43
CA GLU A 1329 -27.51 27.96 9.20
C GLU A 1329 -26.84 29.22 9.69
N PRO A 1330 -27.21 30.37 9.12
CA PRO A 1330 -26.45 31.59 9.41
C PRO A 1330 -26.37 31.93 10.88
N ILE A 1331 -27.49 31.79 11.59
CA ILE A 1331 -27.51 32.12 13.01
C ILE A 1331 -26.40 31.39 13.74
N ILE A 1332 -26.13 30.14 13.36
CA ILE A 1332 -25.11 29.37 14.06
C ILE A 1332 -23.73 29.97 13.82
N SER A 1333 -23.49 30.47 12.61
CA SER A 1333 -22.21 31.10 12.33
C SER A 1333 -22.07 32.40 13.11
N GLN A 1334 -23.09 33.26 13.04
CA GLN A 1334 -23.08 34.48 13.84
C GLN A 1334 -22.88 34.15 15.31
N LEU A 1335 -23.36 33.00 15.75
CA LEU A 1335 -23.28 32.64 17.15
C LEU A 1335 -21.86 32.24 17.53
N VAL A 1336 -21.32 31.22 16.87
CA VAL A 1336 -19.97 30.78 17.21
C VAL A 1336 -19.01 31.95 17.09
N THR A 1337 -19.24 32.84 16.12
CA THR A 1337 -18.37 34.00 16.00
C THR A 1337 -18.56 34.95 17.17
N VAL A 1338 -19.81 35.18 17.58
CA VAL A 1338 -20.07 35.97 18.77
C VAL A 1338 -19.60 35.23 20.00
N LEU A 1339 -19.49 33.90 19.91
CA LEU A 1339 -19.04 33.11 21.04
C LEU A 1339 -17.53 33.28 21.25
N LEU A 1340 -16.74 32.91 20.24
CA LEU A 1340 -15.28 32.98 20.39
C LEU A 1340 -14.84 34.36 20.82
N LYS A 1341 -15.21 35.39 20.06
CA LYS A 1341 -14.92 36.75 20.50
C LYS A 1341 -15.32 36.94 21.96
N GLY A 1342 -16.37 36.25 22.39
CA GLY A 1342 -16.70 36.23 23.80
C GLY A 1342 -15.66 35.50 24.63
N CYS A 1343 -15.11 34.42 24.09
CA CYS A 1343 -14.07 33.69 24.82
C CYS A 1343 -12.82 34.54 25.00
N GLN A 1344 -12.77 35.68 24.32
CA GLN A 1344 -11.72 36.66 24.61
C GLN A 1344 -12.11 37.54 25.79
N ASP A 1345 -13.35 37.42 26.26
CA ASP A 1345 -13.81 38.26 27.36
C ASP A 1345 -12.86 38.16 28.53
N ALA A 1346 -12.57 39.31 29.14
CA ALA A 1346 -11.65 39.35 30.26
C ALA A 1346 -12.11 38.45 31.39
N ASN A 1347 -13.36 38.59 31.80
CA ASN A 1347 -13.87 37.82 32.93
C ASN A 1347 -13.70 36.34 32.66
N SER A 1348 -13.36 35.59 33.71
CA SER A 1348 -13.20 34.15 33.56
C SER A 1348 -14.55 33.44 33.49
N GLN A 1349 -15.53 33.96 34.23
CA GLN A 1349 -16.85 33.32 34.21
C GLN A 1349 -17.48 33.43 32.83
N ALA A 1350 -17.32 34.58 32.18
CA ALA A 1350 -17.87 34.73 30.83
C ALA A 1350 -17.02 33.98 29.82
N ARG A 1351 -15.70 33.96 30.00
CA ARG A 1351 -14.86 33.14 29.14
C ARG A 1351 -15.30 31.69 29.22
N LEU A 1352 -15.75 31.26 30.39
CA LEU A 1352 -16.19 29.88 30.56
C LEU A 1352 -17.55 29.66 29.93
N LEU A 1353 -18.51 30.52 30.26
CA LEU A 1353 -19.85 30.39 29.68
C LEU A 1353 -19.77 30.43 28.16
N CYS A 1354 -18.77 31.10 27.60
CA CYS A 1354 -18.58 31.07 26.16
C CYS A 1354 -18.29 29.66 25.68
N GLY A 1355 -17.19 29.07 26.15
CA GLY A 1355 -16.87 27.71 25.77
C GLY A 1355 -18.01 26.76 26.03
N GLU A 1356 -18.61 26.84 27.22
CA GLU A 1356 -19.73 25.95 27.53
C GLU A 1356 -20.78 25.98 26.45
N CYS A 1357 -21.13 27.18 25.98
CA CYS A 1357 -22.09 27.30 24.89
C CYS A 1357 -21.51 26.76 23.59
N LEU A 1358 -20.18 26.75 23.48
CA LEU A 1358 -19.55 26.15 22.31
C LEU A 1358 -19.62 24.63 22.38
N GLY A 1359 -19.75 24.08 23.59
CA GLY A 1359 -19.93 22.64 23.71
C GLY A 1359 -21.38 22.24 23.62
N GLU A 1360 -22.25 22.94 24.35
CA GLU A 1360 -23.69 22.71 24.22
C GLU A 1360 -24.12 22.87 22.77
N LEU A 1361 -23.29 23.52 21.95
CA LEU A 1361 -23.63 23.76 20.57
C LEU A 1361 -23.01 22.72 19.66
N GLY A 1362 -21.90 22.13 20.08
CA GLY A 1362 -21.19 21.16 19.27
C GLY A 1362 -19.95 21.74 18.63
N ALA A 1363 -19.06 20.84 18.22
CA ALA A 1363 -17.84 21.22 17.50
C ALA A 1363 -18.12 21.12 16.01
N ILE A 1364 -18.94 22.05 15.51
CA ILE A 1364 -19.38 21.98 14.14
C ILE A 1364 -18.17 22.06 13.23
N ASP A 1365 -18.26 21.37 12.10
CA ASP A 1365 -17.17 21.34 11.15
C ASP A 1365 -16.92 22.75 10.61
N PRO A 1366 -15.70 23.27 10.74
CA PRO A 1366 -15.46 24.64 10.29
C PRO A 1366 -15.81 24.86 8.83
N GLY A 1367 -15.97 23.77 8.07
CA GLY A 1367 -16.42 23.92 6.70
C GLY A 1367 -17.90 24.19 6.62
N ARG A 1368 -18.66 23.68 7.59
CA ARG A 1368 -20.06 24.02 7.68
C ARG A 1368 -20.25 25.48 8.05
N LEU A 1369 -19.34 26.00 8.86
CA LEU A 1369 -19.44 27.38 9.31
C LEU A 1369 -19.04 28.33 8.19
N ASP A 1370 -19.82 29.40 8.03
CA ASP A 1370 -19.55 30.35 6.96
C ASP A 1370 -18.33 31.20 7.27
N PHE A 1371 -18.39 31.95 8.38
CA PHE A 1371 -17.33 32.88 8.73
C PHE A 1371 -17.06 33.86 7.60
N SER A 1372 -18.11 34.16 6.82
CA SER A 1372 -17.99 35.13 5.74
C SER A 1372 -17.31 36.41 6.22
N THR A 1373 -17.84 37.01 7.28
CA THR A 1373 -17.20 38.14 7.96
C THR A 1373 -17.03 37.76 9.43
N THR A 1374 -15.94 37.06 9.73
CA THR A 1374 -15.71 36.62 11.10
C THR A 1374 -15.41 37.80 12.02
N GLU A 1375 -14.73 38.82 11.50
CA GLU A 1375 -14.41 40.00 12.28
C GLU A 1375 -13.70 41.00 11.40
N THR A 1376 -13.77 42.28 11.81
CA THR A 1376 -13.07 43.37 11.14
C THR A 1376 -12.29 44.15 12.20
N GLN A 1377 -11.05 43.72 12.44
CA GLN A 1377 -10.26 44.32 13.50
C GLN A 1377 -9.77 45.71 13.10
N GLY A 1378 -9.83 46.64 14.04
CA GLY A 1378 -9.36 47.99 13.77
C GLY A 1378 -7.84 48.03 13.72
N LYS A 1379 -7.31 48.84 12.80
CA LYS A 1379 -5.89 48.96 12.58
C LYS A 1379 -5.53 50.43 12.39
N ASP A 1380 -4.47 50.88 13.08
CA ASP A 1380 -3.97 52.22 12.87
C ASP A 1380 -3.51 52.37 11.42
N PHE A 1381 -4.11 53.31 10.70
CA PHE A 1381 -3.90 53.44 9.26
C PHE A 1381 -2.77 54.41 8.99
N THR A 1382 -1.71 54.33 9.81
CA THR A 1382 -0.53 55.13 9.56
C THR A 1382 0.62 54.72 10.47
N PHE A 1383 1.83 55.11 10.08
CA PHE A 1383 2.97 55.15 10.97
C PHE A 1383 3.06 56.57 11.49
N VAL A 1384 2.25 56.86 12.51
CA VAL A 1384 2.02 58.23 12.94
C VAL A 1384 3.33 58.99 12.96
N THR A 1385 3.35 60.13 12.28
CA THR A 1385 4.61 60.77 11.91
C THR A 1385 5.42 61.16 13.14
N GLY A 1386 4.75 61.62 14.19
CA GLY A 1386 5.47 62.07 15.37
C GLY A 1386 4.53 62.75 16.34
N VAL A 1387 5.11 63.63 17.14
CA VAL A 1387 4.32 64.36 18.14
C VAL A 1387 3.49 65.45 17.47
N GLU A 1388 3.81 65.75 16.21
CA GLU A 1388 3.03 66.74 15.48
C GLU A 1388 1.69 66.17 15.03
N ASP A 1389 1.66 64.87 14.73
CA ASP A 1389 0.45 64.26 14.18
C ASP A 1389 -0.71 64.40 15.15
N SER A 1390 -1.88 64.74 14.60
CA SER A 1390 -3.07 64.91 15.43
C SER A 1390 -3.57 63.57 15.95
N SER A 1391 -3.34 62.49 15.21
CA SER A 1391 -3.83 61.19 15.64
C SER A 1391 -3.00 60.66 16.80
N PHE A 1392 -1.68 60.82 16.74
CA PHE A 1392 -0.85 60.48 17.88
C PHE A 1392 -1.20 61.35 19.07
N ALA A 1393 -1.45 62.64 18.81
CA ALA A 1393 -1.98 63.52 19.85
C ALA A 1393 -3.17 62.89 20.54
N TYR A 1394 -4.21 62.57 19.78
CA TYR A 1394 -5.42 62.02 20.36
C TYR A 1394 -5.14 60.73 21.10
N GLY A 1395 -4.25 59.90 20.58
CA GLY A 1395 -3.89 58.68 21.28
C GLY A 1395 -3.28 58.96 22.64
N LEU A 1396 -2.36 59.92 22.69
CA LEU A 1396 -1.75 60.28 23.97
C LEU A 1396 -2.78 60.83 24.92
N LEU A 1397 -3.75 61.59 24.41
CA LEU A 1397 -4.74 62.18 25.29
C LEU A 1397 -5.69 61.11 25.82
N MET A 1398 -6.06 60.14 24.98
CA MET A 1398 -6.81 58.99 25.47
C MET A 1398 -6.04 58.26 26.55
N GLU A 1399 -4.74 58.04 26.34
CA GLU A 1399 -3.95 57.32 27.32
C GLU A 1399 -3.85 58.11 28.62
N LEU A 1400 -3.68 59.43 28.52
CA LEU A 1400 -3.54 60.24 29.72
C LEU A 1400 -4.85 60.30 30.48
N THR A 1401 -5.98 60.34 29.78
CA THR A 1401 -7.27 60.35 30.46
C THR A 1401 -7.56 59.00 31.09
N ARG A 1402 -7.18 57.92 30.40
CA ARG A 1402 -7.28 56.59 31.00
C ARG A 1402 -6.46 56.51 32.27
N ALA A 1403 -5.26 57.08 32.25
CA ALA A 1403 -4.42 57.08 33.45
C ALA A 1403 -5.02 57.97 34.53
N TYR A 1404 -5.68 59.05 34.13
CA TYR A 1404 -6.35 59.93 35.08
C TYR A 1404 -7.46 59.20 35.80
N LEU A 1405 -8.28 58.47 35.05
CA LEU A 1405 -9.39 57.72 35.65
C LEU A 1405 -8.87 56.55 36.47
N ALA A 1406 -7.76 55.95 36.04
CA ALA A 1406 -7.22 54.79 36.75
C ALA A 1406 -6.53 55.21 38.04
N TYR A 1407 -5.91 56.39 38.05
CA TYR A 1407 -5.10 56.84 39.16
C TYR A 1407 -5.84 57.78 40.11
N ALA A 1408 -7.12 58.07 39.86
CA ALA A 1408 -7.92 58.74 40.87
C ALA A 1408 -7.85 57.98 42.20
N ASP A 1409 -7.52 56.69 42.14
CA ASP A 1409 -7.32 55.92 43.35
C ASP A 1409 -6.00 56.28 44.04
N ASN A 1410 -4.97 56.60 43.24
CA ASN A 1410 -3.67 56.99 43.75
C ASN A 1410 -3.37 58.41 43.28
N SER A 1411 -3.44 59.35 44.22
CA SER A 1411 -3.46 60.77 43.85
C SER A 1411 -2.19 61.21 43.14
N ARG A 1412 -1.03 60.74 43.60
CA ARG A 1412 0.22 61.19 42.99
C ARG A 1412 0.22 60.93 41.48
N ALA A 1413 -0.09 59.70 41.09
CA ALA A 1413 -0.09 59.37 39.68
C ALA A 1413 -1.11 60.19 38.91
N GLN A 1414 -2.27 60.43 39.51
CA GLN A 1414 -3.29 61.20 38.81
C GLN A 1414 -2.87 62.64 38.61
N ASP A 1415 -2.18 63.22 39.59
CA ASP A 1415 -1.68 64.59 39.45
C ASP A 1415 -0.59 64.64 38.39
N SER A 1416 0.27 63.63 38.36
CA SER A 1416 1.23 63.53 37.27
C SER A 1416 0.52 63.50 35.92
N ALA A 1417 -0.57 62.75 35.85
CA ALA A 1417 -1.34 62.65 34.60
C ALA A 1417 -1.95 64.00 34.24
N ALA A 1418 -2.48 64.72 35.23
CA ALA A 1418 -3.07 66.02 34.96
C ALA A 1418 -2.02 66.99 34.44
N TYR A 1419 -0.83 66.98 35.04
CA TYR A 1419 0.25 67.83 34.54
C TYR A 1419 0.61 67.45 33.11
N ALA A 1420 0.80 66.15 32.86
CA ALA A 1420 1.15 65.70 31.52
C ALA A 1420 0.09 66.13 30.51
N ILE A 1421 -1.18 66.03 30.88
CA ILE A 1421 -2.24 66.26 29.92
C ILE A 1421 -2.40 67.75 29.63
N GLN A 1422 -2.19 68.60 30.65
CA GLN A 1422 -2.18 70.02 30.37
C GLN A 1422 -0.97 70.40 29.53
N GLU A 1423 0.17 69.75 29.76
CA GLU A 1423 1.34 70.04 28.95
C GLU A 1423 1.16 69.56 27.53
N LEU A 1424 0.30 68.54 27.33
CA LEU A 1424 -0.06 68.13 25.98
C LEU A 1424 -0.98 69.15 25.33
N LEU A 1425 -2.00 69.60 26.06
CA LEU A 1425 -2.83 70.69 25.56
C LEU A 1425 -1.96 71.89 25.17
N SER A 1426 -0.82 72.05 25.84
CA SER A 1426 0.05 73.19 25.55
C SER A 1426 0.93 72.94 24.34
N ILE A 1427 1.73 71.85 24.38
CA ILE A 1427 2.66 71.56 23.30
C ILE A 1427 2.01 71.76 21.95
N TYR A 1428 0.82 71.18 21.77
CA TYR A 1428 -0.03 71.46 20.63
C TYR A 1428 -1.39 71.89 21.14
N ASP A 1429 -2.00 72.86 20.48
CA ASP A 1429 -3.31 73.33 20.91
C ASP A 1429 -4.33 72.19 20.83
N CYS A 1430 -5.06 72.00 21.93
CA CYS A 1430 -6.14 71.03 21.97
C CYS A 1430 -7.50 71.71 21.94
N ARG A 1431 -7.55 73.03 22.04
CA ARG A 1431 -8.78 73.79 22.14
C ARG A 1431 -8.94 74.65 20.89
N GLU A 1432 -10.01 74.39 20.13
CA GLU A 1432 -10.25 75.14 18.91
C GLU A 1432 -10.20 76.64 19.15
N MET A 1433 -10.85 77.11 20.21
CA MET A 1433 -11.03 78.54 20.45
C MET A 1433 -11.90 79.15 19.36
N GLU A 1434 -12.80 78.34 18.78
CA GLU A 1434 -13.67 78.68 17.66
C GLU A 1434 -12.91 78.62 16.35
N THR A 1435 -11.61 78.34 16.37
CA THR A 1435 -10.81 78.25 15.16
C THR A 1435 -10.93 76.86 14.55
N ASN A 1436 -10.62 76.76 13.27
CA ASN A 1436 -10.50 75.49 12.57
C ASN A 1436 -9.10 74.91 12.71
N GLY A 1437 -8.34 75.35 13.69
CA GLY A 1437 -6.98 74.90 13.87
C GLY A 1437 -6.92 73.48 14.41
N PRO A 1438 -5.69 72.96 14.53
CA PRO A 1438 -5.52 71.58 15.02
C PRO A 1438 -6.26 71.30 16.31
N GLY A 1439 -6.30 72.26 17.23
CA GLY A 1439 -7.01 72.04 18.48
C GLY A 1439 -8.48 71.74 18.27
N HIS A 1440 -9.03 72.20 17.14
CA HIS A 1440 -10.46 72.04 16.89
C HIS A 1440 -10.81 70.59 16.57
N GLN A 1441 -10.25 70.06 15.49
CA GLN A 1441 -10.54 68.67 15.12
C GLN A 1441 -10.03 67.72 16.19
N LEU A 1442 -9.11 68.18 17.04
CA LEU A 1442 -8.61 67.33 18.11
C LEU A 1442 -9.58 67.28 19.27
N TRP A 1443 -10.09 68.43 19.70
CA TRP A 1443 -11.15 68.42 20.71
C TRP A 1443 -12.35 67.62 20.22
N ARG A 1444 -12.68 67.76 18.93
CA ARG A 1444 -13.75 66.95 18.36
C ARG A 1444 -13.34 65.49 18.25
N ARG A 1445 -12.04 65.23 18.24
CA ARG A 1445 -11.55 63.86 18.07
C ARG A 1445 -11.63 63.09 19.38
N PHE A 1446 -11.53 63.78 20.51
CA PHE A 1446 -11.64 63.10 21.78
C PHE A 1446 -13.08 62.67 22.01
N PRO A 1447 -13.30 61.57 22.74
CA PRO A 1447 -14.67 61.24 23.15
C PRO A 1447 -15.20 62.24 24.16
N GLU A 1448 -16.50 62.16 24.41
CA GLU A 1448 -17.13 63.11 25.32
C GLU A 1448 -16.67 62.92 26.76
N HIS A 1449 -16.44 61.67 27.16
CA HIS A 1449 -15.96 61.43 28.53
C HIS A 1449 -14.53 61.94 28.69
N VAL A 1450 -13.68 61.72 27.69
CA VAL A 1450 -12.35 62.28 27.73
C VAL A 1450 -12.42 63.80 27.78
N ARG A 1451 -13.41 64.38 27.12
CA ARG A 1451 -13.52 65.83 27.07
C ARG A 1451 -13.98 66.40 28.39
N GLU A 1452 -14.93 65.72 29.05
CA GLU A 1452 -15.38 66.19 30.36
C GLU A 1452 -14.31 65.98 31.41
N ILE A 1453 -13.43 65.00 31.21
CA ILE A 1453 -12.28 64.87 32.10
C ILE A 1453 -11.27 65.97 31.82
N LEU A 1454 -11.12 66.35 30.54
CA LEU A 1454 -10.07 67.27 30.15
C LEU A 1454 -10.40 68.71 30.53
N GLU A 1455 -11.58 69.17 30.14
CA GLU A 1455 -11.93 70.57 30.37
C GLU A 1455 -11.63 71.03 31.78
N PRO A 1456 -12.01 70.31 32.84
CA PRO A 1456 -11.66 70.76 34.20
C PRO A 1456 -10.18 71.03 34.36
N HIS A 1457 -9.32 70.06 34.06
CA HIS A 1457 -7.89 70.26 34.16
C HIS A 1457 -7.28 70.79 32.86
N LEU A 1458 -8.10 71.15 31.87
CA LEU A 1458 -7.57 71.60 30.60
C LEU A 1458 -6.92 72.98 30.73
N ASN A 1459 -7.33 73.75 31.72
CA ASN A 1459 -6.88 75.13 31.87
C ASN A 1459 -6.12 75.38 33.16
N THR A 1460 -6.04 74.40 34.05
CA THR A 1460 -5.42 74.58 35.36
C THR A 1460 -3.98 74.10 35.32
N ARG A 1461 -3.07 74.94 35.82
CA ARG A 1461 -1.67 74.57 35.92
C ARG A 1461 -1.48 73.51 37.00
N TYR A 1462 -0.55 72.60 36.76
CA TYR A 1462 -0.12 71.61 37.74
C TYR A 1462 1.39 71.52 37.72
N LYS A 1463 1.96 71.11 38.86
CA LYS A 1463 3.39 71.09 39.06
C LYS A 1463 3.93 69.68 38.87
N SER A 1464 5.14 69.58 38.29
CA SER A 1464 5.77 68.30 38.08
C SER A 1464 6.67 67.94 39.27
N SER A 1465 6.92 66.63 39.43
CA SER A 1465 7.76 66.18 40.53
C SER A 1465 9.17 66.75 40.43
N GLN A 1466 9.75 66.71 39.23
CA GLN A 1466 11.08 67.24 38.98
C GLN A 1466 12.13 66.53 39.84
N LYS A 1467 12.13 65.20 39.78
CA LYS A 1467 13.21 64.40 40.39
C LYS A 1467 14.22 64.06 39.30
N SER A 1468 14.81 65.11 38.74
CA SER A 1468 15.65 64.97 37.56
C SER A 1468 16.82 64.05 37.84
N THR A 1469 17.27 63.35 36.81
CA THR A 1469 18.37 62.39 36.90
C THR A 1469 19.42 62.74 35.87
N ASP A 1470 20.70 62.62 36.26
CA ASP A 1470 21.78 62.91 35.33
C ASP A 1470 21.81 61.90 34.19
N TRP A 1471 21.47 60.64 34.47
CA TRP A 1471 21.43 59.53 33.54
C TRP A 1471 22.83 58.98 33.27
N SER A 1472 23.87 59.51 33.92
CA SER A 1472 25.20 58.98 33.73
C SER A 1472 25.47 57.76 34.60
N GLY A 1473 25.00 57.79 35.85
CA GLY A 1473 25.32 56.72 36.77
C GLY A 1473 24.74 55.38 36.34
N VAL A 1474 23.58 55.41 35.69
CA VAL A 1474 22.92 54.17 35.30
C VAL A 1474 23.74 53.48 34.21
N LYS A 1475 23.93 52.18 34.37
CA LYS A 1475 24.59 51.40 33.33
C LYS A 1475 23.78 51.47 32.04
N LYS A 1476 24.44 51.93 30.97
CA LYS A 1476 23.74 52.12 29.71
C LYS A 1476 22.91 50.91 29.30
N PRO A 1477 23.42 49.68 29.34
CA PRO A 1477 22.52 48.53 29.14
C PRO A 1477 21.61 48.33 30.35
N ILE A 1478 20.69 49.28 30.50
CA ILE A 1478 19.82 49.31 31.67
C ILE A 1478 19.17 47.96 31.90
N TYR A 1479 18.74 47.32 30.82
CA TYR A 1479 18.02 46.06 30.93
C TYR A 1479 18.90 45.02 31.61
N LEU A 1480 18.33 44.33 32.60
CA LEU A 1480 18.96 43.39 33.51
C LEU A 1480 19.67 44.11 34.66
N SER A 1481 19.61 45.43 34.71
CA SER A 1481 20.06 46.14 35.90
C SER A 1481 18.98 46.05 36.98
N LYS A 1482 19.32 46.51 38.18
CA LYS A 1482 18.36 46.48 39.27
C LYS A 1482 17.09 47.23 38.92
N LEU A 1483 17.21 48.53 38.65
CA LEU A 1483 16.11 49.27 38.06
C LEU A 1483 15.60 48.58 36.80
N GLY A 1484 16.48 47.82 36.14
CA GLY A 1484 16.08 47.12 34.93
C GLY A 1484 15.14 45.96 35.21
N SER A 1485 15.47 45.14 36.22
CA SER A 1485 14.70 43.93 36.46
C SER A 1485 13.21 44.21 36.58
N ASN A 1486 12.83 45.44 36.92
CA ASN A 1486 11.43 45.81 36.93
C ASN A 1486 11.02 46.30 35.54
N PHE A 1487 10.11 45.56 34.90
CA PHE A 1487 9.70 45.90 33.54
C PHE A 1487 9.35 47.37 33.43
N ALA A 1488 8.37 47.83 34.19
CA ALA A 1488 8.01 49.25 34.16
C ALA A 1488 9.21 50.12 34.53
N GLU A 1489 10.11 49.60 35.36
CA GLU A 1489 11.27 50.39 35.77
C GLU A 1489 12.30 50.49 34.65
N TRP A 1490 12.67 49.35 34.06
CA TRP A 1490 13.53 49.40 32.88
C TRP A 1490 12.91 50.29 31.82
N SER A 1491 11.63 50.09 31.55
CA SER A 1491 10.98 50.80 30.47
C SER A 1491 11.01 52.30 30.73
N ALA A 1492 10.75 52.70 31.98
CA ALA A 1492 10.74 54.11 32.33
C ALA A 1492 12.14 54.70 32.25
N SER A 1493 13.15 53.97 32.74
CA SER A 1493 14.50 54.51 32.70
C SER A 1493 14.97 54.69 31.26
N TRP A 1494 14.74 53.68 30.42
CA TRP A 1494 15.09 53.80 29.02
C TRP A 1494 14.34 54.96 28.37
N ALA A 1495 13.06 55.11 28.69
CA ALA A 1495 12.29 56.22 28.13
C ALA A 1495 12.87 57.55 28.56
N GLY A 1496 13.32 57.66 29.80
CA GLY A 1496 13.90 58.91 30.26
C GLY A 1496 15.20 59.23 29.55
N TYR A 1497 16.09 58.25 29.48
CA TYR A 1497 17.34 58.45 28.75
C TYR A 1497 17.06 58.89 27.32
N LEU A 1498 16.07 58.27 26.68
CA LEU A 1498 15.72 58.65 25.32
C LEU A 1498 15.22 60.09 25.27
N ILE A 1499 14.22 60.42 26.10
CA ILE A 1499 13.70 61.78 26.13
C ILE A 1499 14.83 62.78 26.30
N THR A 1500 15.88 62.40 27.04
CA THR A 1500 17.04 63.28 27.16
C THR A 1500 17.80 63.35 25.84
N LYS A 1501 17.86 62.22 25.13
CA LYS A 1501 18.56 62.22 23.85
C LYS A 1501 17.76 62.95 22.77
N VAL A 1502 16.45 63.11 22.98
CA VAL A 1502 15.60 63.70 21.96
C VAL A 1502 16.09 65.10 21.64
N ARG A 1503 16.24 65.40 20.35
CA ARG A 1503 16.67 66.72 19.93
C ARG A 1503 15.48 67.61 19.59
N HIS A 1504 14.45 67.03 18.97
CA HIS A 1504 13.28 67.81 18.58
C HIS A 1504 12.62 68.44 19.80
N ASP A 1505 12.20 69.69 19.64
CA ASP A 1505 11.68 70.44 20.77
C ASP A 1505 10.33 69.91 21.22
N LEU A 1506 9.35 69.84 20.30
CA LEU A 1506 8.04 69.32 20.66
C LEU A 1506 8.15 67.91 21.22
N ALA A 1507 9.06 67.11 20.66
CA ALA A 1507 9.29 65.78 21.20
C ALA A 1507 9.77 65.86 22.65
N SER A 1508 10.71 66.75 22.93
CA SER A 1508 11.22 66.89 24.29
C SER A 1508 10.11 67.31 25.24
N LYS A 1509 9.23 68.21 24.78
CA LYS A 1509 8.13 68.65 25.63
C LYS A 1509 7.19 67.49 25.94
N ILE A 1510 6.81 66.74 24.91
CA ILE A 1510 5.84 65.68 25.09
C ILE A 1510 6.44 64.55 25.93
N PHE A 1511 7.75 64.34 25.83
CA PHE A 1511 8.39 63.30 26.62
C PHE A 1511 8.54 63.75 28.07
N THR A 1512 8.88 65.02 28.29
CA THR A 1512 9.04 65.52 29.65
C THR A 1512 7.71 65.53 30.39
N CYS A 1513 6.63 65.89 29.69
CA CYS A 1513 5.34 65.97 30.35
C CYS A 1513 4.86 64.60 30.79
N CYS A 1514 5.11 63.57 29.99
CA CYS A 1514 4.72 62.21 30.32
C CYS A 1514 5.82 61.45 31.05
N SER A 1515 6.96 62.08 31.33
CA SER A 1515 8.04 61.40 32.01
C SER A 1515 7.56 60.78 33.32
N ILE A 1516 6.96 61.60 34.19
CA ILE A 1516 6.40 61.09 35.43
C ILE A 1516 5.39 59.99 35.15
N MET A 1517 4.48 60.23 34.21
CA MET A 1517 3.48 59.21 33.89
C MET A 1517 4.15 57.92 33.45
N MET A 1518 5.17 58.02 32.58
CA MET A 1518 5.93 56.84 32.21
C MET A 1518 6.50 56.15 33.45
N LYS A 1519 6.92 56.94 34.45
CA LYS A 1519 7.42 56.35 35.68
C LYS A 1519 6.27 55.72 36.48
N HIS A 1520 5.06 56.24 36.31
CA HIS A 1520 3.92 55.69 37.04
C HIS A 1520 3.29 54.52 36.28
N ASP A 1521 2.92 54.74 35.02
CA ASP A 1521 2.22 53.75 34.22
C ASP A 1521 3.16 53.21 33.16
N PHE A 1522 3.39 51.90 33.19
CA PHE A 1522 4.19 51.28 32.15
C PHE A 1522 3.54 51.42 30.78
N LYS A 1523 2.20 51.49 30.75
CA LYS A 1523 1.49 51.47 29.47
C LYS A 1523 1.70 52.75 28.68
N VAL A 1524 1.56 53.90 29.35
CA VAL A 1524 1.84 55.16 28.66
C VAL A 1524 3.25 55.13 28.08
N THR A 1525 4.19 54.58 28.85
CA THR A 1525 5.54 54.43 28.33
C THR A 1525 5.52 53.59 27.06
N ILE A 1526 5.08 52.33 27.16
CA ILE A 1526 5.01 51.46 25.99
C ILE A 1526 4.48 52.24 24.79
N TYR A 1527 3.44 53.03 25.00
CA TYR A 1527 2.81 53.73 23.89
C TYR A 1527 3.73 54.79 23.31
N LEU A 1528 4.49 55.46 24.17
CA LEU A 1528 5.31 56.59 23.72
C LEU A 1528 6.74 56.21 23.36
N LEU A 1529 7.18 55.01 23.72
CA LEU A 1529 8.57 54.62 23.49
C LEU A 1529 8.93 54.58 22.02
N PRO A 1530 8.16 53.94 21.14
CA PRO A 1530 8.53 53.95 19.73
C PRO A 1530 8.78 55.35 19.20
N HIS A 1531 8.02 56.33 19.68
CA HIS A 1531 8.21 57.70 19.23
C HIS A 1531 9.51 58.28 19.77
N ILE A 1532 9.81 58.04 21.05
CA ILE A 1532 11.08 58.45 21.59
C ILE A 1532 12.21 57.89 20.74
N LEU A 1533 12.09 56.63 20.33
CA LEU A 1533 13.10 56.02 19.48
C LEU A 1533 13.20 56.75 18.15
N VAL A 1534 12.09 56.84 17.43
CA VAL A 1534 12.08 57.51 16.14
C VAL A 1534 12.75 58.87 16.25
N TYR A 1535 12.52 59.57 17.35
CA TYR A 1535 12.98 60.95 17.43
C TYR A 1535 14.45 61.04 17.80
N VAL A 1536 14.89 60.25 18.78
CA VAL A 1536 16.30 60.28 19.14
C VAL A 1536 17.14 59.84 17.94
N LEU A 1537 16.71 58.79 17.25
CA LEU A 1537 17.46 58.32 16.09
C LEU A 1537 17.66 59.44 15.08
N LEU A 1538 16.72 60.37 15.01
CA LEU A 1538 16.82 61.44 14.01
C LEU A 1538 17.90 62.44 14.41
N GLY A 1539 17.99 62.77 15.69
CA GLY A 1539 18.96 63.72 16.19
C GLY A 1539 20.11 63.11 16.95
N CYS A 1540 20.17 61.79 17.03
CA CYS A 1540 21.24 61.12 17.75
C CYS A 1540 22.54 61.16 16.96
N ASN A 1541 23.64 61.31 17.67
CA ASN A 1541 24.96 61.10 17.10
C ASN A 1541 25.26 59.60 17.07
N GLN A 1542 26.31 59.24 16.34
CA GLN A 1542 26.67 57.82 16.22
C GLN A 1542 26.75 57.17 17.60
N GLU A 1543 27.31 57.88 18.58
CA GLU A 1543 27.45 57.29 19.91
C GLU A 1543 26.08 57.09 20.55
N ASP A 1544 25.18 58.04 20.35
CA ASP A 1544 23.83 57.90 20.91
C ASP A 1544 23.10 56.73 20.28
N GLN A 1545 23.15 56.64 18.95
CA GLN A 1545 22.57 55.49 18.26
C GLN A 1545 23.15 54.20 18.78
N GLN A 1546 24.46 54.18 19.04
CA GLN A 1546 25.09 52.96 19.53
C GLN A 1546 24.64 52.62 20.94
N GLU A 1547 24.40 53.64 21.77
CA GLU A 1547 23.88 53.37 23.11
C GLU A 1547 22.50 52.74 23.06
N VAL A 1548 21.59 53.37 22.32
CA VAL A 1548 20.24 52.82 22.20
C VAL A 1548 20.31 51.44 21.58
N TYR A 1549 21.24 51.23 20.64
CA TYR A 1549 21.38 49.94 20.00
C TYR A 1549 21.88 48.90 20.97
N ALA A 1550 22.75 49.30 21.90
CA ALA A 1550 23.22 48.37 22.92
C ALA A 1550 22.07 47.94 23.81
N GLU A 1551 21.27 48.89 24.27
CA GLU A 1551 20.09 48.54 25.04
C GLU A 1551 19.22 47.55 24.28
N ILE A 1552 18.87 47.89 23.04
CA ILE A 1552 17.93 47.09 22.26
C ILE A 1552 18.50 45.69 22.03
N MET A 1553 19.77 45.61 21.65
CA MET A 1553 20.39 44.33 21.36
C MET A 1553 20.61 43.52 22.62
N ALA A 1554 20.58 44.18 23.77
CA ALA A 1554 20.69 43.45 25.03
C ALA A 1554 19.34 42.85 25.43
N VAL A 1555 18.26 43.56 25.14
CA VAL A 1555 16.94 43.01 25.42
C VAL A 1555 16.74 41.70 24.66
N LEU A 1556 17.23 41.66 23.42
CA LEU A 1556 16.97 40.51 22.56
C LEU A 1556 17.97 39.40 22.80
N LYS A 1557 19.22 39.76 23.09
CA LYS A 1557 20.25 38.74 23.25
C LYS A 1557 20.06 37.96 24.55
N HIS A 1558 19.49 38.60 25.57
CA HIS A 1558 19.24 37.90 26.83
C HIS A 1558 18.06 36.97 26.70
N ASP A 1559 18.15 35.81 27.35
CA ASP A 1559 17.10 34.81 27.25
C ASP A 1559 16.41 34.55 28.59
N ASP A 1560 17.15 33.98 29.53
CA ASP A 1560 16.66 33.78 30.89
C ASP A 1560 17.83 33.52 31.82
N GLN A 1561 17.92 34.30 32.89
CA GLN A 1561 18.95 34.12 33.92
C GLN A 1561 20.35 34.12 33.32
N HIS A 1562 20.48 34.64 32.10
CA HIS A 1562 21.75 34.70 31.39
C HIS A 1562 21.53 35.24 29.99
N SER A 1571 11.13 36.25 35.88
CA SER A 1571 10.42 37.52 35.71
C SER A 1571 9.85 37.63 34.30
N ASP A 1572 8.70 38.28 34.19
CA ASP A 1572 8.12 38.61 32.89
C ASP A 1572 8.89 39.68 32.15
N LEU A 1573 9.99 40.18 32.72
CA LEU A 1573 10.69 41.31 32.14
C LEU A 1573 11.19 40.99 30.75
N CYS A 1574 11.90 39.88 30.59
CA CYS A 1574 12.48 39.59 29.28
C CYS A 1574 11.40 39.53 28.21
N GLN A 1575 10.33 38.81 28.47
CA GLN A 1575 9.26 38.66 27.49
C GLN A 1575 8.63 40.02 27.16
N LEU A 1576 8.25 40.77 28.19
CA LEU A 1576 7.55 42.03 27.94
C LEU A 1576 8.45 43.04 27.24
N SER A 1577 9.72 43.12 27.64
CA SER A 1577 10.62 44.08 27.03
C SER A 1577 10.98 43.67 25.62
N THR A 1578 11.05 42.36 25.36
CA THR A 1578 11.22 41.89 24.00
C THR A 1578 10.05 42.34 23.13
N GLN A 1579 8.83 42.16 23.63
CA GLN A 1579 7.68 42.67 22.89
C GLN A 1579 7.80 44.17 22.67
N THR A 1580 8.21 44.91 23.69
CA THR A 1580 8.27 46.36 23.58
C THR A 1580 9.27 46.78 22.52
N VAL A 1581 10.43 46.14 22.48
CA VAL A 1581 11.45 46.52 21.51
C VAL A 1581 11.04 46.09 20.12
N PHE A 1582 10.39 44.91 20.01
CA PHE A 1582 9.83 44.53 18.72
C PHE A 1582 8.87 45.58 18.21
N SER A 1583 8.03 46.11 19.11
CA SER A 1583 7.06 47.12 18.70
C SER A 1583 7.75 48.42 18.30
N MET A 1584 8.76 48.83 19.08
CA MET A 1584 9.51 50.02 18.72
C MET A 1584 10.10 49.87 17.33
N LEU A 1585 10.67 48.70 17.03
CA LEU A 1585 11.29 48.50 15.73
C LEU A 1585 10.25 48.43 14.63
N ASP A 1586 9.09 47.86 14.93
CA ASP A 1586 8.04 47.78 13.91
C ASP A 1586 7.54 49.17 13.55
N HIS A 1587 7.35 50.02 14.56
CA HIS A 1587 6.96 51.39 14.27
C HIS A 1587 8.06 52.13 13.54
N LEU A 1588 9.32 51.86 13.90
CA LEU A 1588 10.42 52.49 13.21
C LEU A 1588 10.42 52.10 11.74
N THR A 1589 10.09 50.84 11.44
CA THR A 1589 10.09 50.40 10.05
C THR A 1589 8.90 50.98 9.29
N GLN A 1590 7.72 51.00 9.93
CA GLN A 1590 6.57 51.65 9.32
C GLN A 1590 6.89 53.10 9.01
N TRP A 1591 7.59 53.78 9.90
CA TRP A 1591 7.92 55.18 9.68
C TRP A 1591 8.97 55.31 8.60
N ALA A 1592 9.91 54.38 8.52
CA ALA A 1592 10.87 54.41 7.44
C ALA A 1592 10.17 54.27 6.10
N ARG A 1593 9.18 53.38 6.02
CA ARG A 1593 8.47 53.19 4.76
C ARG A 1593 7.66 54.43 4.41
N HIS A 1594 6.97 55.00 5.39
CA HIS A 1594 6.20 56.23 5.12
C HIS A 1594 7.12 57.38 4.72
N LYS A 1595 8.27 57.48 5.39
CA LYS A 1595 9.23 58.54 5.06
C LYS A 1595 9.81 58.33 3.68
N PHE A 1596 9.93 57.07 3.25
CA PHE A 1596 10.41 56.81 1.89
C PHE A 1596 9.33 57.13 0.87
N GLN A 1597 8.07 56.89 1.21
CA GLN A 1597 6.99 57.33 0.35
C GLN A 1597 7.05 58.84 0.16
N ALA A 1598 7.29 59.57 1.24
CA ALA A 1598 7.47 61.02 1.11
C ALA A 1598 8.75 61.35 0.35
N LEU A 1599 9.76 60.50 0.50
CA LEU A 1599 11.04 60.72 -0.18
C LEU A 1599 10.87 60.69 -1.69
N LYS A 1600 10.28 59.61 -2.23
CA LYS A 1600 9.98 59.58 -3.65
C LYS A 1600 8.97 60.66 -4.01
N ALA A 1601 8.09 61.00 -3.08
CA ALA A 1601 7.11 62.06 -3.29
C ALA A 1601 7.74 63.44 -3.10
N THR A 1620 17.00 66.13 0.55
CA THR A 1620 16.47 67.04 1.55
C THR A 1620 16.63 66.49 2.96
N VAL A 1621 16.03 67.17 3.94
CA VAL A 1621 16.16 66.75 5.33
C VAL A 1621 15.45 65.42 5.56
N ASP A 1622 14.27 65.25 4.96
CA ASP A 1622 13.53 64.01 5.14
C ASP A 1622 14.32 62.82 4.59
N TYR A 1623 15.07 63.04 3.51
CA TYR A 1623 15.95 61.99 3.02
C TYR A 1623 16.91 61.55 4.12
N GLU A 1624 17.47 62.52 4.86
CA GLU A 1624 18.44 62.18 5.89
C GLU A 1624 17.76 61.49 7.07
N ASP A 1625 16.55 61.91 7.41
CA ASP A 1625 15.81 61.24 8.47
C ASP A 1625 15.54 59.79 8.11
N TYR A 1626 15.08 59.57 6.87
CA TYR A 1626 14.85 58.20 6.41
C TYR A 1626 16.14 57.41 6.42
N GLN A 1627 17.25 58.04 6.04
CA GLN A 1627 18.54 57.34 6.06
C GLN A 1627 18.91 56.94 7.48
N SER A 1628 18.63 57.81 8.45
CA SER A 1628 18.94 57.49 9.84
C SER A 1628 18.14 56.28 10.31
N VAL A 1629 16.82 56.31 10.07
CA VAL A 1629 15.98 55.21 10.54
C VAL A 1629 16.38 53.91 9.84
N THR A 1630 16.64 53.98 8.53
CA THR A 1630 17.08 52.78 7.82
C THR A 1630 18.39 52.27 8.36
N ARG A 1631 19.35 53.18 8.59
CA ARG A 1631 20.60 52.79 9.20
C ARG A 1631 20.35 51.98 10.46
N PHE A 1632 19.63 52.56 11.41
CA PHE A 1632 19.44 51.84 12.68
C PHE A 1632 18.75 50.51 12.46
N LEU A 1633 17.69 50.48 11.67
CA LEU A 1633 16.98 49.23 11.43
C LEU A 1633 17.92 48.19 10.81
N ASP A 1634 18.96 48.65 10.12
CA ASP A 1634 19.94 47.72 9.58
C ASP A 1634 20.93 47.28 10.65
N LEU A 1635 21.27 48.18 11.57
CA LEU A 1635 22.26 47.88 12.60
C LEU A 1635 21.89 46.61 13.35
N ILE A 1636 20.61 46.37 13.53
CA ILE A 1636 20.17 45.25 14.37
C ILE A 1636 20.11 43.98 13.52
N PRO A 1637 20.55 42.84 14.04
CA PRO A 1637 20.63 41.65 13.20
C PRO A 1637 19.31 40.89 13.16
N GLN A 1638 18.81 40.68 11.93
CA GLN A 1638 17.54 40.00 11.75
C GLN A 1638 17.55 38.63 12.43
N ASP A 1639 18.68 37.91 12.35
CA ASP A 1639 18.75 36.60 12.99
C ASP A 1639 18.48 36.70 14.49
N THR A 1640 18.97 37.76 15.12
CA THR A 1640 18.75 37.92 16.55
C THR A 1640 17.28 38.21 16.84
N LEU A 1641 16.66 39.05 16.02
CA LEU A 1641 15.22 39.28 16.16
C LEU A 1641 14.47 37.96 16.03
N ALA A 1642 14.90 37.10 15.13
CA ALA A 1642 14.22 35.84 14.91
C ALA A 1642 14.34 34.93 16.12
N VAL A 1643 15.57 34.72 16.60
CA VAL A 1643 15.75 33.86 17.77
C VAL A 1643 14.98 34.42 18.96
N ALA A 1644 14.92 35.74 19.06
CA ALA A 1644 14.19 36.35 20.16
C ALA A 1644 12.70 36.08 20.06
N SER A 1645 12.10 36.42 18.92
CA SER A 1645 10.69 36.13 18.70
C SER A 1645 10.40 34.67 19.02
N PHE A 1646 11.25 33.76 18.54
CA PHE A 1646 11.06 32.36 18.88
C PHE A 1646 11.04 32.15 20.38
N ARG A 1647 12.10 32.57 21.05
CA ARG A 1647 12.13 32.47 22.52
C ARG A 1647 10.90 33.12 23.13
N SER A 1648 10.50 34.27 22.60
CA SER A 1648 9.30 34.94 23.08
C SER A 1648 8.03 34.24 22.63
N LYS A 1649 8.14 33.09 21.96
CA LYS A 1649 6.99 32.32 21.53
C LYS A 1649 6.09 33.15 20.62
N ALA A 1650 6.72 34.07 19.87
CA ALA A 1650 6.05 34.79 18.79
C ALA A 1650 6.62 34.25 17.48
N TYR A 1651 6.05 33.14 17.03
CA TYR A 1651 6.68 32.38 15.96
C TYR A 1651 6.49 33.05 14.61
N THR A 1652 5.35 33.72 14.42
CA THR A 1652 5.08 34.34 13.13
C THR A 1652 6.06 35.49 12.86
N ARG A 1653 6.26 36.35 13.84
CA ARG A 1653 7.22 37.44 13.68
C ARG A 1653 8.61 36.89 13.46
N ALA A 1654 8.94 35.79 14.12
CA ALA A 1654 10.24 35.17 13.91
C ALA A 1654 10.37 34.68 12.48
N VAL A 1655 9.31 34.11 11.94
CA VAL A 1655 9.32 33.66 10.56
C VAL A 1655 9.54 34.83 9.62
N MET A 1656 8.87 35.94 9.89
CA MET A 1656 9.06 37.12 9.05
C MET A 1656 10.50 37.58 9.08
N HIS A 1657 11.08 37.68 10.27
CA HIS A 1657 12.44 38.19 10.38
C HIS A 1657 13.42 37.20 9.76
N PHE A 1658 13.14 35.91 9.84
CA PHE A 1658 14.02 34.93 9.23
C PHE A 1658 13.96 35.01 7.72
N GLU A 1659 12.75 35.13 7.17
CA GLU A 1659 12.61 35.29 5.74
C GLU A 1659 13.33 36.54 5.24
N SER A 1660 13.26 37.61 6.02
CA SER A 1660 14.00 38.83 5.66
C SER A 1660 15.49 38.60 5.72
N PHE A 1661 15.97 37.97 6.80
CA PHE A 1661 17.38 37.68 6.94
C PHE A 1661 17.88 36.86 5.76
N ILE A 1662 17.04 35.97 5.26
CA ILE A 1662 17.43 35.15 4.13
C ILE A 1662 17.45 35.97 2.85
N THR A 1663 16.42 36.77 2.62
CA THR A 1663 16.30 37.56 1.40
C THR A 1663 16.95 38.93 1.51
N GLU A 1664 16.63 39.68 2.56
CA GLU A 1664 17.22 41.01 2.72
C GLU A 1664 18.73 40.93 2.80
N LYS A 1665 19.26 39.87 3.43
CA LYS A 1665 20.67 39.61 3.48
C LYS A 1665 20.94 38.26 2.84
N LYS A 1666 21.52 38.27 1.64
CA LYS A 1666 21.75 37.03 0.91
C LYS A 1666 22.41 36.00 1.82
N GLN A 1667 21.70 34.90 2.06
CA GLN A 1667 22.18 33.82 2.91
C GLN A 1667 21.75 32.49 2.30
N ASN A 1668 22.44 31.43 2.68
CA ASN A 1668 22.09 30.11 2.20
C ASN A 1668 21.11 29.46 3.15
N ILE A 1669 19.94 29.12 2.62
CA ILE A 1669 18.86 28.61 3.46
C ILE A 1669 19.26 27.31 4.13
N GLN A 1670 20.18 26.56 3.52
CA GLN A 1670 20.46 25.22 4.00
C GLN A 1670 21.06 25.22 5.40
N GLU A 1671 21.87 26.22 5.72
CA GLU A 1671 22.50 26.26 7.03
C GLU A 1671 21.49 26.52 8.11
N HIS A 1672 20.41 27.23 7.78
CA HIS A 1672 19.39 27.60 8.74
C HIS A 1672 18.08 26.85 8.53
N LEU A 1673 18.08 25.79 7.72
CA LEU A 1673 16.86 25.01 7.53
C LEU A 1673 16.36 24.45 8.84
N GLY A 1674 17.26 24.12 9.76
CA GLY A 1674 16.85 23.52 11.01
C GLY A 1674 16.03 24.46 11.87
N PHE A 1675 16.50 25.70 12.01
CA PHE A 1675 15.74 26.68 12.78
C PHE A 1675 14.37 26.93 12.19
N LEU A 1676 14.31 27.07 10.87
CA LEU A 1676 13.03 27.21 10.19
C LEU A 1676 12.13 26.02 10.50
N GLN A 1677 12.72 24.84 10.60
CA GLN A 1677 11.93 23.64 10.86
C GLN A 1677 11.38 23.67 12.29
N LYS A 1678 12.20 24.07 13.24
CA LYS A 1678 11.72 24.21 14.61
C LYS A 1678 10.57 25.21 14.67
N LEU A 1679 10.72 26.33 13.97
CA LEU A 1679 9.66 27.34 13.96
C LEU A 1679 8.38 26.76 13.41
N TYR A 1680 8.45 26.12 12.25
CA TYR A 1680 7.24 25.60 11.62
C TYR A 1680 6.62 24.51 12.46
N ALA A 1681 7.44 23.76 13.21
CA ALA A 1681 6.89 22.80 14.15
C ALA A 1681 6.14 23.50 15.27
N ALA A 1682 6.72 24.57 15.81
CA ALA A 1682 6.05 25.32 16.86
C ALA A 1682 4.80 26.01 16.34
N MET A 1683 4.88 26.55 15.12
CA MET A 1683 3.70 27.13 14.50
C MET A 1683 2.66 26.07 14.17
N HIS A 1684 3.04 24.80 14.30
CA HIS A 1684 2.21 23.67 13.94
C HIS A 1684 1.78 23.74 12.48
N GLU A 1685 2.58 24.37 11.63
CA GLU A 1685 2.38 24.34 10.20
C GLU A 1685 3.17 23.16 9.64
N PRO A 1686 2.56 21.99 9.45
CA PRO A 1686 3.35 20.85 8.98
C PRO A 1686 3.84 21.00 7.56
N ASP A 1687 3.08 21.70 6.73
CA ASP A 1687 3.54 21.98 5.37
C ASP A 1687 4.92 22.62 5.40
N GLY A 1688 5.20 23.41 6.44
CA GLY A 1688 6.52 24.01 6.54
C GLY A 1688 7.60 23.01 6.88
N VAL A 1689 7.33 22.13 7.84
CA VAL A 1689 8.28 21.08 8.16
C VAL A 1689 8.61 20.28 6.91
N ALA A 1690 7.59 20.00 6.10
CA ALA A 1690 7.81 19.20 4.90
C ALA A 1690 8.57 19.98 3.85
N GLY A 1691 8.24 21.26 3.67
CA GLY A 1691 8.96 22.07 2.72
C GLY A 1691 10.43 22.19 3.08
N VAL A 1692 10.73 22.22 4.38
CA VAL A 1692 12.11 22.24 4.82
C VAL A 1692 12.77 20.91 4.54
N SER A 1693 12.11 19.81 4.89
CA SER A 1693 12.67 18.50 4.63
C SER A 1693 12.97 18.32 3.15
N ALA A 1694 12.22 19.01 2.30
CA ALA A 1694 12.43 18.86 0.86
C ALA A 1694 13.52 19.79 0.35
N ILE A 1695 13.52 21.05 0.83
CA ILE A 1695 14.51 22.01 0.37
C ILE A 1695 15.90 21.61 0.85
N ARG A 1696 15.98 20.70 1.80
CA ARG A 1696 17.26 20.34 2.40
C ARG A 1696 17.99 19.32 1.55
N LYS A 1697 19.26 19.59 1.27
CA LYS A 1697 20.08 18.64 0.54
C LYS A 1697 20.67 17.59 1.47
N ALA A 1698 21.21 18.03 2.60
CA ALA A 1698 21.90 17.12 3.51
C ALA A 1698 20.96 16.04 4.02
N GLU A 1699 21.55 15.03 4.64
CA GLU A 1699 20.76 13.95 5.20
C GLU A 1699 20.13 14.41 6.51
N PRO A 1700 18.83 14.21 6.71
CA PRO A 1700 18.20 14.65 7.95
C PRO A 1700 18.76 13.91 9.15
N SER A 1701 19.14 14.67 10.17
CA SER A 1701 19.58 14.08 11.41
C SER A 1701 18.42 13.33 12.08
N LEU A 1702 18.77 12.52 13.08
CA LEU A 1702 17.73 11.80 13.82
C LEU A 1702 16.65 12.75 14.32
N LYS A 1703 17.04 13.80 15.04
CA LYS A 1703 16.05 14.71 15.61
C LYS A 1703 15.21 15.34 14.51
N GLU A 1704 15.82 15.64 13.37
CA GLU A 1704 15.07 16.25 12.28
C GLU A 1704 14.06 15.28 11.71
N GLN A 1705 14.42 14.00 11.61
CA GLN A 1705 13.45 13.00 11.18
C GLN A 1705 12.32 12.89 12.19
N ILE A 1706 12.66 12.96 13.48
CA ILE A 1706 11.64 12.91 14.51
C ILE A 1706 10.65 14.04 14.32
N LEU A 1707 11.16 15.24 14.05
CA LEU A 1707 10.29 16.39 13.83
C LEU A 1707 9.43 16.19 12.59
N GLU A 1708 10.05 15.74 11.50
CA GLU A 1708 9.30 15.51 10.27
C GLU A 1708 8.16 14.54 10.51
N HIS A 1709 8.39 13.50 11.31
CA HIS A 1709 7.36 12.51 11.53
C HIS A 1709 6.29 13.02 12.49
N GLU A 1710 6.71 13.67 13.57
CA GLU A 1710 5.74 14.26 14.49
C GLU A 1710 4.80 15.19 13.75
N SER A 1711 5.30 15.86 12.70
CA SER A 1711 4.43 16.70 11.89
C SER A 1711 3.62 15.87 10.91
N LEU A 1712 4.24 14.86 10.30
CA LEU A 1712 3.52 13.99 9.37
C LEU A 1712 2.39 13.26 10.08
N GLY A 1713 2.65 12.75 11.28
CA GLY A 1713 1.69 11.93 11.97
C GLY A 1713 1.80 10.46 11.65
N LEU A 1714 2.89 10.02 11.02
CA LEU A 1714 3.13 8.61 10.79
C LEU A 1714 3.52 7.97 12.12
N LEU A 1715 2.64 7.13 12.65
CA LEU A 1715 2.89 6.54 13.96
C LEU A 1715 4.00 5.49 13.89
N ARG A 1716 3.95 4.63 12.87
CA ARG A 1716 4.94 3.57 12.72
C ARG A 1716 6.36 4.12 12.64
N ASP A 1717 6.59 5.02 11.68
CA ASP A 1717 7.94 5.55 11.48
C ASP A 1717 8.38 6.35 12.70
N ALA A 1718 7.46 7.08 13.32
CA ALA A 1718 7.81 7.83 14.51
C ALA A 1718 8.25 6.88 15.62
N THR A 1719 7.55 5.76 15.79
CA THR A 1719 7.94 4.80 16.81
C THR A 1719 9.34 4.28 16.56
N ALA A 1720 9.61 3.89 15.31
CA ALA A 1720 10.94 3.36 15.00
C ALA A 1720 12.02 4.40 15.25
N CYS A 1721 11.79 5.63 14.79
CA CYS A 1721 12.80 6.68 14.97
C CYS A 1721 13.00 6.97 16.46
N TYR A 1722 11.93 6.94 17.24
CA TYR A 1722 12.06 7.22 18.67
C TYR A 1722 12.87 6.13 19.36
N ASP A 1723 12.63 4.88 19.00
CA ASP A 1723 13.45 3.81 19.58
C ASP A 1723 14.89 3.96 19.17
N ARG A 1724 15.15 4.31 17.92
CA ARG A 1724 16.52 4.54 17.48
C ARG A 1724 17.17 5.65 18.30
N ALA A 1725 16.42 6.72 18.56
CA ALA A 1725 16.96 7.81 19.36
C ALA A 1725 17.28 7.33 20.76
N ILE A 1726 16.40 6.54 21.34
CA ILE A 1726 16.64 6.02 22.69
C ILE A 1726 17.93 5.20 22.69
N GLN A 1727 18.13 4.39 21.66
CA GLN A 1727 19.40 3.67 21.57
C GLN A 1727 20.56 4.65 21.50
N LEU A 1728 20.38 5.76 20.79
CA LEU A 1728 21.47 6.71 20.60
C LEU A 1728 21.75 7.48 21.88
N GLU A 1729 20.73 8.13 22.44
CA GLU A 1729 20.85 8.85 23.71
C GLU A 1729 19.80 8.30 24.66
N PRO A 1730 20.15 7.39 25.57
CA PRO A 1730 19.12 6.77 26.41
C PRO A 1730 18.51 7.74 27.40
N ASP A 1731 19.23 8.77 27.80
CA ASP A 1731 18.77 9.68 28.84
C ASP A 1731 18.03 10.87 28.25
N GLN A 1732 16.92 10.57 27.59
CA GLN A 1732 16.03 11.57 27.03
C GLN A 1732 14.60 11.16 27.33
N ILE A 1733 13.88 12.01 28.05
CA ILE A 1733 12.50 11.71 28.38
C ILE A 1733 11.60 11.90 27.17
N ILE A 1734 12.01 12.76 26.24
CA ILE A 1734 11.13 13.12 25.13
C ILE A 1734 10.99 11.95 24.16
N HIS A 1735 12.06 11.17 24.00
CA HIS A 1735 11.98 10.01 23.13
C HIS A 1735 11.02 8.98 23.68
N TYR A 1736 11.08 8.73 24.99
CA TYR A 1736 10.13 7.80 25.59
C TYR A 1736 8.72 8.35 25.52
N HIS A 1737 8.56 9.67 25.67
CA HIS A 1737 7.28 10.30 25.43
C HIS A 1737 6.75 9.92 24.06
N GLY A 1738 7.59 10.06 23.04
CA GLY A 1738 7.15 9.74 21.69
C GLY A 1738 6.82 8.27 21.51
N VAL A 1739 7.60 7.40 22.15
CA VAL A 1739 7.36 5.97 22.01
C VAL A 1739 6.02 5.61 22.60
N VAL A 1740 5.75 6.05 23.84
CA VAL A 1740 4.48 5.71 24.47
C VAL A 1740 3.33 6.36 23.72
N LYS A 1741 3.54 7.57 23.18
CA LYS A 1741 2.48 8.22 22.43
C LYS A 1741 2.16 7.45 21.16
N SER A 1742 3.19 6.90 20.51
CA SER A 1742 2.96 6.07 19.33
C SER A 1742 2.24 4.79 19.71
N MET A 1743 2.68 4.14 20.81
CA MET A 1743 2.01 2.93 21.25
C MET A 1743 0.58 3.22 21.66
N LEU A 1744 0.29 4.48 21.98
CA LEU A 1744 -1.06 4.84 22.39
C LEU A 1744 -1.95 5.12 21.20
N GLY A 1745 -1.50 5.99 20.29
CA GLY A 1745 -2.30 6.29 19.12
C GLY A 1745 -2.59 5.05 18.29
N LEU A 1746 -1.66 4.10 18.29
CA LEU A 1746 -1.88 2.85 17.56
C LEU A 1746 -2.89 1.96 18.28
N GLY A 1747 -3.23 2.28 19.52
CA GLY A 1747 -4.17 1.48 20.27
C GLY A 1747 -3.56 0.44 21.19
N GLN A 1748 -2.23 0.36 21.27
CA GLN A 1748 -1.55 -0.65 22.09
C GLN A 1748 -1.52 -0.17 23.53
N LEU A 1749 -2.71 -0.05 24.12
CA LEU A 1749 -2.86 0.56 25.43
C LEU A 1749 -2.06 -0.18 26.49
N SER A 1750 -2.35 -1.46 26.70
CA SER A 1750 -1.66 -2.20 27.74
C SER A 1750 -0.16 -2.22 27.51
N THR A 1751 0.26 -2.35 26.26
CA THR A 1751 1.67 -2.18 25.93
C THR A 1751 2.18 -0.85 26.46
N VAL A 1752 1.36 0.20 26.37
CA VAL A 1752 1.76 1.50 26.88
C VAL A 1752 1.96 1.45 28.38
N ILE A 1753 0.99 0.89 29.09
CA ILE A 1753 1.09 0.85 30.55
C ILE A 1753 2.34 0.09 30.98
N THR A 1754 2.66 -0.99 30.27
CA THR A 1754 3.83 -1.77 30.65
C THR A 1754 5.12 -1.04 30.33
N GLN A 1755 5.19 -0.39 29.17
CA GLN A 1755 6.36 0.42 28.87
C GLN A 1755 6.57 1.48 29.93
N VAL A 1756 5.48 2.09 30.39
CA VAL A 1756 5.58 3.15 31.38
C VAL A 1756 6.07 2.60 32.70
N ASN A 1757 5.52 1.48 33.15
CA ASN A 1757 5.96 0.91 34.41
C ASN A 1757 7.42 0.47 34.33
N GLY A 1758 7.85 0.00 33.17
CA GLY A 1758 9.24 -0.38 33.02
C GLY A 1758 10.18 0.80 33.12
N VAL A 1759 9.88 1.86 32.36
CA VAL A 1759 10.74 3.05 32.42
C VAL A 1759 10.67 3.68 33.81
N HIS A 1760 9.57 3.46 34.52
CA HIS A 1760 9.51 3.89 35.92
C HIS A 1760 10.47 3.09 36.78
N ALA A 1761 10.52 1.77 36.56
CA ALA A 1761 11.50 0.96 37.27
C ALA A 1761 12.90 1.45 37.00
N ASN A 1762 13.23 1.76 35.76
CA ASN A 1762 14.56 2.25 35.44
C ASN A 1762 14.77 3.66 35.98
N ARG A 1763 13.82 4.56 35.73
CA ARG A 1763 13.90 5.94 36.19
C ARG A 1763 12.60 6.31 36.86
N SER A 1764 12.64 6.50 38.18
CA SER A 1764 11.45 6.92 38.89
C SER A 1764 11.07 8.35 38.55
N GLU A 1765 12.07 9.23 38.50
CA GLU A 1765 11.81 10.64 38.21
C GLU A 1765 11.16 10.80 36.84
N TRP A 1766 11.37 9.84 35.96
CA TRP A 1766 10.89 9.96 34.59
C TRP A 1766 9.39 9.72 34.51
N THR A 1767 8.81 9.09 35.53
CA THR A 1767 7.45 8.58 35.43
C THR A 1767 6.43 9.71 35.49
N ASP A 1768 6.61 10.63 36.43
CA ASP A 1768 5.56 11.61 36.72
C ASP A 1768 5.14 12.37 35.46
N GLU A 1769 6.02 12.46 34.47
CA GLU A 1769 5.65 13.12 33.22
C GLU A 1769 5.12 12.11 32.21
N LEU A 1770 5.49 10.85 32.35
CA LEU A 1770 4.96 9.77 31.53
C LEU A 1770 3.66 9.22 32.07
N ASN A 1771 3.27 9.61 33.28
CA ASN A 1771 2.07 9.05 33.87
C ASN A 1771 0.85 9.33 33.01
N THR A 1772 0.82 10.51 32.38
CA THR A 1772 -0.33 10.89 31.58
C THR A 1772 -0.75 9.78 30.65
N TYR A 1773 0.21 9.11 30.02
CA TYR A 1773 -0.12 8.09 29.05
C TYR A 1773 -0.66 6.84 29.75
N ARG A 1774 -0.08 6.49 30.90
CA ARG A 1774 -0.61 5.37 31.66
C ARG A 1774 -2.06 5.60 32.01
N VAL A 1775 -2.39 6.80 32.50
CA VAL A 1775 -3.75 7.07 32.93
C VAL A 1775 -4.67 7.20 31.73
N GLU A 1776 -4.17 7.70 30.61
CA GLU A 1776 -4.97 7.77 29.40
C GLU A 1776 -5.37 6.38 28.95
N ALA A 1777 -4.39 5.49 28.79
CA ALA A 1777 -4.69 4.11 28.48
C ALA A 1777 -5.69 3.53 29.46
N ALA A 1778 -5.46 3.74 30.75
CA ALA A 1778 -6.31 3.12 31.75
C ALA A 1778 -7.76 3.56 31.60
N TRP A 1779 -8.02 4.86 31.57
CA TRP A 1779 -9.41 5.30 31.44
C TRP A 1779 -9.96 4.92 30.07
N LYS A 1780 -9.08 4.63 29.11
CA LYS A 1780 -9.56 4.08 27.85
C LYS A 1780 -9.85 2.59 27.99
N LEU A 1781 -9.10 1.91 28.86
CA LEU A 1781 -9.38 0.50 29.13
C LEU A 1781 -10.52 0.34 30.12
N SER A 1782 -10.86 1.41 30.83
CA SER A 1782 -11.83 1.40 31.91
C SER A 1782 -11.29 0.72 33.16
N GLN A 1783 -9.96 0.64 33.30
CA GLN A 1783 -9.33 0.12 34.50
C GLN A 1783 -9.28 1.23 35.54
N TRP A 1784 -10.45 1.48 36.14
CA TRP A 1784 -10.62 2.66 36.97
C TRP A 1784 -9.73 2.62 38.21
N ASP A 1785 -9.41 1.42 38.71
CA ASP A 1785 -8.52 1.33 39.85
C ASP A 1785 -7.12 1.79 39.48
N LEU A 1786 -6.63 1.36 38.32
CA LEU A 1786 -5.33 1.82 37.86
C LEU A 1786 -5.35 3.33 37.62
N VAL A 1787 -6.46 3.84 37.08
CA VAL A 1787 -6.59 5.29 36.91
C VAL A 1787 -6.44 5.99 38.25
N GLU A 1788 -7.09 5.44 39.28
CA GLU A 1788 -7.02 6.05 40.60
C GLU A 1788 -5.59 6.06 41.12
N ASN A 1789 -4.93 4.90 41.04
CA ASN A 1789 -3.56 4.81 41.55
C ASN A 1789 -2.65 5.79 40.81
N TYR A 1790 -2.77 5.85 39.49
CA TYR A 1790 -1.89 6.72 38.71
C TYR A 1790 -2.18 8.18 38.99
N LEU A 1791 -3.46 8.53 39.17
CA LEU A 1791 -3.79 9.92 39.44
C LEU A 1791 -3.29 10.35 40.80
N ALA A 1792 -3.37 9.45 41.78
CA ALA A 1792 -2.83 9.76 43.10
C ALA A 1792 -1.34 10.05 43.03
N ALA A 1793 -0.67 9.55 41.99
CA ALA A 1793 0.77 9.72 41.88
C ALA A 1793 1.13 11.14 41.43
N ASP A 1794 0.50 11.62 40.36
CA ASP A 1794 0.81 12.92 39.79
C ASP A 1794 0.01 13.98 40.54
N GLY A 1795 0.74 14.93 41.15
CA GLY A 1795 0.07 16.00 41.88
C GLY A 1795 -0.15 17.23 41.03
N LYS A 1796 0.56 17.32 39.90
CA LYS A 1796 0.61 18.55 39.11
C LYS A 1796 0.36 18.32 37.63
N SER A 1797 0.27 17.06 37.19
CA SER A 1797 0.02 16.80 35.77
C SER A 1797 -1.28 17.47 35.35
N THR A 1798 -1.18 18.39 34.40
CA THR A 1798 -2.30 19.18 33.94
C THR A 1798 -2.77 18.78 32.55
N THR A 1799 -2.13 17.79 31.94
CA THR A 1799 -2.43 17.44 30.57
C THR A 1799 -3.90 17.04 30.42
N TRP A 1800 -4.39 17.16 29.19
CA TRP A 1800 -5.80 16.91 28.91
C TRP A 1800 -6.20 15.51 29.33
N SER A 1801 -5.39 14.51 29.01
CA SER A 1801 -5.76 13.13 29.30
C SER A 1801 -5.90 12.91 30.80
N VAL A 1802 -5.00 13.50 31.59
CA VAL A 1802 -5.06 13.32 33.03
C VAL A 1802 -6.31 13.97 33.59
N ARG A 1803 -6.65 15.16 33.11
CA ARG A 1803 -7.83 15.84 33.61
C ARG A 1803 -9.08 15.07 33.24
N LEU A 1804 -9.10 14.50 32.03
CA LEU A 1804 -10.23 13.69 31.62
C LEU A 1804 -10.33 12.44 32.49
N GLY A 1805 -9.20 11.86 32.85
CA GLY A 1805 -9.22 10.73 33.76
C GLY A 1805 -9.74 11.10 35.12
N GLN A 1806 -9.35 12.28 35.62
CA GLN A 1806 -9.88 12.75 36.89
C GLN A 1806 -11.39 12.91 36.84
N LEU A 1807 -11.90 13.52 35.77
CA LEU A 1807 -13.34 13.69 35.63
C LEU A 1807 -14.03 12.34 35.58
N LEU A 1808 -13.50 11.42 34.78
CA LEU A 1808 -14.12 10.10 34.65
C LEU A 1808 -14.11 9.36 35.97
N LEU A 1809 -13.03 9.48 36.73
CA LEU A 1809 -12.97 8.82 38.02
C LEU A 1809 -13.97 9.41 38.99
N SER A 1810 -13.88 10.72 39.23
CA SER A 1810 -14.88 11.40 40.03
C SER A 1810 -16.29 10.93 39.68
N ALA A 1811 -16.53 10.69 38.39
CA ALA A 1811 -17.83 10.16 38.00
C ALA A 1811 -18.00 8.72 38.41
N LYS A 1812 -16.90 7.95 38.41
CA LYS A 1812 -16.99 6.55 38.81
C LYS A 1812 -17.27 6.43 40.29
N LYS A 1813 -16.66 7.28 41.10
CA LYS A 1813 -16.91 7.29 42.53
C LYS A 1813 -18.10 8.15 42.90
N ARG A 1814 -18.76 8.78 41.93
CA ARG A 1814 -19.96 9.59 42.17
C ARG A 1814 -19.66 10.75 43.12
N ASP A 1815 -18.49 11.38 42.94
CA ASP A 1815 -18.11 12.57 43.71
C ASP A 1815 -18.56 13.80 42.94
N ILE A 1816 -19.80 14.23 43.20
CA ILE A 1816 -20.39 15.32 42.44
C ILE A 1816 -19.52 16.58 42.54
N THR A 1817 -19.19 16.99 43.76
CA THR A 1817 -18.44 18.22 43.94
C THR A 1817 -17.14 18.19 43.16
N ALA A 1818 -16.34 17.15 43.38
CA ALA A 1818 -15.06 17.04 42.69
C ALA A 1818 -15.26 17.09 41.18
N PHE A 1819 -16.29 16.41 40.69
CA PHE A 1819 -16.49 16.35 39.25
C PHE A 1819 -16.77 17.73 38.67
N TYR A 1820 -17.71 18.46 39.26
CA TYR A 1820 -18.10 19.74 38.69
C TYR A 1820 -16.99 20.77 38.84
N ASP A 1821 -16.24 20.71 39.94
CA ASP A 1821 -15.12 21.62 40.09
C ASP A 1821 -14.03 21.33 39.07
N SER A 1822 -13.60 20.07 38.99
CA SER A 1822 -12.58 19.71 38.01
C SER A 1822 -13.10 19.91 36.60
N LEU A 1823 -14.41 20.02 36.43
CA LEU A 1823 -14.97 20.32 35.12
C LEU A 1823 -14.82 21.80 34.80
N LYS A 1824 -15.17 22.66 35.76
CA LYS A 1824 -14.94 24.08 35.57
C LYS A 1824 -13.46 24.36 35.36
N LEU A 1825 -12.59 23.46 35.84
CA LEU A 1825 -11.16 23.64 35.64
C LEU A 1825 -10.70 23.11 34.29
N VAL A 1826 -10.99 21.86 33.99
CA VAL A 1826 -10.57 21.26 32.73
C VAL A 1826 -11.23 21.96 31.56
N ARG A 1827 -12.17 22.85 31.85
CA ARG A 1827 -12.86 23.57 30.79
C ARG A 1827 -12.25 24.94 30.57
N ALA A 1828 -11.67 25.52 31.62
CA ALA A 1828 -11.03 26.83 31.48
C ALA A 1828 -9.67 26.70 30.80
N GLU A 1829 -8.91 25.66 31.13
CA GLU A 1829 -7.59 25.51 30.56
C GLU A 1829 -7.66 25.25 29.06
N GLN A 1830 -8.85 24.92 28.55
CA GLN A 1830 -9.01 24.76 27.12
C GLN A 1830 -9.42 26.06 26.46
N ILE A 1831 -10.24 26.84 27.14
CA ILE A 1831 -10.73 28.10 26.59
C ILE A 1831 -9.60 29.10 26.47
N VAL A 1832 -8.48 28.84 27.15
CA VAL A 1832 -7.35 29.76 27.10
C VAL A 1832 -6.74 29.82 25.71
N PRO A 1833 -6.29 28.71 25.12
CA PRO A 1833 -5.77 28.78 23.75
C PRO A 1833 -6.78 29.31 22.77
N LEU A 1834 -8.07 29.19 23.07
CA LEU A 1834 -9.07 29.75 22.18
C LEU A 1834 -9.11 31.27 22.29
N SER A 1835 -9.08 31.79 23.51
CA SER A 1835 -9.00 33.23 23.70
C SER A 1835 -7.76 33.77 23.00
N ALA A 1836 -6.66 33.03 23.06
CA ALA A 1836 -5.45 33.47 22.37
C ALA A 1836 -5.60 33.37 20.87
N ALA A 1837 -6.33 32.37 20.39
CA ALA A 1837 -6.47 32.16 18.95
C ALA A 1837 -7.61 32.99 18.36
N SER A 1838 -8.64 33.27 19.17
CA SER A 1838 -9.80 34.00 18.68
C SER A 1838 -9.40 35.32 18.04
N PHE A 1839 -8.25 35.87 18.44
CA PHE A 1839 -7.84 37.16 17.91
C PHE A 1839 -7.52 37.07 16.42
N GLU A 1840 -6.98 35.95 15.98
CA GLU A 1840 -6.58 35.79 14.60
C GLU A 1840 -7.79 35.53 13.71
N ARG A 1841 -7.53 35.47 12.40
CA ARG A 1841 -8.54 35.10 11.44
C ARG A 1841 -8.54 33.59 11.23
N GLY A 1842 -9.70 33.05 10.91
CA GLY A 1842 -9.83 31.60 10.86
C GLY A 1842 -9.47 30.96 12.18
N SER A 1843 -9.99 31.51 13.27
CA SER A 1843 -9.60 31.02 14.59
C SER A 1843 -10.29 29.70 14.90
N TYR A 1844 -11.57 29.58 14.56
CA TYR A 1844 -12.30 28.34 14.82
C TYR A 1844 -11.51 27.13 14.38
N GLN A 1845 -10.97 27.16 13.16
CA GLN A 1845 -10.23 26.02 12.65
C GLN A 1845 -8.89 25.89 13.35
N ARG A 1846 -8.29 27.01 13.75
CA ARG A 1846 -7.05 26.93 14.52
C ARG A 1846 -7.29 26.31 15.88
N GLY A 1847 -8.33 26.78 16.58
CA GLY A 1847 -8.69 26.26 17.88
C GLY A 1847 -9.73 25.16 17.85
N TYR A 1848 -9.88 24.47 16.74
CA TYR A 1848 -10.87 23.40 16.67
C TYR A 1848 -10.58 22.34 17.73
N GLU A 1849 -9.35 21.85 17.76
CA GLU A 1849 -8.96 20.86 18.76
C GLU A 1849 -9.55 21.19 20.12
N TYR A 1850 -9.45 22.45 20.54
CA TYR A 1850 -9.95 22.84 21.84
C TYR A 1850 -11.46 22.96 21.84
N ILE A 1851 -12.03 23.37 20.72
CA ILE A 1851 -13.49 23.37 20.60
C ILE A 1851 -14.02 21.95 20.65
N VAL A 1852 -13.28 21.02 20.04
CA VAL A 1852 -13.68 19.63 20.11
C VAL A 1852 -13.56 19.12 21.53
N ARG A 1853 -12.54 19.58 22.26
CA ARG A 1853 -12.42 19.21 23.65
C ARG A 1853 -13.59 19.74 24.46
N LEU A 1854 -14.08 20.93 24.10
CA LEU A 1854 -15.25 21.46 24.78
C LEU A 1854 -16.49 20.66 24.47
N HIS A 1855 -16.64 20.23 23.21
CA HIS A 1855 -17.75 19.34 22.86
C HIS A 1855 -17.68 18.06 23.68
N MET A 1856 -16.47 17.54 23.85
CA MET A 1856 -16.28 16.34 24.64
C MET A 1856 -16.67 16.59 26.10
N LEU A 1857 -16.27 17.73 26.65
CA LEU A 1857 -16.62 18.04 28.03
C LEU A 1857 -18.12 18.16 28.20
N CYS A 1858 -18.81 18.71 27.20
CA CYS A 1858 -20.25 18.81 27.27
C CYS A 1858 -20.89 17.42 27.26
N GLU A 1859 -20.51 16.60 26.30
CA GLU A 1859 -21.00 15.23 26.26
C GLU A 1859 -20.79 14.56 27.61
N LEU A 1860 -19.62 14.78 28.21
CA LEU A 1860 -19.34 14.22 29.51
C LEU A 1860 -20.33 14.73 30.55
N GLU A 1861 -20.29 16.04 30.83
CA GLU A 1861 -21.15 16.63 31.83
C GLU A 1861 -22.57 16.11 31.71
N HIS A 1862 -23.03 15.85 30.49
CA HIS A 1862 -24.43 15.49 30.32
C HIS A 1862 -24.64 13.98 30.41
N SER A 1863 -23.58 13.20 30.20
CA SER A 1863 -23.71 11.76 30.37
C SER A 1863 -23.50 11.36 31.82
N ILE A 1864 -22.84 12.22 32.60
CA ILE A 1864 -22.55 11.89 33.99
C ILE A 1864 -23.68 12.32 34.89
N LYS A 1865 -24.23 13.51 34.66
CA LYS A 1865 -25.27 14.04 35.55
C LYS A 1865 -26.37 13.04 35.85
N PRO A 1866 -26.78 12.15 34.95
CA PRO A 1866 -27.69 11.07 35.38
C PRO A 1866 -26.99 10.04 36.26
N LEU A 1867 -25.71 9.79 36.00
CA LEU A 1867 -24.97 8.88 36.86
C LEU A 1867 -25.02 9.34 38.31
N PHE A 1868 -25.12 10.64 38.51
CA PHE A 1868 -25.28 11.19 39.84
C PHE A 1868 -26.74 11.01 40.27
N GLN A 1869 -27.11 11.70 41.36
CA GLN A 1869 -28.42 11.46 41.97
C GLN A 1869 -29.52 11.34 40.93
N HIS A 1870 -29.53 12.23 39.95
CA HIS A 1870 -30.51 12.16 38.87
C HIS A 1870 -31.93 12.30 39.44
N SER A 1876 -35.37 13.54 33.40
CA SER A 1876 -34.94 14.79 32.79
C SER A 1876 -33.41 14.87 32.72
N GLN A 1877 -32.75 14.41 33.78
CA GLN A 1877 -31.30 14.50 33.82
C GLN A 1877 -30.64 13.39 33.00
N GLU A 1878 -31.45 12.61 32.28
CA GLU A 1878 -30.90 11.73 31.26
C GLU A 1878 -30.23 12.55 30.17
N ASP A 1879 -29.18 12.00 29.58
CA ASP A 1879 -28.47 12.72 28.53
C ASP A 1879 -29.35 12.83 27.29
N SER A 1880 -29.72 14.05 26.94
CA SER A 1880 -30.57 14.30 25.79
C SER A 1880 -29.79 14.55 24.52
N LEU A 1881 -28.47 14.46 24.57
CA LEU A 1881 -27.66 14.76 23.40
C LEU A 1881 -27.78 13.66 22.34
N ASN A 1882 -27.83 14.08 21.09
CA ASN A 1882 -27.93 13.16 19.96
C ASN A 1882 -26.50 12.86 19.50
N TRP A 1883 -25.86 11.93 20.19
CA TRP A 1883 -24.43 11.69 19.99
C TRP A 1883 -24.10 11.52 18.52
N VAL A 1884 -24.93 10.76 17.79
CA VAL A 1884 -24.62 10.50 16.38
C VAL A 1884 -24.58 11.81 15.61
N ALA A 1885 -25.51 12.72 15.90
CA ALA A 1885 -25.51 14.00 15.21
C ALA A 1885 -24.39 14.90 15.71
N ARG A 1886 -24.17 14.91 17.02
CA ARG A 1886 -23.07 15.70 17.57
C ARG A 1886 -21.74 15.27 16.97
N LEU A 1887 -21.67 14.04 16.48
CA LEU A 1887 -20.46 13.56 15.82
C LEU A 1887 -20.46 13.89 14.34
N GLU A 1888 -21.57 13.63 13.66
CA GLU A 1888 -21.64 13.93 12.23
C GLU A 1888 -21.35 15.40 11.98
N MET A 1889 -21.85 16.28 12.84
CA MET A 1889 -21.61 17.71 12.67
C MET A 1889 -20.12 18.01 12.66
N THR A 1890 -19.32 17.20 13.35
CA THR A 1890 -17.92 17.50 13.49
C THR A 1890 -17.20 17.34 12.16
N GLN A 1891 -15.89 17.56 12.21
CA GLN A 1891 -15.06 17.54 11.02
C GLN A 1891 -14.71 16.10 10.65
N ASN A 1892 -14.73 15.82 9.36
CA ASN A 1892 -14.47 14.47 8.85
C ASN A 1892 -12.98 14.17 8.92
N SER A 1893 -12.45 14.25 10.13
CA SER A 1893 -11.06 13.94 10.40
C SER A 1893 -10.94 13.04 11.60
N TYR A 1894 -9.84 12.28 11.63
CA TYR A 1894 -9.56 11.43 12.78
C TYR A 1894 -9.21 12.27 14.00
N ARG A 1895 -8.36 13.28 13.80
CA ARG A 1895 -7.88 14.11 14.90
C ARG A 1895 -9.03 14.66 15.73
N ALA A 1896 -10.22 14.76 15.14
CA ALA A 1896 -11.33 15.38 15.83
C ALA A 1896 -12.29 14.32 16.38
N LYS A 1897 -12.68 13.37 15.53
CA LYS A 1897 -13.74 12.45 15.89
C LYS A 1897 -13.23 11.35 16.81
N GLU A 1898 -11.96 11.01 16.76
CA GLU A 1898 -11.48 9.90 17.56
C GLU A 1898 -11.55 10.17 19.05
N PRO A 1899 -10.92 11.22 19.59
CA PRO A 1899 -11.05 11.48 21.03
C PRO A 1899 -12.49 11.54 21.48
N ILE A 1900 -13.35 12.14 20.66
CA ILE A 1900 -14.77 12.18 20.97
C ILE A 1900 -15.30 10.76 21.17
N LEU A 1901 -14.90 9.85 20.29
CA LEU A 1901 -15.46 8.51 20.35
C LEU A 1901 -14.90 7.75 21.54
N ALA A 1902 -13.61 7.93 21.83
CA ALA A 1902 -13.04 7.29 23.01
C ALA A 1902 -13.77 7.74 24.26
N LEU A 1903 -14.00 9.05 24.39
CA LEU A 1903 -14.73 9.54 25.55
C LEU A 1903 -16.16 9.05 25.55
N ARG A 1904 -16.75 8.87 24.38
CA ARG A 1904 -18.12 8.36 24.33
C ARG A 1904 -18.17 6.95 24.87
N ARG A 1905 -17.24 6.09 24.42
CA ARG A 1905 -17.26 4.71 24.89
C ARG A 1905 -16.91 4.64 26.36
N ALA A 1906 -16.09 5.57 26.85
CA ALA A 1906 -15.79 5.58 28.27
C ALA A 1906 -16.99 6.02 29.10
N LEU A 1907 -17.71 7.04 28.64
CA LEU A 1907 -18.93 7.44 29.32
C LEU A 1907 -19.91 6.29 29.38
N LEU A 1908 -20.06 5.56 28.27
CA LEU A 1908 -20.86 4.35 28.29
C LEU A 1908 -20.37 3.38 29.34
N SER A 1909 -19.08 3.06 29.32
CA SER A 1909 -18.53 2.11 30.27
C SER A 1909 -18.77 2.55 31.71
N LEU A 1910 -18.96 3.85 31.91
CA LEU A 1910 -19.33 4.32 33.25
C LEU A 1910 -20.79 4.05 33.54
N ASN A 1911 -21.65 4.28 32.55
CA ASN A 1911 -23.08 4.09 32.79
C ASN A 1911 -23.44 2.61 32.80
N LYS A 1912 -22.68 1.78 32.07
CA LYS A 1912 -22.93 0.34 31.97
C LYS A 1912 -24.41 0.03 31.82
N ARG A 1913 -25.09 0.79 30.98
CA ARG A 1913 -26.43 0.41 30.58
C ARG A 1913 -26.36 -0.90 29.81
N PRO A 1914 -27.48 -1.63 29.70
CA PRO A 1914 -27.42 -2.94 29.04
C PRO A 1914 -26.93 -2.88 27.61
N ASP A 1915 -27.59 -2.07 26.78
CA ASP A 1915 -27.17 -1.96 25.39
C ASP A 1915 -25.74 -1.44 25.27
N TYR A 1916 -25.23 -0.78 26.31
CA TYR A 1916 -23.98 -0.05 26.18
C TYR A 1916 -22.83 -0.98 25.86
N ASN A 1917 -22.96 -2.27 26.16
CA ASN A 1917 -21.98 -3.23 25.67
C ASN A 1917 -21.95 -3.23 24.16
N GLU A 1918 -23.12 -3.05 23.53
CA GLU A 1918 -23.19 -2.99 22.08
C GLU A 1918 -22.80 -1.62 21.56
N MET A 1919 -23.22 -0.56 22.26
CA MET A 1919 -22.92 0.78 21.80
C MET A 1919 -21.41 1.02 21.75
N VAL A 1920 -20.66 0.37 22.64
CA VAL A 1920 -19.22 0.46 22.58
C VAL A 1920 -18.71 -0.08 21.25
N GLY A 1921 -19.32 -1.17 20.78
CA GLY A 1921 -18.92 -1.71 19.49
C GLY A 1921 -19.23 -0.77 18.36
N GLU A 1922 -20.37 -0.07 18.44
CA GLU A 1922 -20.72 0.88 17.39
C GLU A 1922 -19.79 2.07 17.40
N CYS A 1923 -19.35 2.50 18.59
CA CYS A 1923 -18.39 3.59 18.66
C CYS A 1923 -17.04 3.16 18.12
N TRP A 1924 -16.65 1.92 18.41
CA TRP A 1924 -15.40 1.41 17.84
C TRP A 1924 -15.49 1.33 16.33
N LEU A 1925 -16.66 0.95 15.81
CA LEU A 1925 -16.83 0.88 14.36
C LEU A 1925 -16.80 2.27 13.75
N GLN A 1926 -17.38 3.25 14.42
CA GLN A 1926 -17.32 4.61 13.92
C GLN A 1926 -15.88 5.10 13.90
N SER A 1927 -15.12 4.80 14.94
CA SER A 1927 -13.70 5.14 14.96
C SER A 1927 -12.97 4.46 13.81
N ALA A 1928 -13.32 3.21 13.53
CA ALA A 1928 -12.68 2.50 12.42
C ALA A 1928 -13.00 3.17 11.10
N ARG A 1929 -14.27 3.49 10.88
CA ARG A 1929 -14.65 4.17 9.64
C ARG A 1929 -13.93 5.49 9.51
N VAL A 1930 -13.75 6.19 10.62
CA VAL A 1930 -13.06 7.48 10.59
C VAL A 1930 -11.61 7.29 10.19
N ALA A 1931 -10.90 6.40 10.88
CA ALA A 1931 -9.50 6.19 10.57
C ALA A 1931 -9.33 5.69 9.14
N ARG A 1932 -10.28 4.90 8.66
CA ARG A 1932 -10.26 4.44 7.29
C ARG A 1932 -10.38 5.60 6.31
N LYS A 1933 -11.42 6.42 6.48
CA LYS A 1933 -11.58 7.59 5.63
C LYS A 1933 -10.41 8.55 5.80
N ALA A 1934 -9.58 8.32 6.81
CA ALA A 1934 -8.43 9.19 7.04
C ALA A 1934 -7.14 8.54 6.58
N GLY A 1935 -7.12 7.21 6.48
CA GLY A 1935 -5.94 6.50 6.04
C GLY A 1935 -5.16 5.79 7.12
N HIS A 1936 -5.51 6.00 8.39
CA HIS A 1936 -4.87 5.29 9.50
C HIS A 1936 -5.44 3.89 9.56
N HIS A 1937 -4.96 3.05 8.64
CA HIS A 1937 -5.54 1.73 8.48
C HIS A 1937 -5.26 0.84 9.70
N GLN A 1938 -4.08 0.98 10.29
CA GLN A 1938 -3.73 0.12 11.41
C GLN A 1938 -4.60 0.42 12.62
N THR A 1939 -4.92 1.70 12.83
CA THR A 1939 -5.84 2.04 13.91
C THR A 1939 -7.25 1.56 13.58
N ALA A 1940 -7.63 1.63 12.31
CA ALA A 1940 -8.92 1.10 11.91
C ALA A 1940 -9.00 -0.38 12.25
N TYR A 1941 -7.88 -1.09 12.13
CA TYR A 1941 -7.87 -2.50 12.51
C TYR A 1941 -7.93 -2.66 14.02
N ASN A 1942 -7.12 -1.89 14.74
CA ASN A 1942 -7.17 -1.92 16.19
C ASN A 1942 -8.59 -1.66 16.70
N ALA A 1943 -9.40 -0.99 15.88
CA ALA A 1943 -10.79 -0.76 16.26
C ALA A 1943 -11.68 -1.92 15.84
N LEU A 1944 -11.54 -2.36 14.58
CA LEU A 1944 -12.32 -3.50 14.11
C LEU A 1944 -12.19 -4.66 15.06
N LEU A 1945 -11.05 -4.77 15.75
CA LEU A 1945 -10.92 -5.78 16.78
C LEU A 1945 -11.75 -5.42 18.01
N ASN A 1946 -11.55 -4.23 18.56
CA ASN A 1946 -12.26 -3.83 19.78
C ASN A 1946 -13.75 -3.99 19.63
N ALA A 1947 -14.24 -4.08 18.39
CA ALA A 1947 -15.66 -4.29 18.15
C ALA A 1947 -15.99 -5.78 18.16
N GLY A 1948 -17.24 -6.08 17.83
CA GLY A 1948 -17.70 -7.45 17.80
C GLY A 1948 -19.11 -7.60 18.30
N GLU A 1949 -19.62 -6.55 18.96
CA GLU A 1949 -20.94 -6.62 19.57
C GLU A 1949 -22.04 -6.33 18.55
N SER A 1950 -21.84 -5.30 17.73
CA SER A 1950 -22.78 -4.98 16.65
C SER A 1950 -22.27 -5.63 15.37
N ARG A 1951 -22.18 -6.96 15.42
CA ARG A 1951 -21.60 -7.74 14.35
C ARG A 1951 -22.62 -8.18 13.32
N LEU A 1952 -23.80 -7.56 13.31
CA LEU A 1952 -24.82 -7.88 12.33
C LEU A 1952 -24.47 -7.22 10.99
N ALA A 1953 -23.26 -7.52 10.55
CA ALA A 1953 -22.66 -7.08 9.30
C ALA A 1953 -22.18 -5.64 9.36
N GLU A 1954 -22.49 -4.89 10.40
CA GLU A 1954 -21.89 -3.57 10.55
C GLU A 1954 -20.39 -3.70 10.72
N LEU A 1955 -19.94 -4.84 11.21
CA LEU A 1955 -18.52 -5.13 11.30
C LEU A 1955 -17.98 -5.63 9.98
N TYR A 1956 -18.58 -6.70 9.45
CA TYR A 1956 -18.12 -7.25 8.19
C TYR A 1956 -18.10 -6.20 7.10
N VAL A 1957 -19.11 -5.34 7.08
CA VAL A 1957 -19.14 -4.24 6.11
C VAL A 1957 -17.93 -3.35 6.30
N GLU A 1958 -17.64 -2.97 7.54
CA GLU A 1958 -16.55 -2.04 7.78
C GLU A 1958 -15.21 -2.69 7.49
N ARG A 1959 -15.08 -3.98 7.81
CA ARG A 1959 -13.84 -4.69 7.50
C ARG A 1959 -13.64 -4.77 5.99
N ALA A 1960 -14.72 -5.01 5.26
CA ALA A 1960 -14.64 -5.06 3.81
C ALA A 1960 -14.23 -3.71 3.25
N LYS A 1961 -14.80 -2.62 3.78
CA LYS A 1961 -14.40 -1.30 3.32
C LYS A 1961 -12.94 -1.02 3.66
N TRP A 1962 -12.49 -1.48 4.82
CA TRP A 1962 -11.09 -1.31 5.20
C TRP A 1962 -10.18 -1.97 4.19
N LEU A 1963 -10.48 -3.22 3.84
CA LEU A 1963 -9.67 -3.91 2.84
C LEU A 1963 -9.74 -3.20 1.50
N TRP A 1964 -10.95 -2.88 1.04
CA TRP A 1964 -11.12 -2.13 -0.21
C TRP A 1964 -10.22 -0.91 -0.24
N SER A 1965 -10.14 -0.18 0.88
CA SER A 1965 -9.25 0.97 0.96
C SER A 1965 -7.80 0.52 0.87
N LYS A 1966 -7.46 -0.60 1.51
CA LYS A 1966 -6.12 -1.15 1.34
C LYS A 1966 -5.89 -1.62 -0.07
N GLY A 1967 -6.95 -1.72 -0.88
CA GLY A 1967 -6.85 -2.14 -2.26
C GLY A 1967 -7.16 -3.60 -2.50
N ASP A 1968 -7.31 -4.41 -1.45
CA ASP A 1968 -7.57 -5.84 -1.60
C ASP A 1968 -9.07 -6.06 -1.83
N VAL A 1969 -9.49 -5.74 -3.05
CA VAL A 1969 -10.92 -5.80 -3.37
C VAL A 1969 -11.43 -7.22 -3.25
N HIS A 1970 -10.64 -8.20 -3.66
CA HIS A 1970 -11.13 -9.58 -3.67
C HIS A 1970 -11.33 -10.09 -2.24
N GLN A 1971 -10.33 -9.91 -1.39
CA GLN A 1971 -10.49 -10.31 0.00
C GLN A 1971 -11.65 -9.59 0.65
N ALA A 1972 -11.89 -8.34 0.25
CA ALA A 1972 -13.03 -7.60 0.76
C ALA A 1972 -14.34 -8.26 0.36
N LEU A 1973 -14.50 -8.54 -0.92
CA LEU A 1973 -15.69 -9.22 -1.38
C LEU A 1973 -15.88 -10.54 -0.68
N ILE A 1974 -14.78 -11.27 -0.48
CA ILE A 1974 -14.85 -12.57 0.16
C ILE A 1974 -15.40 -12.43 1.58
N VAL A 1975 -14.78 -11.57 2.37
CA VAL A 1975 -15.20 -11.41 3.76
C VAL A 1975 -16.62 -10.87 3.83
N LEU A 1976 -17.01 -10.03 2.87
CA LEU A 1976 -18.34 -9.45 2.90
C LEU A 1976 -19.39 -10.50 2.57
N GLN A 1977 -19.09 -11.39 1.63
CA GLN A 1977 -20.01 -12.48 1.35
C GLN A 1977 -20.08 -13.43 2.54
N LYS A 1978 -18.95 -13.67 3.20
CA LYS A 1978 -18.97 -14.45 4.43
C LYS A 1978 -19.92 -13.83 5.45
N GLY A 1979 -19.87 -12.51 5.58
CA GLY A 1979 -20.77 -11.85 6.50
C GLY A 1979 -22.23 -11.99 6.07
N VAL A 1980 -22.49 -11.72 4.80
CA VAL A 1980 -23.86 -11.76 4.30
C VAL A 1980 -24.46 -13.15 4.46
N GLU A 1981 -23.61 -14.18 4.45
CA GLU A 1981 -24.12 -15.53 4.68
C GLU A 1981 -24.27 -15.80 6.16
N LEU A 1982 -23.25 -15.49 6.94
CA LEU A 1982 -23.31 -15.69 8.38
C LEU A 1982 -24.49 -14.94 8.98
N CYS A 1983 -24.69 -13.70 8.55
CA CYS A 1983 -25.77 -12.84 9.01
C CYS A 1983 -26.51 -12.29 7.80
N PHE A 1984 -27.80 -12.05 7.99
CA PHE A 1984 -28.71 -11.83 6.86
C PHE A 1984 -28.67 -13.05 5.96
N PRO A 1985 -28.87 -14.26 6.48
CA PRO A 1985 -28.79 -15.45 5.64
C PRO A 1985 -29.85 -15.44 4.56
N GLU A 1986 -29.52 -16.06 3.43
CA GLU A 1986 -30.48 -16.16 2.33
C GLU A 1986 -31.75 -16.90 2.76
N ASN A 1987 -31.63 -17.79 3.75
CA ASN A 1987 -32.77 -18.63 4.10
C ASN A 1987 -33.86 -17.83 4.80
N GLU A 1988 -33.47 -16.88 5.64
CA GLU A 1988 -34.41 -16.01 6.34
C GLU A 1988 -34.10 -14.57 5.99
N THR A 1989 -35.11 -13.86 5.49
CA THR A 1989 -34.92 -12.46 5.15
C THR A 1989 -34.89 -11.61 6.41
N PRO A 1990 -34.02 -10.61 6.47
CA PRO A 1990 -34.07 -9.66 7.59
C PRO A 1990 -35.08 -8.57 7.30
N PRO A 1991 -36.16 -8.48 8.08
CA PRO A 1991 -37.06 -7.34 7.97
C PRO A 1991 -36.79 -6.25 8.99
N GLU A 1992 -35.83 -6.43 9.89
CA GLU A 1992 -35.55 -5.44 10.90
C GLU A 1992 -34.98 -4.18 10.26
N GLY A 1993 -35.53 -3.03 10.66
CA GLY A 1993 -35.10 -1.78 10.06
C GLY A 1993 -33.60 -1.62 10.06
N LYS A 1994 -32.95 -1.82 11.21
CA LYS A 1994 -31.50 -1.71 11.27
C LYS A 1994 -30.85 -2.82 10.46
N ASN A 1995 -31.27 -4.07 10.68
CA ASN A 1995 -30.75 -5.19 9.90
C ASN A 1995 -30.97 -4.95 8.41
N MET A 1996 -32.11 -4.35 8.04
CA MET A 1996 -32.39 -4.13 6.63
C MET A 1996 -31.49 -3.07 6.04
N LEU A 1997 -31.32 -1.95 6.74
CA LEU A 1997 -30.40 -0.92 6.29
C LEU A 1997 -29.01 -1.50 6.09
N ILE A 1998 -28.55 -2.30 7.04
CA ILE A 1998 -27.20 -2.86 6.94
C ILE A 1998 -27.12 -3.85 5.79
N HIS A 1999 -28.17 -4.66 5.60
CA HIS A 1999 -28.17 -5.62 4.51
C HIS A 1999 -28.12 -4.91 3.18
N GLY A 2000 -28.78 -3.77 3.07
CA GLY A 2000 -28.72 -3.00 1.84
C GLY A 2000 -27.33 -2.43 1.61
N ARG A 2001 -26.75 -1.82 2.64
CA ARG A 2001 -25.38 -1.34 2.54
C ARG A 2001 -24.46 -2.46 2.04
N ALA A 2002 -24.65 -3.66 2.57
CA ALA A 2002 -23.74 -4.76 2.25
C ALA A 2002 -23.96 -5.26 0.84
N MET A 2003 -25.21 -5.47 0.44
CA MET A 2003 -25.49 -5.86 -0.94
C MET A 2003 -24.92 -4.84 -1.90
N LEU A 2004 -24.98 -3.57 -1.55
CA LEU A 2004 -24.46 -2.54 -2.46
C LEU A 2004 -22.95 -2.59 -2.52
N LEU A 2005 -22.29 -2.80 -1.39
CA LEU A 2005 -20.84 -2.92 -1.42
C LEU A 2005 -20.43 -4.13 -2.23
N VAL A 2006 -21.20 -5.21 -2.14
CA VAL A 2006 -20.89 -6.40 -2.91
C VAL A 2006 -21.04 -6.11 -4.39
N GLY A 2007 -22.07 -5.34 -4.74
CA GLY A 2007 -22.24 -4.97 -6.13
C GLY A 2007 -21.11 -4.09 -6.63
N ARG A 2008 -20.66 -3.16 -5.79
CA ARG A 2008 -19.57 -2.28 -6.19
C ARG A 2008 -18.28 -3.07 -6.36
N PHE A 2009 -18.00 -3.99 -5.44
CA PHE A 2009 -16.83 -4.84 -5.58
C PHE A 2009 -16.91 -5.66 -6.85
N MET A 2010 -18.02 -6.38 -7.05
CA MET A 2010 -18.24 -7.07 -8.31
C MET A 2010 -17.87 -6.18 -9.49
N GLU A 2011 -18.48 -5.00 -9.56
CA GLU A 2011 -18.21 -4.09 -10.65
C GLU A 2011 -16.72 -3.81 -10.79
N GLU A 2012 -16.03 -3.66 -9.67
CA GLU A 2012 -14.59 -3.42 -9.72
C GLU A 2012 -13.84 -4.66 -10.18
N THR A 2013 -14.38 -5.84 -9.89
CA THR A 2013 -13.74 -7.07 -10.31
C THR A 2013 -14.13 -7.38 -11.75
N ALA A 2014 -13.14 -7.83 -12.53
CA ALA A 2014 -13.39 -8.07 -13.95
C ALA A 2014 -14.10 -9.40 -14.18
N ASN A 2015 -13.86 -10.37 -13.29
CA ASN A 2015 -14.39 -11.70 -13.51
C ASN A 2015 -15.91 -11.70 -13.57
N PHE A 2016 -16.55 -10.98 -12.67
CA PHE A 2016 -17.99 -11.11 -12.51
C PHE A 2016 -18.73 -10.66 -13.76
N GLU A 2017 -19.79 -11.40 -14.08
CA GLU A 2017 -20.62 -11.06 -15.22
C GLU A 2017 -21.52 -9.87 -14.89
N SER A 2018 -21.81 -9.07 -15.91
CA SER A 2018 -22.58 -7.85 -15.70
C SER A 2018 -23.95 -8.16 -15.11
N ASN A 2019 -24.59 -9.23 -15.58
CA ASN A 2019 -25.95 -9.51 -15.16
C ASN A 2019 -26.05 -9.72 -13.66
N ALA A 2020 -25.05 -10.38 -13.07
CA ALA A 2020 -25.05 -10.57 -11.63
C ALA A 2020 -24.95 -9.22 -10.92
N ILE A 2021 -24.19 -8.30 -11.48
CA ILE A 2021 -24.03 -6.99 -10.87
C ILE A 2021 -25.35 -6.22 -10.91
N MET A 2022 -26.00 -6.22 -12.07
CA MET A 2022 -27.30 -5.57 -12.17
C MET A 2022 -28.29 -6.20 -11.21
N LYS A 2023 -28.24 -7.53 -11.08
CA LYS A 2023 -29.14 -8.21 -10.16
C LYS A 2023 -28.89 -7.77 -8.72
N LYS A 2024 -27.61 -7.64 -8.34
CA LYS A 2024 -27.31 -7.24 -6.97
C LYS A 2024 -27.80 -5.83 -6.71
N TYR A 2025 -27.59 -4.92 -7.67
CA TYR A 2025 -28.04 -3.55 -7.49
C TYR A 2025 -29.56 -3.48 -7.42
N LYS A 2026 -30.25 -4.26 -8.24
CA LYS A 2026 -31.70 -4.28 -8.19
C LYS A 2026 -32.19 -4.85 -6.86
N ASP A 2027 -31.45 -5.83 -6.33
CA ASP A 2027 -31.79 -6.36 -5.01
C ASP A 2027 -31.67 -5.27 -3.96
N VAL A 2028 -30.61 -4.47 -4.05
CA VAL A 2028 -30.48 -3.34 -3.14
C VAL A 2028 -31.71 -2.45 -3.24
N THR A 2029 -32.04 -2.02 -4.45
CA THR A 2029 -33.19 -1.13 -4.62
C THR A 2029 -34.45 -1.73 -4.01
N ALA A 2030 -34.67 -3.03 -4.24
CA ALA A 2030 -35.88 -3.66 -3.75
C ALA A 2030 -35.88 -3.76 -2.23
N CYS A 2031 -34.69 -3.87 -1.63
CA CYS A 2031 -34.60 -4.00 -0.18
C CYS A 2031 -34.69 -2.63 0.50
N LEU A 2032 -33.85 -1.69 0.09
CA LEU A 2032 -33.85 -0.33 0.63
C LEU A 2032 -34.26 0.62 -0.49
N PRO A 2033 -35.53 0.59 -0.89
CA PRO A 2033 -35.96 1.42 -2.03
C PRO A 2033 -35.98 2.90 -1.72
N GLU A 2034 -36.21 3.28 -0.47
CA GLU A 2034 -36.18 4.69 -0.10
C GLU A 2034 -34.76 5.23 -0.09
N TRP A 2035 -33.79 4.44 -0.53
CA TRP A 2035 -32.40 4.82 -0.42
C TRP A 2035 -31.89 5.43 -1.72
N GLU A 2036 -31.12 6.52 -1.58
CA GLU A 2036 -30.50 7.14 -2.74
C GLU A 2036 -29.54 6.18 -3.42
N ASP A 2037 -28.54 5.73 -2.68
CA ASP A 2037 -27.68 4.68 -3.17
C ASP A 2037 -28.52 3.47 -3.57
N GLY A 2038 -27.91 2.58 -4.33
CA GLY A 2038 -28.67 1.50 -4.91
C GLY A 2038 -29.33 1.96 -6.17
N HIS A 2039 -30.37 2.80 -6.05
CA HIS A 2039 -30.93 3.45 -7.22
C HIS A 2039 -29.85 4.12 -8.03
N PHE A 2040 -29.07 4.98 -7.39
CA PHE A 2040 -28.06 5.75 -8.10
C PHE A 2040 -27.01 4.84 -8.72
N TYR A 2041 -26.47 3.92 -7.93
CA TYR A 2041 -25.38 3.08 -8.44
C TYR A 2041 -25.88 2.18 -9.56
N LEU A 2042 -27.13 1.72 -9.47
CA LEU A 2042 -27.70 0.94 -10.56
C LEU A 2042 -27.76 1.75 -11.83
N ALA A 2043 -28.28 2.98 -11.74
CA ALA A 2043 -28.36 3.81 -12.93
C ALA A 2043 -26.97 4.10 -13.48
N LYS A 2044 -26.01 4.30 -12.58
CA LYS A 2044 -24.64 4.59 -13.00
C LYS A 2044 -24.03 3.41 -13.72
N TYR A 2045 -24.36 2.20 -13.27
CA TYR A 2045 -23.86 1.01 -13.96
C TYR A 2045 -24.52 0.87 -15.32
N TYR A 2046 -25.85 0.90 -15.37
CA TYR A 2046 -26.54 0.85 -16.64
C TYR A 2046 -25.97 1.87 -17.62
N ASP A 2047 -25.49 3.00 -17.10
CA ASP A 2047 -24.90 4.01 -17.97
C ASP A 2047 -23.54 3.57 -18.49
N LYS A 2048 -22.77 2.87 -17.66
CA LYS A 2048 -21.51 2.31 -18.14
C LYS A 2048 -21.76 1.08 -19.00
N LEU A 2049 -22.85 0.37 -18.72
CA LEU A 2049 -23.12 -0.88 -19.42
C LEU A 2049 -23.84 -0.63 -20.73
N MET A 2050 -24.62 0.43 -20.81
CA MET A 2050 -25.46 0.65 -21.98
C MET A 2050 -24.64 0.81 -23.25
N PRO A 2051 -23.58 1.61 -23.27
CA PRO A 2051 -22.77 1.70 -24.50
C PRO A 2051 -22.30 0.34 -25.00
N MET A 2052 -21.79 -0.49 -24.10
CA MET A 2052 -21.34 -1.82 -24.49
C MET A 2052 -22.51 -2.65 -25.01
N VAL A 2053 -23.65 -2.60 -24.32
CA VAL A 2053 -24.78 -3.44 -24.69
C VAL A 2053 -25.42 -2.93 -25.98
N THR A 2054 -25.29 -1.64 -26.26
CA THR A 2054 -25.88 -1.03 -27.43
C THR A 2054 -24.86 -0.67 -28.50
N ASP A 2055 -23.63 -1.19 -28.39
CA ASP A 2055 -22.56 -0.88 -29.33
C ASP A 2055 -22.55 0.60 -29.70
N ASN A 2056 -22.79 1.46 -28.71
CA ASN A 2056 -22.69 2.90 -28.88
C ASN A 2056 -23.67 3.42 -29.92
N LYS A 2057 -24.86 2.84 -29.95
CA LYS A 2057 -25.92 3.25 -30.85
C LYS A 2057 -27.13 3.67 -30.04
N MET A 2058 -27.51 4.94 -30.18
CA MET A 2058 -28.56 5.50 -29.34
C MET A 2058 -29.86 4.73 -29.50
N GLU A 2059 -30.11 4.16 -30.68
CA GLU A 2059 -31.38 3.50 -30.93
C GLU A 2059 -31.67 2.45 -29.88
N LYS A 2060 -30.76 1.49 -29.71
CA LYS A 2060 -30.95 0.48 -28.67
C LYS A 2060 -30.87 1.10 -27.28
N GLN A 2061 -30.26 2.28 -27.17
CA GLN A 2061 -30.07 2.89 -25.86
C GLN A 2061 -31.37 3.40 -25.27
N GLY A 2062 -32.44 3.45 -26.08
CA GLY A 2062 -33.66 4.08 -25.63
C GLY A 2062 -34.15 3.57 -24.29
N ASP A 2063 -34.47 2.27 -24.22
CA ASP A 2063 -35.03 1.72 -22.99
C ASP A 2063 -34.03 1.77 -21.85
N LEU A 2064 -32.76 1.50 -22.15
CA LEU A 2064 -31.73 1.64 -21.13
C LEU A 2064 -31.67 3.06 -20.61
N ILE A 2065 -31.80 4.03 -21.51
CA ILE A 2065 -31.83 5.42 -21.09
C ILE A 2065 -33.01 5.66 -20.16
N ARG A 2066 -34.17 5.09 -20.51
CA ARG A 2066 -35.35 5.28 -19.68
C ARG A 2066 -35.10 4.78 -18.28
N TYR A 2067 -34.56 3.57 -18.17
CA TYR A 2067 -34.30 3.00 -16.85
C TYR A 2067 -33.27 3.83 -16.09
N ILE A 2068 -32.20 4.24 -16.77
CA ILE A 2068 -31.14 5.02 -16.13
C ILE A 2068 -31.71 6.30 -15.57
N VAL A 2069 -32.43 7.04 -16.40
CA VAL A 2069 -33.04 8.29 -15.99
C VAL A 2069 -33.98 8.05 -14.81
N LEU A 2070 -34.82 7.04 -14.92
CA LEU A 2070 -35.77 6.74 -13.85
C LEU A 2070 -35.05 6.59 -12.52
N HIS A 2071 -33.95 5.83 -12.52
CA HIS A 2071 -33.33 5.53 -11.25
C HIS A 2071 -32.48 6.69 -10.75
N PHE A 2072 -31.87 7.44 -11.66
CA PHE A 2072 -31.19 8.66 -11.25
C PHE A 2072 -32.17 9.60 -10.55
N GLY A 2073 -33.37 9.74 -11.11
CA GLY A 2073 -34.35 10.61 -10.48
C GLY A 2073 -34.84 10.07 -9.16
N ARG A 2074 -35.16 8.78 -9.11
CA ARG A 2074 -35.57 8.17 -7.86
C ARG A 2074 -34.52 8.41 -6.78
N SER A 2075 -33.25 8.36 -7.15
CA SER A 2075 -32.19 8.69 -6.20
C SER A 2075 -32.31 10.14 -5.76
N LEU A 2076 -32.39 11.06 -6.72
CA LEU A 2076 -32.53 12.47 -6.38
C LEU A 2076 -33.73 12.70 -5.47
N GLN A 2077 -34.69 11.77 -5.48
CA GLN A 2077 -35.89 11.95 -4.65
C GLN A 2077 -35.61 11.63 -3.19
N TYR A 2078 -34.69 10.71 -2.93
CA TYR A 2078 -34.49 10.25 -1.57
C TYR A 2078 -33.32 10.95 -0.91
N GLY A 2079 -32.38 11.45 -1.71
CA GLY A 2079 -31.21 12.10 -1.17
C GLY A 2079 -30.48 12.88 -2.23
N ASN A 2080 -29.78 13.91 -1.79
CA ASN A 2080 -29.06 14.82 -2.67
C ASN A 2080 -27.55 14.63 -2.58
N GLN A 2081 -27.10 13.44 -2.21
CA GLN A 2081 -25.66 13.20 -2.10
C GLN A 2081 -25.01 13.25 -3.46
N PHE A 2082 -25.75 12.89 -4.50
CA PHE A 2082 -25.24 12.86 -5.87
C PHE A 2082 -25.99 13.83 -6.79
N ILE A 2083 -26.51 14.93 -6.25
CA ILE A 2083 -27.24 15.89 -7.08
C ILE A 2083 -26.36 16.38 -8.21
N TYR A 2084 -25.04 16.24 -8.05
CA TYR A 2084 -24.11 16.80 -9.04
C TYR A 2084 -23.66 15.74 -10.03
N GLN A 2085 -23.83 14.47 -9.67
CA GLN A 2085 -23.42 13.39 -10.57
C GLN A 2085 -24.62 12.76 -11.25
N SER A 2086 -25.80 12.92 -10.67
CA SER A 2086 -26.97 12.22 -11.18
C SER A 2086 -27.80 13.12 -12.08
N MET A 2087 -28.10 14.32 -11.65
CA MET A 2087 -29.00 15.19 -12.39
C MET A 2087 -28.41 15.58 -13.73
N PRO A 2088 -27.13 15.95 -13.78
CA PRO A 2088 -26.55 16.31 -15.07
C PRO A 2088 -26.60 15.17 -16.07
N ARG A 2089 -26.25 13.95 -15.64
CA ARG A 2089 -26.26 12.83 -16.56
C ARG A 2089 -27.68 12.48 -16.96
N MET A 2090 -28.61 12.57 -16.03
CA MET A 2090 -30.01 12.35 -16.34
C MET A 2090 -30.48 13.28 -17.45
N LEU A 2091 -30.31 14.58 -17.22
CA LEU A 2091 -30.78 15.58 -18.18
C LEU A 2091 -30.02 15.45 -19.49
N THR A 2092 -28.74 15.10 -19.43
CA THR A 2092 -27.95 14.96 -20.64
C THR A 2092 -28.45 13.80 -21.48
N LEU A 2093 -28.60 12.63 -20.87
CA LEU A 2093 -29.14 11.49 -21.59
C LEU A 2093 -30.48 11.83 -22.21
N TRP A 2094 -31.37 12.47 -21.44
CA TRP A 2094 -32.68 12.78 -21.98
C TRP A 2094 -32.61 13.73 -23.15
N LEU A 2095 -32.00 14.90 -22.94
CA LEU A 2095 -31.91 15.90 -24.01
C LEU A 2095 -31.22 15.32 -25.24
N ASP A 2096 -30.23 14.47 -25.05
CA ASP A 2096 -29.47 13.95 -26.17
C ASP A 2096 -30.26 12.91 -26.94
N TYR A 2097 -31.03 12.08 -26.22
CA TYR A 2097 -31.91 11.14 -26.92
C TYR A 2097 -32.99 11.88 -27.68
N GLY A 2098 -33.48 12.98 -27.10
CA GLY A 2098 -34.43 13.80 -27.84
C GLY A 2098 -33.80 14.39 -29.09
N THR A 2099 -32.56 14.83 -28.98
CA THR A 2099 -31.85 15.36 -30.13
C THR A 2099 -31.71 14.29 -31.21
N LYS A 2100 -31.29 13.09 -30.82
CA LYS A 2100 -31.11 12.02 -31.79
C LYS A 2100 -32.45 11.61 -32.41
N ALA A 2101 -33.52 11.69 -31.62
CA ALA A 2101 -34.84 11.37 -32.15
C ALA A 2101 -35.27 12.39 -33.19
N TYR A 2102 -35.09 13.67 -32.89
CA TYR A 2102 -35.34 14.70 -33.89
C TYR A 2102 -34.49 14.46 -35.13
N GLU A 2103 -33.23 14.08 -34.93
CA GLU A 2103 -32.33 13.87 -36.05
C GLU A 2103 -32.82 12.74 -36.94
N TRP A 2104 -33.30 11.65 -36.34
CA TRP A 2104 -33.68 10.48 -37.12
C TRP A 2104 -35.08 10.61 -37.69
N GLU A 2105 -35.94 11.43 -37.06
CA GLU A 2105 -37.24 11.73 -37.64
C GLU A 2105 -37.09 12.70 -38.80
N LYS A 2106 -36.06 13.54 -38.75
CA LYS A 2106 -35.72 14.38 -39.90
C LYS A 2106 -35.12 13.53 -41.01
N ALA A 2107 -34.22 12.62 -40.66
CA ALA A 2107 -33.61 11.76 -41.66
C ALA A 2107 -34.62 10.78 -42.25
N GLY A 2108 -35.65 10.44 -41.49
CA GLY A 2108 -36.68 9.55 -41.96
C GLY A 2108 -36.44 8.08 -41.66
N ARG A 2109 -35.46 7.76 -40.83
CA ARG A 2109 -35.16 6.36 -40.56
C ARG A 2109 -36.36 5.66 -39.93
N SER A 2110 -36.50 4.36 -40.25
CA SER A 2110 -37.60 3.59 -39.68
C SER A 2110 -37.47 3.52 -38.16
N ASP A 2111 -36.25 3.41 -37.65
CA ASP A 2111 -36.05 3.38 -36.21
C ASP A 2111 -36.51 4.67 -35.55
N ARG A 2112 -36.80 5.70 -36.34
CA ARG A 2112 -37.20 6.98 -35.77
C ARG A 2112 -38.51 6.86 -35.01
N VAL A 2113 -39.40 5.97 -35.45
CA VAL A 2113 -40.70 5.84 -34.78
C VAL A 2113 -40.55 5.13 -33.45
N GLN A 2114 -39.74 4.06 -33.41
CA GLN A 2114 -39.42 3.43 -32.14
C GLN A 2114 -38.74 4.43 -31.21
N MET A 2115 -37.88 5.28 -31.76
CA MET A 2115 -37.27 6.33 -30.95
C MET A 2115 -38.32 7.29 -30.42
N ARG A 2116 -39.33 7.59 -31.22
CA ARG A 2116 -40.40 8.47 -30.77
C ARG A 2116 -41.13 7.86 -29.58
N ASN A 2117 -41.46 6.57 -29.67
CA ASN A 2117 -42.13 5.91 -28.56
C ASN A 2117 -41.26 5.90 -27.31
N ASP A 2118 -39.98 5.55 -27.47
CA ASP A 2118 -39.07 5.52 -26.33
C ASP A 2118 -38.93 6.92 -25.72
N LEU A 2119 -38.87 7.94 -26.56
CA LEU A 2119 -38.76 9.30 -26.06
C LEU A 2119 -40.01 9.71 -25.31
N GLY A 2120 -41.17 9.25 -25.76
CA GLY A 2120 -42.37 9.45 -24.97
C GLY A 2120 -42.27 8.85 -23.60
N LYS A 2121 -41.78 7.61 -23.52
CA LYS A 2121 -41.59 6.98 -22.22
C LYS A 2121 -40.65 7.81 -21.35
N ILE A 2122 -39.54 8.25 -21.92
CA ILE A 2122 -38.54 8.98 -21.16
C ILE A 2122 -39.09 10.32 -20.70
N ASN A 2123 -39.89 10.97 -21.54
CA ASN A 2123 -40.48 12.24 -21.16
C ASN A 2123 -41.48 12.06 -20.03
N LYS A 2124 -42.23 10.96 -20.06
CA LYS A 2124 -43.12 10.70 -18.93
C LYS A 2124 -42.33 10.47 -17.66
N VAL A 2125 -41.23 9.73 -17.75
CA VAL A 2125 -40.37 9.54 -16.58
C VAL A 2125 -39.90 10.89 -16.04
N ILE A 2126 -39.42 11.75 -16.94
CA ILE A 2126 -38.88 13.04 -16.52
C ILE A 2126 -39.97 13.90 -15.93
N THR A 2127 -41.19 13.76 -16.42
CA THR A 2127 -42.30 14.51 -15.85
C THR A 2127 -42.63 14.05 -14.44
N GLU A 2128 -42.66 12.74 -14.24
CA GLU A 2128 -42.87 12.23 -12.89
C GLU A 2128 -41.77 12.72 -11.96
N HIS A 2129 -40.54 12.77 -12.46
CA HIS A 2129 -39.45 13.33 -11.65
C HIS A 2129 -39.72 14.79 -11.33
N THR A 2130 -40.05 15.57 -12.35
CA THR A 2130 -40.41 16.97 -12.14
C THR A 2130 -41.38 17.12 -10.99
N ASN A 2131 -42.43 16.30 -10.98
CA ASN A 2131 -43.44 16.42 -9.93
C ASN A 2131 -42.88 15.98 -8.58
N TYR A 2132 -42.11 14.90 -8.56
CA TYR A 2132 -41.61 14.39 -7.28
C TYR A 2132 -40.45 15.24 -6.77
N LEU A 2133 -39.43 15.44 -7.60
CA LEU A 2133 -38.23 16.12 -7.15
C LEU A 2133 -38.53 17.55 -6.74
N ALA A 2134 -37.62 18.12 -5.98
CA ALA A 2134 -37.80 19.47 -5.50
C ALA A 2134 -37.18 20.46 -6.49
N PRO A 2135 -37.65 21.70 -6.48
CA PRO A 2135 -37.17 22.66 -7.49
C PRO A 2135 -35.68 22.89 -7.43
N TYR A 2136 -35.12 23.01 -6.22
CA TYR A 2136 -33.70 23.33 -6.09
C TYR A 2136 -32.82 22.23 -6.68
N GLN A 2137 -33.32 21.00 -6.70
CA GLN A 2137 -32.56 19.92 -7.29
C GLN A 2137 -32.38 20.14 -8.78
N PHE A 2138 -33.36 20.78 -9.42
CA PHE A 2138 -33.18 21.20 -10.80
C PHE A 2138 -32.36 22.47 -10.87
N LEU A 2139 -32.53 23.35 -9.87
CA LEU A 2139 -31.79 24.60 -9.84
C LEU A 2139 -30.30 24.38 -9.91
N THR A 2140 -29.80 23.41 -9.16
CA THR A 2140 -28.37 23.15 -9.14
C THR A 2140 -27.85 22.87 -10.54
N ALA A 2141 -28.76 22.54 -11.46
CA ALA A 2141 -28.42 22.32 -12.86
C ALA A 2141 -29.11 23.31 -13.78
N PHE A 2142 -29.56 24.44 -13.25
CA PHE A 2142 -30.35 25.37 -14.06
C PHE A 2142 -29.60 25.79 -15.31
N SER A 2143 -28.31 26.08 -15.18
CA SER A 2143 -27.55 26.57 -16.31
C SER A 2143 -27.59 25.56 -17.45
N GLN A 2144 -27.42 24.28 -17.13
CA GLN A 2144 -27.62 23.24 -18.13
C GLN A 2144 -29.00 23.34 -18.76
N LEU A 2145 -30.02 23.54 -17.95
CA LEU A 2145 -31.38 23.58 -18.47
C LEU A 2145 -31.62 24.86 -19.25
N ILE A 2146 -31.07 25.98 -18.78
CA ILE A 2146 -31.12 27.22 -19.56
C ILE A 2146 -30.42 27.01 -20.89
N SER A 2147 -29.50 26.05 -20.95
CA SER A 2147 -28.77 25.79 -22.18
C SER A 2147 -29.64 25.09 -23.20
N ARG A 2148 -30.23 23.96 -22.81
CA ARG A 2148 -31.11 23.20 -23.69
C ARG A 2148 -32.39 23.94 -24.05
N ILE A 2149 -32.53 25.18 -23.59
CA ILE A 2149 -33.73 25.97 -23.91
C ILE A 2149 -33.98 26.01 -25.41
N CYS A 2150 -32.96 25.72 -26.21
CA CYS A 2150 -33.06 25.71 -27.65
C CYS A 2150 -33.08 24.31 -28.23
N HIS A 2151 -33.56 23.33 -27.48
CA HIS A 2151 -33.61 21.97 -27.98
C HIS A 2151 -34.46 21.90 -29.23
N SER A 2152 -34.13 20.95 -30.10
CA SER A 2152 -34.79 20.86 -31.40
C SER A 2152 -36.14 20.18 -31.29
N HIS A 2153 -36.27 19.22 -30.37
CA HIS A 2153 -37.50 18.47 -30.24
C HIS A 2153 -38.52 19.27 -29.45
N ASP A 2154 -39.75 19.30 -29.95
CA ASP A 2154 -40.77 20.13 -29.34
C ASP A 2154 -41.22 19.56 -28.00
N GLU A 2155 -41.52 18.25 -27.95
CA GLU A 2155 -41.99 17.66 -26.71
C GLU A 2155 -40.95 17.75 -25.61
N VAL A 2156 -39.70 17.45 -25.96
CA VAL A 2156 -38.61 17.55 -25.00
C VAL A 2156 -38.55 18.96 -24.45
N PHE A 2157 -38.71 19.97 -25.30
CA PHE A 2157 -38.66 21.33 -24.82
C PHE A 2157 -39.86 21.64 -23.93
N VAL A 2158 -41.01 21.04 -24.23
CA VAL A 2158 -42.17 21.27 -23.39
C VAL A 2158 -41.91 20.78 -21.97
N VAL A 2159 -41.32 19.59 -21.87
CA VAL A 2159 -41.00 19.04 -20.55
C VAL A 2159 -39.94 19.89 -19.87
N LEU A 2160 -38.89 20.23 -20.61
CA LEU A 2160 -37.85 21.10 -20.09
C LEU A 2160 -38.43 22.42 -19.63
N MET A 2161 -39.49 22.87 -20.29
CA MET A 2161 -40.12 24.13 -19.94
C MET A 2161 -40.89 24.01 -18.64
N GLU A 2162 -41.62 22.91 -18.47
CA GLU A 2162 -42.23 22.66 -17.17
C GLU A 2162 -41.18 22.69 -16.08
N ILE A 2163 -40.03 22.07 -16.33
CA ILE A 2163 -38.98 22.03 -15.32
C ILE A 2163 -38.49 23.43 -14.99
N ILE A 2164 -38.05 24.15 -16.03
CA ILE A 2164 -37.50 25.48 -15.83
C ILE A 2164 -38.52 26.39 -15.17
N ALA A 2165 -39.80 26.24 -15.52
CA ALA A 2165 -40.81 27.12 -14.98
C ALA A 2165 -41.13 26.78 -13.53
N LYS A 2166 -41.04 25.50 -13.18
CA LYS A 2166 -41.12 25.14 -11.77
C LYS A 2166 -40.02 25.81 -10.98
N VAL A 2167 -38.77 25.66 -11.45
CA VAL A 2167 -37.65 26.30 -10.78
C VAL A 2167 -37.90 27.79 -10.64
N PHE A 2168 -38.33 28.43 -11.74
CA PHE A 2168 -38.59 29.86 -11.71
C PHE A 2168 -39.63 30.20 -10.65
N LEU A 2169 -40.83 29.63 -10.79
CA LEU A 2169 -41.90 29.90 -9.82
C LEU A 2169 -41.41 29.69 -8.40
N ALA A 2170 -40.36 28.88 -8.22
CA ALA A 2170 -39.83 28.67 -6.88
C ALA A 2170 -38.79 29.71 -6.51
N TYR A 2171 -37.79 29.89 -7.37
CA TYR A 2171 -36.68 30.81 -7.13
C TYR A 2171 -36.56 31.76 -8.32
N PRO A 2172 -37.44 32.76 -8.41
CA PRO A 2172 -37.51 33.56 -9.63
C PRO A 2172 -36.30 34.45 -9.84
N GLN A 2173 -35.79 35.06 -8.76
CA GLN A 2173 -34.70 36.01 -8.91
C GLN A 2173 -33.49 35.34 -9.53
N GLN A 2174 -33.02 34.27 -8.91
CA GLN A 2174 -31.85 33.55 -9.40
C GLN A 2174 -32.06 33.05 -10.81
N ALA A 2175 -33.22 32.45 -11.08
CA ALA A 2175 -33.50 31.99 -12.43
C ALA A 2175 -33.36 33.11 -13.43
N MET A 2176 -34.11 34.19 -13.25
CA MET A 2176 -34.03 35.31 -14.17
C MET A 2176 -32.60 35.74 -14.38
N TRP A 2177 -31.84 35.89 -13.30
CA TRP A 2177 -30.44 36.28 -13.44
C TRP A 2177 -29.67 35.25 -14.25
N MET A 2178 -30.11 34.00 -14.24
CA MET A 2178 -29.39 32.96 -14.96
C MET A 2178 -29.88 32.87 -16.39
N MET A 2179 -31.10 33.30 -16.66
CA MET A 2179 -31.72 33.16 -17.96
C MET A 2179 -31.99 34.51 -18.61
N THR A 2180 -31.55 35.61 -18.01
CA THR A 2180 -31.74 36.91 -18.63
C THR A 2180 -31.02 36.98 -19.96
N ALA A 2181 -29.88 36.31 -20.08
CA ALA A 2181 -29.15 36.30 -21.34
C ALA A 2181 -29.94 35.62 -22.44
N VAL A 2182 -30.38 34.38 -22.20
CA VAL A 2182 -31.10 33.62 -23.21
C VAL A 2182 -32.25 34.44 -23.79
N SER A 2183 -32.76 35.40 -23.02
CA SER A 2183 -33.86 36.22 -23.50
C SER A 2183 -33.36 37.38 -24.35
N LYS A 2184 -32.20 37.92 -24.01
CA LYS A 2184 -31.64 39.06 -24.73
C LYS A 2184 -30.69 38.64 -25.85
N SER A 2185 -30.45 37.35 -26.01
CA SER A 2185 -29.45 36.90 -26.96
C SER A 2185 -29.82 37.35 -28.38
N SER A 2186 -28.85 37.24 -29.28
CA SER A 2186 -29.08 37.65 -30.65
C SER A 2186 -29.89 36.61 -31.41
N TYR A 2187 -29.57 35.33 -31.22
CA TYR A 2187 -30.35 34.28 -31.83
C TYR A 2187 -31.84 34.50 -31.56
N PRO A 2188 -32.70 34.46 -32.58
CA PRO A 2188 -34.13 34.56 -32.29
C PRO A 2188 -34.69 33.35 -31.57
N MET A 2189 -34.09 32.18 -31.80
CA MET A 2189 -34.61 30.95 -31.19
C MET A 2189 -34.50 30.99 -29.68
N ARG A 2190 -33.31 31.32 -29.17
CA ARG A 2190 -33.14 31.43 -27.73
C ARG A 2190 -34.14 32.40 -27.14
N VAL A 2191 -34.34 33.53 -27.80
CA VAL A 2191 -35.25 34.55 -27.29
C VAL A 2191 -36.66 34.01 -27.21
N ASN A 2192 -37.12 33.36 -28.28
CA ASN A 2192 -38.49 32.85 -28.29
C ASN A 2192 -38.67 31.76 -27.25
N ARG A 2193 -37.67 30.88 -27.09
CA ARG A 2193 -37.77 29.84 -26.09
C ARG A 2193 -37.86 30.42 -24.69
N CYS A 2194 -37.02 31.41 -24.40
CA CYS A 2194 -37.04 31.99 -23.06
C CYS A 2194 -38.32 32.78 -22.82
N LYS A 2195 -38.81 33.47 -23.84
CA LYS A 2195 -40.08 34.18 -23.70
C LYS A 2195 -41.20 33.20 -23.43
N GLU A 2196 -41.20 32.06 -24.11
CA GLU A 2196 -42.20 31.03 -23.87
C GLU A 2196 -42.12 30.52 -22.43
N ILE A 2197 -40.92 30.22 -21.96
CA ILE A 2197 -40.74 29.76 -20.60
C ILE A 2197 -41.28 30.79 -19.61
N LEU A 2198 -40.93 32.05 -19.83
CA LEU A 2198 -41.34 33.10 -18.90
C LEU A 2198 -42.84 33.28 -18.90
N ASN A 2199 -43.46 33.18 -20.07
CA ASN A 2199 -44.92 33.30 -20.13
C ASN A 2199 -45.59 32.12 -19.45
N LYS A 2200 -45.03 30.93 -19.60
CA LYS A 2200 -45.54 29.78 -18.86
C LYS A 2200 -45.47 30.02 -17.37
N ALA A 2201 -44.31 30.43 -16.88
CA ALA A 2201 -44.17 30.76 -15.46
C ALA A 2201 -45.20 31.78 -15.03
N ILE A 2202 -45.39 32.82 -15.84
CA ILE A 2202 -46.36 33.85 -15.51
C ILE A 2202 -47.74 33.24 -15.35
N HIS A 2203 -48.14 32.39 -16.29
CA HIS A 2203 -49.46 31.77 -16.19
C HIS A 2203 -49.58 30.92 -14.94
N MET A 2204 -48.49 30.22 -14.57
CA MET A 2204 -48.49 29.51 -13.30
C MET A 2204 -48.73 30.47 -12.14
N LYS A 2205 -48.04 31.61 -12.14
CA LYS A 2205 -48.09 32.56 -11.04
C LYS A 2205 -48.05 33.97 -11.62
N LYS A 2206 -49.12 34.73 -11.41
CA LYS A 2206 -49.19 36.06 -11.98
C LYS A 2206 -48.23 37.01 -11.28
N SER A 2207 -47.89 36.72 -10.03
CA SER A 2207 -47.00 37.59 -9.29
C SER A 2207 -45.64 37.67 -9.96
N LEU A 2208 -45.24 36.60 -10.66
CA LEU A 2208 -43.95 36.60 -11.36
C LEU A 2208 -44.12 37.16 -12.77
N GLU A 2209 -44.90 38.23 -12.85
CA GLU A 2209 -45.07 38.99 -14.08
C GLU A 2209 -44.50 40.40 -13.96
N LYS A 2210 -44.89 41.14 -12.92
CA LYS A 2210 -44.32 42.45 -12.72
C LYS A 2210 -42.82 42.35 -12.42
N PHE A 2211 -42.43 41.40 -11.59
CA PHE A 2211 -41.03 41.16 -11.34
C PHE A 2211 -40.29 40.87 -12.64
N VAL A 2212 -40.90 40.07 -13.51
CA VAL A 2212 -40.26 39.73 -14.78
C VAL A 2212 -40.06 40.98 -15.63
N GLY A 2213 -41.12 41.76 -15.82
CA GLY A 2213 -41.00 42.95 -16.63
C GLY A 2213 -39.99 43.94 -16.06
N ASP A 2214 -39.99 44.08 -14.73
CA ASP A 2214 -39.06 45.01 -14.09
C ASP A 2214 -37.62 44.55 -14.27
N ALA A 2215 -37.37 43.25 -14.09
CA ALA A 2215 -36.02 42.74 -14.28
C ALA A 2215 -35.58 42.88 -15.72
N THR A 2216 -36.51 42.70 -16.66
CA THR A 2216 -36.15 42.87 -18.06
C THR A 2216 -35.78 44.31 -18.36
N ARG A 2217 -36.56 45.25 -17.86
CA ARG A 2217 -36.22 46.66 -18.04
C ARG A 2217 -34.86 46.97 -17.43
N LEU A 2218 -34.65 46.52 -16.19
CA LEU A 2218 -33.38 46.76 -15.53
C LEU A 2218 -32.22 46.19 -16.32
N THR A 2219 -32.36 44.96 -16.81
CA THR A 2219 -31.28 44.34 -17.58
C THR A 2219 -31.03 45.10 -18.86
N ASP A 2220 -32.09 45.53 -19.54
CA ASP A 2220 -31.92 46.34 -20.73
C ASP A 2220 -31.10 47.58 -20.42
N LYS A 2221 -31.43 48.27 -19.33
CA LYS A 2221 -30.71 49.49 -19.02
C LYS A 2221 -29.30 49.19 -18.57
N LEU A 2222 -29.09 48.04 -17.95
CA LEU A 2222 -27.75 47.67 -17.53
C LEU A 2222 -26.86 47.41 -18.72
N LEU A 2223 -27.39 46.75 -19.75
CA LEU A 2223 -26.59 46.50 -20.93
C LEU A 2223 -26.47 47.75 -21.80
N GLU A 2224 -27.39 48.71 -21.61
CA GLU A 2224 -27.23 49.99 -22.27
C GLU A 2224 -26.08 50.78 -21.64
N LEU A 2225 -26.18 51.05 -20.35
CA LEU A 2225 -25.02 51.45 -19.57
C LEU A 2225 -23.76 50.71 -20.01
N CYS A 2226 -23.86 49.42 -20.23
CA CYS A 2226 -22.69 48.60 -20.51
C CYS A 2226 -22.13 48.91 -21.90
N ASN A 2227 -22.98 48.80 -22.91
CA ASN A 2227 -22.62 49.13 -24.28
C ASN A 2227 -22.76 50.63 -24.48
N LYS A 2228 -22.12 51.37 -23.60
CA LYS A 2228 -22.18 52.82 -23.66
C LYS A 2228 -20.97 53.35 -24.41
N PRO A 2229 -21.17 54.20 -25.41
CA PRO A 2229 -20.02 54.85 -26.04
C PRO A 2229 -19.37 55.84 -25.08
N VAL A 2230 -18.13 55.57 -24.72
CA VAL A 2230 -17.43 56.46 -23.80
C VAL A 2230 -17.22 57.81 -24.44
N ASP A 2231 -17.32 58.87 -23.63
CA ASP A 2231 -17.02 60.20 -24.12
C ASP A 2231 -15.56 60.32 -24.54
N GLY A 2232 -14.71 59.42 -24.06
CA GLY A 2232 -13.30 59.44 -24.37
C GLY A 2232 -12.44 59.47 -23.12
N SER A 2233 -11.72 60.57 -22.93
CA SER A 2233 -10.85 60.72 -21.76
C SER A 2233 -11.69 61.19 -20.56
N SER A 2234 -12.32 60.22 -19.92
CA SER A 2234 -13.08 60.46 -18.70
C SER A 2234 -12.91 59.27 -17.77
N SER A 2235 -12.31 59.52 -16.61
CA SER A 2235 -12.13 58.44 -15.64
C SER A 2235 -13.47 58.03 -15.03
N THR A 2236 -14.52 58.82 -15.26
CA THR A 2236 -15.80 58.59 -14.64
C THR A 2236 -16.94 59.13 -15.51
N LEU A 2237 -18.05 58.41 -15.48
CA LEU A 2237 -19.32 58.87 -16.00
C LEU A 2237 -20.29 58.89 -14.83
N SER A 2238 -21.24 59.82 -14.88
CA SER A 2238 -22.18 59.96 -13.78
C SER A 2238 -23.50 59.26 -14.08
N MET A 2239 -24.08 58.65 -13.05
CA MET A 2239 -25.32 57.92 -13.23
C MET A 2239 -26.49 58.88 -13.42
N SER A 2240 -26.45 60.02 -12.74
CA SER A 2240 -27.56 60.97 -12.83
C SER A 2240 -27.53 61.72 -14.15
N THR A 2241 -26.35 61.91 -14.73
CA THR A 2241 -26.25 62.66 -15.97
C THR A 2241 -26.58 61.77 -17.16
N HIS A 2242 -25.83 60.68 -17.33
CA HIS A 2242 -25.96 59.81 -18.49
C HIS A 2242 -26.91 58.65 -18.28
N PHE A 2243 -26.82 57.93 -17.17
CA PHE A 2243 -27.62 56.75 -16.91
C PHE A 2243 -28.83 57.06 -16.05
N LYS A 2244 -29.46 58.22 -16.26
CA LYS A 2244 -30.51 58.67 -15.36
C LYS A 2244 -31.71 57.74 -15.40
N MET A 2245 -32.08 57.27 -16.59
CA MET A 2245 -33.29 56.46 -16.70
C MET A 2245 -33.17 55.18 -15.88
N LEU A 2246 -31.95 54.66 -15.76
CA LEU A 2246 -31.72 53.48 -14.93
C LEU A 2246 -31.94 53.80 -13.45
N LYS A 2247 -31.34 54.89 -12.98
CA LYS A 2247 -31.59 55.32 -11.60
C LYS A 2247 -33.07 55.53 -11.36
N LYS A 2248 -33.79 55.96 -12.40
CA LYS A 2248 -35.23 56.18 -12.25
C LYS A 2248 -35.97 54.86 -12.11
N LEU A 2249 -35.72 53.92 -13.03
CA LEU A 2249 -36.32 52.61 -12.92
C LEU A 2249 -36.10 52.03 -11.54
N VAL A 2250 -34.88 52.15 -11.01
CA VAL A 2250 -34.57 51.51 -9.74
C VAL A 2250 -35.24 52.24 -8.59
N GLU A 2251 -35.21 53.57 -8.61
CA GLU A 2251 -35.67 54.33 -7.46
C GLU A 2251 -37.18 54.27 -7.31
N GLU A 2252 -37.88 53.96 -8.39
CA GLU A 2252 -39.34 53.90 -8.33
C GLU A 2252 -39.79 52.87 -7.30
N ALA A 2253 -40.77 53.24 -6.49
CA ALA A 2253 -41.19 52.38 -5.39
C ALA A 2253 -41.89 51.13 -5.91
N THR A 2254 -42.67 51.26 -6.99
CA THR A 2254 -43.35 50.10 -7.55
C THR A 2254 -42.35 49.05 -7.99
N PHE A 2255 -41.15 49.48 -8.36
CA PHE A 2255 -40.17 48.57 -8.95
C PHE A 2255 -39.94 47.36 -8.06
N SER A 2256 -40.14 46.19 -8.65
CA SER A 2256 -40.00 44.94 -7.91
C SER A 2256 -38.62 44.84 -7.28
N GLU A 2257 -38.50 43.94 -6.31
CA GLU A 2257 -37.23 43.73 -5.64
C GLU A 2257 -36.36 42.78 -6.46
N ILE A 2258 -35.19 43.25 -6.86
CA ILE A 2258 -34.22 42.47 -7.62
C ILE A 2258 -32.97 42.29 -6.78
N LEU A 2259 -32.47 41.07 -6.74
CA LEU A 2259 -31.30 40.77 -5.94
C LEU A 2259 -30.05 41.40 -6.51
N ILE A 2260 -29.16 41.82 -5.61
CA ILE A 2260 -27.78 42.02 -6.04
C ILE A 2260 -27.18 40.65 -6.36
N PRO A 2261 -26.93 40.31 -7.61
CA PRO A 2261 -26.62 38.91 -7.94
C PRO A 2261 -25.25 38.48 -7.45
N LEU A 2262 -25.15 38.31 -6.13
CA LEU A 2262 -23.92 37.81 -5.54
C LEU A 2262 -23.81 36.31 -5.73
N GLN A 2263 -22.61 35.78 -5.50
CA GLN A 2263 -22.42 34.35 -5.67
C GLN A 2263 -23.12 33.57 -4.56
N SER A 2264 -23.03 34.04 -3.33
CA SER A 2264 -23.65 33.33 -2.22
C SER A 2264 -25.16 33.22 -2.41
N VAL A 2265 -25.73 34.08 -3.25
CA VAL A 2265 -27.18 34.06 -3.46
C VAL A 2265 -27.52 33.32 -4.74
N MET A 2266 -26.54 33.13 -5.62
CA MET A 2266 -26.82 32.46 -6.89
C MET A 2266 -26.47 30.99 -6.82
N ILE A 2267 -25.65 30.60 -5.86
CA ILE A 2267 -25.19 29.22 -5.74
C ILE A 2267 -25.95 28.52 -4.62
N PRO A 2268 -26.67 27.44 -4.89
CA PRO A 2268 -27.49 26.82 -3.85
C PRO A 2268 -26.67 26.18 -2.77
N THR A 2269 -27.36 25.81 -1.70
CA THR A 2269 -26.80 25.02 -0.61
C THR A 2269 -27.65 23.78 -0.44
N LEU A 2270 -27.02 22.62 -0.59
CA LEU A 2270 -27.81 21.42 -0.62
C LEU A 2270 -27.99 20.85 0.77
N PRO A 2271 -29.11 20.19 1.02
CA PRO A 2271 -29.29 19.53 2.31
C PRO A 2271 -28.34 18.36 2.45
N SER A 2272 -28.15 17.91 3.68
CA SER A 2272 -27.14 16.92 3.97
C SER A 2272 -27.75 15.52 4.01
N ILE A 2273 -27.00 14.55 3.48
CA ILE A 2273 -27.47 13.17 3.51
C ILE A 2273 -27.84 12.75 4.92
N LEU A 2274 -27.20 13.36 5.91
CA LEU A 2274 -27.53 13.06 7.30
C LEU A 2274 -28.86 13.67 7.71
N GLY A 2275 -29.40 14.58 6.90
CA GLY A 2275 -30.54 15.36 7.31
C GLY A 2275 -31.87 14.65 7.24
N THR A 2276 -31.89 13.38 7.67
CA THR A 2276 -33.13 12.62 7.76
C THR A 2276 -33.62 12.20 6.37
N HIS A 2277 -32.93 12.64 5.32
CA HIS A 2277 -33.20 12.35 3.92
C HIS A 2277 -34.60 12.77 3.50
N ALA A 2278 -35.36 13.41 4.37
CA ALA A 2278 -36.69 13.93 4.05
C ALA A 2278 -36.78 15.43 4.18
N ASN A 2279 -35.72 16.08 4.65
CA ASN A 2279 -35.72 17.54 4.76
C ASN A 2279 -36.08 18.19 3.44
N HIS A 2280 -35.74 17.55 2.32
CA HIS A 2280 -35.85 18.18 1.01
C HIS A 2280 -37.30 18.17 0.50
N ALA A 2281 -38.16 18.81 1.28
CA ALA A 2281 -39.50 19.18 0.86
C ALA A 2281 -39.75 20.66 1.03
N SER A 2282 -39.24 21.24 2.11
CA SER A 2282 -39.30 22.67 2.36
C SER A 2282 -37.92 23.28 2.47
N HIS A 2283 -36.87 22.51 2.23
CA HIS A 2283 -35.51 23.01 2.35
C HIS A 2283 -35.36 24.34 1.62
N GLU A 2284 -34.51 25.19 2.17
CA GLU A 2284 -34.31 26.52 1.63
C GLU A 2284 -32.88 26.67 1.14
N PRO A 2285 -32.63 26.58 -0.15
CA PRO A 2285 -31.33 27.01 -0.67
C PRO A 2285 -31.25 28.53 -0.63
N PHE A 2286 -30.05 29.02 -0.83
CA PHE A 2286 -29.82 30.45 -0.74
C PHE A 2286 -30.25 30.96 0.64
N PRO A 2287 -29.87 30.29 1.72
CA PRO A 2287 -30.22 30.81 3.03
C PRO A 2287 -29.32 31.97 3.41
N GLY A 2288 -29.90 32.94 4.08
CA GLY A 2288 -29.19 34.10 4.54
C GLY A 2288 -29.89 35.39 4.15
N HIS A 2289 -29.15 36.47 4.26
CA HIS A 2289 -29.69 37.77 3.92
C HIS A 2289 -29.71 37.97 2.41
N TRP A 2290 -30.88 38.35 1.90
CA TRP A 2290 -31.05 38.68 0.50
C TRP A 2290 -31.04 40.19 0.37
N ALA A 2291 -30.17 40.70 -0.50
CA ALA A 2291 -30.00 42.13 -0.71
C ALA A 2291 -30.52 42.50 -2.08
N TYR A 2292 -31.45 43.43 -2.11
CA TYR A 2292 -32.11 43.79 -3.35
C TYR A 2292 -31.51 45.05 -3.95
N ILE A 2293 -31.78 45.26 -5.24
CA ILE A 2293 -31.24 46.41 -5.96
C ILE A 2293 -32.11 47.61 -5.61
N ALA A 2294 -31.70 48.35 -4.58
CA ALA A 2294 -32.50 49.46 -4.09
C ALA A 2294 -32.16 50.75 -4.82
N GLY A 2295 -30.88 50.98 -5.07
CA GLY A 2295 -30.45 52.18 -5.73
C GLY A 2295 -29.10 51.98 -6.40
N PHE A 2296 -28.79 52.90 -7.31
CA PHE A 2296 -27.50 52.93 -7.98
C PHE A 2296 -26.75 54.16 -7.52
N ASP A 2297 -25.47 53.98 -7.19
CA ASP A 2297 -24.66 55.09 -6.72
C ASP A 2297 -24.63 56.19 -7.77
N ASP A 2298 -24.14 57.36 -7.36
CA ASP A 2298 -24.20 58.53 -8.23
C ASP A 2298 -23.04 58.55 -9.22
N MET A 2299 -22.01 57.74 -8.97
CA MET A 2299 -20.81 57.73 -9.78
C MET A 2299 -20.66 56.40 -10.48
N VAL A 2300 -20.26 56.44 -11.74
CA VAL A 2300 -20.00 55.24 -12.54
C VAL A 2300 -18.57 55.31 -13.04
N GLU A 2301 -17.69 54.58 -12.38
CA GLU A 2301 -16.28 54.60 -12.73
C GLU A 2301 -16.06 53.94 -14.09
N ILE A 2302 -15.07 54.45 -14.81
CA ILE A 2302 -14.61 53.86 -16.06
C ILE A 2302 -13.22 53.32 -15.83
N LEU A 2303 -13.02 52.05 -16.16
CA LEU A 2303 -11.72 51.45 -15.94
C LEU A 2303 -10.76 51.80 -17.07
N ALA A 2304 -9.47 51.52 -16.86
CA ALA A 2304 -8.41 51.95 -17.81
C ALA A 2304 -8.20 50.92 -18.92
N SER A 2305 -9.03 49.87 -18.95
CA SER A 2305 -8.85 48.79 -19.96
C SER A 2305 -9.18 49.28 -21.36
N LEU A 2306 -8.70 48.58 -22.38
CA LEU A 2306 -9.04 48.87 -23.80
C LEU A 2306 -10.57 48.72 -23.96
N GLN A 2307 -11.16 47.69 -23.34
CA GLN A 2307 -12.59 47.44 -23.45
C GLN A 2307 -13.41 48.58 -22.86
N LYS A 2308 -12.82 49.34 -21.95
CA LYS A 2308 -13.51 50.44 -21.28
C LYS A 2308 -14.69 49.95 -20.47
N PRO A 2309 -14.51 49.00 -19.57
CA PRO A 2309 -15.63 48.53 -18.74
C PRO A 2309 -16.03 49.57 -17.71
N LYS A 2310 -17.34 49.73 -17.54
CA LYS A 2310 -17.91 50.74 -16.68
C LYS A 2310 -18.31 50.11 -15.35
N LYS A 2311 -17.49 50.34 -14.32
CA LYS A 2311 -17.82 49.89 -12.98
C LYS A 2311 -18.97 50.68 -12.41
N ILE A 2312 -19.86 49.98 -11.70
CA ILE A 2312 -21.00 50.60 -11.04
C ILE A 2312 -21.06 50.09 -9.61
N SER A 2313 -21.92 50.72 -8.82
CA SER A 2313 -22.15 50.32 -7.44
C SER A 2313 -23.65 50.25 -7.21
N LEU A 2314 -24.13 49.06 -6.88
CA LEU A 2314 -25.55 48.80 -6.69
C LEU A 2314 -25.86 48.91 -5.21
N LYS A 2315 -26.77 49.82 -4.87
CA LYS A 2315 -27.14 50.00 -3.48
C LYS A 2315 -28.08 48.90 -3.03
N GLY A 2316 -27.69 48.18 -2.00
CA GLY A 2316 -28.53 47.12 -1.49
C GLY A 2316 -29.61 47.64 -0.55
N SER A 2317 -30.72 46.91 -0.53
CA SER A 2317 -31.81 47.26 0.38
C SER A 2317 -31.28 47.41 1.80
N ASP A 2318 -30.28 46.61 2.17
CA ASP A 2318 -29.67 46.74 3.49
C ASP A 2318 -28.98 48.09 3.65
N GLY A 2319 -28.75 48.79 2.55
CA GLY A 2319 -27.98 50.02 2.56
C GLY A 2319 -26.52 49.85 2.22
N LYS A 2320 -25.97 48.65 2.40
CA LYS A 2320 -24.60 48.40 2.00
C LYS A 2320 -24.47 48.52 0.50
N PHE A 2321 -23.27 48.86 0.04
CA PHE A 2321 -23.00 49.13 -1.36
C PHE A 2321 -22.23 47.97 -1.97
N TYR A 2322 -22.82 47.36 -3.00
CA TYR A 2322 -22.20 46.27 -3.74
C TYR A 2322 -21.75 46.78 -5.09
N ILE A 2323 -20.54 46.41 -5.48
CA ILE A 2323 -19.92 46.90 -6.71
C ILE A 2323 -20.02 45.82 -7.76
N MET A 2324 -20.42 46.21 -8.97
CA MET A 2324 -20.64 45.28 -10.06
C MET A 2324 -20.07 45.86 -11.34
N MET A 2325 -19.04 45.20 -11.87
CA MET A 2325 -18.43 45.63 -13.14
C MET A 2325 -19.29 45.17 -14.31
N CYS A 2326 -19.38 45.91 -15.39
CA CYS A 2326 -19.95 45.50 -16.67
C CYS A 2326 -18.83 45.36 -17.69
N LYS A 2327 -18.56 44.14 -18.13
CA LYS A 2327 -17.49 43.90 -19.11
C LYS A 2327 -17.98 44.33 -20.49
N PRO A 2328 -17.19 45.09 -21.27
CA PRO A 2328 -17.58 45.36 -22.66
C PRO A 2328 -17.64 44.05 -23.42
N LYS A 2329 -17.84 44.10 -24.74
CA LYS A 2329 -18.06 42.90 -25.52
C LYS A 2329 -17.21 41.74 -25.02
N ASP A 2330 -17.88 40.67 -24.60
CA ASP A 2330 -17.23 39.47 -24.10
C ASP A 2330 -18.30 38.42 -23.81
N ASP A 2331 -17.87 37.18 -23.71
CA ASP A 2331 -18.75 36.05 -23.44
C ASP A 2331 -18.57 35.63 -22.00
N LEU A 2332 -19.39 36.18 -21.10
CA LEU A 2332 -19.31 35.87 -19.69
C LEU A 2332 -20.01 34.57 -19.33
N ARG A 2333 -20.75 33.97 -20.26
CA ARG A 2333 -21.46 32.73 -19.97
C ARG A 2333 -20.49 31.62 -19.60
N LYS A 2334 -19.49 31.38 -20.45
CA LYS A 2334 -18.42 30.46 -20.09
C LYS A 2334 -17.92 30.74 -18.69
N ASP A 2335 -17.62 32.01 -18.40
CA ASP A 2335 -17.16 32.37 -17.07
C ASP A 2335 -18.22 32.08 -16.02
N CYS A 2336 -19.49 32.28 -16.37
CA CYS A 2336 -20.56 32.01 -15.41
C CYS A 2336 -20.56 30.56 -14.97
N ARG A 2337 -20.67 29.64 -15.93
CA ARG A 2337 -20.69 28.24 -15.58
C ARG A 2337 -19.38 27.80 -14.94
N LEU A 2338 -18.29 28.50 -15.28
CA LEU A 2338 -17.03 28.20 -14.61
C LEU A 2338 -17.10 28.58 -13.14
N MET A 2339 -17.70 29.72 -12.83
CA MET A 2339 -17.85 30.10 -11.43
C MET A 2339 -18.74 29.09 -10.71
N GLU A 2340 -19.70 28.53 -11.43
CA GLU A 2340 -20.50 27.44 -10.84
C GLU A 2340 -19.62 26.25 -10.48
N PHE A 2341 -18.81 25.81 -11.44
CA PHE A 2341 -17.87 24.72 -11.16
C PHE A 2341 -16.97 25.07 -9.98
N ASN A 2342 -16.53 26.33 -9.92
CA ASN A 2342 -15.61 26.73 -8.86
C ASN A 2342 -16.31 26.76 -7.51
N SER A 2343 -17.61 27.05 -7.50
CA SER A 2343 -18.36 26.98 -6.26
C SER A 2343 -18.53 25.53 -5.82
N LEU A 2344 -18.73 24.63 -6.77
CA LEU A 2344 -18.74 23.21 -6.43
C LEU A 2344 -17.40 22.80 -5.85
N ILE A 2345 -16.31 23.34 -6.39
CA ILE A 2345 -14.99 23.01 -5.88
C ILE A 2345 -14.81 23.58 -4.47
N ASN A 2346 -15.27 24.82 -4.26
CA ASN A 2346 -15.18 25.41 -2.93
C ASN A 2346 -15.98 24.58 -1.93
N LYS A 2347 -17.09 23.98 -2.39
CA LYS A 2347 -17.79 23.02 -1.55
C LYS A 2347 -16.91 21.85 -1.21
N CYS A 2348 -16.45 21.12 -2.23
CA CYS A 2348 -15.66 19.93 -2.00
C CYS A 2348 -14.47 20.21 -1.10
N LEU A 2349 -13.94 21.43 -1.15
CA LEU A 2349 -12.81 21.80 -0.32
C LEU A 2349 -13.25 22.08 1.11
N ARG A 2350 -14.41 22.71 1.27
CA ARG A 2350 -14.91 23.00 2.60
C ARG A 2350 -15.18 21.73 3.39
N LYS A 2351 -15.69 20.70 2.71
CA LYS A 2351 -15.97 19.44 3.39
C LYS A 2351 -14.71 18.69 3.74
N ASP A 2352 -13.73 18.69 2.83
CA ASP A 2352 -12.50 17.95 3.05
C ASP A 2352 -11.72 18.58 4.20
N ALA A 2353 -11.11 17.73 5.02
CA ALA A 2353 -10.49 18.22 6.24
C ALA A 2353 -9.12 18.83 5.98
N GLU A 2354 -8.27 18.14 5.22
CA GLU A 2354 -6.97 18.70 4.88
C GLU A 2354 -7.13 20.06 4.24
N SER A 2355 -7.95 20.14 3.21
CA SER A 2355 -8.16 21.40 2.50
C SER A 2355 -8.60 22.50 3.45
N ARG A 2356 -9.56 22.22 4.33
CA ARG A 2356 -10.13 23.27 5.15
C ARG A 2356 -9.17 23.67 6.26
N ARG A 2357 -8.43 22.71 6.80
CA ARG A 2357 -7.35 23.05 7.72
C ARG A 2357 -6.37 23.98 7.04
N ARG A 2358 -6.18 23.81 5.74
CA ARG A 2358 -5.32 24.73 4.99
C ARG A 2358 -6.09 25.97 4.57
N GLU A 2359 -7.41 25.94 4.70
CA GLU A 2359 -8.29 27.04 4.31
C GLU A 2359 -8.34 27.21 2.80
N LEU A 2360 -8.07 26.15 2.05
CA LEU A 2360 -8.13 26.24 0.60
C LEU A 2360 -9.48 26.76 0.16
N HIS A 2361 -9.49 27.50 -0.94
CA HIS A 2361 -10.70 28.11 -1.45
C HIS A 2361 -10.39 28.74 -2.80
N ILE A 2362 -11.21 28.41 -3.80
CA ILE A 2362 -11.06 29.01 -5.15
C ILE A 2362 -11.89 30.28 -5.03
N ARG A 2363 -11.25 31.45 -5.06
CA ARG A 2363 -12.03 32.68 -4.79
C ARG A 2363 -13.09 32.71 -5.87
N THR A 2364 -14.33 33.02 -5.51
CA THR A 2364 -15.44 32.95 -6.44
C THR A 2364 -16.27 34.20 -6.35
N TYR A 2365 -16.75 34.68 -7.47
CA TYR A 2365 -17.62 35.86 -7.55
C TYR A 2365 -18.62 35.56 -8.62
N ALA A 2366 -19.56 36.46 -8.86
CA ALA A 2366 -20.63 36.26 -9.82
C ALA A 2366 -20.23 36.78 -11.19
N VAL A 2367 -20.58 36.01 -12.22
CA VAL A 2367 -20.39 36.38 -13.61
C VAL A 2367 -21.73 36.22 -14.31
N ILE A 2368 -22.50 37.29 -14.38
CA ILE A 2368 -23.85 37.27 -14.92
C ILE A 2368 -23.83 37.93 -16.28
N PRO A 2369 -24.17 37.22 -17.35
CA PRO A 2369 -24.29 37.87 -18.65
C PRO A 2369 -25.63 38.53 -18.87
N LEU A 2370 -25.63 39.85 -18.97
CA LEU A 2370 -26.84 40.56 -19.36
C LEU A 2370 -27.13 40.39 -20.84
N ASN A 2371 -26.19 39.77 -21.57
CA ASN A 2371 -26.30 39.55 -23.00
C ASN A 2371 -25.20 38.58 -23.40
N ASP A 2372 -25.13 38.29 -24.69
CA ASP A 2372 -24.00 37.53 -25.21
C ASP A 2372 -22.73 38.38 -25.21
N GLU A 2373 -22.87 39.70 -25.25
CA GLU A 2373 -21.70 40.57 -25.32
C GLU A 2373 -21.28 41.06 -23.94
N CYS A 2374 -22.25 41.43 -23.13
CA CYS A 2374 -21.98 41.99 -21.81
C CYS A 2374 -22.27 40.95 -20.74
N GLY A 2375 -21.65 41.14 -19.58
CA GLY A 2375 -22.12 40.53 -18.35
C GLY A 2375 -21.89 41.53 -17.23
N ILE A 2376 -22.32 41.17 -16.03
CA ILE A 2376 -22.07 42.05 -14.91
C ILE A 2376 -21.37 41.28 -13.81
N ILE A 2377 -20.04 41.34 -13.82
CA ILE A 2377 -19.26 40.59 -12.85
C ILE A 2377 -19.32 41.28 -11.50
N GLU A 2378 -19.46 40.46 -10.46
CA GLU A 2378 -19.33 40.95 -9.11
C GLU A 2378 -17.89 41.35 -8.83
N TRP A 2379 -17.72 42.44 -8.11
CA TRP A 2379 -16.41 42.97 -7.79
C TRP A 2379 -16.00 42.51 -6.40
N VAL A 2380 -14.86 41.83 -6.31
CA VAL A 2380 -14.26 41.54 -5.02
C VAL A 2380 -13.42 42.74 -4.61
N ASN A 2381 -13.71 43.27 -3.44
CA ASN A 2381 -13.10 44.52 -3.04
C ASN A 2381 -11.67 44.33 -2.58
N ASN A 2382 -10.87 45.36 -2.75
CA ASN A 2382 -9.48 45.38 -2.27
C ASN A 2382 -8.61 44.41 -3.05
N THR A 2383 -8.82 44.35 -4.36
CA THR A 2383 -8.05 43.48 -5.24
C THR A 2383 -7.26 44.34 -6.22
N ALA A 2384 -5.97 44.06 -6.32
CA ALA A 2384 -5.10 44.69 -7.29
C ALA A 2384 -4.34 43.61 -8.05
N GLY A 2385 -4.12 43.86 -9.34
CA GLY A 2385 -3.49 42.86 -10.17
C GLY A 2385 -2.01 42.71 -9.87
N LEU A 2386 -1.44 41.62 -10.35
CA LEU A 2386 -0.02 41.38 -10.13
C LEU A 2386 0.84 42.36 -10.90
N ARG A 2387 0.49 42.62 -12.16
CA ARG A 2387 1.29 43.57 -12.93
C ARG A 2387 1.22 44.98 -12.37
N PRO A 2388 0.06 45.55 -12.07
CA PRO A 2388 0.05 46.87 -11.46
C PRO A 2388 0.83 46.93 -10.15
N ILE A 2389 0.66 45.91 -9.32
CA ILE A 2389 1.37 45.86 -8.05
C ILE A 2389 2.87 45.91 -8.28
N LEU A 2390 3.37 44.96 -9.06
CA LEU A 2390 4.80 44.84 -9.25
C LEU A 2390 5.36 46.06 -9.97
N THR A 2391 4.57 46.66 -10.85
CA THR A 2391 5.04 47.87 -11.51
C THR A 2391 5.15 49.02 -10.52
N LYS A 2392 4.17 49.17 -9.64
CA LYS A 2392 4.26 50.19 -8.61
C LYS A 2392 5.50 49.98 -7.75
N LEU A 2393 5.75 48.73 -7.37
CA LEU A 2393 6.90 48.45 -6.52
C LEU A 2393 8.21 48.70 -7.24
N TYR A 2394 8.30 48.26 -8.50
CA TYR A 2394 9.50 48.51 -9.28
C TYR A 2394 9.75 50.00 -9.42
N LYS A 2395 8.69 50.77 -9.67
CA LYS A 2395 8.85 52.21 -9.73
C LYS A 2395 9.38 52.76 -8.43
N GLU A 2396 8.77 52.41 -7.31
CA GLU A 2396 9.31 52.79 -6.01
C GLU A 2396 10.77 52.40 -5.89
N LYS A 2397 11.11 51.19 -6.35
CA LYS A 2397 12.51 50.77 -6.32
C LYS A 2397 13.34 51.55 -7.32
N GLY A 2398 12.69 52.12 -8.33
CA GLY A 2398 13.36 52.91 -9.34
C GLY A 2398 13.76 52.15 -10.58
N VAL A 2399 13.81 50.83 -10.53
CA VAL A 2399 14.14 50.01 -11.69
C VAL A 2399 12.84 49.74 -12.43
N TYR A 2400 12.83 50.00 -13.73
CA TYR A 2400 11.63 49.82 -14.52
C TYR A 2400 12.02 49.65 -15.99
N MET A 2401 11.16 48.93 -16.71
CA MET A 2401 11.37 48.65 -18.12
C MET A 2401 10.30 49.37 -18.92
N THR A 2402 10.73 50.37 -19.69
CA THR A 2402 9.80 51.09 -20.54
C THR A 2402 9.39 50.25 -21.73
N GLY A 2403 8.27 50.64 -22.36
CA GLY A 2403 7.78 49.90 -23.50
C GLY A 2403 8.83 49.73 -24.59
N LYS A 2404 9.68 50.73 -24.77
CA LYS A 2404 10.69 50.65 -25.82
C LYS A 2404 11.72 49.57 -25.52
N GLU A 2405 12.25 49.55 -24.30
CA GLU A 2405 13.15 48.48 -23.90
C GLU A 2405 12.48 47.13 -24.10
N LEU A 2406 11.19 47.03 -23.79
CA LEU A 2406 10.48 45.77 -23.93
C LEU A 2406 10.38 45.36 -25.38
N ARG A 2407 10.15 46.32 -26.27
CA ARG A 2407 10.07 46.00 -27.69
C ARG A 2407 11.43 45.56 -28.22
N GLN A 2408 12.49 46.21 -27.75
CA GLN A 2408 13.83 45.79 -28.15
C GLN A 2408 14.14 44.39 -27.66
N CYS A 2409 13.69 44.06 -26.45
CA CYS A 2409 13.96 42.74 -25.89
C CYS A 2409 13.14 41.66 -26.60
N MET A 2410 12.06 42.05 -27.26
CA MET A 2410 11.23 41.09 -27.98
C MET A 2410 12.03 40.48 -29.12
N LEU A 2411 11.92 39.17 -29.27
CA LEU A 2411 12.53 38.46 -30.38
C LEU A 2411 11.48 38.16 -31.43
N PRO A 2412 11.89 37.86 -32.65
CA PRO A 2412 10.92 37.42 -33.66
C PRO A 2412 10.23 36.14 -33.22
N LYS A 2413 8.92 36.09 -33.46
CA LYS A 2413 8.13 34.93 -33.05
C LYS A 2413 8.82 33.64 -33.45
N SER A 2414 9.44 33.61 -34.63
CA SER A 2414 10.26 32.48 -35.05
C SER A 2414 11.71 32.80 -34.68
N ALA A 2415 12.22 32.14 -33.66
CA ALA A 2415 13.56 32.42 -33.17
C ALA A 2415 14.07 31.22 -32.38
N ALA A 2416 15.38 31.20 -32.17
CA ALA A 2416 15.98 30.13 -31.39
C ALA A 2416 15.52 30.21 -29.95
N LEU A 2417 14.92 29.12 -29.47
CA LEU A 2417 14.55 29.05 -28.06
C LEU A 2417 15.71 29.49 -27.17
N SER A 2418 16.92 29.06 -27.50
CA SER A 2418 18.08 29.46 -26.72
C SER A 2418 18.28 30.96 -26.76
N GLU A 2419 17.98 31.60 -27.89
CA GLU A 2419 18.15 33.04 -27.98
C GLU A 2419 17.11 33.77 -27.15
N LYS A 2420 15.85 33.36 -27.26
CA LYS A 2420 14.80 33.94 -26.43
C LYS A 2420 15.16 33.80 -24.96
N LEU A 2421 15.68 32.64 -24.56
CA LEU A 2421 16.07 32.43 -23.18
C LEU A 2421 17.23 33.34 -22.79
N LYS A 2422 18.22 33.46 -23.68
CA LYS A 2422 19.36 34.32 -23.39
C LYS A 2422 18.90 35.73 -23.12
N VAL A 2423 17.97 36.22 -23.94
CA VAL A 2423 17.47 37.59 -23.79
C VAL A 2423 16.62 37.73 -22.54
N PHE A 2424 15.82 36.70 -22.25
CA PHE A 2424 14.90 36.79 -21.11
C PHE A 2424 15.65 36.63 -19.80
N ARG A 2425 16.86 36.07 -19.85
CA ARG A 2425 17.65 35.92 -18.63
C ARG A 2425 18.66 37.05 -18.47
N GLU A 2426 19.10 37.63 -19.59
CA GLU A 2426 20.18 38.61 -19.53
C GLU A 2426 19.63 40.02 -19.26
N PHE A 2427 18.46 40.32 -19.80
CA PHE A 2427 17.91 41.67 -19.72
C PHE A 2427 16.60 41.74 -18.96
N LEU A 2428 15.64 40.86 -19.25
CA LEU A 2428 14.32 40.97 -18.65
C LEU A 2428 14.37 40.65 -17.16
N LEU A 2429 14.81 39.44 -16.82
CA LEU A 2429 14.79 39.00 -15.44
C LEU A 2429 15.59 39.94 -14.55
N PRO A 2430 16.82 40.29 -14.92
CA PRO A 2430 17.60 41.18 -14.05
C PRO A 2430 16.94 42.54 -13.84
N ARG A 2431 16.46 43.16 -14.92
CA ARG A 2431 15.75 44.42 -14.77
C ARG A 2431 14.54 44.27 -13.86
N HIS A 2432 14.00 43.05 -13.76
CA HIS A 2432 12.80 42.78 -12.99
C HIS A 2432 13.11 41.83 -11.86
N PRO A 2433 13.77 42.27 -10.80
CA PRO A 2433 14.10 41.38 -9.70
C PRO A 2433 12.86 41.03 -8.90
N PRO A 2434 13.00 40.19 -7.88
CA PRO A 2434 11.85 39.80 -7.04
C PRO A 2434 11.59 40.81 -5.94
N ILE A 2435 10.33 41.23 -5.82
CA ILE A 2435 9.92 42.23 -4.84
C ILE A 2435 8.61 41.86 -4.15
N PHE A 2436 7.87 40.90 -4.68
CA PHE A 2436 6.52 40.60 -4.18
C PHE A 2436 6.50 40.54 -2.65
N HIS A 2437 7.54 39.99 -2.06
CA HIS A 2437 7.60 39.93 -0.60
C HIS A 2437 7.52 41.32 0.00
N GLU A 2438 8.02 42.32 -0.72
CA GLU A 2438 7.88 43.69 -0.24
C GLU A 2438 6.42 44.11 -0.24
N TRP A 2439 5.64 43.64 -1.22
CA TRP A 2439 4.21 43.92 -1.19
C TRP A 2439 3.58 43.29 0.03
N PHE A 2440 3.94 42.05 0.33
CA PHE A 2440 3.36 41.39 1.49
C PHE A 2440 3.74 42.13 2.77
N LEU A 2441 4.96 42.65 2.83
CA LEU A 2441 5.41 43.34 4.04
C LEU A 2441 4.78 44.71 4.17
N ARG A 2442 4.42 45.32 3.04
CA ARG A 2442 3.88 46.67 3.08
C ARG A 2442 2.38 46.65 3.39
N THR A 2443 1.65 45.70 2.81
CA THR A 2443 0.21 45.67 2.99
C THR A 2443 -0.16 45.04 4.33
N PHE A 2444 0.67 44.13 4.82
CA PHE A 2444 0.40 43.40 6.06
C PHE A 2444 1.54 43.66 7.03
N PRO A 2445 1.58 44.85 7.63
CA PRO A 2445 2.66 45.14 8.58
C PRO A 2445 2.62 44.22 9.78
N ASP A 2446 1.44 43.92 10.28
CA ASP A 2446 1.34 43.02 11.42
C ASP A 2446 1.97 41.67 11.06
N PRO A 2447 2.89 41.17 11.87
CA PRO A 2447 3.52 39.88 11.54
C PRO A 2447 2.51 38.76 11.39
N THR A 2448 1.60 38.62 12.36
CA THR A 2448 0.62 37.56 12.29
C THR A 2448 -0.22 37.67 11.02
N SER A 2449 -0.74 38.85 10.75
CA SER A 2449 -1.50 39.06 9.52
C SER A 2449 -0.63 38.77 8.31
N TRP A 2450 0.65 39.12 8.39
CA TRP A 2450 1.53 38.89 7.24
C TRP A 2450 1.65 37.41 6.95
N TYR A 2451 1.91 36.61 7.98
CA TYR A 2451 2.05 35.17 7.75
C TYR A 2451 0.74 34.57 7.28
N SER A 2452 -0.37 35.00 7.87
CA SER A 2452 -1.65 34.49 7.44
C SER A 2452 -1.89 34.78 5.96
N SER A 2453 -1.63 36.02 5.54
CA SER A 2453 -1.92 36.39 4.17
C SER A 2453 -0.93 35.77 3.20
N ARG A 2454 0.32 35.62 3.60
CA ARG A 2454 1.29 34.94 2.74
C ARG A 2454 0.91 33.48 2.56
N SER A 2455 0.57 32.79 3.64
CA SER A 2455 0.14 31.41 3.53
C SER A 2455 -1.11 31.30 2.68
N ALA A 2456 -2.02 32.27 2.80
CA ALA A 2456 -3.23 32.23 2.00
C ALA A 2456 -2.96 32.50 0.54
N TYR A 2457 -1.92 33.29 0.27
CA TYR A 2457 -1.50 33.51 -1.11
C TYR A 2457 -0.95 32.23 -1.70
N CYS A 2458 -0.11 31.55 -0.95
CA CYS A 2458 0.44 30.28 -1.40
C CYS A 2458 -0.67 29.26 -1.62
N ARG A 2459 -1.64 29.23 -0.72
CA ARG A 2459 -2.63 28.16 -0.72
C ARG A 2459 -3.78 28.47 -1.66
N SER A 2460 -3.93 29.73 -2.07
CA SER A 2460 -5.02 30.08 -2.97
C SER A 2460 -4.59 30.05 -4.42
N THR A 2461 -3.35 30.46 -4.69
CA THR A 2461 -2.82 30.35 -6.04
C THR A 2461 -2.50 28.90 -6.37
N ALA A 2462 -2.23 28.09 -5.34
CA ALA A 2462 -2.13 26.66 -5.55
C ALA A 2462 -3.46 26.09 -6.04
N VAL A 2463 -4.51 26.31 -5.27
CA VAL A 2463 -5.84 25.84 -5.65
C VAL A 2463 -6.15 26.25 -7.08
N MET A 2464 -6.03 27.54 -7.38
CA MET A 2464 -6.50 28.05 -8.66
C MET A 2464 -5.54 27.69 -9.77
N SER A 2465 -4.29 27.41 -9.44
CA SER A 2465 -3.37 26.90 -10.44
C SER A 2465 -3.75 25.51 -10.88
N MET A 2466 -3.88 24.59 -9.92
CA MET A 2466 -4.31 23.24 -10.25
C MET A 2466 -5.73 23.23 -10.82
N VAL A 2467 -6.64 23.97 -10.20
CA VAL A 2467 -7.98 24.09 -10.77
C VAL A 2467 -7.90 24.51 -12.22
N GLY A 2468 -6.96 25.39 -12.53
CA GLY A 2468 -6.83 25.87 -13.90
C GLY A 2468 -6.22 24.84 -14.82
N TYR A 2469 -5.13 24.23 -14.38
CA TYR A 2469 -4.51 23.17 -15.19
C TYR A 2469 -5.53 22.10 -15.54
N ILE A 2470 -6.34 21.72 -14.56
CA ILE A 2470 -7.43 20.77 -14.83
C ILE A 2470 -8.36 21.35 -15.87
N LEU A 2471 -8.78 22.60 -15.68
CA LEU A 2471 -9.69 23.25 -16.61
C LEU A 2471 -9.00 23.76 -17.85
N GLY A 2472 -7.74 23.41 -18.07
CA GLY A 2472 -7.03 23.94 -19.22
C GLY A 2472 -7.06 25.44 -19.23
N LEU A 2473 -6.75 26.07 -18.10
CA LEU A 2473 -6.89 27.52 -17.99
C LEU A 2473 -5.68 28.22 -18.59
N GLY A 2474 -5.96 29.27 -19.37
CA GLY A 2474 -4.90 30.03 -20.00
C GLY A 2474 -5.19 31.51 -19.92
N ASP A 2475 -4.30 32.28 -20.53
CA ASP A 2475 -4.39 33.73 -20.54
C ASP A 2475 -4.24 34.29 -19.13
N ARG A 2476 -3.40 33.62 -18.33
CA ARG A 2476 -3.15 34.02 -16.95
C ARG A 2476 -2.11 35.13 -16.90
N HIS A 2477 -2.36 36.17 -17.68
CA HIS A 2477 -1.46 37.31 -17.65
C HIS A 2477 -1.60 38.06 -16.33
N GLY A 2478 -0.68 38.99 -16.11
CA GLY A 2478 -0.56 39.60 -14.80
C GLY A 2478 -1.82 40.33 -14.37
N GLU A 2479 -2.53 40.92 -15.32
CA GLU A 2479 -3.69 41.73 -14.97
C GLU A 2479 -4.91 40.85 -14.71
N ASN A 2480 -4.85 39.59 -15.11
CA ASN A 2480 -5.96 38.69 -14.84
C ASN A 2480 -5.83 38.05 -13.46
N ILE A 2481 -4.60 37.75 -13.04
CA ILE A 2481 -4.37 37.37 -11.66
C ILE A 2481 -4.53 38.60 -10.78
N LEU A 2482 -5.23 38.44 -9.67
CA LEU A 2482 -5.51 39.53 -8.77
C LEU A 2482 -5.35 39.06 -7.34
N PHE A 2483 -4.83 39.94 -6.50
CA PHE A 2483 -4.48 39.60 -5.13
C PHE A 2483 -5.21 40.53 -4.18
N ASP A 2484 -5.76 39.97 -3.11
CA ASP A 2484 -6.56 40.73 -2.18
C ASP A 2484 -5.68 41.38 -1.14
N SER A 2485 -5.82 42.70 -0.99
CA SER A 2485 -4.95 43.43 -0.08
C SER A 2485 -5.21 43.08 1.38
N LEU A 2486 -6.35 42.44 1.65
CA LEU A 2486 -6.72 42.18 3.04
C LEU A 2486 -6.29 40.79 3.48
N THR A 2487 -6.49 39.78 2.63
CA THR A 2487 -6.22 38.40 2.98
C THR A 2487 -5.13 37.75 2.15
N GLY A 2488 -4.64 38.43 1.11
CA GLY A 2488 -3.58 37.87 0.30
C GLY A 2488 -4.01 36.81 -0.67
N GLU A 2489 -5.26 36.39 -0.63
CA GLU A 2489 -5.75 35.40 -1.56
C GLU A 2489 -5.71 35.95 -2.99
N CYS A 2490 -5.60 35.03 -3.93
CA CYS A 2490 -5.64 35.37 -5.35
C CYS A 2490 -7.04 35.10 -5.88
N VAL A 2491 -7.45 35.88 -6.87
CA VAL A 2491 -8.77 35.78 -7.47
C VAL A 2491 -8.61 35.95 -8.97
N HIS A 2492 -8.80 34.87 -9.71
CA HIS A 2492 -8.58 34.91 -11.15
C HIS A 2492 -9.77 35.53 -11.87
N VAL A 2493 -9.52 35.98 -13.09
CA VAL A 2493 -10.53 36.63 -13.91
C VAL A 2493 -10.26 36.34 -15.38
N ASP A 2494 -11.17 36.82 -16.23
CA ASP A 2494 -11.04 36.72 -17.68
C ASP A 2494 -10.87 35.26 -18.11
N PHE A 2495 -11.84 34.43 -17.74
CA PHE A 2495 -11.80 33.02 -18.11
C PHE A 2495 -12.34 32.80 -19.51
N ASN A 2496 -11.82 33.54 -20.48
CA ASN A 2496 -12.24 33.34 -21.86
C ASN A 2496 -11.47 32.19 -22.50
N CYS A 2497 -10.21 32.03 -22.13
CA CYS A 2497 -9.38 30.95 -22.63
C CYS A 2497 -9.46 29.78 -21.66
N LEU A 2498 -10.28 28.80 -21.99
CA LEU A 2498 -10.45 27.64 -21.14
C LEU A 2498 -10.26 26.38 -21.98
N PHE A 2499 -9.73 25.35 -21.33
CA PHE A 2499 -9.52 24.06 -21.96
C PHE A 2499 -8.46 24.14 -23.04
N ASN A 2500 -7.32 24.73 -22.72
CA ASN A 2500 -6.17 24.68 -23.59
C ASN A 2500 -6.43 25.42 -24.90
N LYS A 2501 -7.36 26.37 -24.89
CA LYS A 2501 -7.53 27.25 -26.03
C LYS A 2501 -6.31 28.14 -26.20
N GLY A 2502 -5.52 28.29 -25.13
CA GLY A 2502 -4.33 29.12 -25.22
C GLY A 2502 -3.28 28.54 -26.12
N GLU A 2503 -3.07 27.21 -26.04
CA GLU A 2503 -2.10 26.56 -26.89
C GLU A 2503 -2.39 26.81 -28.36
N THR A 2504 -3.61 27.27 -28.67
CA THR A 2504 -3.95 27.61 -30.04
C THR A 2504 -3.55 29.04 -30.37
N PHE A 2505 -3.31 29.87 -29.35
CA PHE A 2505 -2.90 31.23 -29.60
C PHE A 2505 -1.63 31.25 -30.45
N GLU A 2506 -1.47 32.34 -31.21
CA GLU A 2506 -0.29 32.46 -32.07
C GLU A 2506 0.98 32.20 -31.29
N VAL A 2507 1.04 32.68 -30.05
CA VAL A 2507 2.16 32.40 -29.16
C VAL A 2507 1.70 31.31 -28.19
N PRO A 2508 1.95 30.04 -28.49
CA PRO A 2508 1.36 28.97 -27.69
C PRO A 2508 1.71 29.09 -26.22
N GLU A 2509 0.78 28.65 -25.39
CA GLU A 2509 0.97 28.61 -23.95
C GLU A 2509 1.61 27.28 -23.56
N ILE A 2510 2.87 27.32 -23.16
CA ILE A 2510 3.56 26.14 -22.70
C ILE A 2510 3.51 25.98 -21.19
N VAL A 2511 3.14 27.03 -20.48
CA VAL A 2511 3.07 27.02 -19.02
C VAL A 2511 1.68 26.57 -18.63
N PRO A 2512 1.53 25.48 -17.87
CA PRO A 2512 0.18 25.07 -17.45
C PRO A 2512 -0.50 26.14 -16.62
N PHE A 2513 0.22 26.70 -15.66
CA PHE A 2513 -0.29 27.83 -14.90
C PHE A 2513 0.85 28.83 -14.70
N ARG A 2514 0.58 29.84 -13.88
CA ARG A 2514 1.53 30.92 -13.68
C ARG A 2514 2.22 30.79 -12.34
N LEU A 2515 3.50 30.43 -12.36
CA LEU A 2515 4.38 30.52 -11.20
C LEU A 2515 5.64 31.25 -11.67
N THR A 2516 5.61 32.58 -11.59
CA THR A 2516 6.75 33.38 -11.98
C THR A 2516 7.64 33.67 -10.77
N HIS A 2517 8.87 34.09 -11.06
CA HIS A 2517 9.85 34.23 -9.99
C HIS A 2517 9.39 35.23 -8.94
N ASN A 2518 8.65 36.25 -9.35
CA ASN A 2518 8.03 37.13 -8.37
C ASN A 2518 7.00 36.36 -7.56
N MET A 2519 6.11 35.65 -8.24
CA MET A 2519 5.08 34.90 -7.54
C MET A 2519 5.70 33.90 -6.57
N VAL A 2520 6.88 33.39 -6.89
CA VAL A 2520 7.55 32.47 -5.98
C VAL A 2520 8.16 33.23 -4.81
N ASN A 2521 8.73 34.40 -5.10
CA ASN A 2521 9.41 35.14 -4.04
C ASN A 2521 8.44 35.52 -2.94
N GLY A 2522 7.16 35.61 -3.27
CA GLY A 2522 6.17 35.88 -2.25
C GLY A 2522 5.92 34.68 -1.37
N MET A 2523 5.96 33.49 -1.94
CA MET A 2523 5.73 32.27 -1.17
C MET A 2523 6.75 32.15 -0.06
N GLY A 2524 7.93 32.74 -0.24
CA GLY A 2524 8.96 32.70 0.75
C GLY A 2524 10.29 32.23 0.20
N PRO A 2525 11.28 32.07 1.07
CA PRO A 2525 12.58 31.56 0.62
C PRO A 2525 12.51 30.13 0.16
N MET A 2526 11.79 29.28 0.90
CA MET A 2526 11.60 27.90 0.48
C MET A 2526 10.97 27.85 -0.91
N GLY A 2527 10.16 28.86 -1.23
CA GLY A 2527 9.57 28.92 -2.55
C GLY A 2527 8.41 27.95 -2.69
N THR A 2528 8.32 27.35 -3.88
CA THR A 2528 7.26 26.40 -4.14
C THR A 2528 7.22 25.32 -3.08
N GLU A 2529 8.34 24.67 -2.82
CA GLU A 2529 8.39 23.66 -1.79
C GLU A 2529 7.95 24.25 -0.46
N GLY A 2530 6.94 23.64 0.14
CA GLY A 2530 6.39 24.13 1.39
C GLY A 2530 4.88 24.12 1.41
N LEU A 2531 4.29 25.29 1.63
CA LEU A 2531 2.84 25.38 1.70
C LEU A 2531 2.22 25.21 0.33
N PHE A 2532 2.74 25.92 -0.66
CA PHE A 2532 2.12 25.91 -1.98
C PHE A 2532 2.10 24.52 -2.57
N ARG A 2533 3.23 23.81 -2.51
CA ARG A 2533 3.29 22.49 -3.12
C ARG A 2533 2.31 21.53 -2.47
N ARG A 2534 2.26 21.51 -1.14
CA ARG A 2534 1.39 20.55 -0.49
C ARG A 2534 -0.07 20.94 -0.66
N ALA A 2535 -0.34 22.23 -0.82
CA ALA A 2535 -1.71 22.65 -1.11
C ALA A 2535 -2.12 22.21 -2.51
N CYS A 2536 -1.21 22.34 -3.47
CA CYS A 2536 -1.47 21.79 -4.80
C CYS A 2536 -1.75 20.30 -4.70
N GLU A 2537 -0.94 19.58 -3.93
CA GLU A 2537 -1.16 18.15 -3.78
C GLU A 2537 -2.53 17.86 -3.19
N VAL A 2538 -2.89 18.59 -2.15
CA VAL A 2538 -4.16 18.37 -1.48
C VAL A 2538 -5.33 18.60 -2.44
N THR A 2539 -5.30 19.73 -3.15
CA THR A 2539 -6.42 20.05 -4.01
C THR A 2539 -6.48 19.10 -5.20
N MET A 2540 -5.33 18.66 -5.70
CA MET A 2540 -5.34 17.67 -6.76
C MET A 2540 -5.89 16.35 -6.26
N ARG A 2541 -5.59 16.01 -5.01
CA ARG A 2541 -6.16 14.80 -4.43
C ARG A 2541 -7.67 14.91 -4.31
N LEU A 2542 -8.16 16.07 -3.87
CA LEU A 2542 -9.59 16.26 -3.80
C LEU A 2542 -10.22 16.15 -5.18
N MET A 2543 -9.67 16.88 -6.14
CA MET A 2543 -10.19 16.82 -7.51
C MET A 2543 -10.20 15.40 -8.04
N ARG A 2544 -9.19 14.61 -7.66
CA ARG A 2544 -9.08 13.25 -8.16
C ARG A 2544 -10.09 12.33 -7.49
N ASP A 2545 -10.35 12.55 -6.21
CA ASP A 2545 -11.34 11.75 -5.50
C ASP A 2545 -12.74 12.14 -5.94
N GLN A 2546 -12.98 13.44 -6.13
CA GLN A 2546 -14.23 13.94 -6.67
C GLN A 2546 -14.17 14.08 -8.18
N ARG A 2547 -13.37 13.24 -8.83
CA ARG A 2547 -13.27 13.25 -10.29
C ARG A 2547 -14.63 13.13 -10.94
N GLU A 2548 -15.50 12.29 -10.39
CA GLU A 2548 -16.75 11.97 -11.07
C GLU A 2548 -17.74 13.12 -11.06
N PRO A 2549 -18.04 13.74 -9.93
CA PRO A 2549 -18.93 14.91 -9.98
C PRO A 2549 -18.39 16.04 -10.83
N LEU A 2550 -17.10 16.34 -10.67
CA LEU A 2550 -16.48 17.38 -11.47
C LEU A 2550 -16.62 17.09 -12.95
N MET A 2551 -16.29 15.86 -13.37
CA MET A 2551 -16.40 15.51 -14.78
C MET A 2551 -17.85 15.58 -15.24
N SER A 2552 -18.79 15.20 -14.38
CA SER A 2552 -20.19 15.19 -14.79
C SER A 2552 -20.70 16.60 -15.00
N VAL A 2553 -20.29 17.53 -14.15
CA VAL A 2553 -20.73 18.91 -14.31
C VAL A 2553 -20.01 19.56 -15.49
N LEU A 2554 -18.75 19.18 -15.71
CA LEU A 2554 -17.99 19.78 -16.80
C LEU A 2554 -18.54 19.34 -18.16
N LYS A 2555 -18.86 18.06 -18.29
CA LYS A 2555 -19.42 17.58 -19.55
C LYS A 2555 -20.68 18.36 -19.91
N THR A 2556 -21.34 18.92 -18.90
CA THR A 2556 -22.44 19.85 -19.16
C THR A 2556 -21.91 21.23 -19.53
N PHE A 2557 -20.65 21.50 -19.19
CA PHE A 2557 -20.06 22.78 -19.58
C PHE A 2557 -19.41 22.69 -20.95
N LEU A 2558 -18.69 21.61 -21.20
CA LEU A 2558 -18.03 21.45 -22.50
C LEU A 2558 -19.05 21.38 -23.63
N HIS A 2559 -20.17 20.71 -23.40
CA HIS A 2559 -21.19 20.51 -24.41
C HIS A 2559 -22.26 21.59 -24.37
N ASP A 2560 -22.05 22.65 -23.60
CA ASP A 2560 -23.07 23.70 -23.51
C ASP A 2560 -23.25 24.35 -24.88
N PRO A 2561 -24.43 24.25 -25.49
CA PRO A 2561 -24.62 24.89 -26.79
C PRO A 2561 -24.65 26.40 -26.74
N LEU A 2562 -25.21 26.97 -25.68
CA LEU A 2562 -25.38 28.43 -25.65
C LEU A 2562 -24.05 29.15 -25.69
N VAL A 2563 -23.06 28.65 -24.95
CA VAL A 2563 -21.81 29.35 -24.81
C VAL A 2563 -21.12 29.43 -26.16
N GLU A 2564 -20.49 30.57 -26.43
CA GLU A 2564 -19.86 30.85 -27.72
C GLU A 2564 -18.51 30.14 -27.77
N TRP A 2565 -18.58 28.83 -27.96
CA TRP A 2565 -17.36 28.03 -28.01
C TRP A 2565 -16.50 28.42 -29.19
N SER A 2566 -17.12 28.88 -30.27
CA SER A 2566 -16.42 29.16 -31.51
C SER A 2566 -16.43 30.68 -31.73
N LYS A 2567 -15.44 31.36 -31.17
CA LYS A 2567 -15.44 32.82 -31.16
C LYS A 2567 -15.68 33.43 -32.54
N PRO A 2568 -15.05 32.97 -33.62
CA PRO A 2568 -15.28 33.60 -34.91
C PRO A 2568 -16.76 33.66 -35.27
N VAL A 2569 -17.08 34.51 -36.24
CA VAL A 2569 -18.48 34.80 -36.57
C VAL A 2569 -19.11 33.64 -37.34
N LYS A 2570 -18.30 32.92 -38.12
CA LYS A 2570 -18.82 31.91 -39.05
C LYS A 2570 -19.82 32.55 -40.01
N GLY A 2571 -19.39 33.64 -40.65
CA GLY A 2571 -20.29 34.41 -41.47
C GLY A 2571 -21.50 34.87 -40.69
N HIS A 2572 -21.27 35.66 -39.65
CA HIS A 2572 -22.32 36.09 -38.72
C HIS A 2572 -23.28 34.94 -38.42
N SER A 2573 -22.72 33.77 -38.16
CA SER A 2573 -23.54 32.60 -37.85
C SER A 2573 -24.56 32.92 -36.76
N LYS A 2574 -24.10 33.57 -35.69
CA LYS A 2574 -24.98 33.81 -34.55
C LYS A 2574 -26.28 34.47 -34.97
N ALA A 2575 -26.22 35.30 -35.99
CA ALA A 2575 -27.42 35.82 -36.64
C ALA A 2575 -27.94 34.78 -37.62
N PRO A 2576 -27.05 34.18 -38.43
CA PRO A 2576 -27.47 33.25 -39.50
C PRO A 2576 -27.54 31.78 -39.06
N LEU A 2577 -28.37 31.53 -38.05
CA LEU A 2577 -28.81 30.18 -37.72
C LEU A 2577 -30.29 30.09 -38.05
N ASN A 2578 -30.64 29.17 -38.97
CA ASN A 2578 -32.02 29.11 -39.42
C ASN A 2578 -32.98 28.87 -38.25
N GLU A 2579 -32.75 27.80 -37.48
CA GLU A 2579 -33.64 27.46 -36.38
C GLU A 2579 -32.88 26.95 -35.16
N THR A 2580 -31.64 27.35 -34.97
CA THR A 2580 -30.79 26.79 -33.92
C THR A 2580 -30.15 27.93 -33.13
N GLY A 2581 -30.16 27.79 -31.81
CA GLY A 2581 -29.40 28.66 -30.93
C GLY A 2581 -28.21 27.96 -30.32
N GLU A 2582 -27.91 26.74 -30.75
CA GLU A 2582 -26.85 25.92 -30.20
C GLU A 2582 -25.64 25.96 -31.12
N VAL A 2583 -24.49 26.31 -30.57
CA VAL A 2583 -23.22 26.18 -31.28
C VAL A 2583 -22.48 25.01 -30.65
N VAL A 2584 -22.30 23.95 -31.44
CA VAL A 2584 -21.68 22.74 -30.91
C VAL A 2584 -20.20 22.97 -30.68
N ASN A 2585 -19.67 22.31 -29.66
CA ASN A 2585 -18.25 22.34 -29.35
C ASN A 2585 -17.61 21.14 -30.02
N GLU A 2586 -16.91 21.39 -31.13
CA GLU A 2586 -16.29 20.29 -31.87
C GLU A 2586 -15.22 19.61 -31.04
N LYS A 2587 -14.47 20.39 -30.28
CA LYS A 2587 -13.41 19.86 -29.44
C LYS A 2587 -13.92 19.41 -28.08
N ALA A 2588 -15.21 19.11 -27.98
CA ALA A 2588 -15.80 18.72 -26.71
C ALA A 2588 -15.19 17.44 -26.16
N LYS A 2589 -15.41 16.33 -26.86
CA LYS A 2589 -14.91 15.06 -26.39
C LYS A 2589 -13.42 15.11 -26.09
N THR A 2590 -12.68 15.87 -26.89
CA THR A 2590 -11.24 15.97 -26.68
C THR A 2590 -10.91 16.68 -25.38
N HIS A 2591 -11.56 17.81 -25.12
CA HIS A 2591 -11.35 18.52 -23.88
C HIS A 2591 -11.75 17.65 -22.69
N VAL A 2592 -12.86 16.94 -22.81
CA VAL A 2592 -13.32 16.08 -21.73
C VAL A 2592 -12.29 15.01 -21.45
N LEU A 2593 -11.74 14.40 -22.50
CA LEU A 2593 -10.75 13.36 -22.33
C LEU A 2593 -9.48 13.92 -21.71
N ASP A 2594 -9.03 15.07 -22.17
CA ASP A 2594 -7.82 15.67 -21.62
C ASP A 2594 -8.01 15.98 -20.14
N ILE A 2595 -9.18 16.50 -19.78
CA ILE A 2595 -9.44 16.85 -18.39
C ILE A 2595 -9.50 15.59 -17.53
N GLU A 2596 -10.16 14.54 -18.04
CA GLU A 2596 -10.21 13.30 -17.30
C GLU A 2596 -8.82 12.74 -17.09
N GLN A 2597 -7.94 12.91 -18.08
CA GLN A 2597 -6.55 12.52 -17.90
C GLN A 2597 -5.91 13.35 -16.80
N ARG A 2598 -5.89 14.66 -16.98
CA ARG A 2598 -5.25 15.53 -15.99
C ARG A 2598 -5.73 15.22 -14.59
N LEU A 2599 -6.96 14.74 -14.45
CA LEU A 2599 -7.47 14.37 -13.14
C LEU A 2599 -6.95 13.01 -12.72
N GLN A 2600 -6.90 12.07 -13.65
CA GLN A 2600 -6.41 10.73 -13.33
C GLN A 2600 -4.93 10.73 -13.01
N GLY A 2601 -4.22 11.79 -13.40
CA GLY A 2601 -2.78 11.84 -13.28
C GLY A 2601 -2.05 11.49 -14.55
N VAL A 2602 -2.77 11.30 -15.66
CA VAL A 2602 -2.15 10.99 -16.92
C VAL A 2602 -1.77 12.27 -17.64
N ILE A 2603 -0.65 12.24 -18.35
CA ILE A 2603 -0.22 13.35 -19.20
C ILE A 2603 0.21 12.78 -20.54
N LYS A 2604 -0.28 13.39 -21.61
CA LYS A 2604 0.08 12.94 -22.95
C LYS A 2604 1.52 13.34 -23.25
N THR A 2605 2.35 12.36 -23.56
CA THR A 2605 3.76 12.57 -23.84
C THR A 2605 4.10 12.04 -25.22
N ARG A 2606 4.66 12.91 -26.05
CA ARG A 2606 4.93 12.61 -27.44
C ARG A 2606 6.32 12.02 -27.66
N ASN A 2607 7.12 11.88 -26.60
CA ASN A 2607 8.49 11.41 -26.75
C ASN A 2607 8.55 9.89 -26.77
N ARG A 2608 7.72 9.32 -27.65
CA ARG A 2608 7.67 7.87 -27.87
C ARG A 2608 7.71 7.12 -26.54
N VAL A 2609 6.68 7.33 -25.74
CA VAL A 2609 6.53 6.66 -24.45
C VAL A 2609 5.09 6.19 -24.33
N THR A 2610 4.90 5.01 -23.73
CA THR A 2610 3.56 4.46 -23.59
C THR A 2610 2.73 5.26 -22.61
N GLY A 2611 3.29 5.57 -21.45
CA GLY A 2611 2.61 6.38 -20.46
C GLY A 2611 2.19 5.58 -19.24
N LEU A 2612 2.02 6.30 -18.14
CA LEU A 2612 1.58 5.72 -16.88
C LEU A 2612 1.07 6.84 -15.99
N PRO A 2613 0.04 6.59 -15.18
CA PRO A 2613 -0.51 7.66 -14.34
C PRO A 2613 0.50 8.13 -13.30
N LEU A 2614 0.51 9.42 -13.05
CA LEU A 2614 1.41 10.01 -12.07
C LEU A 2614 0.74 10.15 -10.73
N SER A 2615 1.53 10.01 -9.67
CA SER A 2615 1.03 10.25 -8.34
C SER A 2615 0.84 11.74 -8.12
N ILE A 2616 -0.12 12.07 -7.24
CA ILE A 2616 -0.47 13.46 -7.03
C ILE A 2616 0.76 14.29 -6.71
N GLU A 2617 1.67 13.74 -5.90
CA GLU A 2617 2.91 14.43 -5.60
C GLU A 2617 3.74 14.59 -6.86
N GLY A 2618 3.87 13.53 -7.65
CA GLY A 2618 4.68 13.62 -8.85
C GLY A 2618 4.06 14.49 -9.91
N HIS A 2619 2.73 14.42 -10.04
CA HIS A 2619 2.05 15.31 -10.96
C HIS A 2619 2.26 16.75 -10.57
N VAL A 2620 2.13 17.06 -9.29
CA VAL A 2620 2.35 18.42 -8.83
C VAL A 2620 3.77 18.86 -9.12
N HIS A 2621 4.74 17.99 -8.85
CA HIS A 2621 6.13 18.35 -9.10
C HIS A 2621 6.35 18.64 -10.57
N TYR A 2622 5.80 17.81 -11.45
CA TYR A 2622 5.94 18.04 -12.88
C TYR A 2622 5.31 19.36 -13.26
N LEU A 2623 4.08 19.62 -12.78
CA LEU A 2623 3.42 20.87 -13.09
C LEU A 2623 4.27 22.05 -12.68
N ILE A 2624 4.75 22.05 -11.45
CA ILE A 2624 5.52 23.17 -10.95
C ILE A 2624 6.78 23.35 -11.77
N GLN A 2625 7.59 22.30 -11.89
CA GLN A 2625 8.76 22.35 -12.74
C GLN A 2625 8.44 22.95 -14.10
N GLU A 2626 7.34 22.52 -14.71
CA GLU A 2626 6.99 22.95 -16.05
C GLU A 2626 6.61 24.42 -16.07
N ALA A 2627 6.05 24.92 -14.96
CA ALA A 2627 5.51 26.27 -14.96
C ALA A 2627 6.55 27.29 -14.53
N THR A 2628 7.59 26.84 -13.85
CA THR A 2628 8.68 27.70 -13.44
C THR A 2628 9.94 27.50 -14.27
N ASP A 2629 9.87 26.71 -15.32
CA ASP A 2629 11.05 26.44 -16.14
C ASP A 2629 11.30 27.59 -17.10
N GLU A 2630 12.42 28.27 -16.90
CA GLU A 2630 12.75 29.45 -17.73
C GLU A 2630 12.61 29.12 -19.21
N ASN A 2631 12.95 27.89 -19.60
CA ASN A 2631 12.91 27.52 -21.00
C ASN A 2631 11.50 27.63 -21.56
N LEU A 2632 10.50 27.53 -20.69
CA LEU A 2632 9.12 27.67 -21.15
C LEU A 2632 8.65 29.11 -21.02
N LEU A 2633 8.98 29.76 -19.91
CA LEU A 2633 8.61 31.16 -19.72
C LEU A 2633 9.09 32.01 -20.89
N CYS A 2634 10.33 31.80 -21.32
CA CYS A 2634 10.90 32.63 -22.37
C CYS A 2634 10.04 32.58 -23.63
N GLN A 2635 9.44 31.43 -23.91
CA GLN A 2635 8.67 31.28 -25.14
C GLN A 2635 7.38 32.08 -25.09
N MET A 2636 6.97 32.49 -23.89
CA MET A 2636 5.67 33.14 -23.74
C MET A 2636 5.74 34.59 -24.19
N TYR A 2637 4.66 35.03 -24.84
CA TYR A 2637 4.54 36.41 -25.28
C TYR A 2637 4.75 37.33 -24.09
N LEU A 2638 5.30 38.52 -24.37
CA LEU A 2638 5.62 39.44 -23.29
C LEU A 2638 4.36 39.98 -22.62
N GLY A 2639 3.19 39.56 -23.09
CA GLY A 2639 1.96 39.94 -22.40
C GLY A 2639 1.78 39.21 -21.09
N TRP A 2640 2.18 37.93 -21.06
CA TRP A 2640 2.14 37.19 -19.80
C TRP A 2640 3.06 37.83 -18.76
N THR A 2641 3.97 38.69 -19.20
CA THR A 2641 4.99 39.22 -18.33
C THR A 2641 5.62 38.07 -17.56
N PRO A 2642 6.14 37.06 -18.26
CA PRO A 2642 6.81 35.96 -17.56
C PRO A 2642 7.98 36.42 -16.72
N TYR A 2643 8.54 37.58 -17.06
CA TYR A 2643 9.64 38.12 -16.27
C TYR A 2643 9.14 38.64 -14.93
N MET A 2644 7.97 39.25 -14.90
CA MET A 2644 7.37 39.68 -13.65
C MET A 2644 6.92 38.47 -12.85
N LEU B 1281 40.48 -31.16 -4.96
CA LEU B 1281 39.56 -31.03 -3.84
C LEU B 1281 38.41 -32.02 -3.99
N GLN B 1282 37.70 -31.92 -5.11
CA GLN B 1282 36.54 -32.79 -5.34
C GLN B 1282 36.86 -34.23 -5.01
N THR B 1283 38.12 -34.64 -5.23
CA THR B 1283 38.49 -36.01 -4.91
C THR B 1283 38.58 -36.22 -3.41
N THR B 1284 39.19 -35.27 -2.70
CA THR B 1284 39.29 -35.41 -1.24
C THR B 1284 37.90 -35.43 -0.62
N LEU B 1285 36.96 -34.71 -1.22
CA LEU B 1285 35.62 -34.62 -0.65
C LEU B 1285 34.87 -35.94 -0.81
N GLN B 1286 34.98 -36.57 -1.97
CA GLN B 1286 34.36 -37.89 -2.14
C GLN B 1286 34.95 -38.88 -1.16
N LEU B 1287 36.25 -38.80 -0.91
CA LEU B 1287 36.90 -39.75 0.00
C LEU B 1287 36.44 -39.53 1.43
N SER B 1288 36.50 -38.29 1.91
CA SER B 1288 35.99 -37.98 3.22
C SER B 1288 34.52 -38.39 3.33
N MET B 1289 33.77 -38.23 2.25
CA MET B 1289 32.35 -38.59 2.27
C MET B 1289 32.17 -40.08 2.49
N LYS B 1290 32.80 -40.90 1.66
CA LYS B 1290 32.66 -42.34 1.82
C LYS B 1290 33.14 -42.80 3.18
N ALA B 1291 34.27 -42.24 3.65
CA ALA B 1291 34.74 -42.60 4.98
C ALA B 1291 33.72 -42.26 6.04
N ILE B 1292 33.18 -41.04 5.99
CA ILE B 1292 32.10 -40.65 6.89
C ILE B 1292 31.03 -41.72 6.93
N GLN B 1293 30.63 -42.24 5.77
CA GLN B 1293 29.58 -43.24 5.73
C GLN B 1293 30.06 -44.56 6.32
N HIS B 1294 31.35 -44.68 6.62
CA HIS B 1294 31.89 -45.92 7.17
C HIS B 1294 31.09 -46.35 8.39
N GLU B 1295 31.08 -47.66 8.65
CA GLU B 1295 30.29 -48.19 9.74
C GLU B 1295 30.96 -47.97 11.09
N ASN B 1296 32.28 -48.07 11.13
CA ASN B 1296 32.97 -47.85 12.38
C ASN B 1296 32.89 -46.38 12.77
N VAL B 1297 32.39 -46.12 13.98
CA VAL B 1297 32.22 -44.75 14.43
C VAL B 1297 33.56 -44.02 14.50
N ASP B 1298 34.50 -44.55 15.28
CA ASP B 1298 35.78 -43.87 15.44
C ASP B 1298 36.39 -43.50 14.10
N VAL B 1299 36.10 -44.28 13.07
CA VAL B 1299 36.45 -43.87 11.72
C VAL B 1299 35.59 -42.69 11.30
N ARG B 1300 34.28 -42.76 11.58
CA ARG B 1300 33.40 -41.65 11.25
C ARG B 1300 33.91 -40.35 11.86
N ILE B 1301 34.24 -40.36 13.14
CA ILE B 1301 34.61 -39.11 13.81
C ILE B 1301 35.90 -38.56 13.24
N HIS B 1302 36.91 -39.41 13.05
CA HIS B 1302 38.16 -38.94 12.46
C HIS B 1302 37.91 -38.33 11.09
N ALA B 1303 37.13 -39.02 10.25
CA ALA B 1303 36.87 -38.52 8.91
C ALA B 1303 36.10 -37.20 8.96
N LEU B 1304 35.16 -37.07 9.90
CA LEU B 1304 34.36 -35.86 9.97
C LEU B 1304 35.20 -34.68 10.43
N THR B 1305 36.11 -34.91 11.38
CA THR B 1305 37.00 -33.84 11.80
C THR B 1305 37.92 -33.43 10.67
N SER B 1306 38.48 -34.41 9.95
CA SER B 1306 39.29 -34.10 8.78
C SER B 1306 38.48 -33.29 7.77
N LEU B 1307 37.21 -33.64 7.61
CA LEU B 1307 36.37 -32.92 6.66
C LEU B 1307 36.13 -31.49 7.11
N LYS B 1308 35.99 -31.28 8.41
CA LYS B 1308 35.82 -29.93 8.92
C LYS B 1308 37.06 -29.09 8.64
N GLU B 1309 38.24 -29.62 8.95
CA GLU B 1309 39.47 -28.91 8.64
C GLU B 1309 39.55 -28.64 7.14
N THR B 1310 39.18 -29.63 6.33
CA THR B 1310 39.22 -29.48 4.88
C THR B 1310 38.31 -28.36 4.41
N LEU B 1311 37.11 -28.29 4.97
CA LEU B 1311 36.16 -27.27 4.55
C LEU B 1311 36.64 -25.89 4.95
N TYR B 1312 37.26 -25.76 6.13
CA TYR B 1312 37.70 -24.44 6.55
C TYR B 1312 38.92 -24.00 5.76
N LYS B 1313 39.85 -24.91 5.50
CA LYS B 1313 41.06 -24.52 4.78
C LYS B 1313 40.74 -24.29 3.31
N ASN B 1314 39.80 -25.03 2.75
CA ASN B 1314 39.41 -24.91 1.35
C ASN B 1314 38.07 -24.20 1.18
N GLN B 1315 37.68 -23.38 2.14
CA GLN B 1315 36.41 -22.67 2.01
C GLN B 1315 36.39 -21.81 0.75
N GLU B 1316 37.56 -21.32 0.33
CA GLU B 1316 37.61 -20.46 -0.83
C GLU B 1316 37.20 -21.22 -2.09
N LYS B 1317 37.65 -22.47 -2.22
CA LYS B 1317 37.19 -23.31 -3.32
C LYS B 1317 35.71 -23.63 -3.18
N LEU B 1318 35.31 -24.11 -2.01
CA LEU B 1318 33.92 -24.48 -1.80
C LEU B 1318 32.99 -23.32 -2.10
N ILE B 1319 33.34 -22.13 -1.63
CA ILE B 1319 32.52 -20.96 -1.91
C ILE B 1319 32.36 -20.78 -3.41
N LYS B 1320 33.39 -21.16 -4.17
CA LYS B 1320 33.28 -21.06 -5.62
C LYS B 1320 32.32 -22.11 -6.16
N TYR B 1321 32.50 -23.37 -5.75
CA TYR B 1321 31.61 -24.42 -6.23
C TYR B 1321 30.15 -24.07 -5.99
N ALA B 1322 29.86 -23.43 -4.87
CA ALA B 1322 28.47 -23.17 -4.52
C ALA B 1322 27.96 -21.90 -5.17
N THR B 1323 28.75 -20.82 -5.14
CA THR B 1323 28.33 -19.53 -5.64
C THR B 1323 28.61 -19.32 -7.12
N ASP B 1324 29.54 -20.08 -7.71
CA ASP B 1324 29.85 -19.87 -9.12
C ASP B 1324 28.62 -20.09 -9.99
N SER B 1325 28.11 -21.32 -10.01
CA SER B 1325 26.94 -21.65 -10.79
C SER B 1325 25.70 -21.52 -9.93
N GLU B 1326 24.58 -21.20 -10.59
CA GLU B 1326 23.33 -21.06 -9.87
C GLU B 1326 23.04 -22.29 -9.03
N THR B 1327 23.19 -23.47 -9.61
CA THR B 1327 23.18 -24.69 -8.84
C THR B 1327 24.59 -24.99 -8.34
N VAL B 1328 24.68 -25.48 -7.11
CA VAL B 1328 25.98 -25.86 -6.59
C VAL B 1328 26.50 -27.06 -7.36
N GLU B 1329 27.81 -27.22 -7.33
CA GLU B 1329 28.41 -28.40 -7.90
C GLU B 1329 27.81 -29.64 -7.23
N PRO B 1330 27.74 -30.76 -7.94
CA PRO B 1330 27.04 -31.92 -7.37
C PRO B 1330 27.66 -32.43 -6.09
N ILE B 1331 28.98 -32.32 -5.97
CA ILE B 1331 29.67 -32.85 -4.81
C ILE B 1331 29.14 -32.19 -3.54
N ILE B 1332 28.80 -30.92 -3.62
CA ILE B 1332 28.31 -30.22 -2.43
C ILE B 1332 26.92 -30.73 -2.06
N SER B 1333 26.12 -31.10 -3.06
CA SER B 1333 24.81 -31.67 -2.76
C SER B 1333 24.94 -33.03 -2.07
N GLN B 1334 25.79 -33.90 -2.62
CA GLN B 1334 26.03 -35.18 -1.99
C GLN B 1334 26.55 -34.99 -0.57
N LEU B 1335 27.47 -34.06 -0.40
CA LEU B 1335 28.02 -33.77 0.91
C LEU B 1335 26.94 -33.34 1.87
N VAL B 1336 26.06 -32.44 1.44
CA VAL B 1336 25.01 -31.94 2.31
C VAL B 1336 24.10 -33.08 2.73
N THR B 1337 23.76 -33.97 1.80
CA THR B 1337 22.83 -35.02 2.15
C THR B 1337 23.48 -36.02 3.12
N VAL B 1338 24.75 -36.35 2.90
CA VAL B 1338 25.40 -37.28 3.81
C VAL B 1338 25.55 -36.66 5.19
N LEU B 1339 25.80 -35.36 5.24
CA LEU B 1339 25.89 -34.69 6.53
C LEU B 1339 24.56 -34.72 7.25
N LEU B 1340 23.48 -34.38 6.55
CA LEU B 1340 22.15 -34.45 7.16
C LEU B 1340 21.86 -35.87 7.65
N LYS B 1341 22.37 -36.87 6.93
CA LYS B 1341 22.25 -38.24 7.43
C LYS B 1341 23.19 -38.46 8.61
N GLY B 1342 24.23 -37.63 8.73
CA GLY B 1342 25.07 -37.69 9.91
C GLY B 1342 24.30 -37.34 11.17
N CYS B 1343 23.25 -36.54 11.02
CA CYS B 1343 22.42 -36.17 12.17
C CYS B 1343 21.50 -37.32 12.55
N GLN B 1344 21.40 -38.34 11.70
CA GLN B 1344 20.76 -39.59 12.12
C GLN B 1344 21.63 -40.32 13.12
N ASP B 1345 22.95 -40.21 12.97
CA ASP B 1345 23.87 -41.04 13.72
C ASP B 1345 23.61 -40.92 15.22
N ALA B 1346 23.89 -42.00 15.94
CA ALA B 1346 23.60 -42.04 17.36
C ALA B 1346 24.74 -41.47 18.17
N ASN B 1347 25.92 -41.36 17.58
CA ASN B 1347 27.05 -40.79 18.29
C ASN B 1347 26.92 -39.28 18.35
N SER B 1348 26.58 -38.77 19.53
CA SER B 1348 26.48 -37.33 19.72
C SER B 1348 27.68 -36.61 19.11
N GLN B 1349 28.86 -37.21 19.22
CA GLN B 1349 30.06 -36.57 18.69
C GLN B 1349 29.93 -36.35 17.20
N ALA B 1350 29.39 -37.32 16.47
CA ALA B 1350 29.27 -37.19 15.02
C ALA B 1350 28.19 -36.18 14.66
N ARG B 1351 27.01 -36.31 15.26
CA ARG B 1351 25.96 -35.32 15.04
C ARG B 1351 26.50 -33.92 15.21
N LEU B 1352 27.20 -33.67 16.32
CA LEU B 1352 27.80 -32.36 16.55
C LEU B 1352 28.82 -32.03 15.47
N LEU B 1353 29.72 -32.96 15.20
CA LEU B 1353 30.85 -32.68 14.34
C LEU B 1353 30.40 -32.29 12.96
N CYS B 1354 29.23 -32.74 12.56
CA CYS B 1354 28.79 -32.40 11.22
C CYS B 1354 27.61 -31.46 11.17
N GLY B 1355 26.99 -31.13 12.29
CA GLY B 1355 26.45 -29.80 12.41
C GLY B 1355 27.52 -28.77 12.10
N GLU B 1356 28.73 -29.01 12.60
CA GLU B 1356 29.85 -28.15 12.25
C GLU B 1356 30.19 -28.29 10.76
N CYS B 1357 30.46 -29.50 10.30
CA CYS B 1357 30.72 -29.71 8.88
C CYS B 1357 29.78 -28.87 8.03
N LEU B 1358 28.50 -28.86 8.39
CA LEU B 1358 27.50 -28.18 7.57
C LEU B 1358 27.57 -26.67 7.77
N GLY B 1359 27.88 -26.22 8.98
CA GLY B 1359 28.06 -24.79 9.19
C GLY B 1359 29.22 -24.24 8.39
N GLU B 1360 30.35 -24.96 8.40
CA GLU B 1360 31.50 -24.55 7.62
C GLU B 1360 31.17 -24.56 6.14
N LEU B 1361 30.30 -25.47 5.72
CA LEU B 1361 29.93 -25.56 4.32
C LEU B 1361 29.00 -24.43 3.93
N GLY B 1362 28.26 -23.89 4.89
CA GLY B 1362 27.33 -22.82 4.64
C GLY B 1362 25.88 -23.27 4.84
N ALA B 1363 25.00 -22.28 4.96
CA ALA B 1363 23.57 -22.52 5.01
C ALA B 1363 23.01 -22.34 3.60
N ILE B 1364 23.46 -23.23 2.71
CA ILE B 1364 23.19 -23.04 1.29
C ILE B 1364 21.70 -22.95 1.05
N ASP B 1365 21.33 -22.17 0.03
CA ASP B 1365 19.94 -22.10 -0.38
C ASP B 1365 19.49 -23.46 -0.90
N PRO B 1366 18.46 -24.07 -0.33
CA PRO B 1366 18.06 -25.39 -0.79
C PRO B 1366 17.70 -25.42 -2.26
N GLY B 1367 17.42 -24.26 -2.84
CA GLY B 1367 17.17 -24.21 -4.27
C GLY B 1367 18.41 -24.54 -5.07
N ARG B 1368 19.56 -24.06 -4.62
CA ARG B 1368 20.82 -24.37 -5.29
C ARG B 1368 21.13 -25.85 -5.22
N LEU B 1369 20.81 -26.48 -4.10
CA LEU B 1369 21.13 -27.89 -3.90
C LEU B 1369 20.15 -28.77 -4.66
N ASP B 1370 20.59 -29.98 -4.97
CA ASP B 1370 19.79 -30.98 -5.67
C ASP B 1370 19.81 -32.27 -4.87
N PHE B 1371 18.70 -32.58 -4.21
CA PHE B 1371 18.58 -33.76 -3.37
C PHE B 1371 17.87 -34.91 -4.08
N SER B 1372 17.31 -34.66 -5.27
CA SER B 1372 16.53 -35.69 -5.95
C SER B 1372 17.29 -37.01 -6.03
N THR B 1373 18.47 -37.00 -6.64
CA THR B 1373 19.26 -38.22 -6.74
C THR B 1373 19.52 -38.82 -5.37
N THR B 1374 19.59 -37.99 -4.34
CA THR B 1374 19.94 -38.48 -3.00
C THR B 1374 18.71 -38.99 -2.28
N GLU B 1375 17.54 -38.42 -2.56
CA GLU B 1375 16.30 -38.77 -1.88
C GLU B 1375 15.75 -40.08 -2.43
N THR B 1376 16.52 -41.14 -2.18
CA THR B 1376 16.10 -42.51 -2.51
C THR B 1376 15.65 -43.28 -1.27
N GLN B 1377 15.80 -42.72 -0.09
CA GLN B 1377 15.42 -43.42 1.14
C GLN B 1377 13.91 -43.56 1.23
N GLY B 1378 13.46 -44.51 2.05
CA GLY B 1378 12.04 -44.74 2.23
C GLY B 1378 11.31 -45.20 0.99
N LYS B 1379 12.01 -45.77 0.02
CA LYS B 1379 11.37 -46.15 -1.25
C LYS B 1379 10.49 -47.38 -1.08
N ASP B 1380 10.96 -48.37 -0.32
CA ASP B 1380 10.30 -49.66 -0.22
C ASP B 1380 9.84 -49.91 1.21
N PHE B 1381 8.66 -50.52 1.35
CA PHE B 1381 8.14 -50.96 2.63
C PHE B 1381 7.39 -52.27 2.40
N THR B 1382 7.75 -53.30 3.17
CA THR B 1382 7.19 -54.64 3.00
C THR B 1382 6.30 -54.96 4.20
N PHE B 1383 5.06 -55.35 3.92
CA PHE B 1383 4.14 -55.72 4.98
C PHE B 1383 4.35 -57.17 5.39
N VAL B 1384 4.27 -57.40 6.70
CA VAL B 1384 4.42 -58.72 7.28
C VAL B 1384 3.03 -59.24 7.64
N THR B 1385 2.73 -60.46 7.20
CA THR B 1385 1.43 -61.04 7.49
C THR B 1385 1.35 -61.54 8.92
N GLY B 1386 2.44 -62.13 9.41
CA GLY B 1386 2.47 -62.64 10.78
C GLY B 1386 3.32 -63.88 10.94
N VAL B 1387 3.05 -64.65 12.01
CA VAL B 1387 3.83 -65.86 12.28
C VAL B 1387 3.87 -66.76 11.06
N GLU B 1388 2.73 -66.89 10.37
CA GLU B 1388 2.72 -67.68 9.14
C GLU B 1388 3.74 -67.17 8.15
N ASP B 1389 3.91 -65.86 8.07
CA ASP B 1389 4.90 -65.28 7.17
C ASP B 1389 6.30 -65.57 7.68
N SER B 1390 7.20 -65.89 6.74
CA SER B 1390 8.59 -66.14 7.10
C SER B 1390 9.22 -64.89 7.70
N SER B 1391 8.79 -63.72 7.26
CA SER B 1391 9.46 -62.49 7.66
C SER B 1391 9.27 -62.21 9.14
N PHE B 1392 8.11 -62.59 9.69
CA PHE B 1392 7.89 -62.37 11.11
C PHE B 1392 8.81 -63.23 11.95
N ALA B 1393 8.90 -64.53 11.64
CA ALA B 1393 9.84 -65.39 12.34
C ALA B 1393 11.26 -64.88 12.18
N TYR B 1394 11.59 -64.38 10.98
CA TYR B 1394 12.91 -63.80 10.75
C TYR B 1394 13.19 -62.65 11.70
N GLY B 1395 12.29 -61.68 11.76
CA GLY B 1395 12.50 -60.55 12.65
C GLY B 1395 12.45 -60.95 14.11
N LEU B 1396 11.75 -62.04 14.41
CA LEU B 1396 11.70 -62.51 15.79
C LEU B 1396 13.03 -63.12 16.20
N LEU B 1397 13.68 -63.82 15.27
CA LEU B 1397 15.02 -64.30 15.53
C LEU B 1397 16.00 -63.14 15.63
N MET B 1398 15.82 -62.12 14.80
CA MET B 1398 16.61 -60.91 14.94
C MET B 1398 16.40 -60.27 16.31
N GLU B 1399 15.18 -60.36 16.84
CA GLU B 1399 14.89 -59.76 18.14
C GLU B 1399 15.52 -60.57 19.26
N LEU B 1400 15.49 -61.90 19.14
CA LEU B 1400 16.22 -62.73 20.08
C LEU B 1400 17.71 -62.39 20.07
N THR B 1401 18.27 -62.20 18.87
CA THR B 1401 19.66 -61.79 18.76
C THR B 1401 19.89 -60.46 19.47
N ARG B 1402 19.01 -59.49 19.24
CA ARG B 1402 19.13 -58.20 19.90
C ARG B 1402 19.12 -58.36 21.42
N ALA B 1403 18.18 -59.15 21.93
CA ALA B 1403 18.13 -59.41 23.37
C ALA B 1403 19.43 -60.04 23.84
N TYR B 1404 20.06 -60.85 22.99
CA TYR B 1404 21.36 -61.39 23.32
C TYR B 1404 22.30 -60.27 23.75
N LEU B 1405 22.95 -60.47 24.91
CA LEU B 1405 23.80 -59.47 25.52
C LEU B 1405 22.97 -58.39 26.20
N ALA B 1406 21.66 -58.40 25.98
CA ALA B 1406 20.75 -57.64 26.83
C ALA B 1406 20.02 -58.58 27.78
N TYR B 1407 19.85 -59.84 27.38
CA TYR B 1407 19.40 -60.87 28.29
C TYR B 1407 20.54 -61.34 29.20
N ALA B 1408 21.77 -60.90 28.90
CA ALA B 1408 22.90 -61.27 29.75
C ALA B 1408 22.71 -60.77 31.16
N ASP B 1409 22.02 -59.63 31.32
CA ASP B 1409 21.78 -59.10 32.66
C ASP B 1409 21.01 -60.08 33.52
N ASN B 1410 20.16 -60.91 32.90
CA ASN B 1410 19.35 -61.89 33.60
C ASN B 1410 19.66 -63.27 33.04
N SER B 1411 20.25 -64.12 33.89
CA SER B 1411 20.63 -65.46 33.44
C SER B 1411 19.49 -66.13 32.67
N ARG B 1412 18.30 -66.18 33.26
CA ARG B 1412 17.17 -66.80 32.57
C ARG B 1412 16.84 -66.07 31.29
N ALA B 1413 17.23 -64.79 31.18
CA ALA B 1413 16.90 -64.02 29.99
C ALA B 1413 17.71 -64.49 28.78
N GLN B 1414 19.00 -64.80 28.98
CA GLN B 1414 19.77 -65.32 27.86
C GLN B 1414 19.23 -66.66 27.40
N ASP B 1415 18.78 -67.49 28.34
CA ASP B 1415 18.10 -68.73 27.96
C ASP B 1415 16.75 -68.41 27.31
N SER B 1416 16.29 -67.16 27.44
CA SER B 1416 15.00 -66.79 26.88
C SER B 1416 15.11 -66.56 25.38
N ALA B 1417 16.18 -65.93 24.92
CA ALA B 1417 16.51 -65.98 23.50
C ALA B 1417 16.75 -67.41 23.06
N ALA B 1418 17.46 -68.18 23.89
CA ALA B 1418 17.69 -69.59 23.59
C ALA B 1418 16.40 -70.38 23.71
N TYR B 1419 15.39 -69.83 24.40
CA TYR B 1419 14.10 -70.49 24.46
C TYR B 1419 13.26 -70.17 23.23
N ALA B 1420 13.27 -68.90 22.79
CA ALA B 1420 12.49 -68.51 21.64
C ALA B 1420 13.03 -69.16 20.37
N ILE B 1421 14.35 -69.22 20.23
CA ILE B 1421 14.94 -69.88 19.08
C ILE B 1421 14.45 -71.32 18.99
N GLN B 1422 14.40 -72.01 20.12
CA GLN B 1422 14.18 -73.45 20.10
C GLN B 1422 12.94 -73.81 19.29
N GLU B 1423 11.80 -73.23 19.65
CA GLU B 1423 10.57 -73.49 18.91
C GLU B 1423 10.56 -72.70 17.61
N LEU B 1424 10.98 -71.44 17.66
CA LEU B 1424 10.97 -70.61 16.46
C LEU B 1424 11.84 -71.22 15.37
N LEU B 1425 13.08 -71.60 15.71
CA LEU B 1425 13.91 -72.33 14.77
C LEU B 1425 13.25 -73.65 14.38
N SER B 1426 12.53 -74.26 15.32
CA SER B 1426 11.85 -75.52 15.03
C SER B 1426 10.65 -75.29 14.12
N ILE B 1427 9.79 -74.34 14.46
CA ILE B 1427 8.64 -74.03 13.61
C ILE B 1427 9.12 -73.76 12.19
N TYR B 1428 10.21 -73.02 12.04
CA TYR B 1428 10.79 -72.81 10.72
C TYR B 1428 11.27 -74.12 10.12
N ASP B 1429 12.14 -74.85 10.83
CA ASP B 1429 12.69 -76.10 10.32
C ASP B 1429 13.47 -75.87 9.02
N CYS B 1430 14.23 -74.78 8.98
CA CYS B 1430 15.00 -74.42 7.79
C CYS B 1430 16.35 -75.14 7.84
N ARG B 1431 16.28 -76.47 7.78
CA ARG B 1431 17.46 -77.31 7.83
C ARG B 1431 17.73 -77.97 6.49
N HIS B 1440 15.05 -74.43 4.21
CA HIS B 1440 16.36 -73.90 4.56
C HIS B 1440 16.52 -72.47 4.04
N GLN B 1441 15.63 -72.07 3.14
CA GLN B 1441 15.69 -70.72 2.59
C GLN B 1441 15.59 -69.68 3.71
N LEU B 1442 14.71 -69.91 4.69
CA LEU B 1442 14.60 -68.98 5.81
C LEU B 1442 15.92 -68.91 6.57
N TRP B 1443 16.60 -70.05 6.73
CA TRP B 1443 17.94 -70.01 7.29
C TRP B 1443 18.85 -69.12 6.46
N ARG B 1444 18.81 -69.26 5.14
CA ARG B 1444 19.65 -68.45 4.27
C ARG B 1444 19.39 -66.96 4.49
N ARG B 1445 18.13 -66.59 4.73
CA ARG B 1445 17.81 -65.20 4.98
C ARG B 1445 18.59 -64.68 6.19
N PHE B 1446 18.82 -65.53 7.17
CA PHE B 1446 19.46 -65.10 8.40
C PHE B 1446 20.82 -64.49 8.09
N PRO B 1447 21.23 -63.43 8.78
CA PRO B 1447 22.64 -63.05 8.76
C PRO B 1447 23.48 -64.14 9.39
N GLU B 1448 24.45 -64.65 8.62
CA GLU B 1448 25.21 -65.81 9.06
C GLU B 1448 25.71 -65.64 10.49
N HIS B 1449 26.00 -64.40 10.89
CA HIS B 1449 26.31 -64.15 12.29
C HIS B 1449 25.09 -64.41 13.17
N VAL B 1450 23.93 -63.86 12.78
CA VAL B 1450 22.71 -64.13 13.51
C VAL B 1450 22.44 -65.63 13.53
N ARG B 1451 22.55 -66.27 12.36
CA ARG B 1451 22.50 -67.73 12.32
C ARG B 1451 23.50 -68.32 13.31
N GLU B 1452 24.67 -67.70 13.44
CA GLU B 1452 25.67 -68.19 14.39
C GLU B 1452 25.23 -67.96 15.82
N ILE B 1453 24.67 -66.78 16.11
CA ILE B 1453 24.24 -66.48 17.47
C ILE B 1453 23.28 -67.55 17.97
N LEU B 1454 22.43 -68.05 17.07
CA LEU B 1454 21.44 -69.06 17.48
C LEU B 1454 21.97 -70.47 17.28
N GLU B 1455 23.00 -70.64 16.46
CA GLU B 1455 23.56 -71.97 16.25
C GLU B 1455 23.84 -72.73 17.55
N PRO B 1456 24.48 -72.15 18.57
CA PRO B 1456 24.58 -72.89 19.84
C PRO B 1456 23.22 -73.24 20.41
N HIS B 1457 22.20 -72.47 20.05
CA HIS B 1457 20.83 -72.74 20.48
C HIS B 1457 20.07 -73.50 19.40
N LEU B 1458 20.75 -74.45 18.75
CA LEU B 1458 20.26 -75.19 17.59
C LEU B 1458 18.92 -75.83 17.95
N ASN B 1459 18.27 -76.49 17.00
CA ASN B 1459 17.04 -77.22 17.25
C ASN B 1459 17.24 -78.37 18.22
N THR B 1460 18.42 -78.48 18.82
CA THR B 1460 18.78 -79.52 19.78
C THR B 1460 18.18 -79.27 21.16
N ARG B 1461 18.70 -79.98 22.15
CA ARG B 1461 18.05 -80.25 23.43
C ARG B 1461 17.81 -79.01 24.30
N TYR B 1462 18.21 -77.81 23.86
CA TYR B 1462 18.16 -76.67 24.75
C TYR B 1462 16.80 -76.56 25.46
N LYS B 1463 16.83 -76.04 26.68
CA LYS B 1463 15.78 -76.31 27.66
C LYS B 1463 14.65 -75.28 27.61
N SER B 1464 13.67 -75.47 28.49
CA SER B 1464 12.51 -74.57 28.60
C SER B 1464 12.73 -73.57 29.74
N SER B 1465 13.34 -72.42 29.45
CA SER B 1465 13.64 -71.45 30.50
C SER B 1465 12.61 -70.33 30.58
N GLN B 1466 11.51 -70.59 31.30
CA GLN B 1466 10.74 -69.62 32.07
C GLN B 1466 9.68 -70.30 32.93
N LYS B 1467 9.05 -69.54 33.81
CA LYS B 1467 7.83 -69.97 34.46
C LYS B 1467 6.63 -69.50 33.64
N SER B 1468 5.51 -70.18 33.83
CA SER B 1468 4.27 -69.85 33.16
C SER B 1468 3.30 -69.20 34.15
N THR B 1469 2.68 -68.10 33.74
CA THR B 1469 1.72 -67.39 34.57
C THR B 1469 0.43 -67.21 33.79
N ASP B 1470 -0.63 -66.86 34.51
CA ASP B 1470 -1.94 -66.64 33.93
C ASP B 1470 -2.27 -65.16 33.94
N TRP B 1471 -2.76 -64.65 32.82
CA TRP B 1471 -3.15 -63.25 32.69
C TRP B 1471 -4.66 -63.03 32.81
N SER B 1472 -5.36 -63.92 33.51
CA SER B 1472 -6.77 -63.70 33.78
C SER B 1472 -6.98 -62.87 35.04
N GLY B 1473 -6.06 -62.98 36.00
CA GLY B 1473 -6.21 -62.25 37.24
C GLY B 1473 -5.90 -60.77 37.09
N VAL B 1474 -5.00 -60.44 36.16
CA VAL B 1474 -4.61 -59.05 35.97
C VAL B 1474 -5.86 -58.22 35.66
N LYS B 1475 -5.94 -57.05 36.28
CA LYS B 1475 -7.10 -56.18 36.12
C LYS B 1475 -7.38 -55.94 34.64
N LYS B 1476 -8.66 -55.73 34.33
CA LYS B 1476 -9.05 -55.58 32.93
C LYS B 1476 -8.34 -54.43 32.22
N PRO B 1477 -8.41 -53.18 32.70
CA PRO B 1477 -7.58 -52.15 32.07
C PRO B 1477 -6.14 -52.29 32.52
N ILE B 1478 -5.29 -52.84 31.65
CA ILE B 1478 -3.90 -53.05 32.01
C ILE B 1478 -3.14 -51.74 31.95
N TYR B 1479 -3.64 -50.79 31.17
CA TYR B 1479 -3.05 -49.45 31.16
C TYR B 1479 -3.20 -48.79 32.52
N LEU B 1480 -4.07 -49.32 33.37
CA LEU B 1480 -4.28 -48.81 34.72
C LEU B 1480 -4.15 -49.89 35.79
N SER B 1481 -3.75 -51.11 35.41
CA SER B 1481 -3.68 -52.20 36.38
C SER B 1481 -2.39 -52.18 37.19
N LYS B 1482 -1.68 -51.05 37.17
CA LYS B 1482 -0.35 -50.96 37.78
C LYS B 1482 0.65 -51.76 36.96
N LEU B 1483 0.16 -52.50 35.97
CA LEU B 1483 1.00 -52.88 34.86
C LEU B 1483 1.16 -51.70 33.91
N GLY B 1484 0.10 -50.92 33.73
CA GLY B 1484 0.18 -49.74 32.88
C GLY B 1484 1.14 -48.70 33.43
N SER B 1485 1.41 -48.74 34.73
CA SER B 1485 2.28 -47.73 35.31
C SER B 1485 3.69 -47.82 34.76
N ASN B 1486 4.11 -49.00 34.33
CA ASN B 1486 5.43 -49.21 33.75
C ASN B 1486 5.26 -49.77 32.35
N PHE B 1487 5.92 -49.13 31.37
CA PHE B 1487 5.65 -49.47 29.98
C PHE B 1487 6.05 -50.89 29.65
N ALA B 1488 7.28 -51.29 30.00
CA ALA B 1488 7.74 -52.62 29.65
C ALA B 1488 6.79 -53.68 30.19
N GLU B 1489 6.45 -53.57 31.48
CA GLU B 1489 5.57 -54.57 32.08
C GLU B 1489 4.16 -54.45 31.54
N TRP B 1490 3.70 -53.21 31.31
CA TRP B 1490 2.41 -53.05 30.65
C TRP B 1490 2.35 -53.84 29.37
N SER B 1491 3.32 -53.61 28.49
CA SER B 1491 3.31 -54.23 27.17
C SER B 1491 3.41 -55.74 27.28
N ALA B 1492 4.34 -56.24 28.10
CA ALA B 1492 4.50 -57.69 28.19
C ALA B 1492 3.26 -58.34 28.78
N SER B 1493 2.66 -57.73 29.79
CA SER B 1493 1.46 -58.29 30.40
C SER B 1493 0.30 -58.29 29.43
N TRP B 1494 0.06 -57.15 28.77
CA TRP B 1494 -1.03 -57.08 27.80
C TRP B 1494 -0.79 -58.05 26.66
N ALA B 1495 0.47 -58.30 26.32
CA ALA B 1495 0.78 -59.21 25.21
C ALA B 1495 0.50 -60.65 25.60
N GLY B 1496 0.94 -61.06 26.79
CA GLY B 1496 0.59 -62.39 27.26
C GLY B 1496 -0.91 -62.56 27.42
N TYR B 1497 -1.59 -61.49 27.85
CA TYR B 1497 -3.03 -61.52 27.99
C TYR B 1497 -3.71 -61.72 26.64
N LEU B 1498 -3.24 -61.01 25.62
CA LEU B 1498 -3.77 -61.19 24.27
C LEU B 1498 -3.51 -62.60 23.76
N ILE B 1499 -2.29 -63.11 23.98
CA ILE B 1499 -1.97 -64.46 23.54
C ILE B 1499 -2.87 -65.47 24.22
N THR B 1500 -3.20 -65.24 25.48
CA THR B 1500 -4.14 -66.10 26.18
C THR B 1500 -5.54 -65.97 25.60
N LYS B 1501 -5.90 -64.78 25.14
CA LYS B 1501 -7.24 -64.58 24.58
C LYS B 1501 -7.36 -65.21 23.19
N VAL B 1502 -6.24 -65.43 22.52
CA VAL B 1502 -6.27 -65.78 21.11
C VAL B 1502 -6.06 -67.28 20.92
N ARG B 1503 -6.56 -67.80 19.79
CA ARG B 1503 -6.72 -69.24 19.60
C ARG B 1503 -5.84 -69.83 18.51
N HIS B 1504 -5.22 -69.01 17.65
CA HIS B 1504 -4.44 -69.57 16.56
C HIS B 1504 -3.29 -70.41 17.10
N ASP B 1505 -3.17 -71.62 16.57
CA ASP B 1505 -2.21 -72.56 17.14
C ASP B 1505 -0.77 -72.14 16.86
N LEU B 1506 -0.45 -71.85 15.59
CA LEU B 1506 0.90 -71.43 15.26
C LEU B 1506 1.30 -70.21 16.07
N ALA B 1507 0.44 -69.20 16.12
CA ALA B 1507 0.70 -68.03 16.94
C ALA B 1507 0.75 -68.40 18.41
N SER B 1508 -0.24 -69.16 18.90
CA SER B 1508 -0.22 -69.53 20.32
C SER B 1508 1.15 -70.05 20.71
N LYS B 1509 1.70 -70.97 19.92
CA LYS B 1509 3.00 -71.55 20.26
C LYS B 1509 4.13 -70.54 20.08
N ILE B 1510 4.15 -69.83 18.96
CA ILE B 1510 5.26 -68.92 18.68
C ILE B 1510 5.35 -67.84 19.75
N PHE B 1511 4.22 -67.51 20.38
CA PHE B 1511 4.20 -66.40 21.32
C PHE B 1511 4.32 -66.89 22.75
N THR B 1512 3.74 -68.05 23.07
CA THR B 1512 4.05 -68.70 24.34
C THR B 1512 5.54 -68.92 24.46
N CYS B 1513 6.20 -69.24 23.33
CA CYS B 1513 7.65 -69.36 23.34
C CYS B 1513 8.29 -68.02 23.71
N CYS B 1514 7.69 -66.92 23.28
CA CYS B 1514 8.17 -65.59 23.61
C CYS B 1514 7.37 -64.95 24.72
N SER B 1515 6.45 -65.69 25.36
CA SER B 1515 5.55 -65.08 26.34
C SER B 1515 6.32 -64.32 27.40
N ILE B 1516 7.23 -64.99 28.11
CA ILE B 1516 8.01 -64.31 29.13
C ILE B 1516 9.27 -63.69 28.54
N MET B 1517 9.71 -64.13 27.36
CA MET B 1517 10.72 -63.37 26.63
C MET B 1517 10.29 -61.91 26.49
N MET B 1518 8.96 -61.69 26.39
CA MET B 1518 8.45 -60.32 26.36
C MET B 1518 8.63 -59.64 27.71
N LYS B 1519 8.33 -60.35 28.80
CA LYS B 1519 8.48 -59.77 30.12
C LYS B 1519 9.93 -59.38 30.39
N HIS B 1520 10.87 -60.00 29.68
CA HIS B 1520 12.27 -59.68 29.88
C HIS B 1520 12.70 -58.49 29.05
N ASP B 1521 12.50 -58.54 27.74
CA ASP B 1521 12.86 -57.47 26.83
C ASP B 1521 11.58 -56.87 26.25
N PHE B 1522 11.34 -55.60 26.56
CA PHE B 1522 10.11 -54.97 26.12
C PHE B 1522 10.12 -54.71 24.62
N LYS B 1523 11.31 -54.64 24.02
CA LYS B 1523 11.40 -54.36 22.60
C LYS B 1523 10.96 -55.55 21.77
N VAL B 1524 11.33 -56.76 22.19
CA VAL B 1524 10.77 -57.96 21.56
C VAL B 1524 9.26 -57.94 21.68
N THR B 1525 8.75 -57.57 22.85
CA THR B 1525 7.32 -57.36 23.00
C THR B 1525 6.79 -56.46 21.92
N ILE B 1526 7.32 -55.23 21.83
CA ILE B 1526 6.92 -54.30 20.79
C ILE B 1526 6.84 -54.99 19.45
N TYR B 1527 7.92 -55.65 19.04
CA TYR B 1527 7.94 -56.30 17.73
C TYR B 1527 6.80 -57.29 17.61
N LEU B 1528 6.38 -57.87 18.72
CA LEU B 1528 5.31 -58.87 18.68
C LEU B 1528 3.93 -58.22 18.65
N LEU B 1529 3.79 -57.08 19.32
CA LEU B 1529 2.47 -56.55 19.65
C LEU B 1529 1.54 -56.43 18.47
N PRO B 1530 1.95 -55.87 17.32
CA PRO B 1530 1.00 -55.76 16.21
C PRO B 1530 0.45 -57.09 15.75
N HIS B 1531 1.34 -58.05 15.49
CA HIS B 1531 0.90 -59.34 14.99
C HIS B 1531 0.00 -60.04 16.01
N ILE B 1532 0.24 -59.81 17.30
CA ILE B 1532 -0.56 -60.50 18.29
C ILE B 1532 -1.94 -59.88 18.40
N LEU B 1533 -2.00 -58.55 18.38
CA LEU B 1533 -3.30 -57.90 18.24
C LEU B 1533 -4.04 -58.46 17.05
N VAL B 1534 -3.33 -58.68 15.94
CA VAL B 1534 -3.97 -59.23 14.74
C VAL B 1534 -4.59 -60.58 15.07
N TYR B 1535 -3.77 -61.55 15.46
CA TYR B 1535 -4.26 -62.93 15.50
C TYR B 1535 -5.25 -63.14 16.64
N VAL B 1536 -5.20 -62.28 17.68
CA VAL B 1536 -6.24 -62.35 18.71
C VAL B 1536 -7.53 -61.77 18.17
N LEU B 1537 -7.47 -60.63 17.50
CA LEU B 1537 -8.64 -60.08 16.84
C LEU B 1537 -9.28 -61.12 15.93
N LEU B 1538 -8.47 -61.94 15.27
CA LEU B 1538 -9.01 -62.95 14.38
C LEU B 1538 -9.68 -64.07 15.17
N GLY B 1539 -9.09 -64.47 16.29
CA GLY B 1539 -9.52 -65.66 16.98
C GLY B 1539 -9.91 -65.45 18.43
N CYS B 1540 -10.67 -64.40 18.70
CA CYS B 1540 -11.14 -64.12 20.05
C CYS B 1540 -12.64 -63.91 20.03
N ASN B 1541 -13.24 -64.04 21.20
CA ASN B 1541 -14.68 -63.81 21.33
C ASN B 1541 -14.97 -62.32 21.40
N GLN B 1542 -16.23 -61.98 21.10
CA GLN B 1542 -16.61 -60.58 21.00
C GLN B 1542 -16.27 -59.82 22.28
N GLU B 1543 -16.35 -60.49 23.43
CA GLU B 1543 -15.98 -59.83 24.68
C GLU B 1543 -14.47 -59.66 24.77
N ASP B 1544 -13.71 -60.63 24.29
CA ASP B 1544 -12.27 -60.46 24.20
C ASP B 1544 -11.92 -59.33 23.23
N GLN B 1545 -12.59 -59.29 22.09
CA GLN B 1545 -12.44 -58.16 21.17
C GLN B 1545 -12.71 -56.85 21.89
N GLN B 1546 -13.77 -56.80 22.70
CA GLN B 1546 -14.11 -55.58 23.40
C GLN B 1546 -13.02 -55.22 24.42
N GLU B 1547 -12.44 -56.21 25.08
CA GLU B 1547 -11.40 -55.93 26.07
C GLU B 1547 -10.14 -55.39 25.40
N VAL B 1548 -9.77 -55.96 24.26
CA VAL B 1548 -8.63 -55.44 23.50
C VAL B 1548 -8.91 -54.01 23.07
N TYR B 1549 -10.07 -53.79 22.44
CA TYR B 1549 -10.51 -52.45 22.11
C TYR B 1549 -10.42 -51.52 23.32
N ALA B 1550 -10.69 -52.05 24.51
CA ALA B 1550 -10.73 -51.22 25.70
C ALA B 1550 -9.32 -50.79 26.10
N GLU B 1551 -8.37 -51.73 26.06
CA GLU B 1551 -6.99 -51.35 26.29
C GLU B 1551 -6.55 -50.26 25.32
N ILE B 1552 -6.86 -50.46 24.04
CA ILE B 1552 -6.45 -49.49 23.03
C ILE B 1552 -7.06 -48.13 23.32
N MET B 1553 -8.38 -48.10 23.49
CA MET B 1553 -9.08 -46.83 23.71
C MET B 1553 -8.62 -46.18 25.00
N ALA B 1554 -8.20 -46.98 25.98
CA ALA B 1554 -7.73 -46.40 27.23
C ALA B 1554 -6.38 -45.74 27.04
N VAL B 1555 -5.52 -46.35 26.24
CA VAL B 1555 -4.25 -45.71 25.92
C VAL B 1555 -4.49 -44.41 25.18
N LEU B 1556 -5.47 -44.42 24.27
CA LEU B 1556 -5.62 -43.28 23.37
C LEU B 1556 -6.35 -42.13 24.04
N LYS B 1557 -7.36 -42.43 24.86
CA LYS B 1557 -8.15 -41.38 25.48
C LYS B 1557 -7.39 -40.69 26.61
N HIS B 1558 -6.68 -41.47 27.41
CA HIS B 1558 -6.12 -40.99 28.66
C HIS B 1558 -4.82 -40.23 28.40
N ASP B 1559 -4.85 -38.92 28.57
CA ASP B 1559 -3.63 -38.14 28.60
C ASP B 1559 -2.80 -38.51 29.81
N ASP B 1560 -1.49 -38.28 29.71
CA ASP B 1560 -0.62 -38.46 30.87
C ASP B 1560 -0.82 -37.36 31.89
N GLN B 1561 -1.04 -36.13 31.42
CA GLN B 1561 -1.09 -34.99 32.32
C GLN B 1561 -2.33 -35.03 33.21
N HIS B 1562 -3.45 -35.54 32.70
CA HIS B 1562 -4.68 -35.52 33.47
C HIS B 1562 -4.66 -36.55 34.59
N THR B 1563 -4.14 -37.75 34.30
CA THR B 1563 -4.11 -38.80 35.31
C THR B 1563 -3.00 -38.55 36.31
N ILE B 1564 -3.25 -38.93 37.56
CA ILE B 1564 -2.31 -38.71 38.65
C ILE B 1564 -1.48 -39.97 38.84
N ASN B 1565 -0.18 -39.83 38.63
CA ASN B 1565 0.80 -40.88 38.89
C ASN B 1565 2.13 -40.20 39.13
N THR B 1566 3.16 -41.00 39.35
CA THR B 1566 4.51 -40.46 39.31
C THR B 1566 4.73 -39.82 37.95
N GLN B 1567 5.11 -38.55 37.94
CA GLN B 1567 4.99 -37.76 36.72
C GLN B 1567 5.91 -38.27 35.62
N ASP B 1568 7.19 -38.54 35.95
CA ASP B 1568 8.12 -38.98 34.91
C ASP B 1568 7.64 -40.26 34.25
N ILE B 1569 7.15 -41.22 35.03
CA ILE B 1569 6.68 -42.46 34.43
C ILE B 1569 5.45 -42.21 33.58
N ALA B 1570 4.47 -41.48 34.11
CA ALA B 1570 3.18 -41.34 33.42
C ALA B 1570 3.36 -40.81 31.99
N SER B 1571 4.21 -39.78 31.82
CA SER B 1571 4.34 -39.19 30.50
C SER B 1571 5.04 -40.14 29.52
N ASP B 1572 6.14 -40.74 29.96
CA ASP B 1572 6.79 -41.76 29.14
C ASP B 1572 5.81 -42.87 28.78
N LEU B 1573 4.93 -43.21 29.71
CA LEU B 1573 3.98 -44.29 29.47
C LEU B 1573 2.97 -43.90 28.41
N CYS B 1574 2.36 -42.72 28.55
CA CYS B 1574 1.45 -42.25 27.51
C CYS B 1574 2.15 -42.23 26.16
N GLN B 1575 3.34 -41.66 26.10
CA GLN B 1575 4.04 -41.55 24.82
C GLN B 1575 4.31 -42.92 24.22
N LEU B 1576 4.99 -43.79 24.95
CA LEU B 1576 5.39 -45.09 24.42
C LEU B 1576 4.18 -45.94 24.09
N SER B 1577 3.15 -45.89 24.92
CA SER B 1577 1.97 -46.70 24.69
C SER B 1577 1.21 -46.21 23.47
N THR B 1578 1.04 -44.90 23.34
CA THR B 1578 0.42 -44.35 22.14
C THR B 1578 1.21 -44.74 20.90
N GLN B 1579 2.54 -44.69 20.98
CA GLN B 1579 3.34 -45.02 19.81
C GLN B 1579 3.19 -46.50 19.43
N THR B 1580 3.32 -47.39 20.41
CA THR B 1580 3.24 -48.81 20.10
C THR B 1580 1.84 -49.18 19.64
N VAL B 1581 0.81 -48.54 20.19
CA VAL B 1581 -0.55 -48.88 19.79
C VAL B 1581 -0.85 -48.30 18.42
N PHE B 1582 -0.29 -47.14 18.10
CA PHE B 1582 -0.39 -46.63 16.75
C PHE B 1582 0.26 -47.59 15.77
N SER B 1583 1.43 -48.10 16.09
CA SER B 1583 2.08 -49.08 15.23
C SER B 1583 1.24 -50.34 15.10
N MET B 1584 0.66 -50.78 16.21
CA MET B 1584 -0.21 -51.95 16.19
C MET B 1584 -1.38 -51.74 15.23
N LEU B 1585 -2.06 -50.60 15.36
CA LEU B 1585 -3.21 -50.34 14.50
C LEU B 1585 -2.79 -50.14 13.06
N ASP B 1586 -1.59 -49.61 12.85
CA ASP B 1586 -1.09 -49.43 11.49
C ASP B 1586 -0.85 -50.78 10.83
N HIS B 1587 -0.20 -51.69 11.54
CA HIS B 1587 -0.04 -53.03 11.02
C HIS B 1587 -1.39 -53.69 10.80
N LEU B 1588 -2.34 -53.42 11.68
CA LEU B 1588 -3.66 -54.01 11.53
C LEU B 1588 -4.34 -53.54 10.26
N THR B 1589 -4.30 -52.24 9.99
CA THR B 1589 -4.97 -51.70 8.81
C THR B 1589 -4.22 -52.10 7.53
N GLN B 1590 -2.89 -52.21 7.61
CA GLN B 1590 -2.14 -52.69 6.44
C GLN B 1590 -2.48 -54.15 6.15
N TRP B 1591 -2.52 -54.98 7.19
CA TRP B 1591 -2.96 -56.35 7.01
C TRP B 1591 -4.38 -56.39 6.47
N ALA B 1592 -5.21 -55.42 6.86
CA ALA B 1592 -6.58 -55.40 6.36
C ALA B 1592 -6.61 -55.12 4.86
N ARG B 1593 -5.86 -54.10 4.42
CA ARG B 1593 -5.76 -53.84 2.99
C ARG B 1593 -5.22 -55.06 2.25
N HIS B 1594 -4.25 -55.74 2.85
CA HIS B 1594 -3.68 -56.93 2.21
C HIS B 1594 -4.72 -58.04 2.08
N LYS B 1595 -5.45 -58.31 3.16
CA LYS B 1595 -6.47 -59.34 3.12
C LYS B 1595 -7.60 -58.95 2.16
N PHE B 1596 -7.83 -57.65 2.00
CA PHE B 1596 -8.83 -57.20 1.04
C PHE B 1596 -8.37 -57.49 -0.39
N GLN B 1597 -7.12 -57.14 -0.69
CA GLN B 1597 -6.57 -57.46 -2.00
C GLN B 1597 -6.64 -58.96 -2.26
N ALA B 1598 -6.47 -59.76 -1.21
CA ALA B 1598 -6.57 -61.21 -1.37
C ALA B 1598 -8.01 -61.65 -1.56
N LEU B 1599 -8.95 -60.97 -0.91
CA LEU B 1599 -10.35 -61.40 -0.96
C LEU B 1599 -11.00 -61.02 -2.28
N LYS B 1600 -10.92 -59.74 -2.66
CA LYS B 1600 -11.40 -59.34 -3.97
C LYS B 1600 -10.74 -60.17 -5.06
N ALA B 1601 -9.48 -60.53 -4.87
CA ALA B 1601 -8.77 -61.40 -5.78
C ALA B 1601 -9.44 -62.77 -5.84
N SER B 1619 -16.39 -65.71 2.83
CA SER B 1619 -16.54 -67.01 2.20
C SER B 1619 -15.51 -68.01 2.72
N THR B 1620 -14.44 -67.48 3.32
CA THR B 1620 -13.40 -68.30 3.91
C THR B 1620 -13.04 -67.75 5.28
N VAL B 1621 -12.34 -68.55 6.07
CA VAL B 1621 -11.99 -68.14 7.42
C VAL B 1621 -11.13 -66.88 7.38
N ASP B 1622 -10.23 -66.78 6.41
CA ASP B 1622 -9.43 -65.57 6.27
C ASP B 1622 -10.31 -64.38 5.92
N TYR B 1623 -11.41 -64.62 5.20
CA TYR B 1623 -12.30 -63.52 4.83
C TYR B 1623 -13.05 -63.00 6.06
N GLU B 1624 -13.54 -63.90 6.90
CA GLU B 1624 -14.18 -63.47 8.13
C GLU B 1624 -13.17 -62.80 9.06
N ASP B 1625 -11.92 -63.26 9.01
CA ASP B 1625 -10.86 -62.58 9.76
C ASP B 1625 -10.65 -61.17 9.25
N TYR B 1626 -10.73 -60.98 7.93
CA TYR B 1626 -10.64 -59.64 7.38
C TYR B 1626 -11.80 -58.78 7.83
N GLN B 1627 -13.02 -59.32 7.77
CA GLN B 1627 -14.18 -58.61 8.31
C GLN B 1627 -13.91 -58.21 9.76
N SER B 1628 -13.29 -59.10 10.53
CA SER B 1628 -13.04 -58.81 11.94
C SER B 1628 -12.08 -57.64 12.10
N VAL B 1629 -10.95 -57.69 11.40
CA VAL B 1629 -9.97 -56.60 11.52
C VAL B 1629 -10.60 -55.29 11.08
N THR B 1630 -11.40 -55.32 10.02
CA THR B 1630 -12.05 -54.10 9.56
C THR B 1630 -13.02 -53.57 10.60
N ARG B 1631 -13.85 -54.45 11.15
CA ARG B 1631 -14.82 -54.02 12.15
C ARG B 1631 -14.13 -53.43 13.36
N PHE B 1632 -13.02 -54.03 13.78
CA PHE B 1632 -12.25 -53.48 14.89
C PHE B 1632 -11.71 -52.10 14.55
N LEU B 1633 -10.92 -52.00 13.48
CA LEU B 1633 -10.35 -50.72 13.09
C LEU B 1633 -11.43 -49.64 13.07
N ASP B 1634 -12.56 -49.92 12.42
CA ASP B 1634 -13.66 -48.96 12.44
C ASP B 1634 -14.15 -48.71 13.85
N LEU B 1635 -14.04 -49.72 14.72
CA LEU B 1635 -14.49 -49.56 16.10
C LEU B 1635 -13.76 -48.42 16.78
N ILE B 1636 -12.47 -48.28 16.49
CA ILE B 1636 -11.71 -47.17 17.09
C ILE B 1636 -12.16 -45.86 16.45
N PRO B 1637 -12.39 -44.80 17.23
CA PRO B 1637 -12.74 -43.53 16.62
C PRO B 1637 -11.52 -42.82 16.07
N GLN B 1638 -11.60 -42.46 14.79
CA GLN B 1638 -10.49 -41.77 14.15
C GLN B 1638 -10.19 -40.46 14.87
N ASP B 1639 -11.20 -39.84 15.47
CA ASP B 1639 -11.00 -38.57 16.16
C ASP B 1639 -10.18 -38.76 17.42
N THR B 1640 -10.45 -39.82 18.17
CA THR B 1640 -9.64 -40.13 19.34
C THR B 1640 -8.19 -40.39 18.94
N LEU B 1641 -8.00 -41.14 17.86
CA LEU B 1641 -6.65 -41.38 17.37
C LEU B 1641 -5.95 -40.08 17.01
N ALA B 1642 -6.68 -39.16 16.38
CA ALA B 1642 -6.08 -37.89 15.99
C ALA B 1642 -5.67 -37.08 17.21
N VAL B 1643 -6.56 -37.02 18.20
CA VAL B 1643 -6.23 -36.28 19.42
C VAL B 1643 -5.02 -36.90 20.10
N ALA B 1644 -4.97 -38.22 20.15
CA ALA B 1644 -3.84 -38.88 20.81
C ALA B 1644 -2.56 -38.65 20.03
N SER B 1645 -2.66 -38.56 18.71
CA SER B 1645 -1.46 -38.31 17.90
C SER B 1645 -0.95 -36.91 18.15
N PHE B 1646 -1.85 -35.92 18.14
CA PHE B 1646 -1.43 -34.57 18.50
C PHE B 1646 -0.78 -34.55 19.88
N ARG B 1647 -1.47 -35.14 20.86
CA ARG B 1647 -0.92 -35.21 22.21
C ARG B 1647 0.46 -35.84 22.21
N SER B 1648 0.69 -36.80 21.32
CA SER B 1648 1.99 -37.45 21.21
C SER B 1648 2.94 -36.68 20.32
N LYS B 1649 2.56 -35.49 19.86
CA LYS B 1649 3.41 -34.67 19.00
C LYS B 1649 3.72 -35.40 17.69
N ALA B 1650 2.82 -36.29 17.28
CA ALA B 1650 2.88 -36.95 16.00
C ALA B 1650 1.78 -36.37 15.12
N TYR B 1651 2.11 -35.27 14.45
CA TYR B 1651 1.09 -34.47 13.79
C TYR B 1651 0.63 -35.10 12.48
N THR B 1652 1.56 -35.58 11.65
CA THR B 1652 1.17 -36.19 10.39
C THR B 1652 0.07 -37.22 10.57
N ARG B 1653 0.23 -38.09 11.56
CA ARG B 1653 -0.79 -39.11 11.81
C ARG B 1653 -2.07 -38.48 12.31
N ALA B 1654 -1.97 -37.39 13.08
CA ALA B 1654 -3.15 -36.70 13.53
C ALA B 1654 -3.96 -36.20 12.34
N VAL B 1655 -3.28 -35.59 11.38
CA VAL B 1655 -3.98 -35.07 10.21
C VAL B 1655 -4.55 -36.20 9.39
N MET B 1656 -3.82 -37.31 9.28
CA MET B 1656 -4.36 -38.44 8.54
C MET B 1656 -5.66 -38.92 9.14
N HIS B 1657 -5.67 -39.15 10.45
CA HIS B 1657 -6.88 -39.65 11.09
C HIS B 1657 -7.99 -38.62 11.07
N PHE B 1658 -7.65 -37.35 11.22
CA PHE B 1658 -8.65 -36.30 11.16
C PHE B 1658 -9.32 -36.24 9.79
N GLU B 1659 -8.51 -36.22 8.73
CA GLU B 1659 -9.06 -36.15 7.38
C GLU B 1659 -9.87 -37.40 7.05
N SER B 1660 -9.47 -38.54 7.59
CA SER B 1660 -10.25 -39.75 7.36
C SER B 1660 -11.54 -39.73 8.16
N PHE B 1661 -11.51 -39.10 9.34
CA PHE B 1661 -12.70 -39.00 10.17
C PHE B 1661 -13.74 -38.10 9.53
N ILE B 1662 -13.33 -36.89 9.14
CA ILE B 1662 -14.26 -35.95 8.54
C ILE B 1662 -14.88 -36.55 7.29
N THR B 1663 -14.08 -37.28 6.51
CA THR B 1663 -14.60 -37.87 5.29
C THR B 1663 -15.40 -39.13 5.60
N GLU B 1664 -14.81 -40.08 6.32
CA GLU B 1664 -15.51 -41.31 6.64
C GLU B 1664 -16.71 -41.03 7.54
N LYS B 1665 -16.47 -40.43 8.70
CA LYS B 1665 -17.57 -40.17 9.62
C LYS B 1665 -18.59 -39.21 9.03
N LYS B 1666 -18.24 -38.54 7.93
CA LYS B 1666 -19.09 -37.58 7.24
C LYS B 1666 -19.29 -36.32 8.07
N GLN B 1667 -18.53 -36.15 9.16
CA GLN B 1667 -18.69 -34.98 10.02
C GLN B 1667 -18.46 -33.71 9.23
N ASN B 1668 -19.10 -32.63 9.66
CA ASN B 1668 -18.92 -31.34 9.01
C ASN B 1668 -17.67 -30.65 9.53
N ILE B 1669 -16.82 -30.23 8.60
CA ILE B 1669 -15.53 -29.68 8.98
C ILE B 1669 -15.70 -28.35 9.70
N GLN B 1670 -16.77 -27.61 9.39
CA GLN B 1670 -16.95 -26.28 9.98
C GLN B 1670 -16.94 -26.37 11.50
N GLU B 1671 -17.28 -27.53 12.05
CA GLU B 1671 -17.28 -27.69 13.50
C GLU B 1671 -15.88 -28.01 14.01
N HIS B 1672 -15.20 -28.94 13.36
CA HIS B 1672 -13.89 -29.41 13.81
C HIS B 1672 -12.77 -28.69 13.07
N LEU B 1673 -12.59 -27.41 13.40
CA LEU B 1673 -11.56 -26.60 12.78
C LEU B 1673 -10.45 -26.18 13.72
N GLY B 1674 -10.77 -25.87 14.97
CA GLY B 1674 -9.72 -25.48 15.90
C GLY B 1674 -8.62 -26.50 15.99
N PHE B 1675 -8.99 -27.77 16.13
CA PHE B 1675 -8.02 -28.85 16.06
C PHE B 1675 -7.19 -28.75 14.79
N LEU B 1676 -7.84 -28.45 13.67
CA LEU B 1676 -7.15 -28.42 12.39
C LEU B 1676 -6.11 -27.30 12.36
N GLN B 1677 -6.47 -26.11 12.83
CA GLN B 1677 -5.52 -25.01 12.86
C GLN B 1677 -4.39 -25.30 13.82
N LYS B 1678 -4.70 -25.86 14.99
CA LYS B 1678 -3.64 -26.21 15.93
C LYS B 1678 -2.67 -27.19 15.30
N LEU B 1679 -3.17 -28.15 14.52
CA LEU B 1679 -2.29 -29.07 13.83
C LEU B 1679 -1.42 -28.35 12.82
N TYR B 1680 -2.06 -27.70 11.84
CA TYR B 1680 -1.30 -27.07 10.77
C TYR B 1680 -0.31 -26.06 11.32
N ALA B 1681 -0.56 -25.57 12.53
CA ALA B 1681 0.40 -24.67 13.16
C ALA B 1681 1.56 -25.45 13.77
N ALA B 1682 1.25 -26.48 14.54
CA ALA B 1682 2.32 -27.28 15.14
C ALA B 1682 3.17 -27.95 14.07
N MET B 1683 2.55 -28.33 12.96
CA MET B 1683 3.32 -28.73 11.79
C MET B 1683 4.07 -27.57 11.18
N HIS B 1684 3.83 -26.35 11.66
CA HIS B 1684 4.45 -25.15 11.11
C HIS B 1684 4.19 -25.07 9.61
N GLU B 1685 3.01 -25.52 9.20
CA GLU B 1685 2.54 -25.37 7.84
C GLU B 1685 1.60 -24.18 7.78
N PRO B 1686 2.09 -22.98 7.50
CA PRO B 1686 1.19 -21.83 7.46
C PRO B 1686 0.20 -21.91 6.33
N ASP B 1687 0.59 -22.55 5.23
CA ASP B 1687 -0.29 -22.70 4.09
C ASP B 1687 -1.58 -23.40 4.48
N GLY B 1688 -1.53 -24.23 5.53
CA GLY B 1688 -2.70 -24.98 5.92
C GLY B 1688 -3.61 -24.21 6.85
N VAL B 1689 -3.04 -23.48 7.80
CA VAL B 1689 -3.86 -22.74 8.75
C VAL B 1689 -4.62 -21.64 8.03
N ALA B 1690 -4.08 -21.16 6.92
CA ALA B 1690 -4.78 -20.14 6.14
C ALA B 1690 -6.00 -20.72 5.45
N GLY B 1691 -5.88 -21.96 4.99
CA GLY B 1691 -7.03 -22.60 4.36
C GLY B 1691 -8.19 -22.74 5.31
N VAL B 1692 -7.89 -22.89 6.61
CA VAL B 1692 -8.96 -22.97 7.59
C VAL B 1692 -9.62 -21.61 7.76
N SER B 1693 -8.82 -20.56 7.87
CA SER B 1693 -9.39 -19.22 8.05
C SER B 1693 -10.26 -18.84 6.87
N ALA B 1694 -9.97 -19.39 5.70
CA ALA B 1694 -10.76 -19.06 4.51
C ALA B 1694 -11.99 -19.95 4.40
N ILE B 1695 -11.85 -21.21 4.79
CA ILE B 1695 -12.98 -22.13 4.72
C ILE B 1695 -13.93 -21.91 5.89
N ARG B 1696 -13.44 -21.26 6.94
CA ARG B 1696 -14.26 -21.01 8.12
C ARG B 1696 -15.37 -20.03 7.80
N LYS B 1697 -16.60 -20.44 8.11
CA LYS B 1697 -17.74 -19.54 7.95
C LYS B 1697 -17.84 -18.58 9.13
N ALA B 1698 -17.74 -19.12 10.35
CA ALA B 1698 -17.93 -18.33 11.55
C ALA B 1698 -16.88 -17.23 11.66
N GLU B 1699 -17.13 -16.30 12.57
CA GLU B 1699 -16.17 -15.24 12.83
C GLU B 1699 -15.02 -15.79 13.66
N PRO B 1700 -13.77 -15.62 13.22
CA PRO B 1700 -12.66 -16.18 13.99
C PRO B 1700 -12.52 -15.50 15.33
N SER B 1701 -12.45 -16.31 16.38
CA SER B 1701 -12.19 -15.78 17.70
C SER B 1701 -10.83 -15.13 17.73
N LEU B 1702 -10.61 -14.33 18.77
CA LEU B 1702 -9.35 -13.60 18.87
C LEU B 1702 -8.17 -14.56 18.99
N LYS B 1703 -8.36 -15.67 19.69
CA LYS B 1703 -7.29 -16.66 19.78
C LYS B 1703 -6.94 -17.20 18.40
N GLU B 1704 -7.95 -17.47 17.58
CA GLU B 1704 -7.68 -17.98 16.24
C GLU B 1704 -7.04 -16.92 15.37
N GLN B 1705 -7.47 -15.67 15.51
CA GLN B 1705 -6.86 -14.60 14.76
C GLN B 1705 -5.39 -14.47 15.12
N ILE B 1706 -5.07 -14.58 16.41
CA ILE B 1706 -3.67 -14.56 16.84
C ILE B 1706 -2.93 -15.73 16.23
N LEU B 1707 -3.52 -16.91 16.28
CA LEU B 1707 -2.84 -18.11 15.79
C LEU B 1707 -2.53 -17.99 14.30
N GLU B 1708 -3.43 -17.37 13.55
CA GLU B 1708 -3.23 -17.31 12.10
C GLU B 1708 -2.35 -16.14 11.71
N HIS B 1709 -2.40 -15.04 12.47
CA HIS B 1709 -1.45 -13.95 12.25
C HIS B 1709 -0.06 -14.35 12.69
N GLU B 1710 0.05 -15.38 13.52
CA GLU B 1710 1.34 -15.87 13.97
C GLU B 1710 1.91 -16.90 13.01
N SER B 1711 1.15 -17.97 12.76
CA SER B 1711 1.60 -18.97 11.80
C SER B 1711 1.89 -18.35 10.46
N LEU B 1712 1.06 -17.39 10.05
CA LEU B 1712 1.27 -16.63 8.82
C LEU B 1712 1.30 -15.16 9.18
N GLY B 1713 2.51 -14.60 9.27
CA GLY B 1713 2.64 -13.20 9.60
C GLY B 1713 1.82 -12.36 8.65
N LEU B 1714 0.69 -11.84 9.12
CA LEU B 1714 -0.07 -10.91 8.29
C LEU B 1714 0.78 -9.71 7.91
N LEU B 1715 1.22 -8.95 8.90
CA LEU B 1715 2.12 -7.82 8.72
C LEU B 1715 2.69 -7.48 10.08
N ARG B 1716 3.37 -6.34 10.18
CA ARG B 1716 3.79 -5.83 11.47
C ARG B 1716 2.66 -5.91 12.50
N ASP B 1717 1.45 -5.53 12.09
CA ASP B 1717 0.36 -5.31 13.05
C ASP B 1717 -0.31 -6.63 13.46
N ALA B 1718 0.50 -7.49 14.07
CA ALA B 1718 -0.02 -8.57 14.90
C ALA B 1718 0.05 -8.22 16.38
N THR B 1719 0.83 -7.19 16.72
CA THR B 1719 0.91 -6.75 18.11
C THR B 1719 -0.45 -6.27 18.61
N ALA B 1720 -1.22 -5.63 17.75
CA ALA B 1720 -2.53 -5.12 18.16
C ALA B 1720 -3.40 -6.25 18.68
N CYS B 1721 -3.35 -7.41 18.02
CA CYS B 1721 -4.17 -8.53 18.42
C CYS B 1721 -3.71 -9.09 19.76
N TYR B 1722 -2.39 -9.19 19.95
CA TYR B 1722 -1.87 -9.64 21.23
C TYR B 1722 -2.29 -8.70 22.35
N ASP B 1723 -2.30 -7.39 22.08
CA ASP B 1723 -2.66 -6.44 23.11
C ASP B 1723 -4.14 -6.50 23.44
N ARG B 1724 -4.98 -6.69 22.42
CA ARG B 1724 -6.39 -6.92 22.68
C ARG B 1724 -6.56 -8.15 23.57
N ALA B 1725 -5.87 -9.23 23.24
CA ALA B 1725 -5.91 -10.42 24.08
C ALA B 1725 -5.53 -10.09 25.50
N ILE B 1726 -4.45 -9.33 25.68
CA ILE B 1726 -4.02 -8.95 27.02
C ILE B 1726 -5.14 -8.23 27.75
N GLN B 1727 -5.74 -7.24 27.10
CA GLN B 1727 -6.87 -6.53 27.70
C GLN B 1727 -7.96 -7.51 28.10
N LEU B 1728 -8.03 -8.65 27.42
CA LEU B 1728 -9.09 -9.61 27.71
C LEU B 1728 -8.66 -10.61 28.78
N GLU B 1729 -7.45 -11.16 28.65
CA GLU B 1729 -6.92 -12.12 29.62
C GLU B 1729 -5.52 -11.67 30.05
N PRO B 1730 -5.44 -10.69 30.94
CA PRO B 1730 -4.13 -10.14 31.30
C PRO B 1730 -3.22 -11.14 31.98
N ASP B 1731 -3.78 -12.13 32.67
CA ASP B 1731 -2.94 -13.13 33.32
C ASP B 1731 -2.30 -14.06 32.30
N GLN B 1732 -2.92 -14.18 31.12
CA GLN B 1732 -2.33 -15.00 30.06
C GLN B 1732 -0.97 -14.44 29.69
N ILE B 1733 0.02 -15.33 29.56
CA ILE B 1733 1.39 -14.90 29.33
C ILE B 1733 1.74 -14.99 27.85
N ILE B 1734 1.26 -16.02 27.16
CA ILE B 1734 1.59 -16.21 25.74
C ILE B 1734 1.45 -14.90 24.99
N HIS B 1735 0.49 -14.07 25.40
CA HIS B 1735 0.27 -12.80 24.72
C HIS B 1735 1.41 -11.83 25.00
N TYR B 1736 1.82 -11.71 26.26
CA TYR B 1736 2.97 -10.88 26.57
C TYR B 1736 4.20 -11.36 25.82
N HIS B 1737 4.31 -12.68 25.62
CA HIS B 1737 5.39 -13.21 24.79
C HIS B 1737 5.27 -12.68 23.37
N GLY B 1738 4.07 -12.74 22.81
CA GLY B 1738 3.89 -12.33 21.43
C GLY B 1738 4.19 -10.86 21.23
N VAL B 1739 3.84 -10.03 22.21
CA VAL B 1739 4.02 -8.59 22.05
C VAL B 1739 5.49 -8.25 21.91
N VAL B 1740 6.29 -8.58 22.93
CA VAL B 1740 7.72 -8.28 22.88
C VAL B 1740 8.33 -8.91 21.63
N LYS B 1741 7.79 -10.04 21.21
CA LYS B 1741 8.34 -10.74 20.06
C LYS B 1741 8.12 -9.94 18.78
N SER B 1742 6.96 -9.29 18.67
CA SER B 1742 6.71 -8.46 17.51
C SER B 1742 7.52 -7.17 17.58
N MET B 1743 7.54 -6.53 18.75
CA MET B 1743 8.38 -5.36 18.91
C MET B 1743 9.83 -5.70 18.62
N LEU B 1744 10.22 -6.93 18.90
CA LEU B 1744 11.60 -7.34 18.67
C LEU B 1744 11.90 -7.46 17.19
N GLY B 1745 10.99 -8.06 16.43
CA GLY B 1745 11.22 -8.22 15.01
C GLY B 1745 11.22 -6.91 14.27
N LEU B 1746 10.44 -5.94 14.74
CA LEU B 1746 10.34 -4.64 14.10
C LEU B 1746 11.32 -3.67 14.74
N GLY B 1747 12.57 -4.10 14.80
CA GLY B 1747 13.56 -3.35 15.54
C GLY B 1747 13.05 -3.15 16.96
N GLN B 1748 12.77 -1.90 17.30
CA GLN B 1748 12.18 -1.57 18.60
C GLN B 1748 12.91 -2.26 19.73
N LEU B 1749 14.19 -2.54 19.53
CA LEU B 1749 14.97 -3.27 20.51
C LEU B 1749 14.84 -2.65 21.90
N SER B 1750 15.25 -1.40 22.05
CA SER B 1750 15.26 -0.80 23.37
C SER B 1750 13.86 -0.76 23.97
N THR B 1751 12.84 -0.68 23.12
CA THR B 1751 11.47 -0.72 23.60
C THR B 1751 11.18 -2.07 24.25
N VAL B 1752 11.77 -3.14 23.73
CA VAL B 1752 11.53 -4.46 24.29
C VAL B 1752 12.01 -4.52 25.72
N ILE B 1753 13.18 -3.96 26.00
CA ILE B 1753 13.77 -4.09 27.31
C ILE B 1753 12.89 -3.43 28.35
N THR B 1754 12.18 -2.38 27.97
CA THR B 1754 11.29 -1.71 28.91
C THR B 1754 9.99 -2.47 29.06
N GLN B 1755 9.50 -3.06 27.97
CA GLN B 1755 8.29 -3.86 28.07
C GLN B 1755 8.45 -4.96 29.11
N VAL B 1756 9.53 -5.74 29.00
CA VAL B 1756 9.67 -6.91 29.87
C VAL B 1756 9.96 -6.47 31.29
N ASN B 1757 10.61 -5.33 31.47
CA ASN B 1757 10.86 -4.85 32.82
C ASN B 1757 9.57 -4.38 33.47
N GLY B 1758 8.68 -3.76 32.70
CA GLY B 1758 7.38 -3.41 33.22
C GLY B 1758 6.58 -4.64 33.62
N VAL B 1759 6.56 -5.65 32.75
CA VAL B 1759 5.90 -6.91 33.10
C VAL B 1759 6.49 -7.46 34.39
N HIS B 1760 7.82 -7.55 34.44
CA HIS B 1760 8.49 -8.03 35.64
C HIS B 1760 8.00 -7.30 36.87
N ALA B 1761 7.89 -5.98 36.79
CA ALA B 1761 7.35 -5.21 37.90
C ALA B 1761 5.95 -5.67 38.26
N ASN B 1762 5.05 -5.70 37.28
CA ASN B 1762 3.69 -6.15 37.53
C ASN B 1762 3.68 -7.58 38.08
N ARG B 1763 4.42 -8.48 37.44
CA ARG B 1763 4.45 -9.88 37.82
C ARG B 1763 5.88 -10.39 37.75
N SER B 1764 6.52 -10.52 38.91
CA SER B 1764 7.93 -10.87 38.95
C SER B 1764 8.16 -12.30 38.46
N GLU B 1765 7.09 -13.08 38.27
CA GLU B 1765 7.26 -14.47 37.89
C GLU B 1765 7.46 -14.62 36.39
N TRP B 1766 6.82 -13.76 35.60
CA TRP B 1766 6.85 -13.93 34.15
C TRP B 1766 8.20 -13.56 33.57
N THR B 1767 8.97 -12.73 34.28
CA THR B 1767 10.22 -12.21 33.72
C THR B 1767 11.14 -13.35 33.33
N ASP B 1768 11.12 -14.44 34.09
CA ASP B 1768 12.04 -15.54 33.84
C ASP B 1768 11.86 -16.10 32.44
N GLU B 1769 10.61 -16.24 32.00
CA GLU B 1769 10.36 -16.72 30.65
C GLU B 1769 10.45 -15.59 29.64
N LEU B 1770 10.29 -14.35 30.09
CA LEU B 1770 10.48 -13.19 29.24
C LEU B 1770 11.91 -12.68 29.23
N ASN B 1771 12.80 -13.30 30.00
CA ASN B 1771 14.18 -12.84 30.05
C ASN B 1771 14.88 -12.98 28.71
N THR B 1772 14.49 -13.99 27.92
CA THR B 1772 15.16 -14.22 26.65
C THR B 1772 15.03 -13.02 25.73
N TYR B 1773 13.86 -12.40 25.71
CA TYR B 1773 13.67 -11.23 24.84
C TYR B 1773 14.44 -10.03 25.36
N ARG B 1774 14.69 -9.98 26.66
CA ARG B 1774 15.48 -8.90 27.22
C ARG B 1774 16.96 -9.12 26.95
N VAL B 1775 17.33 -10.35 26.62
CA VAL B 1775 18.72 -10.64 26.31
C VAL B 1775 18.96 -10.47 24.82
N GLU B 1776 18.02 -10.94 24.00
CA GLU B 1776 18.15 -10.78 22.56
C GLU B 1776 18.32 -9.31 22.19
N ALA B 1777 17.51 -8.44 22.78
CA ALA B 1777 17.64 -7.03 22.51
C ALA B 1777 18.99 -6.50 22.94
N ALA B 1778 19.50 -7.01 24.06
CA ALA B 1778 20.70 -6.42 24.65
C ALA B 1778 21.92 -6.68 23.79
N TRP B 1779 22.12 -7.92 23.35
CA TRP B 1779 23.32 -8.22 22.58
C TRP B 1779 23.20 -7.70 21.16
N LYS B 1780 21.98 -7.47 20.70
CA LYS B 1780 21.81 -6.76 19.43
C LYS B 1780 22.16 -5.29 19.59
N LEU B 1781 21.76 -4.70 20.71
CA LEU B 1781 22.18 -3.33 21.01
C LEU B 1781 23.64 -3.28 21.44
N SER B 1782 24.24 -4.43 21.74
CA SER B 1782 25.62 -4.58 22.17
C SER B 1782 25.78 -4.13 23.62
N GLN B 1783 24.71 -4.01 24.38
CA GLN B 1783 24.77 -3.64 25.79
C GLN B 1783 25.18 -4.88 26.59
N TRP B 1784 26.48 -5.11 26.65
CA TRP B 1784 26.99 -6.36 27.20
C TRP B 1784 26.79 -6.44 28.71
N ASP B 1785 26.84 -5.30 29.39
CA ASP B 1785 26.56 -5.32 30.83
C ASP B 1785 25.14 -5.77 31.11
N LEU B 1786 24.18 -5.20 30.37
CA LEU B 1786 22.79 -5.62 30.53
C LEU B 1786 22.63 -7.11 30.26
N VAL B 1787 23.26 -7.60 29.20
CA VAL B 1787 23.22 -9.02 28.90
C VAL B 1787 23.60 -9.82 30.13
N GLU B 1788 24.61 -9.35 30.86
CA GLU B 1788 25.11 -10.11 32.00
C GLU B 1788 24.05 -10.23 33.07
N ASN B 1789 23.38 -9.13 33.40
CA ASN B 1789 22.35 -9.17 34.42
C ASN B 1789 21.17 -10.02 33.98
N TYR B 1790 20.70 -9.82 32.74
CA TYR B 1790 19.54 -10.56 32.27
C TYR B 1790 19.85 -12.05 32.16
N LEU B 1791 21.12 -12.42 32.04
CA LEU B 1791 21.47 -13.82 31.97
C LEU B 1791 21.61 -14.42 33.36
N ALA B 1792 22.31 -13.72 34.25
CA ALA B 1792 22.46 -14.23 35.61
C ALA B 1792 21.10 -14.35 36.29
N ALA B 1793 20.17 -13.48 35.94
CA ALA B 1793 18.83 -13.54 36.53
C ALA B 1793 18.23 -14.93 36.38
N ASP B 1794 18.24 -15.46 35.16
CA ASP B 1794 17.61 -16.74 34.86
C ASP B 1794 18.57 -17.59 34.03
N GLY B 1795 18.93 -18.75 34.57
CA GLY B 1795 19.65 -19.75 33.81
C GLY B 1795 18.80 -20.87 33.29
N LYS B 1796 17.51 -20.86 33.61
CA LYS B 1796 16.62 -21.93 33.16
C LYS B 1796 16.30 -21.79 31.67
N SER B 1797 16.30 -20.57 31.16
CA SER B 1797 16.00 -20.35 29.76
C SER B 1797 17.12 -20.87 28.88
N THR B 1798 16.75 -21.72 27.91
CA THR B 1798 17.68 -22.22 26.91
C THR B 1798 17.30 -21.75 25.51
N THR B 1799 16.55 -20.66 25.40
CA THR B 1799 16.16 -20.15 24.09
C THR B 1799 17.39 -19.78 23.28
N TRP B 1800 17.28 -20.01 21.97
CA TRP B 1800 18.41 -19.76 21.08
C TRP B 1800 19.04 -18.40 21.33
N SER B 1801 18.22 -17.37 21.41
CA SER B 1801 18.73 -16.02 21.63
C SER B 1801 19.56 -15.95 22.90
N VAL B 1802 19.10 -16.60 23.95
CA VAL B 1802 19.82 -16.56 25.22
C VAL B 1802 21.18 -17.21 25.08
N ARG B 1803 21.23 -18.35 24.38
CA ARG B 1803 22.50 -19.04 24.23
C ARG B 1803 23.46 -18.21 23.39
N LEU B 1804 22.94 -17.57 22.35
CA LEU B 1804 23.77 -16.70 21.52
C LEU B 1804 24.32 -15.55 22.35
N GLY B 1805 23.49 -15.00 23.23
CA GLY B 1805 23.98 -13.94 24.11
C GLY B 1805 25.06 -14.45 25.04
N GLN B 1806 24.86 -15.65 25.59
CA GLN B 1806 25.88 -16.24 26.45
C GLN B 1806 27.20 -16.37 25.72
N LEU B 1807 27.17 -16.84 24.49
CA LEU B 1807 28.41 -16.98 23.72
C LEU B 1807 29.05 -15.62 23.47
N LEU B 1808 28.25 -14.65 23.02
CA LEU B 1808 28.81 -13.35 22.72
C LEU B 1808 29.42 -12.73 23.96
N LEU B 1809 28.84 -13.00 25.13
CA LEU B 1809 29.39 -12.48 26.36
C LEU B 1809 30.68 -13.18 26.73
N SER B 1810 30.67 -14.52 26.70
CA SER B 1810 31.89 -15.28 26.95
C SER B 1810 33.02 -14.79 26.06
N ALA B 1811 32.67 -14.29 24.87
CA ALA B 1811 33.70 -13.75 23.99
C ALA B 1811 34.11 -12.34 24.41
N LYS B 1812 33.13 -11.50 24.77
CA LYS B 1812 33.45 -10.15 25.20
C LYS B 1812 34.31 -10.17 26.44
N LYS B 1813 33.81 -10.76 27.52
CA LYS B 1813 34.61 -11.09 28.69
C LYS B 1813 35.31 -12.41 28.38
N ARG B 1814 36.50 -12.31 27.77
CA ARG B 1814 37.09 -13.47 27.13
C ARG B 1814 37.13 -14.65 28.09
N ASP B 1815 36.33 -15.67 27.79
CA ASP B 1815 36.25 -16.90 28.57
C ASP B 1815 36.32 -18.04 27.57
N ILE B 1816 37.54 -18.44 27.24
CA ILE B 1816 37.76 -19.43 26.20
C ILE B 1816 36.98 -20.71 26.51
N THR B 1817 37.24 -21.31 27.66
CA THR B 1817 36.61 -22.58 27.99
C THR B 1817 35.10 -22.48 27.96
N ALA B 1818 34.54 -21.45 28.62
CA ALA B 1818 33.10 -21.30 28.66
C ALA B 1818 32.53 -21.10 27.26
N PHE B 1819 33.22 -20.31 26.44
CA PHE B 1819 32.74 -20.06 25.09
C PHE B 1819 32.66 -21.36 24.30
N TYR B 1820 33.74 -22.13 24.28
CA TYR B 1820 33.75 -23.33 23.46
C TYR B 1820 32.78 -24.37 24.01
N ASP B 1821 32.66 -24.47 25.33
CA ASP B 1821 31.71 -25.41 25.92
C ASP B 1821 30.29 -25.06 25.52
N SER B 1822 29.87 -23.82 25.79
CA SER B 1822 28.52 -23.42 25.43
C SER B 1822 28.30 -23.52 23.92
N LEU B 1823 29.38 -23.39 23.14
CA LEU B 1823 29.25 -23.54 21.70
C LEU B 1823 28.89 -24.96 21.33
N LYS B 1824 29.67 -25.92 21.83
CA LYS B 1824 29.31 -27.33 21.65
C LYS B 1824 27.87 -27.56 22.07
N LEU B 1825 27.46 -26.97 23.18
CA LEU B 1825 26.15 -27.23 23.73
C LEU B 1825 25.05 -26.74 22.80
N VAL B 1826 25.08 -25.46 22.44
CA VAL B 1826 24.05 -24.92 21.56
C VAL B 1826 24.07 -25.63 20.23
N ARG B 1827 25.26 -25.94 19.74
CA ARG B 1827 25.37 -26.56 18.43
C ARG B 1827 24.73 -27.94 18.44
N ALA B 1828 24.83 -28.64 19.55
CA ALA B 1828 24.09 -29.90 19.68
C ALA B 1828 22.61 -29.64 19.79
N GLU B 1829 22.22 -28.59 20.52
CA GLU B 1829 20.80 -28.28 20.67
C GLU B 1829 20.15 -28.05 19.32
N GLN B 1830 20.88 -27.42 18.39
CA GLN B 1830 20.29 -27.11 17.09
C GLN B 1830 20.29 -28.31 16.17
N ILE B 1831 21.23 -29.23 16.38
CA ILE B 1831 21.29 -30.42 15.55
C ILE B 1831 20.14 -31.36 15.86
N VAL B 1832 19.65 -31.31 17.09
CA VAL B 1832 18.60 -32.23 17.50
C VAL B 1832 17.38 -32.11 16.61
N PRO B 1833 16.80 -30.93 16.40
CA PRO B 1833 15.68 -30.82 15.46
C PRO B 1833 16.00 -31.38 14.09
N LEU B 1834 17.26 -31.31 13.66
CA LEU B 1834 17.63 -31.88 12.38
C LEU B 1834 17.63 -33.40 12.44
N SER B 1835 18.06 -33.95 13.57
CA SER B 1835 18.05 -35.41 13.74
C SER B 1835 16.66 -35.96 13.53
N ALA B 1836 15.65 -35.30 14.10
CA ALA B 1836 14.27 -35.72 13.88
C ALA B 1836 13.83 -35.40 12.46
N ALA B 1837 14.25 -34.25 11.93
CA ALA B 1837 13.94 -33.87 10.56
C ALA B 1837 14.96 -34.41 9.56
N SER B 1838 15.97 -35.17 10.02
CA SER B 1838 16.97 -35.70 9.10
C SER B 1838 16.35 -36.72 8.15
N PHE B 1839 15.28 -37.39 8.57
CA PHE B 1839 14.59 -38.30 7.67
C PHE B 1839 14.21 -37.57 6.39
N GLU B 1840 14.83 -37.98 5.29
CA GLU B 1840 14.89 -37.18 4.08
C GLU B 1840 13.55 -37.20 3.34
N ARG B 1841 12.68 -36.25 3.68
CA ARG B 1841 11.56 -35.86 2.84
C ARG B 1841 11.64 -34.32 2.74
N GLY B 1842 12.45 -33.84 1.80
CA GLY B 1842 12.72 -32.41 1.75
C GLY B 1842 13.20 -31.88 3.08
N SER B 1843 14.11 -32.62 3.73
CA SER B 1843 14.51 -32.27 5.09
C SER B 1843 15.27 -30.96 5.11
N TYR B 1844 16.28 -30.82 4.26
CA TYR B 1844 17.15 -29.65 4.32
C TYR B 1844 16.35 -28.36 4.34
N GLN B 1845 15.25 -28.33 3.60
CA GLN B 1845 14.42 -27.12 3.58
C GLN B 1845 13.52 -27.07 4.81
N ARG B 1846 13.21 -28.23 5.40
CA ARG B 1846 12.45 -28.23 6.64
C ARG B 1846 13.31 -27.75 7.80
N GLY B 1847 14.60 -27.99 7.72
CA GLY B 1847 15.54 -27.63 8.76
C GLY B 1847 16.44 -26.45 8.44
N TYR B 1848 16.23 -25.77 7.32
CA TYR B 1848 17.06 -24.63 6.99
C TYR B 1848 17.20 -23.70 8.18
N GLU B 1849 16.14 -23.55 8.97
CA GLU B 1849 16.19 -22.67 10.12
C GLU B 1849 17.26 -23.11 11.09
N TYR B 1850 17.42 -24.42 11.27
CA TYR B 1850 18.44 -24.90 12.19
C TYR B 1850 19.79 -24.99 11.52
N ILE B 1851 19.80 -25.01 10.19
CA ILE B 1851 21.06 -25.07 9.46
C ILE B 1851 21.64 -23.68 9.30
N VAL B 1852 20.78 -22.67 9.20
CA VAL B 1852 21.27 -21.30 9.22
C VAL B 1852 21.79 -20.96 10.60
N ARG B 1853 21.34 -21.70 11.61
CA ARG B 1853 21.84 -21.46 12.96
C ARG B 1853 23.23 -22.04 13.13
N LEU B 1854 23.51 -23.17 12.48
CA LEU B 1854 24.86 -23.71 12.48
C LEU B 1854 25.80 -22.81 11.69
N HIS B 1855 25.35 -22.36 10.52
CA HIS B 1855 26.06 -21.33 9.79
C HIS B 1855 26.42 -20.16 10.70
N MET B 1856 25.45 -19.71 11.50
CA MET B 1856 25.69 -18.62 12.42
C MET B 1856 26.74 -18.97 13.44
N LEU B 1857 26.64 -20.16 14.02
CA LEU B 1857 27.61 -20.57 15.04
C LEU B 1857 29.01 -20.66 14.46
N CYS B 1858 29.13 -21.00 13.18
CA CYS B 1858 30.45 -21.13 12.59
C CYS B 1858 31.04 -19.76 12.30
N GLU B 1859 30.25 -18.86 11.69
CA GLU B 1859 30.68 -17.47 11.60
C GLU B 1859 31.16 -16.98 12.96
N LEU B 1860 30.41 -17.30 14.01
CA LEU B 1860 30.76 -16.88 15.35
C LEU B 1860 32.11 -17.44 15.77
N GLU B 1861 32.23 -18.77 15.79
CA GLU B 1861 33.48 -19.40 16.19
C GLU B 1861 34.66 -18.81 15.45
N HIS B 1862 34.47 -18.42 14.19
CA HIS B 1862 35.61 -17.95 13.41
C HIS B 1862 35.91 -16.48 13.68
N SER B 1863 34.90 -15.72 14.11
CA SER B 1863 35.16 -14.33 14.47
C SER B 1863 35.68 -14.22 15.90
N ILE B 1864 35.31 -15.16 16.76
CA ILE B 1864 35.73 -15.09 18.15
C ILE B 1864 37.17 -15.60 18.30
N LYS B 1865 37.51 -16.67 17.60
CA LYS B 1865 38.82 -17.28 17.76
C LYS B 1865 39.95 -16.28 17.77
N PRO B 1866 40.03 -15.31 16.84
CA PRO B 1866 41.10 -14.32 16.93
C PRO B 1866 41.04 -13.48 18.18
N LEU B 1867 39.83 -13.09 18.61
CA LEU B 1867 39.72 -12.30 19.83
C LEU B 1867 40.33 -13.03 21.02
N PHE B 1868 40.40 -14.36 20.94
CA PHE B 1868 41.00 -15.13 22.02
C PHE B 1868 42.49 -15.31 21.79
N GLN B 1869 42.88 -15.67 20.57
CA GLN B 1869 44.28 -16.03 20.30
C GLN B 1869 45.21 -14.88 20.66
N HIS B 1870 44.75 -13.64 20.50
CA HIS B 1870 45.59 -12.49 20.77
C HIS B 1870 44.75 -11.21 20.76
N SER B 1876 49.20 -14.85 14.39
CA SER B 1876 48.00 -15.47 14.93
C SER B 1876 47.00 -15.75 13.82
N GLN B 1877 46.03 -16.61 14.11
CA GLN B 1877 45.01 -16.95 13.13
C GLN B 1877 43.91 -15.90 13.09
N GLU B 1878 43.17 -15.87 11.99
CA GLU B 1878 42.08 -14.91 11.83
C GLU B 1878 40.97 -15.54 11.00
N ASP B 1879 39.84 -14.84 10.96
CA ASP B 1879 38.67 -15.35 10.26
C ASP B 1879 38.90 -15.34 8.75
N SER B 1880 38.71 -16.50 8.13
CA SER B 1880 38.77 -16.63 6.68
C SER B 1880 37.39 -16.75 6.05
N LEU B 1881 36.32 -16.72 6.85
CA LEU B 1881 34.98 -16.85 6.30
C LEU B 1881 34.64 -15.64 5.45
N ASN B 1882 34.27 -15.88 4.20
CA ASN B 1882 33.85 -14.82 3.28
C ASN B 1882 32.43 -14.44 3.65
N TRP B 1883 32.29 -13.45 4.51
CA TRP B 1883 30.97 -13.15 5.06
C TRP B 1883 29.96 -12.79 3.97
N VAL B 1884 30.41 -12.12 2.90
CA VAL B 1884 29.52 -11.77 1.81
C VAL B 1884 29.00 -13.02 1.12
N ALA B 1885 29.89 -13.79 0.48
CA ALA B 1885 29.47 -14.95 -0.29
C ALA B 1885 28.64 -15.89 0.57
N ARG B 1886 29.04 -16.08 1.83
CA ARG B 1886 28.29 -16.99 2.69
C ARG B 1886 26.84 -16.56 2.81
N LEU B 1887 26.52 -15.33 2.41
CA LEU B 1887 25.16 -14.84 2.57
C LEU B 1887 24.34 -15.06 1.31
N GLU B 1888 24.90 -14.75 0.13
CA GLU B 1888 24.18 -15.03 -1.11
C GLU B 1888 23.93 -16.52 -1.25
N MET B 1889 24.81 -17.34 -0.70
CA MET B 1889 24.62 -18.78 -0.78
C MET B 1889 23.34 -19.21 -0.10
N THR B 1890 22.79 -18.35 0.76
CA THR B 1890 21.64 -18.72 1.56
C THR B 1890 20.34 -18.44 0.80
N GLN B 1891 19.25 -18.94 1.37
CA GLN B 1891 17.94 -18.71 0.78
C GLN B 1891 17.55 -17.26 0.90
N ASN B 1892 17.18 -16.65 -0.22
CA ASN B 1892 16.86 -15.23 -0.26
C ASN B 1892 15.54 -15.00 0.47
N SER B 1893 15.62 -15.05 1.79
CA SER B 1893 14.47 -14.85 2.66
C SER B 1893 14.91 -14.19 3.95
N TYR B 1894 14.06 -13.30 4.45
CA TYR B 1894 14.38 -12.56 5.67
C TYR B 1894 14.49 -13.50 6.85
N ARG B 1895 13.66 -14.53 6.90
CA ARG B 1895 13.68 -15.45 8.02
C ARG B 1895 15.05 -16.11 8.14
N ALA B 1896 15.84 -16.08 7.07
CA ALA B 1896 17.10 -16.81 7.06
C ALA B 1896 18.28 -15.84 7.10
N LYS B 1897 18.28 -14.82 6.26
CA LYS B 1897 19.44 -13.96 6.15
C LYS B 1897 19.57 -13.04 7.35
N GLU B 1898 18.46 -12.58 7.90
CA GLU B 1898 18.54 -11.58 8.96
C GLU B 1898 19.24 -12.11 10.20
N PRO B 1899 18.83 -13.24 10.78
CA PRO B 1899 19.58 -13.74 11.95
C PRO B 1899 21.07 -13.78 11.72
N ILE B 1900 21.49 -14.17 10.52
CA ILE B 1900 22.90 -14.13 10.20
C ILE B 1900 23.42 -12.70 10.32
N LEU B 1901 22.62 -11.74 9.89
CA LEU B 1901 23.11 -10.37 9.78
C LEU B 1901 23.14 -9.69 11.14
N ALA B 1902 22.15 -9.95 11.98
CA ALA B 1902 22.20 -9.39 13.33
C ALA B 1902 23.36 -9.98 14.10
N LEU B 1903 23.58 -11.28 13.97
CA LEU B 1903 24.74 -11.90 14.59
C LEU B 1903 26.03 -11.30 14.04
N ARG B 1904 26.05 -10.99 12.74
CA ARG B 1904 27.24 -10.41 12.15
C ARG B 1904 27.50 -9.03 12.72
N ARG B 1905 26.44 -8.25 12.91
CA ARG B 1905 26.59 -6.94 13.53
C ARG B 1905 27.14 -7.08 14.93
N ALA B 1906 26.60 -8.03 15.69
CA ALA B 1906 27.08 -8.21 17.06
C ALA B 1906 28.54 -8.65 17.08
N LEU B 1907 28.94 -9.50 16.14
CA LEU B 1907 30.33 -9.92 16.08
C LEU B 1907 31.24 -8.76 15.71
N LEU B 1908 30.82 -7.96 14.73
CA LEU B 1908 31.58 -6.77 14.37
C LEU B 1908 31.70 -5.83 15.56
N SER B 1909 30.71 -5.87 16.46
CA SER B 1909 30.79 -5.03 17.64
C SER B 1909 31.75 -5.59 18.67
N LEU B 1910 31.72 -6.92 18.88
CA LEU B 1910 32.65 -7.53 19.82
C LEU B 1910 34.08 -7.18 19.48
N ASN B 1911 34.53 -7.60 18.30
CA ASN B 1911 35.71 -7.00 17.72
C ASN B 1911 35.44 -5.52 17.47
N LYS B 1912 36.50 -4.74 17.43
CA LYS B 1912 36.40 -3.33 17.09
C LYS B 1912 37.57 -2.97 16.18
N ARG B 1913 37.33 -3.12 14.88
CA ARG B 1913 38.29 -2.67 13.89
C ARG B 1913 37.80 -1.35 13.29
N PRO B 1914 38.73 -0.50 12.86
CA PRO B 1914 38.32 0.85 12.44
C PRO B 1914 37.20 0.85 11.42
N ASP B 1915 37.16 -0.16 10.56
CA ASP B 1915 36.08 -0.27 9.59
C ASP B 1915 34.82 -0.82 10.23
N TYR B 1916 34.95 -1.46 11.39
CA TYR B 1916 33.84 -2.21 11.96
C TYR B 1916 32.75 -1.29 12.49
N ASN B 1917 32.95 0.03 12.37
CA ASN B 1917 31.83 0.95 12.54
C ASN B 1917 31.07 1.12 11.24
N GLU B 1918 31.76 0.96 10.11
CA GLU B 1918 31.11 1.10 8.81
C GLU B 1918 30.45 -0.19 8.39
N MET B 1919 31.17 -1.31 8.48
CA MET B 1919 30.63 -2.59 8.04
C MET B 1919 29.27 -2.85 8.68
N VAL B 1920 29.05 -2.31 9.87
CA VAL B 1920 27.76 -2.48 10.53
C VAL B 1920 26.66 -1.83 9.72
N GLY B 1921 26.93 -0.65 9.18
CA GLY B 1921 25.98 -0.04 8.27
C GLY B 1921 25.75 -0.88 7.04
N GLU B 1922 26.80 -1.54 6.56
CA GLU B 1922 26.65 -2.42 5.41
C GLU B 1922 25.71 -3.57 5.72
N CYS B 1923 25.85 -4.16 6.91
CA CYS B 1923 24.99 -5.26 7.29
C CYS B 1923 23.56 -4.79 7.49
N TRP B 1924 23.39 -3.58 8.04
CA TRP B 1924 22.05 -3.04 8.17
C TRP B 1924 21.42 -2.82 6.80
N LEU B 1925 22.22 -2.39 5.83
CA LEU B 1925 21.70 -2.20 4.48
C LEU B 1925 21.32 -3.53 3.85
N GLN B 1926 22.13 -4.56 4.07
CA GLN B 1926 21.78 -5.87 3.55
C GLN B 1926 20.50 -6.38 4.19
N SER B 1927 20.31 -6.10 5.47
CA SER B 1927 19.06 -6.48 6.13
C SER B 1927 17.88 -5.75 5.52
N ALA B 1928 18.06 -4.46 5.24
CA ALA B 1928 17.01 -3.71 4.57
C ALA B 1928 16.70 -4.32 3.21
N ARG B 1929 17.74 -4.74 2.49
CA ARG B 1929 17.53 -5.32 1.17
C ARG B 1929 16.72 -6.60 1.26
N VAL B 1930 17.08 -7.47 2.21
CA VAL B 1930 16.38 -8.75 2.31
C VAL B 1930 14.94 -8.53 2.75
N ALA B 1931 14.72 -7.56 3.64
CA ALA B 1931 13.35 -7.25 4.04
C ALA B 1931 12.55 -6.74 2.86
N ARG B 1932 13.02 -5.67 2.23
CA ARG B 1932 12.37 -5.15 1.03
C ARG B 1932 12.03 -6.27 0.06
N LYS B 1933 13.05 -6.98 -0.42
CA LYS B 1933 12.80 -8.09 -1.34
C LYS B 1933 11.81 -9.08 -0.73
N ALA B 1934 11.71 -9.11 0.59
CA ALA B 1934 10.78 -10.00 1.28
C ALA B 1934 9.51 -9.29 1.71
N GLY B 1935 9.25 -8.10 1.20
CA GLY B 1935 8.00 -7.42 1.45
C GLY B 1935 7.97 -6.47 2.62
N HIS B 1936 8.03 -6.99 3.85
CA HIS B 1936 7.83 -6.12 5.00
C HIS B 1936 8.85 -4.99 4.99
N HIS B 1937 8.33 -3.76 4.97
CA HIS B 1937 9.10 -2.57 4.70
C HIS B 1937 9.45 -1.76 5.93
N GLN B 1938 8.71 -1.93 7.03
CA GLN B 1938 8.94 -1.11 8.20
C GLN B 1938 10.21 -1.52 8.94
N THR B 1939 10.47 -2.83 9.03
CA THR B 1939 11.73 -3.28 9.59
C THR B 1939 12.89 -2.89 8.69
N ALA B 1940 12.68 -2.90 7.38
CA ALA B 1940 13.69 -2.37 6.46
C ALA B 1940 13.98 -0.91 6.77
N TYR B 1941 12.94 -0.13 7.05
CA TYR B 1941 13.12 1.27 7.36
C TYR B 1941 13.91 1.44 8.65
N ASN B 1942 13.63 0.60 9.65
CA ASN B 1942 14.41 0.65 10.88
C ASN B 1942 15.88 0.32 10.61
N ALA B 1943 16.13 -0.69 9.78
CA ALA B 1943 17.51 -1.03 9.44
C ALA B 1943 18.19 0.14 8.75
N LEU B 1944 17.49 0.78 7.82
CA LEU B 1944 18.04 1.94 7.15
C LEU B 1944 18.45 3.00 8.16
N LEU B 1945 17.56 3.31 9.10
CA LEU B 1945 17.93 4.22 10.17
C LEU B 1945 19.22 3.78 10.83
N ASN B 1946 19.30 2.52 11.25
CA ASN B 1946 20.48 2.04 11.95
C ASN B 1946 21.70 2.03 11.03
N ALA B 1947 21.51 2.32 9.75
CA ALA B 1947 22.63 2.33 8.83
C ALA B 1947 23.15 3.75 8.61
N GLY B 1948 22.40 4.76 8.99
CA GLY B 1948 22.78 6.12 8.65
C GLY B 1948 24.13 6.52 9.22
N GLU B 1949 24.41 6.14 10.47
CA GLU B 1949 25.62 6.58 11.13
C GLU B 1949 26.85 6.35 10.25
N SER B 1950 26.82 5.31 9.44
CA SER B 1950 27.90 5.09 8.48
C SER B 1950 27.63 5.91 7.22
N ARG B 1951 28.67 6.60 6.77
CA ARG B 1951 28.56 7.47 5.60
C ARG B 1951 28.56 6.61 4.35
N LEU B 1952 27.49 6.67 3.58
CA LEU B 1952 27.32 5.81 2.42
C LEU B 1952 26.38 6.44 1.43
N ALA B 1953 26.64 6.19 0.14
CA ALA B 1953 25.67 6.50 -0.90
C ALA B 1953 24.71 5.35 -1.10
N GLU B 1954 25.16 4.13 -0.82
CA GLU B 1954 24.26 2.98 -0.88
C GLU B 1954 23.00 3.24 -0.08
N LEU B 1955 23.09 4.10 0.94
CA LEU B 1955 21.92 4.36 1.78
C LEU B 1955 20.82 5.02 0.99
N TYR B 1956 21.15 6.03 0.19
CA TYR B 1956 20.15 6.69 -0.62
C TYR B 1956 19.57 5.74 -1.66
N VAL B 1957 20.43 4.94 -2.28
CA VAL B 1957 19.97 3.98 -3.26
C VAL B 1957 18.96 3.03 -2.65
N GLU B 1958 19.27 2.50 -1.47
CA GLU B 1958 18.38 1.53 -0.85
C GLU B 1958 17.11 2.19 -0.35
N ARG B 1959 17.21 3.42 0.15
CA ARG B 1959 16.01 4.12 0.56
C ARG B 1959 15.08 4.33 -0.62
N ALA B 1960 15.65 4.65 -1.79
CA ALA B 1960 14.84 4.76 -3.00
C ALA B 1960 14.20 3.43 -3.34
N LYS B 1961 15.00 2.38 -3.46
CA LYS B 1961 14.46 1.07 -3.76
C LYS B 1961 13.35 0.69 -2.80
N TRP B 1962 13.46 1.15 -1.56
CA TRP B 1962 12.45 0.85 -0.55
C TRP B 1962 11.18 1.64 -0.82
N LEU B 1963 11.32 2.91 -1.18
CA LEU B 1963 10.17 3.69 -1.60
C LEU B 1963 9.55 3.10 -2.86
N TRP B 1964 10.37 2.79 -3.85
CA TRP B 1964 9.86 2.16 -5.07
C TRP B 1964 9.00 0.96 -4.74
N SER B 1965 9.42 0.15 -3.77
CA SER B 1965 8.63 -1.00 -3.38
C SER B 1965 7.28 -0.57 -2.84
N LYS B 1966 7.25 0.50 -2.04
CA LYS B 1966 5.98 1.02 -1.55
C LYS B 1966 5.16 1.65 -2.67
N GLY B 1967 5.70 1.73 -3.88
CA GLY B 1967 5.00 2.28 -5.02
C GLY B 1967 5.27 3.75 -5.30
N ASP B 1968 5.87 4.47 -4.35
CA ASP B 1968 6.11 5.91 -4.52
C ASP B 1968 7.37 6.11 -5.37
N VAL B 1969 7.20 5.88 -6.67
CA VAL B 1969 8.32 6.01 -7.59
C VAL B 1969 8.87 7.43 -7.57
N HIS B 1970 7.98 8.42 -7.44
CA HIS B 1970 8.43 9.80 -7.54
C HIS B 1970 9.27 10.20 -6.33
N GLN B 1971 8.76 9.95 -5.12
CA GLN B 1971 9.53 10.27 -3.93
C GLN B 1971 10.86 9.52 -3.94
N ALA B 1972 10.86 8.31 -4.48
CA ALA B 1972 12.10 7.54 -4.57
C ALA B 1972 13.08 8.23 -5.51
N LEU B 1973 12.60 8.63 -6.68
CA LEU B 1973 13.47 9.34 -7.62
C LEU B 1973 14.02 10.60 -7.00
N ILE B 1974 13.19 11.31 -6.25
CA ILE B 1974 13.62 12.55 -5.63
C ILE B 1974 14.74 12.28 -4.64
N VAL B 1975 14.51 11.32 -3.74
CA VAL B 1975 15.53 10.98 -2.76
C VAL B 1975 16.81 10.57 -3.46
N LEU B 1976 16.70 9.77 -4.51
CA LEU B 1976 17.89 9.23 -5.16
C LEU B 1976 18.65 10.34 -5.86
N GLN B 1977 17.94 11.30 -6.46
CA GLN B 1977 18.62 12.45 -7.04
C GLN B 1977 19.30 13.29 -5.97
N LYS B 1978 18.68 13.41 -4.81
CA LYS B 1978 19.33 14.12 -3.72
C LYS B 1978 20.61 13.43 -3.30
N GLY B 1979 20.57 12.10 -3.23
CA GLY B 1979 21.74 11.36 -2.77
C GLY B 1979 22.87 11.39 -3.77
N VAL B 1980 22.53 11.47 -5.06
CA VAL B 1980 23.56 11.45 -6.10
C VAL B 1980 24.27 12.78 -6.16
N GLU B 1981 23.53 13.87 -6.16
CA GLU B 1981 24.16 15.19 -6.19
C GLU B 1981 24.95 15.45 -4.91
N LEU B 1982 24.54 14.82 -3.81
CA LEU B 1982 25.25 15.01 -2.55
C LEU B 1982 26.45 14.08 -2.45
N CYS B 1983 26.28 12.82 -2.85
CA CYS B 1983 27.37 11.86 -2.72
C CYS B 1983 28.28 11.89 -3.93
N PHE B 1984 27.74 12.21 -5.10
CA PHE B 1984 28.49 12.23 -6.35
C PHE B 1984 28.31 13.59 -7.02
N PRO B 1985 28.78 14.66 -6.37
CA PRO B 1985 28.73 15.97 -7.01
C PRO B 1985 29.45 15.96 -8.34
N GLU B 1986 28.93 16.75 -9.28
CA GLU B 1986 29.41 16.70 -10.66
C GLU B 1986 30.90 17.04 -10.74
N ASN B 1987 31.39 17.91 -9.85
CA ASN B 1987 32.73 18.46 -10.02
C ASN B 1987 33.79 17.36 -10.05
N GLU B 1988 33.90 16.59 -8.97
CA GLU B 1988 34.98 15.63 -8.81
C GLU B 1988 34.57 14.26 -9.37
N THR B 1989 35.53 13.54 -9.92
CA THR B 1989 35.24 12.27 -10.54
C THR B 1989 34.85 11.23 -9.48
N PRO B 1990 34.02 10.25 -9.82
CA PRO B 1990 33.61 9.25 -8.84
C PRO B 1990 34.48 8.01 -8.93
N PRO B 1991 35.56 8.06 -9.71
CA PRO B 1991 36.29 6.82 -10.04
C PRO B 1991 37.11 6.27 -8.88
N GLU B 1992 36.41 5.85 -7.82
CA GLU B 1992 37.03 5.08 -6.75
C GLU B 1992 36.70 3.60 -6.84
N GLY B 1993 36.23 3.14 -8.00
CA GLY B 1993 35.89 1.74 -8.15
C GLY B 1993 34.62 1.38 -7.43
N LYS B 1994 34.67 1.42 -6.09
CA LYS B 1994 33.47 1.19 -5.30
C LYS B 1994 32.51 2.36 -5.45
N ASN B 1995 33.00 3.58 -5.26
CA ASN B 1995 32.19 4.76 -5.49
C ASN B 1995 31.66 4.78 -6.91
N MET B 1996 32.48 4.37 -7.88
CA MET B 1996 32.03 4.33 -9.27
C MET B 1996 30.91 3.32 -9.43
N LEU B 1997 31.07 2.14 -8.84
CA LEU B 1997 30.02 1.12 -8.95
C LEU B 1997 28.72 1.62 -8.36
N ILE B 1998 28.78 2.30 -7.21
CA ILE B 1998 27.55 2.79 -6.59
C ILE B 1998 26.94 3.89 -7.45
N HIS B 1999 27.77 4.78 -7.99
CA HIS B 1999 27.27 5.84 -8.85
C HIS B 1999 26.57 5.25 -10.06
N GLY B 2000 27.10 4.14 -10.57
CA GLY B 2000 26.48 3.51 -11.72
C GLY B 2000 25.16 2.86 -11.36
N ARG B 2001 25.13 2.12 -10.25
CA ARG B 2001 23.87 1.55 -9.79
C ARG B 2001 22.83 2.64 -9.61
N ALA B 2002 23.26 3.79 -9.10
CA ALA B 2002 22.32 4.87 -8.80
C ALA B 2002 21.80 5.52 -10.08
N MET B 2003 22.70 5.80 -11.03
CA MET B 2003 22.26 6.37 -12.29
C MET B 2003 21.35 5.40 -13.03
N LEU B 2004 21.60 4.10 -12.89
CA LEU B 2004 20.72 3.12 -13.50
C LEU B 2004 19.35 3.16 -12.86
N LEU B 2005 19.30 3.14 -11.54
CA LEU B 2005 18.02 3.21 -10.85
C LEU B 2005 17.29 4.48 -11.22
N VAL B 2006 18.03 5.56 -11.46
CA VAL B 2006 17.42 6.82 -11.87
C VAL B 2006 16.80 6.66 -13.25
N GLY B 2007 17.54 6.10 -14.19
CA GLY B 2007 17.01 5.90 -15.52
C GLY B 2007 15.84 4.95 -15.53
N ARG B 2008 15.77 4.07 -14.53
CA ARG B 2008 14.68 3.12 -14.47
C ARG B 2008 13.44 3.78 -13.90
N PHE B 2009 13.60 4.60 -12.86
CA PHE B 2009 12.49 5.42 -12.39
C PHE B 2009 11.97 6.30 -13.52
N MET B 2010 12.85 7.04 -14.17
CA MET B 2010 12.44 7.93 -15.24
C MET B 2010 11.65 7.19 -16.30
N GLU B 2011 11.95 5.91 -16.49
CA GLU B 2011 11.20 5.10 -17.44
C GLU B 2011 9.75 4.93 -16.99
N GLU B 2012 9.55 4.72 -15.69
CA GLU B 2012 8.20 4.56 -15.18
C GLU B 2012 7.44 5.89 -15.21
N THR B 2013 8.09 6.96 -14.75
CA THR B 2013 7.45 8.26 -14.77
C THR B 2013 7.24 8.73 -16.19
N ALA B 2014 6.02 9.18 -16.50
CA ALA B 2014 5.70 9.58 -17.86
C ALA B 2014 6.31 10.94 -18.19
N ASN B 2015 6.48 11.79 -17.17
CA ASN B 2015 6.93 13.15 -17.42
C ASN B 2015 8.26 13.18 -18.18
N PHE B 2016 9.15 12.25 -17.86
CA PHE B 2016 10.52 12.36 -18.35
C PHE B 2016 10.59 12.02 -19.83
N GLU B 2017 11.37 12.82 -20.54
CA GLU B 2017 11.55 12.63 -21.97
C GLU B 2017 12.35 11.37 -22.25
N SER B 2018 12.11 10.77 -23.42
CA SER B 2018 12.80 9.54 -23.77
C SER B 2018 14.28 9.78 -23.98
N ASN B 2019 14.64 10.93 -24.57
CA ASN B 2019 16.04 11.21 -24.85
C ASN B 2019 16.83 11.31 -23.56
N ALA B 2020 16.24 11.91 -22.52
CA ALA B 2020 16.95 12.02 -21.25
C ALA B 2020 17.14 10.66 -20.62
N ILE B 2021 16.15 9.78 -20.72
CA ILE B 2021 16.28 8.43 -20.20
C ILE B 2021 17.39 7.69 -20.93
N MET B 2022 17.38 7.78 -22.26
CA MET B 2022 18.45 7.16 -23.03
C MET B 2022 19.81 7.68 -22.62
N LYS B 2023 19.90 8.99 -22.37
CA LYS B 2023 21.17 9.58 -21.98
C LYS B 2023 21.61 9.07 -20.62
N LYS B 2024 20.65 8.93 -19.70
CA LYS B 2024 21.01 8.41 -18.38
C LYS B 2024 21.53 6.99 -18.48
N TYR B 2025 20.85 6.15 -19.26
CA TYR B 2025 21.31 4.78 -19.43
C TYR B 2025 22.70 4.76 -20.07
N LYS B 2026 22.94 5.63 -21.05
CA LYS B 2026 24.24 5.68 -21.68
C LYS B 2026 25.32 6.09 -20.69
N ASP B 2027 25.01 7.06 -19.83
CA ASP B 2027 25.98 7.46 -18.82
C ASP B 2027 26.25 6.32 -17.86
N VAL B 2028 25.24 5.53 -17.56
CA VAL B 2028 25.45 4.35 -16.72
C VAL B 2028 26.42 3.39 -17.41
N THR B 2029 26.21 3.14 -18.69
CA THR B 2029 27.10 2.23 -19.41
C THR B 2029 28.52 2.78 -19.44
N ALA B 2030 28.66 4.08 -19.57
CA ALA B 2030 29.99 4.68 -19.67
C ALA B 2030 30.69 4.67 -18.32
N CYS B 2031 29.92 4.78 -17.24
CA CYS B 2031 30.52 4.71 -15.91
C CYS B 2031 30.88 3.27 -15.54
N LEU B 2032 30.09 2.32 -16.03
CA LEU B 2032 30.34 0.89 -15.80
C LEU B 2032 30.12 0.14 -17.11
N PRO B 2033 31.12 0.11 -17.97
CA PRO B 2033 30.97 -0.63 -19.23
C PRO B 2033 31.02 -2.12 -19.05
N GLU B 2034 31.77 -2.60 -18.05
CA GLU B 2034 31.85 -4.03 -17.80
C GLU B 2034 30.61 -4.53 -17.09
N TRP B 2035 29.65 -3.65 -16.83
CA TRP B 2035 28.46 -4.03 -16.10
C TRP B 2035 27.36 -4.46 -17.06
N GLU B 2036 26.66 -5.53 -16.70
CA GLU B 2036 25.59 -6.04 -17.54
C GLU B 2036 24.37 -5.14 -17.48
N ASP B 2037 23.87 -4.89 -16.27
CA ASP B 2037 22.58 -4.22 -16.11
C ASP B 2037 22.49 -2.96 -16.95
N GLY B 2038 23.57 -2.19 -17.01
CA GLY B 2038 23.53 -0.95 -17.78
C GLY B 2038 23.22 -1.18 -19.24
N HIS B 2039 24.06 -1.98 -19.91
CA HIS B 2039 23.82 -2.29 -21.31
C HIS B 2039 22.44 -2.88 -21.50
N PHE B 2040 22.06 -3.79 -20.62
CA PHE B 2040 20.79 -4.49 -20.80
C PHE B 2040 19.63 -3.53 -20.79
N TYR B 2041 19.54 -2.70 -19.75
CA TYR B 2041 18.41 -1.79 -19.65
C TYR B 2041 18.47 -0.73 -20.73
N LEU B 2042 19.66 -0.31 -21.13
CA LEU B 2042 19.77 0.63 -22.24
C LEU B 2042 19.17 0.04 -23.51
N ALA B 2043 19.49 -1.22 -23.80
CA ALA B 2043 18.98 -1.84 -25.01
C ALA B 2043 17.49 -2.10 -24.87
N LYS B 2044 17.05 -2.44 -23.66
CA LYS B 2044 15.63 -2.63 -23.42
C LYS B 2044 14.87 -1.36 -23.73
N TYR B 2045 15.41 -0.20 -23.35
CA TYR B 2045 14.73 1.05 -23.64
C TYR B 2045 14.79 1.36 -25.13
N TYR B 2046 15.94 1.13 -25.76
CA TYR B 2046 15.98 1.28 -27.21
C TYR B 2046 14.89 0.45 -27.86
N ASP B 2047 14.66 -0.75 -27.35
CA ASP B 2047 13.68 -1.65 -27.94
C ASP B 2047 12.26 -1.16 -27.65
N LYS B 2048 12.06 -0.55 -26.49
CA LYS B 2048 10.74 -0.04 -26.15
C LYS B 2048 10.43 1.21 -26.97
N LEU B 2049 11.46 1.95 -27.37
CA LEU B 2049 11.24 3.17 -28.14
C LEU B 2049 11.12 2.89 -29.62
N MET B 2050 11.85 1.90 -30.10
CA MET B 2050 12.00 1.70 -31.53
C MET B 2050 10.67 1.55 -32.26
N PRO B 2051 9.70 0.79 -31.76
CA PRO B 2051 8.40 0.75 -32.43
C PRO B 2051 7.75 2.12 -32.53
N MET B 2052 7.78 2.88 -31.45
CA MET B 2052 7.17 4.21 -31.45
C MET B 2052 7.95 5.17 -32.32
N VAL B 2053 9.28 5.12 -32.26
CA VAL B 2053 10.10 5.99 -33.08
C VAL B 2053 9.89 5.67 -34.56
N THR B 2054 9.99 4.40 -34.93
CA THR B 2054 10.00 3.99 -36.32
C THR B 2054 8.60 3.84 -36.91
N ASP B 2055 7.56 4.06 -36.11
CA ASP B 2055 6.19 3.86 -36.58
C ASP B 2055 5.95 2.40 -36.95
N ASN B 2056 6.61 1.49 -36.24
CA ASN B 2056 6.46 0.06 -36.45
C ASN B 2056 6.86 -0.33 -37.87
N LYS B 2057 7.81 0.40 -38.43
CA LYS B 2057 8.37 0.10 -39.75
C LYS B 2057 9.78 -0.45 -39.57
N MET B 2058 9.97 -1.70 -39.99
CA MET B 2058 11.24 -2.38 -39.74
C MET B 2058 12.40 -1.66 -40.41
N GLU B 2059 12.26 -1.35 -41.70
CA GLU B 2059 13.38 -0.75 -42.44
C GLU B 2059 13.97 0.44 -41.69
N LYS B 2060 13.12 1.19 -40.99
CA LYS B 2060 13.62 2.30 -40.18
C LYS B 2060 14.22 1.79 -38.88
N GLN B 2061 13.89 0.57 -38.50
CA GLN B 2061 14.34 0.02 -37.23
C GLN B 2061 15.75 -0.54 -37.30
N GLY B 2062 16.36 -0.53 -38.49
CA GLY B 2062 17.63 -1.21 -38.66
C GLY B 2062 18.70 -0.76 -37.67
N ASP B 2063 18.97 0.54 -37.64
CA ASP B 2063 20.05 1.04 -36.80
C ASP B 2063 19.74 0.85 -35.32
N LEU B 2064 18.49 1.12 -34.93
CA LEU B 2064 18.10 0.85 -33.56
C LEU B 2064 18.30 -0.61 -33.23
N ILE B 2065 17.98 -1.50 -34.17
CA ILE B 2065 18.22 -2.92 -33.96
C ILE B 2065 19.70 -3.18 -33.75
N ARG B 2066 20.55 -2.46 -34.49
CA ARG B 2066 21.98 -2.64 -34.31
C ARG B 2066 22.39 -2.30 -32.89
N TYR B 2067 22.01 -1.10 -32.43
CA TYR B 2067 22.35 -0.72 -31.05
C TYR B 2067 21.81 -1.74 -30.07
N ILE B 2068 20.61 -2.26 -30.34
CA ILE B 2068 19.93 -3.10 -29.36
C ILE B 2068 20.63 -4.45 -29.24
N VAL B 2069 20.90 -5.10 -30.37
CA VAL B 2069 21.61 -6.37 -30.31
C VAL B 2069 23.01 -6.15 -29.76
N LEU B 2070 23.63 -5.02 -30.10
CA LEU B 2070 24.95 -4.72 -29.58
C LEU B 2070 24.94 -4.73 -28.06
N HIS B 2071 24.10 -3.89 -27.46
CA HIS B 2071 24.11 -3.75 -26.01
C HIS B 2071 23.63 -5.03 -25.34
N PHE B 2072 22.68 -5.73 -25.95
CA PHE B 2072 22.31 -7.04 -25.44
C PHE B 2072 23.52 -7.95 -25.35
N GLY B 2073 24.30 -8.05 -26.43
CA GLY B 2073 25.45 -8.93 -26.42
C GLY B 2073 26.48 -8.54 -25.39
N ARG B 2074 26.82 -7.25 -25.34
CA ARG B 2074 27.74 -6.80 -24.31
C ARG B 2074 27.25 -7.22 -22.94
N SER B 2075 25.96 -7.08 -22.69
CA SER B 2075 25.39 -7.52 -21.42
C SER B 2075 25.74 -8.97 -21.16
N LEU B 2076 25.67 -9.81 -22.19
CA LEU B 2076 25.92 -11.23 -21.99
C LEU B 2076 27.39 -11.51 -21.78
N GLN B 2077 28.25 -10.68 -22.37
CA GLN B 2077 29.69 -10.86 -22.17
C GLN B 2077 30.06 -10.71 -20.70
N TYR B 2078 29.31 -9.88 -19.98
CA TYR B 2078 29.72 -9.51 -18.63
C TYR B 2078 28.89 -10.25 -17.58
N GLY B 2079 27.71 -10.72 -17.96
CA GLY B 2079 26.86 -11.41 -17.02
C GLY B 2079 25.69 -12.07 -17.71
N ASN B 2080 25.18 -13.13 -17.07
CA ASN B 2080 24.08 -13.90 -17.61
C ASN B 2080 22.84 -13.81 -16.74
N GLN B 2081 22.64 -12.69 -16.04
CA GLN B 2081 21.47 -12.53 -15.20
C GLN B 2081 20.21 -12.40 -16.03
N PHE B 2082 20.30 -11.69 -17.16
CA PHE B 2082 19.16 -11.40 -18.01
C PHE B 2082 19.21 -12.15 -19.33
N ILE B 2083 19.91 -13.28 -19.36
CA ILE B 2083 20.16 -13.94 -20.64
C ILE B 2083 18.85 -14.40 -21.28
N TYR B 2084 17.84 -14.67 -20.47
CA TYR B 2084 16.59 -15.17 -21.02
C TYR B 2084 15.76 -14.04 -21.61
N GLN B 2085 16.05 -12.81 -21.22
CA GLN B 2085 15.40 -11.65 -21.82
C GLN B 2085 16.20 -11.13 -23.01
N SER B 2086 17.50 -11.35 -23.00
CA SER B 2086 18.38 -10.67 -23.93
C SER B 2086 18.65 -11.50 -25.17
N MET B 2087 19.25 -12.67 -24.99
CA MET B 2087 19.67 -13.48 -26.13
C MET B 2087 18.49 -13.78 -27.03
N PRO B 2088 17.36 -14.21 -26.49
CA PRO B 2088 16.20 -14.46 -27.35
C PRO B 2088 15.75 -13.22 -28.08
N ARG B 2089 15.63 -12.09 -27.39
CA ARG B 2089 15.17 -10.87 -28.04
C ARG B 2089 16.17 -10.40 -29.09
N MET B 2090 17.46 -10.51 -28.78
CA MET B 2090 18.47 -10.12 -29.73
C MET B 2090 18.39 -10.96 -31.00
N LEU B 2091 18.36 -12.28 -30.84
CA LEU B 2091 18.29 -13.16 -32.00
C LEU B 2091 17.01 -12.94 -32.78
N THR B 2092 15.91 -12.67 -32.06
CA THR B 2092 14.64 -12.45 -32.73
C THR B 2092 14.70 -11.19 -33.59
N LEU B 2093 15.16 -10.09 -33.01
CA LEU B 2093 15.32 -8.86 -33.78
C LEU B 2093 16.20 -9.10 -35.00
N TRP B 2094 17.32 -9.78 -34.82
CA TRP B 2094 18.24 -9.97 -35.94
C TRP B 2094 17.59 -10.80 -37.05
N LEU B 2095 17.10 -11.99 -36.70
CA LEU B 2095 16.52 -12.86 -37.72
C LEU B 2095 15.32 -12.21 -38.38
N ASP B 2096 14.54 -11.43 -37.63
CA ASP B 2096 13.37 -10.78 -38.19
C ASP B 2096 13.78 -9.69 -39.18
N TYR B 2097 14.76 -8.86 -38.81
CA TYR B 2097 15.24 -7.85 -39.73
C TYR B 2097 15.82 -8.51 -40.97
N GLY B 2098 16.43 -9.68 -40.81
CA GLY B 2098 16.93 -10.39 -41.97
C GLY B 2098 15.82 -10.82 -42.89
N THR B 2099 14.78 -11.44 -42.33
CA THR B 2099 13.61 -11.77 -43.13
C THR B 2099 13.08 -10.55 -43.86
N LYS B 2100 13.00 -9.42 -43.16
CA LYS B 2100 12.40 -8.23 -43.75
C LYS B 2100 13.26 -7.69 -44.86
N ALA B 2101 14.58 -7.69 -44.68
CA ALA B 2101 15.46 -7.18 -45.71
C ALA B 2101 15.45 -8.09 -46.92
N TYR B 2102 15.31 -9.39 -46.70
CA TYR B 2102 15.18 -10.30 -47.83
C TYR B 2102 13.88 -10.05 -48.58
N GLU B 2103 12.82 -9.75 -47.84
CA GLU B 2103 11.54 -9.47 -48.49
C GLU B 2103 11.63 -8.19 -49.32
N TRP B 2104 12.05 -7.10 -48.69
CA TRP B 2104 12.11 -5.83 -49.40
C TRP B 2104 13.09 -5.90 -50.58
N GLU B 2105 14.17 -6.65 -50.43
CA GLU B 2105 15.03 -6.92 -51.57
C GLU B 2105 14.30 -7.75 -52.61
N LYS B 2106 13.51 -8.72 -52.17
CA LYS B 2106 12.74 -9.53 -53.12
C LYS B 2106 11.64 -8.72 -53.76
N ALA B 2107 11.07 -7.76 -53.04
CA ALA B 2107 9.99 -6.95 -53.59
C ALA B 2107 10.55 -5.80 -54.42
N GLY B 2108 11.83 -5.47 -54.23
CA GLY B 2108 12.41 -4.34 -54.92
C GLY B 2108 12.09 -3.00 -54.30
N ARG B 2109 11.67 -2.99 -53.03
CA ARG B 2109 11.34 -1.74 -52.37
C ARG B 2109 12.52 -0.77 -52.43
N SER B 2110 12.23 0.50 -52.12
CA SER B 2110 13.24 1.54 -52.28
C SER B 2110 14.31 1.45 -51.20
N ASP B 2111 13.90 1.32 -49.94
CA ASP B 2111 14.85 1.32 -48.84
C ASP B 2111 15.59 -0.01 -48.70
N ARG B 2112 15.48 -0.90 -49.68
CA ARG B 2112 16.02 -2.25 -49.50
C ARG B 2112 17.53 -2.25 -49.43
N VAL B 2113 18.19 -1.46 -50.28
CA VAL B 2113 19.65 -1.44 -50.29
C VAL B 2113 20.17 -0.90 -48.96
N GLN B 2114 19.57 0.17 -48.45
CA GLN B 2114 19.89 0.64 -47.11
C GLN B 2114 19.61 -0.45 -46.09
N MET B 2115 18.52 -1.18 -46.28
CA MET B 2115 18.25 -2.32 -45.41
C MET B 2115 19.35 -3.35 -45.52
N ARG B 2116 19.87 -3.59 -46.74
CA ARG B 2116 20.96 -4.54 -46.91
C ARG B 2116 22.19 -4.12 -46.13
N ASN B 2117 22.54 -2.84 -46.21
CA ASN B 2117 23.74 -2.37 -45.51
C ASN B 2117 23.56 -2.44 -44.00
N ASP B 2118 22.37 -2.08 -43.51
CA ASP B 2118 22.12 -2.15 -42.08
C ASP B 2118 22.15 -3.59 -41.60
N LEU B 2119 21.61 -4.50 -42.41
CA LEU B 2119 21.68 -5.92 -42.07
C LEU B 2119 23.13 -6.39 -42.04
N GLY B 2120 23.96 -5.85 -42.92
CA GLY B 2120 25.38 -6.16 -42.85
C GLY B 2120 25.99 -5.72 -41.54
N LYS B 2121 25.73 -4.47 -41.14
CA LYS B 2121 26.22 -4.01 -39.84
C LYS B 2121 25.77 -4.94 -38.73
N ILE B 2122 24.51 -5.37 -38.79
CA ILE B 2122 23.96 -6.15 -37.69
C ILE B 2122 24.55 -7.55 -37.69
N ASN B 2123 24.75 -8.12 -38.87
CA ASN B 2123 25.41 -9.42 -38.96
C ASN B 2123 26.82 -9.32 -38.40
N LYS B 2124 27.48 -8.19 -38.62
CA LYS B 2124 28.82 -8.00 -38.07
C LYS B 2124 28.79 -7.93 -36.56
N VAL B 2125 27.82 -7.19 -36.01
CA VAL B 2125 27.69 -7.13 -34.55
C VAL B 2125 27.44 -8.52 -33.99
N ILE B 2126 26.59 -9.28 -34.65
CA ILE B 2126 26.27 -10.62 -34.19
C ILE B 2126 27.50 -11.50 -34.25
N THR B 2127 28.35 -11.29 -35.26
CA THR B 2127 29.58 -12.05 -35.36
C THR B 2127 30.52 -11.69 -34.22
N GLU B 2128 30.67 -10.41 -33.93
CA GLU B 2128 31.51 -10.00 -32.82
C GLU B 2128 31.03 -10.63 -31.52
N HIS B 2129 29.72 -10.72 -31.35
CA HIS B 2129 29.18 -11.40 -30.18
C HIS B 2129 29.53 -12.88 -30.21
N THR B 2130 29.22 -13.54 -31.31
CA THR B 2130 29.57 -14.94 -31.49
C THR B 2130 31.00 -15.21 -31.05
N ASN B 2131 31.90 -14.27 -31.30
CA ASN B 2131 33.30 -14.47 -30.93
C ASN B 2131 33.52 -14.18 -29.46
N TYR B 2132 33.01 -13.05 -28.96
CA TYR B 2132 33.22 -12.72 -27.55
C TYR B 2132 32.46 -13.67 -26.64
N LEU B 2133 31.21 -13.94 -26.97
CA LEU B 2133 30.33 -14.62 -26.03
C LEU B 2133 30.69 -16.10 -25.91
N ALA B 2134 30.30 -16.68 -24.79
CA ALA B 2134 30.56 -18.08 -24.55
C ALA B 2134 29.51 -18.93 -25.25
N PRO B 2135 29.89 -20.11 -25.74
CA PRO B 2135 28.92 -20.94 -26.46
C PRO B 2135 27.72 -21.31 -25.62
N TYR B 2136 27.91 -21.50 -24.32
CA TYR B 2136 26.78 -21.82 -23.46
C TYR B 2136 25.79 -20.67 -23.39
N GLN B 2137 26.28 -19.44 -23.55
CA GLN B 2137 25.38 -18.30 -23.61
C GLN B 2137 24.44 -18.44 -24.78
N PHE B 2138 24.90 -19.08 -25.86
CA PHE B 2138 24.03 -19.33 -27.00
C PHE B 2138 23.23 -20.60 -26.80
N LEU B 2139 23.73 -21.49 -25.93
CA LEU B 2139 23.09 -22.78 -25.77
C LEU B 2139 21.65 -22.64 -25.36
N THR B 2140 21.40 -21.95 -24.25
CA THR B 2140 20.07 -21.44 -24.01
C THR B 2140 19.70 -20.57 -25.21
N ALA B 2141 18.55 -20.84 -25.79
CA ALA B 2141 18.11 -20.27 -27.06
C ALA B 2141 18.61 -21.07 -28.24
N PHE B 2142 19.19 -22.24 -28.03
CA PHE B 2142 19.54 -23.09 -29.15
C PHE B 2142 18.29 -23.59 -29.86
N SER B 2143 17.26 -23.92 -29.10
CA SER B 2143 16.00 -24.31 -29.72
C SER B 2143 15.47 -23.19 -30.59
N GLN B 2144 15.76 -21.95 -30.22
CA GLN B 2144 15.38 -20.82 -31.05
C GLN B 2144 16.26 -20.74 -32.28
N LEU B 2145 17.56 -20.98 -32.12
CA LEU B 2145 18.47 -20.97 -33.26
C LEU B 2145 18.21 -22.15 -34.17
N ILE B 2146 17.95 -23.32 -33.59
CA ILE B 2146 17.57 -24.47 -34.40
C ILE B 2146 16.24 -24.22 -35.09
N SER B 2147 15.58 -23.12 -34.75
CA SER B 2147 14.29 -22.80 -35.35
C SER B 2147 14.45 -21.96 -36.61
N ARG B 2148 15.24 -20.90 -36.54
CA ARG B 2148 15.48 -20.02 -37.68
C ARG B 2148 16.45 -20.62 -38.67
N ILE B 2149 16.72 -21.92 -38.57
CA ILE B 2149 17.66 -22.59 -39.47
C ILE B 2149 17.31 -22.28 -40.92
N CYS B 2150 16.03 -22.31 -41.25
CA CYS B 2150 15.57 -22.12 -42.62
C CYS B 2150 15.44 -20.64 -42.97
N HIS B 2151 16.10 -19.75 -42.24
CA HIS B 2151 16.08 -18.34 -42.58
C HIS B 2151 16.43 -18.14 -44.04
N SER B 2152 15.76 -17.18 -44.67
CA SER B 2152 15.90 -17.01 -46.11
C SER B 2152 17.19 -16.29 -46.47
N HIS B 2153 17.53 -15.24 -45.73
CA HIS B 2153 18.72 -14.47 -46.06
C HIS B 2153 19.96 -15.32 -45.84
N ASP B 2154 20.86 -15.31 -46.82
CA ASP B 2154 21.99 -16.22 -46.80
C ASP B 2154 23.03 -15.79 -45.77
N GLU B 2155 23.38 -14.51 -45.73
CA GLU B 2155 24.37 -14.05 -44.78
C GLU B 2155 23.89 -14.25 -43.36
N VAL B 2156 22.61 -14.00 -43.12
CA VAL B 2156 22.02 -14.29 -41.82
C VAL B 2156 22.18 -15.76 -41.49
N PHE B 2157 21.99 -16.62 -42.49
CA PHE B 2157 22.14 -18.05 -42.25
C PHE B 2157 23.58 -18.38 -41.93
N VAL B 2158 24.53 -17.66 -42.52
CA VAL B 2158 25.94 -17.92 -42.24
C VAL B 2158 26.25 -17.56 -40.80
N VAL B 2159 25.77 -16.40 -40.35
CA VAL B 2159 26.00 -16.01 -38.96
C VAL B 2159 25.35 -17.02 -38.03
N LEU B 2160 24.13 -17.44 -38.33
CA LEU B 2160 23.46 -18.43 -37.48
C LEU B 2160 24.21 -19.75 -37.48
N MET B 2161 24.80 -20.11 -38.63
CA MET B 2161 25.55 -21.35 -38.73
C MET B 2161 26.79 -21.29 -37.85
N GLU B 2162 27.53 -20.19 -37.92
CA GLU B 2162 28.71 -20.07 -37.06
C GLU B 2162 28.31 -20.05 -35.60
N ILE B 2163 27.12 -19.54 -35.30
CA ILE B 2163 26.69 -19.48 -33.90
C ILE B 2163 26.38 -20.87 -33.38
N ILE B 2164 25.51 -21.60 -34.07
CA ILE B 2164 25.08 -22.89 -33.55
C ILE B 2164 26.18 -23.92 -33.71
N ALA B 2165 27.06 -23.74 -34.70
CA ALA B 2165 28.19 -24.64 -34.84
C ALA B 2165 29.18 -24.46 -33.71
N LYS B 2166 29.51 -23.21 -33.40
CA LYS B 2166 30.33 -22.95 -32.22
C LYS B 2166 29.75 -23.62 -31.00
N VAL B 2167 28.43 -23.77 -30.95
CA VAL B 2167 27.79 -24.48 -29.85
C VAL B 2167 27.96 -25.98 -30.02
N PHE B 2168 27.75 -26.48 -31.24
CA PHE B 2168 27.87 -27.91 -31.46
C PHE B 2168 29.20 -28.44 -30.97
N LEU B 2169 30.29 -27.75 -31.28
CA LEU B 2169 31.59 -28.15 -30.78
C LEU B 2169 31.59 -28.23 -29.27
N ALA B 2170 31.15 -27.16 -28.61
CA ALA B 2170 31.24 -27.11 -27.15
C ALA B 2170 30.41 -28.21 -26.52
N TYR B 2171 29.23 -28.46 -27.07
CA TYR B 2171 28.26 -29.37 -26.48
C TYR B 2171 27.56 -30.13 -27.59
N PRO B 2172 28.27 -31.06 -28.23
CA PRO B 2172 27.67 -31.79 -29.35
C PRO B 2172 26.54 -32.70 -28.90
N GLN B 2173 26.78 -33.51 -27.88
CA GLN B 2173 25.79 -34.51 -27.47
C GLN B 2173 24.45 -33.85 -27.19
N GLN B 2174 24.46 -32.71 -26.51
CA GLN B 2174 23.22 -32.03 -26.18
C GLN B 2174 22.67 -31.27 -27.38
N ALA B 2175 23.53 -30.99 -28.36
CA ALA B 2175 23.07 -30.27 -29.54
C ALA B 2175 22.48 -31.23 -30.57
N MET B 2176 23.20 -32.30 -30.88
CA MET B 2176 22.73 -33.24 -31.88
C MET B 2176 21.31 -33.70 -31.58
N TRP B 2177 20.94 -33.75 -30.31
CA TRP B 2177 19.59 -34.14 -29.96
C TRP B 2177 18.59 -33.07 -30.39
N MET B 2178 18.92 -31.80 -30.14
CA MET B 2178 18.03 -30.71 -30.54
C MET B 2178 18.05 -30.53 -32.06
N MET B 2179 19.10 -31.02 -32.72
CA MET B 2179 19.31 -30.78 -34.13
C MET B 2179 19.01 -32.00 -34.99
N THR B 2180 18.75 -33.15 -34.38
CA THR B 2180 18.52 -34.36 -35.17
C THR B 2180 17.21 -34.27 -35.95
N ALA B 2181 16.17 -33.73 -35.31
CA ALA B 2181 14.88 -33.65 -35.96
C ALA B 2181 15.00 -32.98 -37.32
N VAL B 2182 15.47 -31.74 -37.35
CA VAL B 2182 15.58 -31.00 -38.60
C VAL B 2182 16.40 -31.79 -39.60
N SER B 2183 17.43 -32.49 -39.13
CA SER B 2183 18.21 -33.33 -40.02
C SER B 2183 17.34 -34.39 -40.67
N LYS B 2184 16.38 -34.91 -39.92
CA LYS B 2184 15.47 -35.94 -40.43
C LYS B 2184 14.17 -35.36 -40.93
N SER B 2185 13.99 -34.05 -40.85
CA SER B 2185 12.71 -33.45 -41.19
C SER B 2185 12.32 -33.76 -42.63
N SER B 2186 11.02 -33.65 -42.91
CA SER B 2186 10.53 -33.92 -44.25
C SER B 2186 10.68 -32.68 -45.15
N TYR B 2187 10.61 -31.49 -44.56
CA TYR B 2187 10.98 -30.29 -45.29
C TYR B 2187 12.41 -30.43 -45.79
N PRO B 2188 12.65 -30.40 -47.10
CA PRO B 2188 14.03 -30.56 -47.57
C PRO B 2188 14.98 -29.49 -47.07
N MET B 2189 14.53 -28.24 -47.02
CA MET B 2189 15.44 -27.15 -46.68
C MET B 2189 15.96 -27.30 -45.26
N ARG B 2190 15.10 -27.71 -44.33
CA ARG B 2190 15.57 -27.96 -42.97
C ARG B 2190 16.72 -28.95 -42.98
N VAL B 2191 16.54 -30.06 -43.71
CA VAL B 2191 17.57 -31.10 -43.75
C VAL B 2191 18.86 -30.54 -44.34
N ASN B 2192 18.74 -29.81 -45.45
CA ASN B 2192 19.93 -29.35 -46.14
C ASN B 2192 20.69 -28.33 -45.33
N ARG B 2193 19.97 -27.39 -44.70
CA ARG B 2193 20.64 -26.41 -43.86
C ARG B 2193 21.30 -27.08 -42.66
N CYS B 2194 20.61 -28.02 -42.03
CA CYS B 2194 21.22 -28.70 -40.90
C CYS B 2194 22.43 -29.50 -41.33
N LYS B 2195 22.42 -30.04 -42.54
CA LYS B 2195 23.59 -30.78 -43.02
C LYS B 2195 24.74 -29.83 -43.29
N GLU B 2196 24.46 -28.65 -43.85
CA GLU B 2196 25.51 -27.65 -44.01
C GLU B 2196 26.11 -27.28 -42.67
N ILE B 2197 25.27 -27.11 -41.65
CA ILE B 2197 25.75 -26.74 -40.32
C ILE B 2197 26.61 -27.85 -39.75
N LEU B 2198 26.14 -29.09 -39.88
CA LEU B 2198 26.87 -30.22 -39.32
C LEU B 2198 28.19 -30.40 -40.04
N ASN B 2199 28.21 -30.15 -41.34
CA ASN B 2199 29.46 -30.26 -42.10
C ASN B 2199 30.42 -29.16 -41.70
N LYS B 2200 29.91 -27.96 -41.43
CA LYS B 2200 30.77 -26.90 -40.90
C LYS B 2200 31.41 -27.33 -39.60
N ALA B 2201 30.60 -27.80 -38.65
CA ALA B 2201 31.15 -28.25 -37.38
C ALA B 2201 32.17 -29.37 -37.60
N ILE B 2202 31.81 -30.34 -38.43
CA ILE B 2202 32.74 -31.42 -38.78
C ILE B 2202 34.06 -30.87 -39.24
N HIS B 2203 34.02 -29.84 -40.10
CA HIS B 2203 35.24 -29.22 -40.57
C HIS B 2203 36.00 -28.55 -39.44
N MET B 2204 35.27 -28.04 -38.44
CA MET B 2204 35.93 -27.45 -37.29
C MET B 2204 36.63 -28.54 -36.46
N LYS B 2205 35.94 -29.63 -36.18
CA LYS B 2205 36.49 -30.74 -35.40
C LYS B 2205 36.32 -32.02 -36.20
N LYS B 2206 37.44 -32.68 -36.50
CA LYS B 2206 37.36 -33.96 -37.22
C LYS B 2206 36.90 -35.07 -36.28
N SER B 2207 37.27 -34.96 -35.00
CA SER B 2207 36.81 -35.95 -34.02
C SER B 2207 35.29 -35.96 -33.96
N LEU B 2208 34.65 -34.91 -34.44
CA LEU B 2208 33.20 -34.78 -34.34
C LEU B 2208 32.49 -35.63 -35.38
N GLU B 2209 33.21 -36.02 -36.43
CA GLU B 2209 32.57 -36.68 -37.56
C GLU B 2209 32.08 -38.08 -37.19
N LYS B 2210 32.92 -38.87 -36.53
CA LYS B 2210 32.49 -40.20 -36.11
C LYS B 2210 31.30 -40.10 -35.17
N PHE B 2211 31.34 -39.15 -34.25
CA PHE B 2211 30.22 -38.94 -33.33
C PHE B 2211 28.93 -38.66 -34.08
N VAL B 2212 28.99 -37.73 -35.03
CA VAL B 2212 27.79 -37.39 -35.78
C VAL B 2212 27.29 -38.60 -36.57
N GLY B 2213 28.19 -39.29 -37.25
CA GLY B 2213 27.79 -40.43 -38.06
C GLY B 2213 27.19 -41.53 -37.23
N ASP B 2214 27.70 -41.71 -36.01
CA ASP B 2214 27.13 -42.72 -35.13
C ASP B 2214 25.76 -42.30 -34.63
N ALA B 2215 25.61 -41.04 -34.26
CA ALA B 2215 24.34 -40.58 -33.72
C ALA B 2215 23.25 -40.65 -34.78
N THR B 2216 23.48 -40.02 -35.93
CA THR B 2216 22.46 -40.03 -36.98
C THR B 2216 21.98 -41.44 -37.26
N ARG B 2217 22.87 -42.42 -37.11
CA ARG B 2217 22.44 -43.81 -37.23
C ARG B 2217 21.56 -44.21 -36.07
N LEU B 2218 22.05 -44.02 -34.85
CA LEU B 2218 21.26 -44.33 -33.66
C LEU B 2218 19.87 -43.72 -33.76
N THR B 2219 19.79 -42.47 -34.18
CA THR B 2219 18.49 -41.82 -34.34
C THR B 2219 17.68 -42.50 -35.42
N ASP B 2220 18.31 -42.81 -36.55
CA ASP B 2220 17.60 -43.50 -37.63
C ASP B 2220 17.02 -44.82 -37.15
N LYS B 2221 17.76 -45.53 -36.31
CA LYS B 2221 17.30 -46.83 -35.87
C LYS B 2221 16.22 -46.70 -34.79
N LEU B 2222 16.38 -45.75 -33.88
CA LEU B 2222 15.31 -45.46 -32.94
C LEU B 2222 14.04 -45.07 -33.68
N LEU B 2223 14.19 -44.43 -34.83
CA LEU B 2223 13.04 -44.04 -35.62
C LEU B 2223 12.41 -45.25 -36.29
N GLU B 2224 13.23 -46.10 -36.89
CA GLU B 2224 12.72 -47.36 -37.44
C GLU B 2224 11.94 -48.12 -36.37
N LEU B 2225 12.36 -47.84 -35.11
CA LEU B 2225 11.67 -48.38 -33.93
C LEU B 2225 10.27 -47.73 -33.76
N CYS B 2226 9.99 -46.41 -33.75
CA CYS B 2226 8.58 -45.86 -33.68
C CYS B 2226 7.77 -46.17 -34.91
N ASN B 2227 8.41 -46.03 -36.06
CA ASN B 2227 7.67 -46.17 -37.32
C ASN B 2227 7.44 -47.67 -37.41
N LYS B 2228 8.00 -48.43 -36.46
CA LYS B 2228 7.81 -49.87 -36.64
C LYS B 2228 6.35 -50.23 -36.41
N PRO B 2229 5.76 -51.03 -37.29
CA PRO B 2229 4.37 -51.47 -37.06
C PRO B 2229 4.33 -52.60 -36.04
N VAL B 2230 3.82 -52.30 -34.86
CA VAL B 2230 3.73 -53.30 -33.81
C VAL B 2230 3.03 -54.53 -34.34
N ASP B 2231 3.71 -55.67 -34.25
CA ASP B 2231 3.19 -56.95 -34.72
C ASP B 2231 2.77 -57.78 -33.53
N GLY B 2232 1.56 -58.30 -33.57
CA GLY B 2232 1.04 -59.13 -32.50
C GLY B 2232 0.38 -58.32 -31.41
N SER B 2233 -0.70 -58.88 -30.86
CA SER B 2233 -1.42 -58.21 -29.80
C SER B 2233 -0.55 -58.01 -28.57
N SER B 2234 0.47 -58.86 -28.41
CA SER B 2234 1.31 -58.77 -27.22
C SER B 2234 2.04 -57.44 -27.17
N SER B 2235 1.93 -56.77 -26.03
CA SER B 2235 2.65 -55.52 -25.84
C SER B 2235 4.15 -55.75 -25.87
N THR B 2236 4.58 -56.97 -25.59
CA THR B 2236 6.01 -57.26 -25.54
C THR B 2236 6.60 -57.33 -26.94
N LEU B 2237 7.80 -56.77 -27.09
CA LEU B 2237 8.61 -56.94 -28.29
C LEU B 2237 10.05 -57.17 -27.88
N SER B 2238 10.73 -58.02 -28.62
CA SER B 2238 12.11 -58.39 -28.33
C SER B 2238 13.05 -57.65 -29.28
N MET B 2239 14.08 -57.03 -28.70
CA MET B 2239 15.03 -56.29 -29.52
C MET B 2239 15.74 -57.22 -30.50
N SER B 2240 16.18 -58.38 -30.02
CA SER B 2240 16.87 -59.32 -30.89
C SER B 2240 15.99 -59.72 -32.08
N THR B 2241 14.68 -59.78 -31.87
CA THR B 2241 13.79 -60.26 -32.91
C THR B 2241 13.52 -59.18 -33.96
N HIS B 2242 12.90 -58.08 -33.54
CA HIS B 2242 12.49 -57.03 -34.46
C HIS B 2242 13.49 -55.90 -34.59
N PHE B 2243 14.24 -55.58 -33.53
CA PHE B 2243 15.16 -54.46 -33.53
C PHE B 2243 16.62 -54.90 -33.42
N LYS B 2244 16.99 -55.98 -34.12
CA LYS B 2244 18.33 -56.52 -33.98
C LYS B 2244 19.39 -55.50 -34.41
N MET B 2245 19.13 -54.78 -35.49
CA MET B 2245 20.09 -53.79 -35.96
C MET B 2245 20.28 -52.69 -34.94
N LEU B 2246 19.17 -52.15 -34.42
CA LEU B 2246 19.26 -51.11 -33.41
C LEU B 2246 20.11 -51.57 -32.23
N LYS B 2247 20.10 -52.86 -31.94
CA LYS B 2247 20.92 -53.39 -30.86
C LYS B 2247 22.38 -53.45 -31.28
N LYS B 2248 22.66 -54.10 -32.41
CA LYS B 2248 24.04 -54.28 -32.83
C LYS B 2248 24.74 -52.94 -32.96
N LEU B 2249 24.04 -51.92 -33.44
CA LEU B 2249 24.65 -50.60 -33.62
C LEU B 2249 25.27 -50.11 -32.32
N VAL B 2250 24.49 -50.12 -31.24
CA VAL B 2250 25.01 -49.66 -29.96
C VAL B 2250 26.09 -50.60 -29.45
N GLU B 2251 26.07 -51.85 -29.90
CA GLU B 2251 26.93 -52.85 -29.29
C GLU B 2251 28.39 -52.64 -29.69
N GLU B 2252 28.63 -52.27 -30.94
CA GLU B 2252 30.00 -52.17 -31.42
C GLU B 2252 30.79 -51.17 -30.58
N ALA B 2253 32.04 -51.53 -30.25
CA ALA B 2253 32.87 -50.67 -29.43
C ALA B 2253 33.22 -49.38 -30.16
N THR B 2254 33.31 -49.44 -31.48
CA THR B 2254 33.60 -48.24 -32.25
C THR B 2254 32.52 -47.19 -32.06
N PHE B 2255 31.28 -47.64 -31.85
CA PHE B 2255 30.17 -46.71 -31.71
C PHE B 2255 30.43 -45.73 -30.58
N SER B 2256 30.55 -44.46 -30.94
CA SER B 2256 30.84 -43.42 -29.97
C SER B 2256 29.76 -43.36 -28.90
N GLU B 2257 30.17 -42.94 -27.71
CA GLU B 2257 29.22 -42.85 -26.61
C GLU B 2257 28.25 -41.70 -26.85
N ILE B 2258 26.99 -42.05 -27.04
CA ILE B 2258 25.92 -41.08 -27.23
C ILE B 2258 25.30 -40.80 -25.87
N LEU B 2259 25.03 -39.54 -25.61
CA LEU B 2259 24.48 -39.15 -24.32
C LEU B 2259 23.01 -39.52 -24.24
N ILE B 2260 22.60 -39.97 -23.07
CA ILE B 2260 21.19 -40.33 -22.88
C ILE B 2260 20.38 -39.07 -22.66
N PRO B 2261 19.48 -38.72 -23.55
CA PRO B 2261 18.90 -37.37 -23.57
C PRO B 2261 17.95 -37.09 -22.41
N LEU B 2262 18.47 -37.20 -21.20
CA LEU B 2262 17.71 -36.80 -20.05
C LEU B 2262 17.52 -35.28 -20.03
N GLN B 2263 16.77 -34.81 -19.04
CA GLN B 2263 16.49 -33.39 -18.96
C GLN B 2263 17.60 -32.66 -18.22
N SER B 2264 18.11 -33.27 -17.14
CA SER B 2264 19.17 -32.64 -16.37
C SER B 2264 20.37 -32.31 -17.26
N VAL B 2265 20.66 -33.17 -18.22
CA VAL B 2265 21.83 -32.97 -19.08
C VAL B 2265 21.48 -32.06 -20.24
N MET B 2266 20.29 -32.22 -20.80
CA MET B 2266 19.93 -31.42 -21.97
C MET B 2266 19.77 -29.95 -21.61
N ILE B 2267 19.35 -29.67 -20.39
CA ILE B 2267 19.12 -28.28 -19.99
C ILE B 2267 20.42 -27.69 -19.46
N PRO B 2268 20.73 -26.43 -19.75
CA PRO B 2268 21.95 -25.84 -19.24
C PRO B 2268 21.82 -25.42 -17.78
N THR B 2269 22.96 -25.07 -17.21
CA THR B 2269 23.04 -24.45 -15.89
C THR B 2269 23.94 -23.23 -16.00
N LEU B 2270 23.47 -22.11 -15.51
CA LEU B 2270 24.12 -20.86 -15.80
C LEU B 2270 24.83 -20.30 -14.58
N PRO B 2271 25.86 -19.47 -14.79
CA PRO B 2271 26.65 -19.00 -13.67
C PRO B 2271 25.93 -17.92 -12.87
N SER B 2272 26.23 -17.89 -11.58
CA SER B 2272 25.58 -16.93 -10.71
C SER B 2272 26.04 -15.51 -11.05
N ILE B 2273 25.21 -14.55 -10.67
CA ILE B 2273 25.56 -13.14 -10.85
C ILE B 2273 26.94 -12.87 -10.26
N LEU B 2274 27.29 -13.60 -9.21
CA LEU B 2274 28.63 -13.59 -8.66
C LEU B 2274 29.24 -14.97 -8.88
N GLY B 2275 30.33 -15.02 -9.63
CA GLY B 2275 30.99 -16.30 -9.86
C GLY B 2275 31.73 -16.32 -11.19
N THR B 2276 31.69 -17.49 -11.81
CA THR B 2276 32.56 -17.79 -12.95
C THR B 2276 32.10 -17.13 -14.25
N HIS B 2277 31.06 -16.30 -14.21
CA HIS B 2277 30.73 -15.49 -15.38
C HIS B 2277 31.86 -14.53 -15.69
N ALA B 2278 32.49 -13.98 -14.65
CA ALA B 2278 33.68 -13.17 -14.85
C ALA B 2278 34.76 -13.95 -15.61
N ASN B 2279 34.92 -15.22 -15.26
CA ASN B 2279 35.88 -16.10 -15.92
C ASN B 2279 35.19 -17.19 -16.74
N HIS B 2280 34.08 -16.85 -17.39
CA HIS B 2280 33.30 -17.86 -18.08
C HIS B 2280 34.13 -18.50 -19.19
N ALA B 2281 33.53 -19.53 -19.81
CA ALA B 2281 34.24 -20.44 -20.70
C ALA B 2281 35.09 -21.41 -19.89
N SER B 2282 35.15 -21.22 -18.58
CA SER B 2282 35.56 -22.29 -17.68
C SER B 2282 34.34 -22.99 -17.12
N HIS B 2283 33.17 -22.39 -17.29
CA HIS B 2283 31.93 -22.95 -16.77
C HIS B 2283 31.49 -24.14 -17.62
N GLU B 2284 31.06 -25.19 -16.93
CA GLU B 2284 30.39 -26.30 -17.58
C GLU B 2284 28.90 -26.18 -17.32
N PRO B 2285 28.10 -25.83 -18.32
CA PRO B 2285 26.66 -25.69 -18.07
C PRO B 2285 26.03 -26.97 -17.60
N PHE B 2286 26.60 -28.11 -17.98
CA PHE B 2286 26.07 -29.41 -17.59
C PHE B 2286 26.94 -30.02 -16.50
N PRO B 2287 26.62 -29.81 -15.23
CA PRO B 2287 27.36 -30.51 -14.18
C PRO B 2287 26.94 -31.97 -14.10
N GLY B 2288 27.75 -32.74 -13.40
CA GLY B 2288 27.47 -34.14 -13.20
C GLY B 2288 28.17 -35.01 -14.22
N HIS B 2289 27.94 -36.31 -14.07
CA HIS B 2289 28.53 -37.31 -14.94
C HIS B 2289 27.44 -37.86 -15.84
N TRP B 2290 27.50 -37.50 -17.12
CA TRP B 2290 26.50 -37.93 -18.07
C TRP B 2290 26.51 -39.44 -18.22
N ALA B 2291 25.34 -39.99 -18.54
CA ALA B 2291 25.17 -41.42 -18.75
C ALA B 2291 24.92 -41.66 -20.23
N TYR B 2292 25.84 -42.37 -20.87
CA TYR B 2292 25.77 -42.57 -22.30
C TYR B 2292 25.03 -43.87 -22.62
N ILE B 2293 24.72 -44.04 -23.90
CA ILE B 2293 23.95 -45.18 -24.37
C ILE B 2293 24.90 -46.35 -24.61
N ALA B 2294 25.02 -47.22 -23.60
CA ALA B 2294 25.91 -48.36 -23.73
C ALA B 2294 25.21 -49.54 -24.37
N GLY B 2295 23.92 -49.70 -24.09
CA GLY B 2295 23.16 -50.82 -24.63
C GLY B 2295 21.69 -50.63 -24.40
N PHE B 2296 20.91 -51.48 -25.08
CA PHE B 2296 19.47 -51.53 -24.93
C PHE B 2296 19.10 -52.84 -24.25
N ASP B 2297 18.03 -52.82 -23.46
CA ASP B 2297 17.53 -54.06 -22.89
C ASP B 2297 16.65 -54.76 -23.91
N ASP B 2298 16.65 -56.10 -23.86
CA ASP B 2298 15.94 -56.88 -24.86
C ASP B 2298 14.44 -56.65 -24.81
N MET B 2299 13.96 -56.06 -23.72
CA MET B 2299 12.52 -55.93 -23.53
C MET B 2299 12.01 -54.62 -24.12
N VAL B 2300 10.93 -54.73 -24.90
CA VAL B 2300 10.25 -53.58 -25.47
C VAL B 2300 8.75 -53.81 -25.35
N GLU B 2301 8.10 -53.06 -24.47
CA GLU B 2301 6.68 -53.21 -24.21
C GLU B 2301 5.92 -52.10 -24.93
N ILE B 2302 4.86 -52.48 -25.64
CA ILE B 2302 4.07 -51.56 -26.43
C ILE B 2302 2.85 -51.16 -25.62
N LEU B 2303 2.81 -49.91 -25.19
CA LEU B 2303 1.61 -49.41 -24.54
C LEU B 2303 0.43 -49.46 -25.49
N ALA B 2304 -0.77 -49.73 -24.97
CA ALA B 2304 -2.00 -49.86 -25.79
C ALA B 2304 -2.69 -48.51 -25.89
N SER B 2305 -2.83 -47.99 -27.11
CA SER B 2305 -3.37 -46.64 -27.30
C SER B 2305 -3.73 -46.45 -28.79
N LEU B 2306 -4.41 -45.36 -29.18
CA LEU B 2306 -4.68 -45.13 -30.62
C LEU B 2306 -3.35 -45.40 -31.32
N GLN B 2307 -2.38 -44.51 -31.17
CA GLN B 2307 -1.00 -44.76 -31.66
C GLN B 2307 -0.44 -45.81 -30.70
N LYS B 2308 0.46 -46.69 -31.14
CA LYS B 2308 1.02 -47.78 -30.29
C LYS B 2308 2.46 -47.41 -29.90
N PRO B 2309 2.69 -46.49 -28.95
CA PRO B 2309 4.04 -46.10 -28.57
C PRO B 2309 4.78 -47.25 -27.92
N LYS B 2310 6.07 -47.36 -28.23
CA LYS B 2310 6.94 -48.37 -27.67
C LYS B 2310 7.74 -47.77 -26.54
N LYS B 2311 7.80 -48.50 -25.42
CA LYS B 2311 8.57 -48.10 -24.25
C LYS B 2311 9.79 -49.00 -24.16
N ILE B 2312 10.97 -48.39 -24.18
CA ILE B 2312 12.22 -49.14 -24.17
C ILE B 2312 13.13 -48.57 -23.10
N SER B 2313 14.00 -49.43 -22.59
CA SER B 2313 15.01 -49.04 -21.62
C SER B 2313 16.37 -49.12 -22.30
N LEU B 2314 17.12 -48.03 -22.25
CA LEU B 2314 18.41 -47.94 -22.91
C LEU B 2314 19.49 -47.88 -21.86
N LYS B 2315 20.32 -48.92 -21.82
CA LYS B 2315 21.28 -49.09 -20.74
C LYS B 2315 22.26 -47.92 -20.70
N GLY B 2316 22.57 -47.49 -19.48
CA GLY B 2316 23.52 -46.42 -19.31
C GLY B 2316 24.94 -46.93 -19.11
N SER B 2317 25.88 -46.17 -19.63
CA SER B 2317 27.28 -46.46 -19.38
C SER B 2317 27.53 -46.72 -17.90
N ASP B 2318 26.86 -45.95 -17.04
CA ASP B 2318 27.04 -46.12 -15.61
C ASP B 2318 26.48 -47.45 -15.13
N GLY B 2319 25.54 -48.02 -15.87
CA GLY B 2319 24.87 -49.24 -15.48
C GLY B 2319 23.39 -49.10 -15.19
N LYS B 2320 22.97 -47.94 -14.70
CA LYS B 2320 21.55 -47.72 -14.47
C LYS B 2320 20.77 -47.83 -15.78
N PHE B 2321 19.53 -48.26 -15.66
CA PHE B 2321 18.66 -48.47 -16.81
C PHE B 2321 17.66 -47.32 -16.90
N TYR B 2322 17.81 -46.50 -17.93
CA TYR B 2322 16.89 -45.40 -18.19
C TYR B 2322 15.87 -45.85 -19.22
N ILE B 2323 14.67 -45.28 -19.14
CA ILE B 2323 13.55 -45.70 -19.99
C ILE B 2323 13.07 -44.50 -20.79
N MET B 2324 12.74 -44.71 -22.06
CA MET B 2324 12.29 -43.63 -22.96
C MET B 2324 11.31 -44.25 -23.97
N MET B 2325 10.18 -43.60 -24.27
CA MET B 2325 9.14 -44.22 -25.12
C MET B 2325 9.06 -43.52 -26.50
N CYS B 2326 9.17 -44.24 -27.64
CA CYS B 2326 8.96 -43.51 -28.92
C CYS B 2326 7.46 -43.31 -29.14
N LYS B 2327 7.03 -42.03 -29.13
CA LYS B 2327 5.66 -41.65 -29.50
C LYS B 2327 5.68 -41.57 -31.02
N PRO B 2328 5.00 -42.44 -31.78
CA PRO B 2328 5.12 -42.55 -33.24
C PRO B 2328 4.60 -41.36 -33.99
N LYS B 2329 3.37 -40.91 -33.71
CA LYS B 2329 2.66 -39.96 -34.55
C LYS B 2329 2.28 -38.73 -33.73
N ASP B 2330 3.22 -37.80 -33.64
CA ASP B 2330 2.97 -36.48 -33.06
C ASP B 2330 4.24 -35.65 -33.20
N ASP B 2331 4.06 -34.34 -33.27
CA ASP B 2331 5.19 -33.41 -33.29
C ASP B 2331 5.51 -33.02 -31.87
N LEU B 2332 6.75 -33.22 -31.46
CA LEU B 2332 7.17 -32.95 -30.10
C LEU B 2332 8.07 -31.73 -30.00
N ARG B 2333 8.44 -31.12 -31.13
CA ARG B 2333 9.09 -29.82 -31.06
C ARG B 2333 8.33 -28.89 -30.13
N LYS B 2334 7.00 -28.86 -30.27
CA LYS B 2334 6.18 -28.11 -29.34
C LYS B 2334 6.45 -28.55 -27.91
N ASP B 2335 6.39 -29.84 -27.66
CA ASP B 2335 6.60 -30.35 -26.31
C ASP B 2335 8.02 -30.09 -25.84
N CYS B 2336 9.00 -30.22 -26.74
CA CYS B 2336 10.38 -29.94 -26.36
C CYS B 2336 10.55 -28.52 -25.87
N ARG B 2337 10.08 -27.57 -26.67
CA ARG B 2337 10.19 -26.16 -26.28
C ARG B 2337 9.42 -25.91 -25.00
N LEU B 2338 8.30 -26.61 -24.81
CA LEU B 2338 7.52 -26.38 -23.61
C LEU B 2338 8.23 -26.92 -22.39
N MET B 2339 8.93 -28.04 -22.52
CA MET B 2339 9.70 -28.55 -21.39
C MET B 2339 10.86 -27.63 -21.08
N GLU B 2340 11.45 -27.03 -22.11
CA GLU B 2340 12.45 -26.00 -21.86
C GLU B 2340 11.85 -24.87 -21.04
N PHE B 2341 10.66 -24.41 -21.42
CA PHE B 2341 9.99 -23.34 -20.69
C PHE B 2341 9.69 -23.75 -19.25
N ASN B 2342 9.23 -24.98 -19.07
CA ASN B 2342 8.90 -25.44 -17.72
C ASN B 2342 10.15 -25.55 -16.86
N SER B 2343 11.27 -25.94 -17.47
CA SER B 2343 12.52 -26.01 -16.73
C SER B 2343 12.98 -24.61 -16.34
N LEU B 2344 12.86 -23.66 -17.27
CA LEU B 2344 13.11 -22.27 -16.92
C LEU B 2344 12.29 -21.85 -15.71
N ILE B 2345 11.01 -22.24 -15.69
CA ILE B 2345 10.18 -21.91 -14.55
C ILE B 2345 10.72 -22.55 -13.28
N ASN B 2346 10.98 -23.85 -13.34
CA ASN B 2346 11.56 -24.54 -12.19
C ASN B 2346 12.77 -23.79 -11.66
N LYS B 2347 13.55 -23.20 -12.57
CA LYS B 2347 14.69 -22.39 -12.14
C LYS B 2347 14.20 -21.08 -11.53
N CYS B 2348 12.99 -20.65 -11.89
CA CYS B 2348 12.37 -19.54 -11.17
C CYS B 2348 11.72 -20.02 -9.89
N LEU B 2349 11.03 -21.17 -9.95
CA LEU B 2349 10.38 -21.69 -8.75
C LEU B 2349 11.38 -22.29 -7.78
N ARG B 2350 12.65 -22.42 -8.21
CA ARG B 2350 13.62 -23.11 -7.38
C ARG B 2350 14.39 -22.15 -6.49
N LYS B 2351 14.51 -20.89 -6.91
CA LYS B 2351 15.54 -20.01 -6.37
C LYS B 2351 14.97 -18.67 -5.97
N ASP B 2352 15.54 -18.10 -4.91
CA ASP B 2352 15.17 -16.77 -4.41
C ASP B 2352 13.66 -16.62 -4.33
N ALA B 2353 12.99 -17.66 -3.83
CA ALA B 2353 11.54 -17.65 -3.72
C ALA B 2353 11.10 -18.38 -2.46
N GLU B 2354 9.86 -18.12 -2.05
CA GLU B 2354 9.23 -18.94 -1.03
C GLU B 2354 8.74 -20.26 -1.62
N SER B 2355 8.63 -20.33 -2.95
CA SER B 2355 8.22 -21.56 -3.60
C SER B 2355 9.06 -22.75 -3.15
N ARG B 2356 10.34 -22.52 -2.90
CA ARG B 2356 11.23 -23.62 -2.56
C ARG B 2356 10.96 -24.12 -1.14
N ARG B 2357 10.44 -23.25 -0.28
CA ARG B 2357 10.10 -23.68 1.07
C ARG B 2357 9.00 -24.73 1.04
N ARG B 2358 8.07 -24.61 0.11
CA ARG B 2358 7.00 -25.56 -0.06
C ARG B 2358 7.25 -26.49 -1.23
N GLU B 2359 8.41 -26.38 -1.87
CA GLU B 2359 8.83 -27.32 -2.91
C GLU B 2359 7.88 -27.31 -4.09
N LEU B 2360 7.70 -26.14 -4.68
CA LEU B 2360 6.98 -26.05 -5.94
C LEU B 2360 7.92 -26.40 -7.08
N HIS B 2361 7.58 -27.44 -7.82
CA HIS B 2361 8.48 -27.98 -8.81
C HIS B 2361 7.68 -28.64 -9.92
N ILE B 2362 7.86 -28.14 -11.13
CA ILE B 2362 7.25 -28.78 -12.28
C ILE B 2362 8.02 -30.05 -12.61
N ARG B 2363 7.30 -31.16 -12.70
CA ARG B 2363 7.92 -32.43 -13.04
C ARG B 2363 8.21 -32.43 -14.52
N THR B 2364 9.48 -32.23 -14.85
CA THR B 2364 9.91 -32.08 -16.23
C THR B 2364 10.62 -33.35 -16.67
N TYR B 2365 10.31 -33.80 -17.89
CA TYR B 2365 10.88 -35.03 -18.47
C TYR B 2365 11.35 -34.66 -19.85
N ALA B 2366 12.51 -35.13 -20.24
CA ALA B 2366 13.08 -34.76 -21.53
C ALA B 2366 12.29 -35.39 -22.66
N VAL B 2367 11.86 -34.54 -23.60
CA VAL B 2367 11.23 -34.96 -24.84
C VAL B 2367 12.12 -34.53 -25.99
N ILE B 2368 12.39 -35.47 -26.89
CA ILE B 2368 13.35 -35.27 -27.98
C ILE B 2368 12.67 -35.69 -29.28
N PRO B 2369 12.49 -34.79 -30.21
CA PRO B 2369 11.97 -35.20 -31.52
C PRO B 2369 13.03 -35.76 -32.43
N LEU B 2370 12.89 -37.03 -32.80
CA LEU B 2370 13.76 -37.65 -33.78
C LEU B 2370 13.27 -37.44 -35.20
N ASN B 2371 12.15 -36.74 -35.36
CA ASN B 2371 11.55 -36.54 -36.66
C ASN B 2371 10.34 -35.64 -36.47
N ASP B 2372 9.69 -35.28 -37.57
CA ASP B 2372 8.39 -34.60 -37.38
C ASP B 2372 7.57 -35.65 -36.63
N GLU B 2373 7.40 -36.77 -37.34
CA GLU B 2373 6.50 -37.85 -36.90
C GLU B 2373 6.80 -38.32 -35.50
N CYS B 2374 7.93 -38.94 -35.22
CA CYS B 2374 8.07 -39.59 -33.90
C CYS B 2374 9.31 -39.18 -33.10
N GLY B 2375 9.16 -39.02 -31.78
CA GLY B 2375 10.26 -38.62 -30.87
C GLY B 2375 10.23 -39.40 -29.57
N ILE B 2376 11.36 -39.54 -28.87
CA ILE B 2376 11.54 -40.34 -27.68
C ILE B 2376 11.36 -39.44 -26.47
N ILE B 2377 10.72 -39.98 -25.44
CA ILE B 2377 10.33 -39.20 -24.27
C ILE B 2377 10.90 -39.87 -23.03
N GLU B 2378 11.65 -39.10 -22.26
CA GLU B 2378 12.10 -39.56 -20.96
C GLU B 2378 10.90 -40.00 -20.13
N TRP B 2379 11.06 -41.10 -19.42
CA TRP B 2379 9.97 -41.70 -18.66
C TRP B 2379 10.19 -41.47 -17.18
N VAL B 2380 9.20 -40.87 -16.52
CA VAL B 2380 9.19 -40.76 -15.08
C VAL B 2380 8.65 -42.05 -14.51
N ASN B 2381 9.45 -42.71 -13.68
CA ASN B 2381 9.08 -44.03 -13.19
C ASN B 2381 8.13 -43.91 -12.00
N ASN B 2382 7.36 -44.96 -11.78
CA ASN B 2382 6.42 -45.04 -10.66
C ASN B 2382 5.29 -44.04 -10.84
N THR B 2383 4.87 -43.84 -12.09
CA THR B 2383 3.80 -42.92 -12.43
C THR B 2383 2.68 -43.69 -13.09
N ALA B 2384 1.45 -43.25 -12.82
CA ALA B 2384 0.26 -43.81 -13.44
C ALA B 2384 -0.75 -42.71 -13.67
N GLY B 2385 -1.62 -42.92 -14.64
CA GLY B 2385 -2.59 -41.90 -14.98
C GLY B 2385 -3.68 -41.79 -13.95
N LEU B 2386 -4.36 -40.65 -13.95
CA LEU B 2386 -5.44 -40.43 -13.02
C LEU B 2386 -6.60 -41.38 -13.30
N ARG B 2387 -6.99 -41.51 -14.57
CA ARG B 2387 -8.08 -42.41 -14.89
C ARG B 2387 -7.79 -43.87 -14.57
N PRO B 2388 -6.66 -44.44 -14.98
CA PRO B 2388 -6.40 -45.83 -14.61
C PRO B 2388 -6.40 -46.03 -13.12
N ILE B 2389 -5.83 -45.08 -12.37
CA ILE B 2389 -5.82 -45.17 -10.92
C ILE B 2389 -7.25 -45.22 -10.39
N LEU B 2390 -8.05 -44.23 -10.74
CA LEU B 2390 -9.41 -44.17 -10.22
C LEU B 2390 -10.20 -45.41 -10.62
N THR B 2391 -10.13 -45.80 -11.88
CA THR B 2391 -10.84 -46.99 -12.33
C THR B 2391 -10.45 -48.20 -11.51
N LYS B 2392 -9.15 -48.42 -11.32
CA LYS B 2392 -8.71 -49.51 -10.46
C LYS B 2392 -9.30 -49.37 -9.08
N LEU B 2393 -9.49 -48.15 -8.62
CA LEU B 2393 -10.10 -47.95 -7.31
C LEU B 2393 -11.61 -48.15 -7.37
N TYR B 2394 -12.25 -47.60 -8.40
CA TYR B 2394 -13.69 -47.76 -8.53
C TYR B 2394 -14.07 -49.23 -8.61
N LYS B 2395 -13.24 -50.03 -9.28
CA LYS B 2395 -13.51 -51.46 -9.34
C LYS B 2395 -13.47 -52.08 -7.95
N GLU B 2396 -12.46 -51.74 -7.17
CA GLU B 2396 -12.37 -52.24 -5.80
C GLU B 2396 -13.62 -51.89 -5.02
N LYS B 2397 -14.06 -50.63 -5.09
CA LYS B 2397 -15.33 -50.25 -4.48
C LYS B 2397 -16.48 -51.03 -5.10
N GLY B 2398 -16.27 -51.58 -6.29
CA GLY B 2398 -17.29 -52.33 -6.98
C GLY B 2398 -18.23 -51.50 -7.82
N VAL B 2399 -18.17 -50.19 -7.70
CA VAL B 2399 -19.01 -49.28 -8.50
C VAL B 2399 -18.19 -48.83 -9.69
N TYR B 2400 -18.71 -49.06 -10.89
CA TYR B 2400 -18.06 -48.58 -12.09
C TYR B 2400 -19.11 -48.35 -13.16
N MET B 2401 -18.78 -47.47 -14.10
CA MET B 2401 -19.66 -47.11 -15.19
C MET B 2401 -19.25 -47.87 -16.44
N THR B 2402 -20.22 -48.47 -17.12
CA THR B 2402 -19.94 -49.18 -18.36
C THR B 2402 -19.89 -48.20 -19.52
N GLY B 2403 -19.09 -48.55 -20.53
CA GLY B 2403 -19.04 -47.73 -21.73
C GLY B 2403 -20.42 -47.53 -22.32
N LYS B 2404 -21.27 -48.55 -22.25
CA LYS B 2404 -22.65 -48.39 -22.70
C LYS B 2404 -23.38 -47.38 -21.85
N GLU B 2405 -23.15 -47.40 -20.54
CA GLU B 2405 -23.79 -46.43 -19.66
C GLU B 2405 -23.35 -45.01 -20.01
N LEU B 2406 -22.05 -44.82 -20.25
CA LEU B 2406 -21.55 -43.50 -20.59
C LEU B 2406 -22.09 -43.04 -21.94
N ARG B 2407 -22.24 -43.97 -22.88
CA ARG B 2407 -22.76 -43.60 -24.18
C ARG B 2407 -24.25 -43.28 -24.11
N GLN B 2408 -24.96 -43.91 -23.18
CA GLN B 2408 -26.35 -43.53 -22.93
C GLN B 2408 -26.43 -42.15 -22.29
N CYS B 2409 -25.54 -41.88 -21.34
CA CYS B 2409 -25.60 -40.63 -20.59
C CYS B 2409 -25.20 -39.45 -21.48
N MET B 2410 -24.15 -39.60 -22.27
CA MET B 2410 -23.66 -38.49 -23.06
C MET B 2410 -24.76 -37.98 -23.98
N LEU B 2411 -24.86 -36.66 -24.06
CA LEU B 2411 -25.86 -35.96 -24.86
C LEU B 2411 -25.17 -35.18 -25.96
N PRO B 2412 -25.90 -34.74 -26.96
CA PRO B 2412 -25.28 -34.00 -28.05
C PRO B 2412 -24.91 -32.58 -27.63
N LYS B 2413 -23.97 -31.99 -28.38
CA LYS B 2413 -23.57 -30.62 -28.12
C LYS B 2413 -24.76 -29.67 -28.24
N SER B 2414 -25.77 -30.05 -29.02
CA SER B 2414 -26.96 -29.21 -29.15
C SER B 2414 -27.75 -29.18 -27.85
N ALA B 2415 -27.74 -30.27 -27.10
CA ALA B 2415 -28.52 -30.35 -25.87
C ALA B 2415 -28.25 -29.14 -24.99
N ALA B 2416 -29.24 -28.76 -24.21
CA ALA B 2416 -29.12 -27.59 -23.35
C ALA B 2416 -28.16 -27.85 -22.21
N LEU B 2417 -27.52 -26.79 -21.73
CA LEU B 2417 -26.60 -26.92 -20.60
C LEU B 2417 -27.32 -27.50 -19.39
N SER B 2418 -28.56 -27.11 -19.17
CA SER B 2418 -29.32 -27.65 -18.05
C SER B 2418 -29.43 -29.16 -18.15
N GLU B 2419 -29.60 -29.68 -19.37
CA GLU B 2419 -29.76 -31.11 -19.54
C GLU B 2419 -28.44 -31.84 -19.31
N LYS B 2420 -27.36 -31.30 -19.86
CA LYS B 2420 -26.05 -31.88 -19.60
C LYS B 2420 -25.75 -31.90 -18.10
N LEU B 2421 -26.05 -30.80 -17.42
CA LEU B 2421 -25.77 -30.73 -15.99
C LEU B 2421 -26.64 -31.70 -15.21
N LYS B 2422 -27.90 -31.86 -15.65
CA LYS B 2422 -28.78 -32.85 -15.03
C LYS B 2422 -28.18 -34.25 -15.15
N VAL B 2423 -27.74 -34.61 -16.36
CA VAL B 2423 -27.06 -35.89 -16.53
C VAL B 2423 -25.87 -35.99 -15.60
N PHE B 2424 -25.07 -34.93 -15.53
CA PHE B 2424 -23.83 -34.97 -14.75
C PHE B 2424 -24.12 -35.22 -13.28
N ARG B 2425 -25.05 -34.46 -12.70
CA ARG B 2425 -25.29 -34.56 -11.27
C ARG B 2425 -26.11 -35.79 -10.92
N GLU B 2426 -26.93 -36.27 -11.86
CA GLU B 2426 -27.89 -37.32 -11.55
C GLU B 2426 -27.26 -38.70 -11.71
N PHE B 2427 -26.46 -38.90 -12.76
CA PHE B 2427 -25.91 -40.21 -13.07
C PHE B 2427 -24.40 -40.27 -12.89
N LEU B 2428 -23.65 -39.39 -13.55
CA LEU B 2428 -22.20 -39.55 -13.62
C LEU B 2428 -21.56 -39.33 -12.26
N LEU B 2429 -21.76 -38.16 -11.67
CA LEU B 2429 -21.10 -37.82 -10.42
C LEU B 2429 -21.44 -38.83 -9.33
N PRO B 2430 -22.72 -39.16 -9.15
CA PRO B 2430 -23.06 -40.16 -8.11
C PRO B 2430 -22.36 -41.49 -8.32
N ARG B 2431 -22.42 -42.03 -9.53
CA ARG B 2431 -21.78 -43.31 -9.81
C ARG B 2431 -20.27 -43.24 -9.53
N HIS B 2432 -19.69 -42.05 -9.67
CA HIS B 2432 -18.26 -41.87 -9.45
C HIS B 2432 -18.04 -41.11 -8.16
N PRO B 2433 -17.98 -41.78 -7.02
CA PRO B 2433 -17.75 -41.07 -5.76
C PRO B 2433 -16.30 -40.63 -5.65
N PRO B 2434 -16.01 -39.74 -4.71
CA PRO B 2434 -14.62 -39.32 -4.47
C PRO B 2434 -13.85 -40.36 -3.66
N ILE B 2435 -12.76 -40.86 -4.24
CA ILE B 2435 -11.99 -41.95 -3.65
C ILE B 2435 -10.49 -41.68 -3.70
N PHE B 2436 -10.06 -40.61 -4.36
CA PHE B 2436 -8.64 -40.35 -4.54
C PHE B 2436 -7.88 -40.50 -3.23
N HIS B 2437 -8.49 -40.07 -2.12
CA HIS B 2437 -7.83 -40.23 -0.84
C HIS B 2437 -7.57 -41.71 -0.56
N GLU B 2438 -8.45 -42.58 -1.07
CA GLU B 2438 -8.17 -44.01 -0.98
C GLU B 2438 -6.82 -44.33 -1.61
N TRP B 2439 -6.52 -43.70 -2.75
CA TRP B 2439 -5.21 -43.90 -3.37
C TRP B 2439 -4.11 -43.40 -2.47
N PHE B 2440 -4.26 -42.20 -1.94
CA PHE B 2440 -3.19 -41.63 -1.13
C PHE B 2440 -2.92 -42.49 0.10
N LEU B 2441 -3.95 -43.15 0.61
CA LEU B 2441 -3.77 -43.95 1.82
C LEU B 2441 -3.27 -45.35 1.47
N ARG B 2442 -3.57 -45.83 0.27
CA ARG B 2442 -3.12 -47.16 -0.13
C ARG B 2442 -1.68 -47.13 -0.62
N THR B 2443 -1.23 -45.99 -1.13
CA THR B 2443 0.13 -45.91 -1.67
C THR B 2443 1.12 -45.50 -0.60
N PHE B 2444 0.74 -44.59 0.28
CA PHE B 2444 1.60 -44.08 1.34
C PHE B 2444 0.97 -44.41 2.69
N PRO B 2445 1.11 -45.65 3.15
CA PRO B 2445 0.51 -46.01 4.44
C PRO B 2445 1.11 -45.24 5.59
N ASP B 2446 2.41 -45.00 5.55
CA ASP B 2446 3.05 -44.27 6.62
C ASP B 2446 2.48 -42.86 6.69
N PRO B 2447 2.23 -42.33 7.89
CA PRO B 2447 1.58 -41.02 7.96
C PRO B 2447 2.39 -39.88 7.38
N THR B 2448 3.62 -39.70 7.84
CA THR B 2448 4.38 -38.54 7.40
C THR B 2448 4.66 -38.59 5.91
N SER B 2449 4.90 -39.79 5.38
CA SER B 2449 5.04 -39.94 3.94
C SER B 2449 3.75 -39.54 3.23
N TRP B 2450 2.62 -39.96 3.78
CA TRP B 2450 1.34 -39.63 3.16
C TRP B 2450 1.11 -38.12 3.15
N TYR B 2451 1.51 -37.44 4.21
CA TYR B 2451 1.31 -36.00 4.25
C TYR B 2451 2.26 -35.30 3.30
N SER B 2452 3.52 -35.70 3.31
CA SER B 2452 4.50 -35.06 2.44
C SER B 2452 4.16 -35.29 0.98
N SER B 2453 3.52 -36.41 0.66
CA SER B 2453 3.18 -36.68 -0.73
C SER B 2453 1.88 -36.00 -1.12
N ARG B 2454 0.86 -36.08 -0.27
CA ARG B 2454 -0.36 -35.32 -0.52
C ARG B 2454 -0.06 -33.84 -0.65
N SER B 2455 0.66 -33.29 0.32
CA SER B 2455 1.06 -31.90 0.23
C SER B 2455 1.77 -31.62 -1.09
N ALA B 2456 2.48 -32.61 -1.62
CA ALA B 2456 3.18 -32.43 -2.88
C ALA B 2456 2.20 -32.56 -4.05
N TYR B 2457 1.08 -33.24 -3.83
CA TYR B 2457 0.08 -33.35 -4.87
C TYR B 2457 -0.65 -32.03 -5.07
N CYS B 2458 -1.14 -31.44 -3.98
CA CYS B 2458 -1.72 -30.11 -4.06
C CYS B 2458 -0.79 -29.14 -4.74
N ARG B 2459 0.46 -29.10 -4.28
CA ARG B 2459 1.38 -28.07 -4.74
C ARG B 2459 1.82 -28.29 -6.18
N SER B 2460 2.16 -29.53 -6.53
CA SER B 2460 2.62 -29.80 -7.89
C SER B 2460 1.51 -29.58 -8.90
N THR B 2461 0.30 -30.07 -8.61
CA THR B 2461 -0.80 -29.87 -9.53
C THR B 2461 -1.19 -28.41 -9.60
N ALA B 2462 -1.10 -27.70 -8.48
CA ALA B 2462 -1.32 -26.26 -8.51
C ALA B 2462 -0.37 -25.58 -9.48
N VAL B 2463 0.91 -25.87 -9.35
CA VAL B 2463 1.91 -25.27 -10.22
C VAL B 2463 1.59 -25.59 -11.67
N MET B 2464 1.42 -26.87 -11.98
CA MET B 2464 1.21 -27.27 -13.36
C MET B 2464 -0.09 -26.70 -13.90
N SER B 2465 -1.07 -26.47 -13.04
CA SER B 2465 -2.33 -25.92 -13.48
C SER B 2465 -2.18 -24.44 -13.82
N MET B 2466 -1.66 -23.66 -12.87
CA MET B 2466 -1.41 -22.25 -13.16
C MET B 2466 -0.57 -22.11 -14.41
N VAL B 2467 0.41 -22.99 -14.60
CA VAL B 2467 1.28 -22.89 -15.76
C VAL B 2467 0.52 -23.25 -17.03
N GLY B 2468 -0.40 -24.20 -16.94
CA GLY B 2468 -1.21 -24.55 -18.09
C GLY B 2468 -2.19 -23.46 -18.45
N TYR B 2469 -2.53 -22.63 -17.47
CA TYR B 2469 -3.44 -21.53 -17.75
C TYR B 2469 -2.74 -20.45 -18.55
N ILE B 2470 -1.57 -20.01 -18.09
CA ILE B 2470 -0.85 -18.97 -18.84
C ILE B 2470 -0.43 -19.50 -20.20
N LEU B 2471 -0.13 -20.79 -20.27
CA LEU B 2471 0.21 -21.43 -21.54
C LEU B 2471 -1.02 -21.88 -22.31
N GLY B 2472 -2.20 -21.77 -21.72
CA GLY B 2472 -3.39 -22.23 -22.40
C GLY B 2472 -3.39 -23.71 -22.67
N LEU B 2473 -2.89 -24.50 -21.71
CA LEU B 2473 -2.89 -25.94 -21.88
C LEU B 2473 -4.31 -26.46 -22.01
N GLY B 2474 -4.47 -27.49 -22.83
CA GLY B 2474 -5.77 -28.11 -23.01
C GLY B 2474 -5.63 -29.61 -23.10
N ASP B 2475 -6.77 -30.27 -23.33
CA ASP B 2475 -6.82 -31.72 -23.43
C ASP B 2475 -6.20 -32.37 -22.21
N ARG B 2476 -6.43 -31.78 -21.04
CA ARG B 2476 -5.90 -32.30 -19.80
C ARG B 2476 -6.77 -33.45 -19.30
N HIS B 2477 -7.04 -34.39 -20.21
CA HIS B 2477 -7.80 -35.54 -19.79
C HIS B 2477 -6.99 -36.36 -18.80
N GLY B 2478 -7.61 -37.41 -18.28
CA GLY B 2478 -7.05 -38.08 -17.12
C GLY B 2478 -5.75 -38.80 -17.43
N GLU B 2479 -5.75 -39.61 -18.48
CA GLU B 2479 -4.51 -40.28 -18.88
C GLU B 2479 -3.42 -39.27 -19.16
N ASN B 2480 -3.81 -38.07 -19.62
CA ASN B 2480 -2.86 -36.96 -19.93
C ASN B 2480 -2.24 -36.47 -18.62
N ILE B 2481 -2.98 -36.49 -17.52
CA ILE B 2481 -2.37 -36.26 -16.21
C ILE B 2481 -1.76 -37.56 -15.73
N LEU B 2482 -0.77 -37.44 -14.83
CA LEU B 2482 -0.16 -38.60 -14.21
C LEU B 2482 0.26 -38.23 -12.81
N PHE B 2483 0.37 -39.23 -11.94
CA PHE B 2483 0.65 -39.02 -10.53
C PHE B 2483 1.67 -40.06 -10.08
N ASP B 2484 2.72 -39.59 -9.43
CA ASP B 2484 3.86 -40.42 -9.05
C ASP B 2484 3.55 -41.11 -7.73
N SER B 2485 3.45 -42.44 -7.76
CA SER B 2485 3.17 -43.20 -6.55
C SER B 2485 4.30 -43.07 -5.54
N LEU B 2486 5.45 -42.55 -5.98
CA LEU B 2486 6.61 -42.49 -5.12
C LEU B 2486 6.64 -41.19 -4.34
N THR B 2487 6.18 -40.09 -4.95
CA THR B 2487 6.17 -38.78 -4.32
C THR B 2487 4.80 -38.18 -4.16
N GLY B 2488 3.81 -38.65 -4.94
CA GLY B 2488 2.52 -38.01 -4.96
C GLY B 2488 2.46 -36.81 -5.86
N GLU B 2489 3.55 -36.46 -6.52
CA GLU B 2489 3.58 -35.29 -7.37
C GLU B 2489 2.76 -35.52 -8.64
N CYS B 2490 2.48 -34.42 -9.32
CA CYS B 2490 1.75 -34.44 -10.58
C CYS B 2490 2.70 -34.15 -11.72
N VAL B 2491 2.59 -34.93 -12.78
CA VAL B 2491 3.40 -34.78 -13.97
C VAL B 2491 2.48 -34.85 -15.18
N HIS B 2492 2.55 -33.85 -16.04
CA HIS B 2492 1.69 -33.74 -17.20
C HIS B 2492 2.40 -34.28 -18.43
N VAL B 2493 1.63 -34.52 -19.49
CA VAL B 2493 2.17 -35.03 -20.74
C VAL B 2493 1.31 -34.52 -21.88
N ASP B 2494 1.70 -34.91 -23.10
CA ASP B 2494 0.95 -34.62 -24.31
C ASP B 2494 0.59 -33.14 -24.41
N PHE B 2495 1.61 -32.29 -24.38
CA PHE B 2495 1.39 -30.87 -24.53
C PHE B 2495 1.19 -30.49 -25.99
N ASN B 2496 0.29 -31.19 -26.68
CA ASN B 2496 0.01 -30.84 -28.07
C ASN B 2496 -0.96 -29.68 -28.15
N CYS B 2497 -1.94 -29.64 -27.26
CA CYS B 2497 -2.89 -28.56 -27.21
C CYS B 2497 -2.35 -27.48 -26.29
N LEU B 2498 -1.99 -26.34 -26.87
CA LEU B 2498 -1.39 -25.25 -26.14
C LEU B 2498 -1.96 -23.94 -26.65
N PHE B 2499 -2.05 -22.97 -25.76
CA PHE B 2499 -2.47 -21.63 -26.14
C PHE B 2499 -3.93 -21.63 -26.56
N ASN B 2500 -4.76 -22.33 -25.79
CA ASN B 2500 -6.20 -22.35 -25.97
C ASN B 2500 -6.59 -23.02 -27.27
N LYS B 2501 -5.68 -23.84 -27.82
CA LYS B 2501 -6.02 -24.64 -28.99
C LYS B 2501 -7.21 -25.54 -28.72
N GLY B 2502 -7.40 -25.91 -27.46
CA GLY B 2502 -8.51 -26.79 -27.13
C GLY B 2502 -9.85 -26.14 -27.34
N GLU B 2503 -9.97 -24.85 -27.01
CA GLU B 2503 -11.24 -24.17 -27.15
C GLU B 2503 -11.73 -24.23 -28.59
N THR B 2504 -10.81 -24.41 -29.54
CA THR B 2504 -11.22 -24.55 -30.93
C THR B 2504 -11.83 -25.92 -31.20
N PHE B 2505 -11.60 -26.88 -30.32
CA PHE B 2505 -12.13 -28.22 -30.54
C PHE B 2505 -13.65 -28.19 -30.65
N GLU B 2506 -14.21 -29.25 -31.21
CA GLU B 2506 -15.66 -29.34 -31.34
C GLU B 2506 -16.32 -29.17 -29.97
N VAL B 2507 -15.92 -29.98 -29.00
CA VAL B 2507 -16.33 -29.83 -27.62
C VAL B 2507 -15.30 -28.94 -26.93
N PRO B 2508 -15.53 -27.64 -26.79
CA PRO B 2508 -14.49 -26.75 -26.29
C PRO B 2508 -14.04 -27.12 -24.89
N GLU B 2509 -12.74 -27.01 -24.66
CA GLU B 2509 -12.16 -27.15 -23.34
C GLU B 2509 -12.20 -25.76 -22.69
N ILE B 2510 -13.28 -25.49 -21.97
CA ILE B 2510 -13.50 -24.15 -21.43
C ILE B 2510 -12.88 -23.94 -20.06
N VAL B 2511 -12.60 -25.01 -19.33
CA VAL B 2511 -12.00 -24.85 -18.01
C VAL B 2511 -10.56 -24.37 -18.19
N PRO B 2512 -10.04 -23.56 -17.26
CA PRO B 2512 -8.62 -23.20 -17.36
C PRO B 2512 -7.72 -24.40 -17.22
N PHE B 2513 -8.07 -25.30 -16.30
CA PHE B 2513 -7.29 -26.49 -16.04
C PHE B 2513 -8.21 -27.56 -15.45
N ARG B 2514 -7.64 -28.74 -15.22
CA ARG B 2514 -8.41 -29.84 -14.71
C ARG B 2514 -8.41 -29.83 -13.19
N LEU B 2515 -9.57 -29.58 -12.60
CA LEU B 2515 -9.78 -29.68 -11.16
C LEU B 2515 -11.12 -30.38 -10.93
N THR B 2516 -11.08 -31.69 -10.85
CA THR B 2516 -12.31 -32.46 -10.70
C THR B 2516 -12.56 -32.79 -9.23
N HIS B 2517 -13.79 -33.23 -8.96
CA HIS B 2517 -14.16 -33.52 -7.58
C HIS B 2517 -13.31 -34.64 -7.01
N ASN B 2518 -12.77 -35.50 -7.86
CA ASN B 2518 -11.85 -36.53 -7.39
C ASN B 2518 -10.50 -35.93 -7.04
N MET B 2519 -9.99 -35.04 -7.89
CA MET B 2519 -8.71 -34.41 -7.61
C MET B 2519 -8.79 -33.51 -6.39
N VAL B 2520 -9.93 -32.85 -6.19
CA VAL B 2520 -10.07 -31.98 -5.03
C VAL B 2520 -10.11 -32.82 -3.75
N ASN B 2521 -10.55 -34.07 -3.85
CA ASN B 2521 -10.66 -34.88 -2.66
C ASN B 2521 -9.30 -35.25 -2.11
N GLY B 2522 -8.34 -35.52 -3.00
CA GLY B 2522 -7.02 -35.87 -2.54
C GLY B 2522 -6.38 -34.75 -1.73
N MET B 2523 -6.65 -33.50 -2.12
CA MET B 2523 -6.13 -32.37 -1.37
C MET B 2523 -6.56 -32.44 0.08
N GLY B 2524 -7.71 -33.06 0.34
CA GLY B 2524 -8.19 -33.24 1.68
C GLY B 2524 -9.59 -32.69 1.85
N PRO B 2525 -10.07 -32.67 3.09
CA PRO B 2525 -11.39 -32.11 3.35
C PRO B 2525 -11.46 -30.61 3.13
N MET B 2526 -10.36 -29.91 3.37
CA MET B 2526 -10.32 -28.49 3.07
C MET B 2526 -10.39 -28.26 1.56
N GLY B 2527 -9.86 -29.19 0.80
CA GLY B 2527 -9.92 -29.05 -0.66
C GLY B 2527 -9.04 -27.92 -1.15
N THR B 2528 -9.57 -27.18 -2.11
CA THR B 2528 -8.79 -26.15 -2.78
C THR B 2528 -8.32 -25.07 -1.82
N GLU B 2529 -9.01 -24.89 -0.70
CA GLU B 2529 -8.81 -23.68 0.09
C GLU B 2529 -7.46 -23.70 0.80
N GLY B 2530 -6.81 -24.86 0.83
CA GLY B 2530 -5.59 -25.00 1.61
C GLY B 2530 -4.31 -24.82 0.84
N LEU B 2531 -3.56 -25.91 0.70
CA LEU B 2531 -2.24 -25.83 0.08
C LEU B 2531 -2.34 -25.51 -1.40
N PHE B 2532 -3.40 -25.99 -2.05
CA PHE B 2532 -3.49 -25.85 -3.50
C PHE B 2532 -3.67 -24.40 -3.90
N ARG B 2533 -4.34 -23.61 -3.06
CA ARG B 2533 -4.59 -22.22 -3.43
C ARG B 2533 -3.34 -21.38 -3.25
N ARG B 2534 -2.74 -21.43 -2.07
CA ARG B 2534 -1.53 -20.63 -1.83
C ARG B 2534 -0.46 -20.96 -2.86
N ALA B 2535 -0.34 -22.24 -3.23
CA ALA B 2535 0.63 -22.61 -4.25
C ALA B 2535 0.24 -22.02 -5.59
N CYS B 2536 -1.05 -21.99 -5.89
CA CYS B 2536 -1.50 -21.35 -7.12
C CYS B 2536 -1.25 -19.85 -7.05
N GLU B 2537 -1.29 -19.29 -5.84
CA GLU B 2537 -0.98 -17.87 -5.68
C GLU B 2537 0.53 -17.65 -5.75
N VAL B 2538 1.30 -18.50 -5.09
CA VAL B 2538 2.74 -18.34 -5.07
C VAL B 2538 3.29 -18.40 -6.48
N THR B 2539 2.97 -19.45 -7.21
CA THR B 2539 3.48 -19.60 -8.57
C THR B 2539 2.94 -18.52 -9.49
N MET B 2540 1.69 -18.09 -9.27
CA MET B 2540 1.14 -17.03 -10.08
C MET B 2540 1.80 -15.70 -9.77
N ARG B 2541 2.08 -15.45 -8.49
CA ARG B 2541 2.89 -14.30 -8.13
C ARG B 2541 4.23 -14.34 -8.85
N LEU B 2542 4.90 -15.48 -8.78
CA LEU B 2542 6.22 -15.61 -9.37
C LEU B 2542 6.16 -15.41 -10.87
N MET B 2543 5.08 -15.85 -11.51
CA MET B 2543 4.96 -15.67 -12.95
C MET B 2543 4.67 -14.22 -13.30
N ARG B 2544 3.78 -13.58 -12.55
CA ARG B 2544 3.54 -12.15 -12.76
C ARG B 2544 4.83 -11.37 -12.59
N ASP B 2545 5.74 -11.87 -11.75
CA ASP B 2545 7.00 -11.16 -11.52
C ASP B 2545 7.99 -11.43 -12.64
N GLN B 2546 8.23 -12.70 -12.96
CA GLN B 2546 9.18 -13.10 -14.00
C GLN B 2546 8.52 -13.12 -15.38
N ARG B 2547 7.45 -12.36 -15.56
CA ARG B 2547 6.84 -12.21 -16.88
C ARG B 2547 7.89 -12.04 -17.97
N GLU B 2548 8.73 -11.03 -17.87
CA GLU B 2548 9.57 -10.66 -19.01
C GLU B 2548 10.46 -11.80 -19.47
N PRO B 2549 11.16 -12.52 -18.60
CA PRO B 2549 11.91 -13.69 -19.09
C PRO B 2549 11.04 -14.75 -19.70
N LEU B 2550 10.03 -15.20 -18.95
CA LEU B 2550 9.10 -16.19 -19.46
C LEU B 2550 8.49 -15.72 -20.77
N MET B 2551 8.03 -14.48 -20.82
CA MET B 2551 7.36 -13.99 -22.02
C MET B 2551 8.32 -13.93 -23.20
N SER B 2552 9.58 -13.57 -22.94
CA SER B 2552 10.55 -13.49 -24.02
C SER B 2552 10.85 -14.86 -24.59
N VAL B 2553 11.08 -15.84 -23.72
CA VAL B 2553 11.36 -17.18 -24.22
C VAL B 2553 10.12 -17.80 -24.82
N LEU B 2554 8.94 -17.30 -24.45
CA LEU B 2554 7.70 -17.89 -24.92
C LEU B 2554 7.32 -17.33 -26.28
N LYS B 2555 7.70 -16.09 -26.56
CA LYS B 2555 7.48 -15.52 -27.88
C LYS B 2555 8.22 -16.34 -28.93
N THR B 2556 9.40 -16.84 -28.60
CA THR B 2556 10.15 -17.68 -29.54
C THR B 2556 9.43 -19.01 -29.75
N PHE B 2557 8.81 -19.53 -28.70
CA PHE B 2557 8.07 -20.78 -28.83
C PHE B 2557 6.89 -20.61 -29.78
N LEU B 2558 6.20 -19.48 -29.68
CA LEU B 2558 5.03 -19.25 -30.51
C LEU B 2558 5.42 -18.95 -31.95
N HIS B 2559 6.54 -18.28 -32.14
CA HIS B 2559 7.02 -17.96 -33.48
C HIS B 2559 7.91 -19.04 -34.07
N ASP B 2560 8.20 -20.09 -33.31
CA ASP B 2560 9.03 -21.18 -33.81
C ASP B 2560 8.46 -21.69 -35.13
N PRO B 2561 9.17 -21.52 -36.24
CA PRO B 2561 8.62 -21.99 -37.52
C PRO B 2561 8.54 -23.51 -37.61
N LEU B 2562 9.52 -24.22 -37.06
CA LEU B 2562 9.56 -25.66 -37.24
C LEU B 2562 8.29 -26.32 -36.70
N VAL B 2563 7.93 -26.00 -35.46
CA VAL B 2563 6.76 -26.63 -34.87
C VAL B 2563 5.55 -26.38 -35.75
N GLU B 2564 4.87 -27.46 -36.13
CA GLU B 2564 3.80 -27.39 -37.11
C GLU B 2564 2.56 -26.78 -36.46
N TRP B 2565 2.66 -25.49 -36.19
CA TRP B 2565 1.59 -24.80 -35.48
C TRP B 2565 0.24 -25.06 -36.13
N SER B 2566 0.04 -24.60 -37.36
CA SER B 2566 -1.19 -24.93 -38.05
C SER B 2566 -1.27 -26.43 -38.31
N LYS B 2567 -0.36 -26.95 -39.13
CA LYS B 2567 -0.29 -28.40 -39.46
C LYS B 2567 0.47 -28.45 -40.80
N PRO B 2568 0.90 -29.60 -41.35
CA PRO B 2568 1.50 -29.58 -42.68
C PRO B 2568 0.38 -29.07 -43.55
N VAL B 2569 0.68 -28.16 -44.47
CA VAL B 2569 -0.37 -27.53 -45.32
C VAL B 2569 -1.07 -28.66 -46.10
N LYS B 2570 -0.32 -29.65 -46.57
CA LYS B 2570 -0.84 -30.75 -47.37
C LYS B 2570 0.26 -31.78 -47.54
N GLY B 2571 -0.14 -33.05 -47.42
CA GLY B 2571 0.83 -34.12 -47.60
C GLY B 2571 1.51 -34.07 -48.95
N HIS B 2572 0.86 -33.44 -49.93
CA HIS B 2572 1.46 -33.34 -51.26
C HIS B 2572 2.32 -32.10 -51.39
N SER B 2573 1.90 -31.00 -50.78
CA SER B 2573 2.59 -29.72 -50.89
C SER B 2573 3.22 -29.36 -49.55
N LYS B 2574 4.54 -29.18 -49.55
CA LYS B 2574 5.26 -28.94 -48.30
C LYS B 2574 4.83 -27.62 -47.68
N ALA B 2575 4.71 -27.61 -46.36
CA ALA B 2575 4.31 -26.39 -45.66
C ALA B 2575 5.27 -25.24 -45.91
N PRO B 2576 6.58 -25.46 -46.05
CA PRO B 2576 7.45 -24.33 -46.44
C PRO B 2576 7.34 -24.01 -47.91
N LEU B 2577 6.92 -24.96 -48.74
CA LEU B 2577 6.83 -24.77 -50.18
C LEU B 2577 8.18 -24.38 -50.75
N ASN B 2578 9.24 -24.96 -50.20
CA ASN B 2578 10.63 -24.62 -50.48
C ASN B 2578 10.99 -23.31 -49.83
N GLU B 2579 10.05 -22.59 -49.25
CA GLU B 2579 10.25 -21.16 -48.86
C GLU B 2579 11.08 -21.17 -47.62
N THR B 2580 11.02 -22.32 -46.98
CA THR B 2580 11.69 -22.48 -45.70
C THR B 2580 11.35 -23.89 -45.41
N GLY B 2581 11.51 -24.35 -44.20
CA GLY B 2581 10.92 -25.61 -43.72
C GLY B 2581 9.99 -25.01 -42.72
N GLU B 2582 9.74 -23.70 -42.88
CA GLU B 2582 9.05 -22.89 -41.87
C GLU B 2582 7.58 -22.67 -42.19
N VAL B 2583 6.79 -22.52 -41.14
CA VAL B 2583 5.37 -22.24 -41.17
C VAL B 2583 5.09 -21.15 -40.15
N VAL B 2584 4.54 -20.03 -40.63
CA VAL B 2584 4.21 -18.94 -39.72
C VAL B 2584 2.99 -19.32 -38.89
N ASN B 2585 2.97 -18.84 -37.66
CA ASN B 2585 1.84 -19.05 -36.76
C ASN B 2585 0.90 -17.86 -36.88
N GLU B 2586 -0.22 -18.06 -37.57
CA GLU B 2586 -1.15 -16.96 -37.79
C GLU B 2586 -1.61 -16.37 -36.47
N LYS B 2587 -1.88 -17.22 -35.48
CA LYS B 2587 -2.41 -16.79 -34.20
C LYS B 2587 -1.33 -16.45 -33.20
N ALA B 2588 -0.08 -16.30 -33.64
CA ALA B 2588 1.01 -16.07 -32.70
C ALA B 2588 0.84 -14.77 -31.94
N LYS B 2589 0.61 -13.68 -32.66
CA LYS B 2589 0.43 -12.39 -31.99
C LYS B 2589 -0.70 -12.47 -30.98
N THR B 2590 -1.80 -13.13 -31.34
CA THR B 2590 -2.93 -13.22 -30.44
C THR B 2590 -2.60 -14.06 -29.22
N HIS B 2591 -1.91 -15.18 -29.42
CA HIS B 2591 -1.51 -15.99 -28.29
C HIS B 2591 -0.59 -15.22 -27.36
N VAL B 2592 0.35 -14.47 -27.93
CA VAL B 2592 1.26 -13.68 -27.12
C VAL B 2592 0.47 -12.68 -26.29
N LEU B 2593 -0.46 -11.98 -26.92
CA LEU B 2593 -1.24 -10.98 -26.20
C LEU B 2593 -2.04 -11.63 -25.08
N ASP B 2594 -2.70 -12.75 -25.36
CA ASP B 2594 -3.49 -13.41 -24.35
C ASP B 2594 -2.62 -13.86 -23.19
N ILE B 2595 -1.46 -14.44 -23.48
CA ILE B 2595 -0.59 -14.92 -22.42
C ILE B 2595 -0.11 -13.76 -21.57
N GLU B 2596 0.28 -12.66 -22.21
CA GLU B 2596 0.65 -11.47 -21.45
C GLU B 2596 -0.49 -11.06 -20.53
N GLN B 2597 -1.71 -11.03 -21.06
CA GLN B 2597 -2.86 -10.67 -20.24
C GLN B 2597 -2.95 -11.57 -19.02
N ARG B 2598 -2.93 -12.89 -19.24
CA ARG B 2598 -3.08 -13.82 -18.13
C ARG B 2598 -2.02 -13.57 -17.06
N LEU B 2599 -0.84 -13.11 -17.47
CA LEU B 2599 0.20 -12.79 -16.51
C LEU B 2599 -0.03 -11.42 -15.89
N GLN B 2600 -0.54 -10.48 -16.68
CA GLN B 2600 -0.90 -9.18 -16.12
C GLN B 2600 -2.01 -9.33 -15.10
N GLY B 2601 -2.80 -10.40 -15.21
CA GLY B 2601 -4.02 -10.54 -14.45
C GLY B 2601 -5.26 -10.14 -15.19
N VAL B 2602 -5.14 -9.79 -16.47
CA VAL B 2602 -6.27 -9.36 -17.29
C VAL B 2602 -7.04 -10.60 -17.69
N ILE B 2603 -8.22 -10.79 -17.09
CA ILE B 2603 -9.03 -11.96 -17.39
C ILE B 2603 -9.57 -11.88 -18.81
N LYS B 2604 -10.18 -10.74 -19.15
CA LYS B 2604 -10.73 -10.45 -20.47
C LYS B 2604 -11.83 -11.42 -20.87
N THR B 2605 -12.25 -12.31 -19.99
CA THR B 2605 -13.34 -13.22 -20.32
C THR B 2605 -14.65 -12.47 -20.53
N ARG B 2606 -14.90 -11.44 -19.73
CA ARG B 2606 -16.15 -10.70 -19.77
C ARG B 2606 -16.12 -9.72 -20.93
N ASN B 2607 -17.13 -9.82 -21.80
CA ASN B 2607 -17.26 -8.86 -22.88
C ASN B 2607 -17.99 -7.61 -22.43
N ARG B 2608 -18.82 -7.72 -21.40
CA ARG B 2608 -19.62 -6.59 -20.95
C ARG B 2608 -18.77 -5.56 -20.22
N VAL B 2609 -18.05 -5.99 -19.18
CA VAL B 2609 -17.15 -5.11 -18.44
C VAL B 2609 -15.81 -5.10 -19.15
N THR B 2610 -15.43 -3.93 -19.66
CA THR B 2610 -14.18 -3.77 -20.37
C THR B 2610 -13.08 -3.18 -19.49
N GLY B 2611 -13.43 -2.58 -18.36
CA GLY B 2611 -12.41 -2.06 -17.46
C GLY B 2611 -11.29 -3.05 -17.24
N LEU B 2612 -11.62 -4.32 -17.10
CA LEU B 2612 -10.65 -5.40 -16.95
C LEU B 2612 -9.50 -5.02 -16.02
N PRO B 2613 -9.77 -4.49 -14.82
CA PRO B 2613 -8.67 -4.21 -13.90
C PRO B 2613 -7.98 -5.51 -13.52
N LEU B 2614 -6.71 -5.39 -13.13
CA LEU B 2614 -5.88 -6.57 -12.95
C LEU B 2614 -6.18 -7.25 -11.63
N SER B 2615 -6.67 -8.49 -11.70
CA SER B 2615 -6.85 -9.31 -10.53
C SER B 2615 -5.48 -9.77 -10.02
N ILE B 2616 -5.43 -10.10 -8.73
CA ILE B 2616 -4.16 -10.37 -8.07
C ILE B 2616 -4.16 -11.76 -7.42
N GLU B 2617 -5.07 -11.98 -6.48
CA GLU B 2617 -5.32 -13.34 -6.00
C GLU B 2617 -6.72 -13.78 -6.38
N GLY B 2618 -7.62 -12.81 -6.58
CA GLY B 2618 -8.92 -13.13 -7.13
C GLY B 2618 -8.81 -13.84 -8.47
N HIS B 2619 -7.65 -13.75 -9.09
CA HIS B 2619 -7.41 -14.51 -10.31
C HIS B 2619 -7.37 -16.01 -10.01
N VAL B 2620 -6.62 -16.38 -8.98
CA VAL B 2620 -6.57 -17.78 -8.56
C VAL B 2620 -7.96 -18.25 -8.15
N HIS B 2621 -8.64 -17.45 -7.34
CA HIS B 2621 -9.99 -17.81 -6.91
C HIS B 2621 -10.91 -18.00 -8.09
N TYR B 2622 -10.80 -17.12 -9.08
CA TYR B 2622 -11.67 -17.22 -10.26
C TYR B 2622 -11.37 -18.48 -11.05
N LEU B 2623 -10.09 -18.76 -11.27
CA LEU B 2623 -9.73 -19.96 -12.02
C LEU B 2623 -10.20 -21.21 -11.31
N ILE B 2624 -10.05 -21.24 -9.99
CA ILE B 2624 -10.46 -22.43 -9.24
C ILE B 2624 -11.96 -22.55 -9.23
N GLN B 2625 -12.66 -21.40 -9.24
CA GLN B 2625 -14.11 -21.42 -9.24
C GLN B 2625 -14.65 -21.90 -10.57
N GLU B 2626 -13.94 -21.58 -11.67
CA GLU B 2626 -14.38 -22.04 -12.98
C GLU B 2626 -14.09 -23.51 -13.17
N ALA B 2627 -12.84 -23.91 -12.92
CA ALA B 2627 -12.46 -25.30 -13.12
C ALA B 2627 -13.36 -26.25 -12.33
N THR B 2628 -13.78 -25.83 -11.14
CA THR B 2628 -14.62 -26.65 -10.29
C THR B 2628 -16.10 -26.49 -10.59
N ASP B 2629 -16.47 -25.52 -11.43
CA ASP B 2629 -17.88 -25.29 -11.70
C ASP B 2629 -18.47 -26.43 -12.50
N GLU B 2630 -19.45 -27.11 -11.90
CA GLU B 2630 -20.09 -28.22 -12.59
C GLU B 2630 -20.75 -27.76 -13.86
N ASN B 2631 -21.23 -26.51 -13.89
CA ASN B 2631 -21.83 -25.96 -15.09
C ASN B 2631 -20.84 -26.00 -16.25
N LEU B 2632 -19.55 -25.84 -15.96
CA LEU B 2632 -18.54 -25.91 -17.02
C LEU B 2632 -18.11 -27.35 -17.28
N LEU B 2633 -17.91 -28.11 -16.21
CA LEU B 2633 -17.44 -29.48 -16.36
C LEU B 2633 -18.39 -30.30 -17.20
N CYS B 2634 -19.70 -30.13 -16.99
CA CYS B 2634 -20.68 -30.95 -17.69
C CYS B 2634 -20.57 -30.77 -19.20
N GLN B 2635 -20.34 -29.54 -19.65
CA GLN B 2635 -20.20 -29.29 -21.08
C GLN B 2635 -19.08 -30.12 -21.68
N MET B 2636 -18.05 -30.42 -20.88
CA MET B 2636 -16.82 -30.97 -21.43
C MET B 2636 -17.05 -32.37 -22.00
N TYR B 2637 -16.20 -32.74 -22.94
CA TYR B 2637 -16.27 -34.05 -23.56
C TYR B 2637 -15.86 -35.12 -22.56
N LEU B 2638 -16.60 -36.23 -22.57
CA LEU B 2638 -16.41 -37.24 -21.54
C LEU B 2638 -15.01 -37.83 -21.57
N GLY B 2639 -14.35 -37.80 -22.72
CA GLY B 2639 -12.96 -38.23 -22.77
C GLY B 2639 -12.10 -37.50 -21.76
N TRP B 2640 -12.50 -36.27 -21.42
CA TRP B 2640 -11.83 -35.50 -20.37
C TRP B 2640 -12.05 -36.12 -19.00
N THR B 2641 -12.98 -37.06 -18.88
CA THR B 2641 -13.26 -37.73 -17.63
C THR B 2641 -13.56 -36.69 -16.55
N PRO B 2642 -14.45 -35.73 -16.81
CA PRO B 2642 -14.73 -34.71 -15.81
C PRO B 2642 -15.48 -35.25 -14.61
N TYR B 2643 -16.42 -36.17 -14.85
CA TYR B 2643 -17.10 -36.83 -13.75
C TYR B 2643 -16.10 -37.51 -12.82
N MET B 2644 -14.96 -37.94 -13.37
CA MET B 2644 -13.91 -38.54 -12.57
C MET B 2644 -13.07 -37.45 -11.93
#